data_8QV3
#
_entry.id   8QV3
#
_cell.length_a   1.00
_cell.length_b   1.00
_cell.length_c   1.00
_cell.angle_alpha   90.00
_cell.angle_beta   90.00
_cell.angle_gamma   90.00
#
_symmetry.space_group_name_H-M   'P 1'
#
loop_
_entity.id
_entity.type
_entity.pdbx_description
1 polymer 'Tubulin gamma chain'
2 polymer 'Spindle pole body component'
3 polymer 'Spindle pole body component'
4 polymer 'Spindle pole body component 110'
5 polymer 'Tubulin alpha-1 chain'
6 polymer 'Tubulin beta chain'
7 polymer 'Unknown protein'
8 polymer 'Unknown protein'
9 non-polymer "GUANOSINE-5'-TRIPHOSPHATE"
10 water water
#
loop_
_entity_poly.entity_id
_entity_poly.type
_entity_poly.pdbx_seq_one_letter_code
_entity_poly.pdbx_strand_id
1 'polypeptide(L)'
;MGGEIITLQAGQCGNHVGKFLWSQLAKEHAIGTDGLSQLPDSSTERDDDTKPFFRENSRNKFTPRAIMMDSEPSVIADVE
NTFRGFFDPRNTWVASDGASAGNSWANGYDIGTRNQDDILNKIDKEIDSTDNFEGFQLLHSVAGGTGSGLGSNLLEALCD
RYPKKILTTYSVFPARSSEVVVQSYNTILALRRLIEDSDATVVFDNASLLNISGKVFRNPNIDLQHTNQLISTIISSVTN
SIRFPSYMYSSMSSIYSTLIPSPELHFLSPSFTPFTSDYIHDDIAHKGHSSYDVMLDLLDPSNSLVSTAMNNPTYFNVYN
TIIGNVEPRQISRAMTKLQQRIKFPSWSSSAMHVNIGRRSPYLPLQPNENEVSGMMLSNMSTVVNVFENACNTFDKVFAK
GAFLNNYNVGDLFQSMQNVQDEFAESREVVQSLMEDYVAAEQDSYLDDVLVDDENMVGELEEDLDADGDHKLV
;
c,d
2 'polypeptide(L)'
;MEIKEVDDRAELLRYTNNIPLLGKLVNHQPLWSTNPKLKSFSLEKISAPDQRRVQEALVVKDLLNVLIGLEGTYIRYFND
YEPSDPETPIEFKIAKKMDPSFKTFSRRIVRYGKQYMILTRAYEKWSDTSFGMVLQRFAYEIRRFLEDVYLKTLVERLER
DFNKVPNFSIRELEQIINETEVNKQMELLYNIYEEIFREIEERRTNQSSQEDFNNFMDSMKNESSLHLRLMVAFDTTVYP
VPKGGAILKIFQQKILENLGDRSSVMFLKKLLNNISQDYCTMLYEWLTQGILNDPYQEFMTYDDLEGKTDNIFDTRDRAW
DTQYFIRKDVLLRDCDSEEDKNLLFKMLRTGILLKVVRASLQIPTIPSNSSDITIQEINDFADLMEGSNLELYVDKCYSR
ANEIFLKLFFQGYDLINVLKHLQQIFLGYQSGHNVLKFLTKNMGELTKHYRNDNNANYDKLLQNFELERQSENPNNLMRQ
LLMIQFDTETLPQVLSHYLQIYPEVPENNSANDDSDPLMHANNFKNMNAILFDELSKERTGAYHGSNLELYTPKSAIYHL
KFDINIPYPLNIIISRTCMIKYQIILRYQLVLQYHSRLLDETWMDLNKTPSWKYRGYSHTVKRRIVRATRVLHAKMNHFI
KTIMEYFNQNVIDKEVYSLEKCYRNPTLAVAIQNELEGGLTNIMTNRCLSDLIPLQLQIFDIVYKFCKFIKSMRAKLCQL
DPVLYEKHKSGMMKTLNEGYRTNNGGQEDVGYQEDAALELIQKLIEYISNASSIFRKCLINFTQELSTEKFDFYDSSSVD
AAGIERVLYSIVPPRSASASSQR
;
E
3 'polypeptide(L)'
;MELEPTLFGIIEALAPQLLSQSHLQTFVSDVVNLLRSSTKSATQLGPLIDFYKLQSLDSPETTIMWHKIEKFLDALFGIQ
NTDDMVKYLSVFQSLLPSNYRAKIVQKSSGLNMENLANHEHLLSPVRAPSIYTEASFENMDRFSERRSMVSSPNRYVPSS
TYSSVTLRQLSNPYYVNTIPEEDILKYVSYTLLATTSALFPFDHEQIQIPSKIPNFESGLLHLIFEAGLLYQSLGYKVEK
FRMLNISPMKKALIIEISEELQNYTAFVNNLVSSGTVVSLKSLYREIYENIIRLRIYCRFTEHLEELSGDTFLIELNIFK
SHGDLTIRKIATNLFNSMISLYYEYLMNWLTKGLLRATYGEFFIAENTDTNGTDDDFIYHIPIEFNQERVPAFIPKELAY
KIFMIGKSYIFLEKYCKEVQWTNEFSKKYHVLYQSNSYRGISTNFFEIINDQYSEIVNHTNQILNQKFHYRDVVFALKNI
LLMGKSDFMDALIEKANDILATPSDSLPNYKLTRVLQEAVQLSSLRHLMNSPRNSSVINGLDARVLDLGHGSVGWDVFTL
DYILYPPLSLVLNVNRPFGRKEYLRIFNFLWRFKKNNYFYQKEMLKSNDIIRSFKKIRGYNPLIRDIINKLSRISILRTQ
FQQFNSKMESYYLNCIIEENFKEMTRKLQRTENKSQNQFDLIRLNNGTIELNGILTPKAEVLTKSSSSKPQKHAIEKTLN
IDELESVHNTFLTNILSHKLFATNTSEISVGDYSGQPYPTSLVLLLNSVYEFVKVYCNLNDIGYEIFIKMNLNDHEASNG
LLGKFNTNLKEIVSQYKNFKDRLYIFRADLKNDGDEELFLLSKSLR
;
F
4 'polypeptide(L)'
;MDEASHLPNGSLKNMEFTPVGFIKSKRNTTQTQVVSPTKVPNANNGDENEGPVKKRQRRSIDDTIDSTRLFSEASQFDDS
FPEIKANIPPSPRSGNVDKSRKRNLIDDLKKDVPMSQPLKEQEVREHQMKKERFDRALESKLLGKRHITYANSDISNKEL
YINEIKSLKHEIKELRKEKNDTLNNYDTLEEETDDLKNRLQALEKELDAKNKIVNSRKVDDHSGCIEEREQMERKLAELE
RKLKTVKDQVLELENNSDVQSLKLRSKEDELKNLMNELNELKSNAEEKDTQLEFKKNELRKRTNELNELKIKSDEMDLQL
KQKQNESKRLKDELNELETKFSENGSQSSAKENELKMLKNKIAELEEEISTKNSQLIAKEGKLASLMAQLTQLESKLNQR
DSQLGSREEELKKTNDKLQKDIRIAREETVSKDERIIDLQKKVKQLENDLFVIKKTHSESKTITDNELESKDKLIKILEN
DLKVAQEKYSKMEKELKEREFNYKISESKLEDEKTTLNEKISNLAAENSQLKNKIEDNSTATHHMKENYEKQLESLRKDI
EEYKESAKDSEDKIEELKIRIAENSAKVSEKRSKDIKQKDEQISDLTQNLKLQEDEISSLKSIIDRYKKDFNQLKSEQSN
IQHDLNLQILNLENKLIESEDELKSLRDSQKIEIENWKRKYNNLSLENDRLLTEKESASDKEREISILNRKLDEMDKEKW
NLQESKEKYKRELQKVITANDRLRREKEELNENSNNIRIMEDKMTRIKKNYLSEITSLQEENRRLEERLILNERRKDNDS
TMQLNDIISYYKLKYHSEVRHNNDLKVINDYLNKVLALGTRRLRLDTRKGEHSLNISLPDDDELDRDYYNSHVYTRYHDY
EYPLRFNLNRRGPYFERRLSFKTVALLVLACVRMKRIAFYRRSDDNRLRILRDRIESSSGRISW
;
Sc,Sd
5 'polypeptide(L)'
;MREVISINVGQAGCQIGNACWELYSLEHGIKPDGHLEDGLSKPKGGEEGFSTFFHETGYGKFVPRAIYVDLEPNVIDEVR
NGPYKDLFHPEQLISGKEDAANNYARGHYTVGREILGDVLDRIRKLADQCDGLQGFLFTHSLGGGTGSGLGSLLLEELSA
EYGKKSKLEFAVYPAPQVSTSVVEPYNTVLTTHTTLEHADCTFMVDNEAIYDMCKRNLDIPRPSFANLNNLIAQVVSSVT
ASLRFDGSLNVDLNEFQTNLVPYPRIHFPLVSYSPVLSKSKAFHESNSVSEITNACFEPGNQMVKCDPRDGKYMATCLLY
RGDVVTRDVQRAVEQVKNKKTVQLVDWCPTGFKIGICYEPPTATPNSQLATVDRAVCMLSNTTSIAEAWKRIDRKFDLMY
AKRAFVHWYVGEGMEEGEFTEAREDLAALERDYIEVGADSYAEEEEF
;
Ad,Ac
6 'polypeptide(L)'
;MREIIHISTGQCGNQIGAAFWETICGEHGLDFNGTYHGHDDIQKERLNVYFNEASSGKWVPRSINVDLEPGTIDAVRNSA
IGNLFRPDNYIFGQSSAGNVWAKGHYTEGAELVDSVMDVIRREAEGCDSLQGFQITHSLGGGTGSGMGTLLISKIREEFP
DRMMATFSVLPSPKTSDTVVEPYNATLSVHQLVEHSDETFCIDNEALYDICQRTLKLNQPSYGDLNNLVSSVMSGVTTSL
RYPGQLNSDLRKLAVNLVPFPRLHFFMVGYAPLTAIGSQSFRSLTVPELTQQMFDAKNMMAAADPRNGRYLTVAAFFRGK
VSVKEVEDEMHKVQSKNSDYFVEWIPNNVQTAVCSVAPQGLDMAATFIANSTSIQELFKRVGDQFSAMFKRKAFLHWYTS
EGMDELEFSEAESNMNDLVSEYQQYQEATVEDDEEVDENGDFGAPQNQDEPITENFE
;
Bd,Bc
7 'polypeptide(L)'
;(UNK)(UNK)(UNK)(UNK)(UNK)(UNK)(UNK)(UNK)(UNK)(UNK)(UNK)(UNK)(UNK)(UNK)(UNK)(UNK)
(UNK)(UNK)(UNK)(UNK)(UNK)(UNK)(UNK)(UNK)(UNK)(UNK)(UNK)(UNK)(UNK)(UNK)(UNK)(UNK)
(UNK)(UNK)(UNK)(UNK)(UNK)(UNK)(UNK)(UNK)(UNK)(UNK)(UNK)(UNK)(UNK)(UNK)(UNK)(UNK)
(UNK)(UNK)(UNK)(UNK)(UNK)(UNK)(UNK)(UNK)(UNK)(UNK)(UNK)(UNK)(UNK)(UNK)(UNK)(UNK)
(UNK)(UNK)(UNK)
;
Uc
8 'polypeptide(L)'
;(UNK)(UNK)(UNK)(UNK)(UNK)(UNK)(UNK)(UNK)(UNK)(UNK)(UNK)(UNK)(UNK)(UNK)(UNK)(UNK)
(UNK)(UNK)(UNK)(UNK)(UNK)(UNK)(UNK)(UNK)(UNK)(UNK)(UNK)(UNK)(UNK)(UNK)(UNK)(UNK)
(UNK)(UNK)(UNK)(UNK)(UNK)(UNK)(UNK)(UNK)(UNK)(UNK)(UNK)(UNK)(UNK)(UNK)(UNK)(UNK)
(UNK)(UNK)(UNK)(UNK)(UNK)(UNK)(UNK)(UNK)(UNK)(UNK)(UNK)(UNK)(UNK)(UNK)
;
Ud
#
loop_
_chem_comp.id
_chem_comp.type
_chem_comp.name
_chem_comp.formula
GTP non-polymer GUANOSINE-5'-TRIPHOSPHATE 'C10 H16 N5 O14 P3'
#
# COMPACT_ATOMS: atom_id res chain seq x y z
N GLY A 3 19.89 -17.52 11.01
CA GLY A 3 18.96 -18.11 11.95
C GLY A 3 17.51 -17.89 11.58
N GLU A 4 17.22 -16.73 10.99
CA GLU A 4 15.86 -16.42 10.58
C GLU A 4 15.47 -17.25 9.37
N ILE A 5 14.20 -17.67 9.33
CA ILE A 5 13.67 -18.51 8.27
C ILE A 5 12.45 -17.80 7.67
N ILE A 6 12.31 -17.89 6.36
CA ILE A 6 11.21 -17.28 5.63
C ILE A 6 10.32 -18.38 5.08
N THR A 7 9.00 -18.21 5.23
CA THR A 7 8.05 -19.19 4.74
C THR A 7 7.56 -18.79 3.35
N LEU A 8 7.42 -19.78 2.48
CA LEU A 8 6.99 -19.57 1.11
C LEU A 8 5.72 -20.39 0.87
N GLN A 9 4.60 -19.70 0.66
CA GLN A 9 3.31 -20.34 0.46
C GLN A 9 2.99 -20.32 -1.04
N ALA A 10 3.12 -21.48 -1.69
CA ALA A 10 2.88 -21.62 -3.11
C ALA A 10 1.55 -22.32 -3.35
N GLY A 11 0.74 -21.75 -4.23
CA GLY A 11 -0.55 -22.31 -4.56
C GLY A 11 -1.59 -22.08 -3.48
N GLN A 12 -2.83 -22.45 -3.79
CA GLN A 12 -3.90 -22.33 -2.82
C GLN A 12 -3.66 -23.24 -1.62
N CYS A 13 -3.10 -24.43 -1.86
CA CYS A 13 -2.70 -25.30 -0.76
C CYS A 13 -1.70 -24.61 0.15
N GLY A 14 -0.69 -23.97 -0.45
CA GLY A 14 0.29 -23.25 0.35
C GLY A 14 -0.33 -22.11 1.13
N ASN A 15 -1.25 -21.37 0.51
CA ASN A 15 -1.92 -20.29 1.20
C ASN A 15 -2.74 -20.80 2.39
N HIS A 16 -3.45 -21.90 2.19
CA HIS A 16 -4.26 -22.46 3.27
C HIS A 16 -3.39 -22.94 4.42
N VAL A 17 -2.33 -23.69 4.10
CA VAL A 17 -1.49 -24.23 5.18
C VAL A 17 -0.74 -23.10 5.87
N GLY A 18 -0.39 -22.04 5.13
CA GLY A 18 0.25 -20.90 5.77
C GLY A 18 -0.69 -20.17 6.70
N LYS A 19 -1.94 -19.96 6.27
CA LYS A 19 -2.95 -19.39 7.15
C LYS A 19 -3.06 -20.20 8.44
N PHE A 20 -3.21 -21.52 8.30
CA PHE A 20 -3.38 -22.37 9.47
C PHE A 20 -2.16 -22.34 10.38
N LEU A 21 -0.97 -22.43 9.79
CA LEU A 21 0.26 -22.45 10.59
C LEU A 21 0.49 -21.12 11.29
N TRP A 22 0.23 -20.01 10.62
CA TRP A 22 0.44 -18.71 11.25
C TRP A 22 -0.59 -18.47 12.34
N SER A 23 -1.84 -18.94 12.15
CA SER A 23 -2.80 -18.88 13.24
C SER A 23 -2.33 -19.70 14.44
N GLN A 24 -1.85 -20.92 14.18
CA GLN A 24 -1.37 -21.78 15.25
C GLN A 24 -0.22 -21.12 16.01
N LEU A 25 0.73 -20.54 15.28
CA LEU A 25 1.89 -19.93 15.91
C LEU A 25 1.52 -18.67 16.67
N ALA A 26 0.58 -17.87 16.13
CA ALA A 26 0.11 -16.70 16.86
C ALA A 26 -0.63 -17.09 18.14
N LYS A 27 -1.32 -18.24 18.12
CA LYS A 27 -1.94 -18.72 19.35
C LYS A 27 -0.89 -19.24 20.33
N GLU A 28 0.16 -19.88 19.82
CA GLU A 28 1.21 -20.40 20.69
C GLU A 28 2.04 -19.26 21.30
N HIS A 29 2.60 -18.41 20.45
CA HIS A 29 3.43 -17.31 20.90
C HIS A 29 2.62 -16.12 21.41
N ALA A 30 1.30 -16.28 21.53
CA ALA A 30 0.40 -15.22 21.99
C ALA A 30 0.59 -13.96 21.13
N ILE A 31 0.27 -14.10 19.85
CA ILE A 31 0.38 -12.99 18.91
C ILE A 31 -1.00 -12.66 18.35
N GLY A 32 -1.86 -13.66 18.28
CA GLY A 32 -3.22 -13.45 17.79
C GLY A 32 -3.26 -13.10 16.31
N THR A 33 -4.49 -12.87 15.84
CA THR A 33 -4.74 -12.57 14.43
C THR A 33 -4.47 -11.11 14.08
N ASP A 34 -4.11 -10.27 15.04
CA ASP A 34 -3.82 -8.87 14.79
C ASP A 34 -2.33 -8.55 14.83
N GLY A 35 -1.48 -9.55 15.07
CA GLY A 35 -0.05 -9.33 15.13
C GLY A 35 0.46 -8.64 16.37
N LEU A 36 -0.42 -8.00 17.15
CA LEU A 36 0.01 -7.32 18.36
C LEU A 36 0.31 -8.32 19.46
N SER A 37 1.26 -7.96 20.31
CA SER A 37 1.67 -8.84 21.41
C SER A 37 0.52 -9.05 22.38
N GLN A 38 0.06 -10.28 22.51
CA GLN A 38 -0.99 -10.62 23.46
C GLN A 38 -0.48 -10.74 24.89
N LEU A 39 0.84 -10.59 25.10
CA LEU A 39 1.48 -10.62 26.40
C LEU A 39 1.56 -9.22 26.99
N PRO A 40 1.47 -9.08 28.32
CA PRO A 40 1.57 -7.76 28.93
C PRO A 40 2.98 -7.20 28.81
N ASP A 41 3.06 -5.86 28.85
CA ASP A 41 4.33 -5.16 28.70
C ASP A 41 5.11 -5.04 30.01
N SER A 42 4.65 -5.66 31.09
CA SER A 42 5.32 -5.53 32.38
C SER A 42 6.51 -6.47 32.53
N SER A 43 6.49 -7.63 31.88
CA SER A 43 7.57 -8.61 31.98
C SER A 43 8.06 -8.94 30.58
N THR A 44 9.35 -8.71 30.34
CA THR A 44 9.95 -8.96 29.03
C THR A 44 10.68 -10.29 28.93
N GLU A 45 10.77 -11.04 30.03
CA GLU A 45 11.50 -12.30 30.02
C GLU A 45 10.72 -13.34 29.22
N ARG A 46 11.34 -13.87 28.18
CA ARG A 46 10.74 -14.90 27.34
C ARG A 46 11.78 -15.96 27.02
N ASP A 47 11.31 -17.19 26.82
CA ASP A 47 12.18 -18.31 26.49
C ASP A 47 11.98 -18.83 25.08
N ASP A 48 11.02 -18.29 24.34
CA ASP A 48 10.78 -18.66 22.96
C ASP A 48 11.62 -17.77 22.05
N ASP A 49 11.41 -17.88 20.74
CA ASP A 49 12.13 -17.08 19.76
C ASP A 49 11.20 -16.77 18.60
N THR A 50 10.55 -15.60 18.67
CA THR A 50 9.70 -15.14 17.58
C THR A 50 10.48 -14.41 16.50
N LYS A 51 11.77 -14.14 16.72
CA LYS A 51 12.57 -13.44 15.73
C LYS A 51 12.66 -14.16 14.40
N PRO A 52 12.99 -15.46 14.32
CA PRO A 52 13.15 -16.08 12.99
C PRO A 52 11.86 -16.21 12.21
N PHE A 53 10.70 -16.09 12.87
CA PHE A 53 9.42 -16.24 12.19
C PHE A 53 8.58 -14.98 12.19
N PHE A 54 8.83 -14.03 13.08
CA PHE A 54 8.05 -12.80 13.17
C PHE A 54 8.99 -11.61 13.26
N ARG A 55 8.65 -10.56 12.52
CA ARG A 55 9.35 -9.29 12.57
C ARG A 55 8.59 -8.35 13.50
N GLU A 56 9.27 -7.85 14.52
CA GLU A 56 8.67 -6.96 15.50
C GLU A 56 9.06 -5.52 15.18
N ASN A 57 8.08 -4.66 15.01
CA ASN A 57 8.28 -3.27 14.65
C ASN A 57 8.25 -2.39 15.90
N SER A 58 8.26 -1.07 15.69
CA SER A 58 8.13 -0.14 16.81
C SER A 58 6.78 -0.28 17.49
N ARG A 59 5.75 -0.69 16.74
CA ARG A 59 4.44 -0.98 17.30
C ARG A 59 4.41 -2.27 18.10
N ASN A 60 5.53 -3.00 18.16
CA ASN A 60 5.60 -4.30 18.82
C ASN A 60 4.65 -5.31 18.18
N LYS A 61 4.32 -5.08 16.92
CA LYS A 61 3.48 -6.00 16.16
C LYS A 61 4.36 -7.01 15.44
N PHE A 62 3.97 -8.28 15.50
CA PHE A 62 4.74 -9.36 14.91
C PHE A 62 4.16 -9.68 13.53
N THR A 63 4.86 -9.24 12.49
CA THR A 63 4.48 -9.57 11.12
C THR A 63 5.10 -10.91 10.73
N PRO A 64 4.31 -11.86 10.23
CA PRO A 64 4.87 -13.17 9.88
C PRO A 64 5.91 -13.06 8.78
N ARG A 65 7.08 -13.66 9.02
CA ARG A 65 8.14 -13.69 8.03
C ARG A 65 7.80 -14.72 6.95
N ALA A 66 6.85 -14.33 6.10
CA ALA A 66 6.37 -15.21 5.03
C ALA A 66 5.98 -14.37 3.83
N ILE A 67 6.26 -14.89 2.65
CA ILE A 67 5.86 -14.27 1.39
C ILE A 67 5.01 -15.27 0.63
N MET A 68 3.82 -14.83 0.22
CA MET A 68 2.88 -15.70 -0.47
C MET A 68 2.98 -15.52 -1.97
N MET A 69 3.24 -16.61 -2.69
CA MET A 69 3.34 -16.61 -4.14
C MET A 69 2.30 -17.56 -4.70
N ASP A 70 1.46 -17.05 -5.61
CA ASP A 70 0.43 -17.87 -6.21
C ASP A 70 -0.06 -17.19 -7.48
N SER A 71 -0.65 -18.00 -8.36
CA SER A 71 -1.28 -17.50 -9.58
C SER A 71 -2.78 -17.27 -9.39
N GLU A 72 -3.30 -17.46 -8.19
CA GLU A 72 -4.72 -17.26 -7.89
C GLU A 72 -4.86 -16.19 -6.83
N PRO A 73 -5.27 -14.97 -7.17
CA PRO A 73 -5.35 -13.90 -6.16
C PRO A 73 -6.51 -14.06 -5.19
N SER A 74 -7.52 -14.86 -5.51
CA SER A 74 -8.70 -14.94 -4.67
C SER A 74 -8.38 -15.61 -3.33
N VAL A 75 -7.61 -16.69 -3.36
CA VAL A 75 -7.28 -17.39 -2.11
C VAL A 75 -6.39 -16.51 -1.23
N ILE A 76 -5.46 -15.76 -1.84
CA ILE A 76 -4.60 -14.88 -1.06
C ILE A 76 -5.42 -13.73 -0.47
N ALA A 77 -6.36 -13.19 -1.25
CA ALA A 77 -7.22 -12.14 -0.73
C ALA A 77 -8.08 -12.64 0.43
N ASP A 78 -8.56 -13.88 0.33
CA ASP A 78 -9.35 -14.45 1.42
C ASP A 78 -8.50 -14.66 2.66
N VAL A 79 -7.26 -15.16 2.50
CA VAL A 79 -6.37 -15.32 3.64
C VAL A 79 -6.08 -13.98 4.29
N GLU A 80 -5.94 -12.92 3.47
CA GLU A 80 -5.77 -11.59 4.02
C GLU A 80 -7.00 -11.14 4.78
N ASN A 81 -8.20 -11.45 4.26
CA ASN A 81 -9.43 -11.05 4.93
C ASN A 81 -9.56 -11.73 6.29
N THR A 82 -9.27 -13.03 6.37
CA THR A 82 -9.35 -13.72 7.65
C THR A 82 -8.24 -13.31 8.60
N PHE A 83 -7.20 -12.65 8.11
CA PHE A 83 -6.08 -12.18 8.93
C PHE A 83 -5.82 -10.70 8.69
N ARG A 84 -6.89 -9.90 8.71
CA ARG A 84 -6.76 -8.47 8.49
C ARG A 84 -5.88 -7.84 9.56
N GLY A 85 -4.81 -7.18 9.12
CA GLY A 85 -3.87 -6.57 10.03
C GLY A 85 -2.77 -7.47 10.53
N PHE A 86 -2.68 -8.70 10.04
CA PHE A 86 -1.66 -9.65 10.47
C PHE A 86 -0.48 -9.70 9.52
N PHE A 87 -0.72 -9.95 8.23
CA PHE A 87 0.34 -10.03 7.25
C PHE A 87 0.61 -8.67 6.63
N ASP A 88 1.77 -8.56 6.00
CA ASP A 88 2.17 -7.33 5.32
C ASP A 88 1.69 -7.37 3.87
N PRO A 89 0.97 -6.34 3.41
CA PRO A 89 0.54 -6.32 2.00
C PRO A 89 1.69 -6.33 1.01
N ARG A 90 2.87 -5.84 1.41
CA ARG A 90 4.02 -5.86 0.51
C ARG A 90 4.61 -7.25 0.34
N ASN A 91 4.36 -8.17 1.29
CA ASN A 91 4.81 -9.55 1.20
C ASN A 91 3.85 -10.42 0.41
N THR A 92 2.99 -9.83 -0.39
CA THR A 92 2.00 -10.56 -1.19
C THR A 92 2.41 -10.51 -2.65
N TRP A 93 2.41 -11.67 -3.31
CA TRP A 93 2.78 -11.76 -4.72
C TRP A 93 1.77 -12.65 -5.42
N VAL A 94 1.06 -12.09 -6.40
CA VAL A 94 0.06 -12.82 -7.17
C VAL A 94 0.38 -12.81 -8.65
N ALA A 95 1.57 -12.34 -9.04
CA ALA A 95 2.05 -12.21 -10.40
C ALA A 95 1.29 -11.17 -11.21
N SER A 96 0.25 -10.56 -10.64
CA SER A 96 -0.56 -9.56 -11.34
C SER A 96 -1.05 -10.09 -12.70
N ASP A 97 -1.37 -11.38 -12.74
CA ASP A 97 -1.79 -12.04 -13.98
C ASP A 97 -3.22 -12.54 -13.90
N GLY A 98 -3.97 -12.18 -12.86
CA GLY A 98 -5.32 -12.67 -12.71
C GLY A 98 -5.36 -14.05 -12.07
N ALA A 99 -6.51 -14.71 -12.23
CA ALA A 99 -6.73 -16.02 -11.65
C ALA A 99 -5.83 -17.06 -12.32
N SER A 100 -5.80 -18.24 -11.71
CA SER A 100 -4.98 -19.33 -12.24
C SER A 100 -5.56 -19.88 -13.54
N ALA A 101 -4.69 -20.49 -14.33
CA ALA A 101 -5.12 -21.09 -15.60
C ALA A 101 -4.10 -22.14 -16.00
N GLY A 102 -4.55 -23.39 -16.11
CA GLY A 102 -3.68 -24.48 -16.48
C GLY A 102 -3.01 -25.15 -15.29
N ASN A 103 -3.27 -26.45 -15.12
CA ASN A 103 -2.69 -27.22 -14.04
C ASN A 103 -1.41 -27.95 -14.43
N SER A 104 -0.71 -27.45 -15.45
CA SER A 104 0.56 -28.03 -15.87
C SER A 104 1.71 -27.30 -15.22
N TRP A 105 2.84 -28.00 -15.11
CA TRP A 105 4.05 -27.38 -14.58
C TRP A 105 4.61 -26.32 -15.52
N ALA A 106 4.32 -26.43 -16.82
CA ALA A 106 4.86 -25.48 -17.78
C ALA A 106 4.38 -24.06 -17.50
N ASN A 107 3.07 -23.88 -17.33
CA ASN A 107 2.52 -22.55 -17.10
C ASN A 107 3.04 -21.96 -15.80
N GLY A 108 3.10 -22.77 -14.74
CA GLY A 108 3.62 -22.28 -13.48
C GLY A 108 5.08 -21.86 -13.55
N TYR A 109 5.91 -22.69 -14.18
CA TYR A 109 7.32 -22.34 -14.31
C TYR A 109 7.51 -21.12 -15.19
N ASP A 110 6.68 -20.96 -16.22
CA ASP A 110 6.79 -19.78 -17.06
C ASP A 110 6.36 -18.52 -16.32
N ILE A 111 5.31 -18.62 -15.51
CA ILE A 111 4.91 -17.50 -14.67
C ILE A 111 6.05 -17.15 -13.72
N GLY A 112 6.71 -18.15 -13.16
CA GLY A 112 7.83 -17.89 -12.27
C GLY A 112 9.00 -17.22 -12.98
N THR A 113 9.30 -17.67 -14.20
CA THR A 113 10.42 -17.09 -14.95
C THR A 113 10.12 -15.66 -15.38
N ARG A 114 8.86 -15.38 -15.74
CA ARG A 114 8.52 -14.05 -16.22
C ARG A 114 8.62 -13.02 -15.10
N ASN A 115 8.01 -13.30 -13.96
CA ASN A 115 7.99 -12.38 -12.82
C ASN A 115 9.00 -12.74 -11.75
N GLN A 116 10.16 -13.28 -12.15
CA GLN A 116 11.18 -13.64 -11.18
C GLN A 116 11.80 -12.42 -10.51
N ASP A 117 11.83 -11.29 -11.22
CA ASP A 117 12.46 -10.08 -10.68
C ASP A 117 11.73 -9.56 -9.46
N ASP A 118 10.39 -9.56 -9.50
CA ASP A 118 9.63 -9.07 -8.36
C ASP A 118 9.84 -9.95 -7.13
N ILE A 119 9.81 -11.27 -7.31
CA ILE A 119 10.03 -12.17 -6.19
C ILE A 119 11.44 -12.03 -5.65
N LEU A 120 12.42 -11.85 -6.54
CA LEU A 120 13.79 -11.64 -6.10
C LEU A 120 13.92 -10.36 -5.29
N ASN A 121 13.28 -9.29 -5.74
CA ASN A 121 13.32 -8.04 -4.98
C ASN A 121 12.64 -8.21 -3.63
N LYS A 122 11.52 -8.94 -3.59
CA LYS A 122 10.81 -9.14 -2.33
C LYS A 122 11.66 -9.92 -1.34
N ILE A 123 12.27 -11.02 -1.79
CA ILE A 123 13.07 -11.84 -0.88
C ILE A 123 14.34 -11.10 -0.47
N ASP A 124 14.91 -10.29 -1.37
CA ASP A 124 16.08 -9.51 -1.00
C ASP A 124 15.73 -8.46 0.05
N LYS A 125 14.57 -7.80 -0.11
CA LYS A 125 14.13 -6.84 0.89
C LYS A 125 13.87 -7.52 2.23
N GLU A 126 13.27 -8.72 2.20
CA GLU A 126 13.00 -9.44 3.44
C GLU A 126 14.28 -9.86 4.13
N ILE A 127 15.28 -10.30 3.36
CA ILE A 127 16.54 -10.71 3.95
C ILE A 127 17.30 -9.51 4.49
N ASP A 128 17.26 -8.39 3.77
CA ASP A 128 17.95 -7.18 4.21
C ASP A 128 17.32 -6.55 5.44
N SER A 129 16.11 -6.99 5.81
CA SER A 129 15.48 -6.47 7.02
C SER A 129 16.26 -6.87 8.26
N THR A 130 16.92 -8.03 8.21
CA THR A 130 17.73 -8.52 9.33
C THR A 130 19.10 -8.94 8.83
N ASP A 131 19.89 -9.58 9.70
CA ASP A 131 21.23 -10.03 9.33
C ASP A 131 21.37 -11.54 9.41
N ASN A 132 20.98 -12.15 10.54
CA ASN A 132 21.19 -13.58 10.77
C ASN A 132 20.09 -14.37 10.09
N PHE A 133 20.33 -14.76 8.85
CA PHE A 133 19.41 -15.55 8.06
C PHE A 133 19.97 -16.95 7.86
N GLU A 134 19.08 -17.94 7.77
CA GLU A 134 19.55 -19.32 7.66
C GLU A 134 18.98 -20.06 6.47
N GLY A 135 17.72 -19.83 6.12
CA GLY A 135 17.12 -20.54 5.01
C GLY A 135 15.66 -20.20 4.88
N PHE A 136 15.03 -20.87 3.91
CA PHE A 136 13.63 -20.63 3.58
C PHE A 136 12.80 -21.87 3.87
N GLN A 137 11.49 -21.67 3.93
CA GLN A 137 10.51 -22.75 4.07
C GLN A 137 9.52 -22.65 2.91
N LEU A 138 9.40 -23.73 2.15
CA LEU A 138 8.54 -23.77 0.97
C LEU A 138 7.32 -24.64 1.27
N LEU A 139 6.13 -24.08 1.07
CA LEU A 139 4.88 -24.80 1.27
C LEU A 139 4.17 -24.89 -0.08
N HIS A 140 4.12 -26.08 -0.65
CA HIS A 140 3.51 -26.29 -1.96
C HIS A 140 3.07 -27.74 -2.08
N SER A 141 2.15 -27.97 -3.02
CA SER A 141 1.74 -29.32 -3.39
C SER A 141 2.35 -29.65 -4.74
N VAL A 142 3.02 -30.80 -4.81
CA VAL A 142 3.60 -31.24 -6.09
C VAL A 142 2.52 -31.51 -7.11
N ALA A 143 1.29 -31.79 -6.66
CA ALA A 143 0.21 -32.07 -7.59
C ALA A 143 -0.22 -30.82 -8.34
N GLY A 144 -0.22 -29.68 -7.68
CA GLY A 144 -0.64 -28.44 -8.32
C GLY A 144 0.35 -27.99 -9.37
N GLY A 145 -0.16 -27.73 -10.57
CA GLY A 145 0.68 -27.32 -11.69
C GLY A 145 1.34 -25.98 -11.49
N THR A 146 0.54 -24.94 -11.26
CA THR A 146 1.10 -23.62 -11.00
C THR A 146 1.95 -23.64 -9.73
N GLY A 147 1.48 -24.35 -8.70
CA GLY A 147 2.26 -24.43 -7.47
C GLY A 147 3.61 -25.08 -7.67
N SER A 148 3.63 -26.21 -8.38
CA SER A 148 4.90 -26.91 -8.62
C SER A 148 5.82 -26.09 -9.52
N GLY A 149 5.25 -25.41 -10.52
CA GLY A 149 6.07 -24.56 -11.38
C GLY A 149 6.72 -23.42 -10.61
N LEU A 150 5.92 -22.72 -9.80
CA LEU A 150 6.45 -21.65 -8.98
C LEU A 150 7.50 -22.19 -7.99
N GLY A 151 7.25 -23.36 -7.41
CA GLY A 151 8.20 -23.94 -6.48
C GLY A 151 9.52 -24.28 -7.15
N SER A 152 9.47 -24.88 -8.34
CA SER A 152 10.70 -25.20 -9.04
C SER A 152 11.44 -23.94 -9.46
N ASN A 153 10.71 -22.91 -9.90
CA ASN A 153 11.36 -21.66 -10.27
C ASN A 153 12.06 -21.01 -9.09
N LEU A 154 11.38 -20.93 -7.95
CA LEU A 154 12.00 -20.32 -6.77
C LEU A 154 13.13 -21.19 -6.24
N LEU A 155 13.03 -22.51 -6.38
CA LEU A 155 14.12 -23.39 -5.97
C LEU A 155 15.36 -23.14 -6.81
N GLU A 156 15.18 -23.02 -8.13
CA GLU A 156 16.30 -22.69 -9.00
C GLU A 156 16.90 -21.33 -8.63
N ALA A 157 16.03 -20.35 -8.39
CA ALA A 157 16.50 -19.01 -8.04
C ALA A 157 17.29 -19.02 -6.74
N LEU A 158 16.83 -19.77 -5.74
CA LEU A 158 17.49 -19.77 -4.45
C LEU A 158 18.72 -20.65 -4.43
N CYS A 159 18.84 -21.62 -5.35
CA CYS A 159 20.07 -22.40 -5.38
C CYS A 159 21.15 -21.67 -6.17
N ASP A 160 20.80 -20.99 -7.26
CA ASP A 160 21.81 -20.24 -7.99
C ASP A 160 22.00 -18.83 -7.47
N ARG A 161 21.23 -18.42 -6.47
CA ARG A 161 21.37 -17.10 -5.85
C ARG A 161 21.90 -17.16 -4.43
N TYR A 162 21.40 -18.08 -3.60
CA TYR A 162 21.85 -18.24 -2.22
C TYR A 162 22.38 -19.67 -2.05
N PRO A 163 23.61 -19.94 -2.49
CA PRO A 163 24.18 -21.28 -2.31
C PRO A 163 24.59 -21.59 -0.88
N LYS A 164 24.57 -20.59 0.01
CA LYS A 164 24.94 -20.78 1.40
C LYS A 164 23.75 -20.97 2.32
N LYS A 165 22.54 -20.74 1.83
CA LYS A 165 21.32 -20.84 2.63
C LYS A 165 20.65 -22.17 2.38
N ILE A 166 20.60 -23.03 3.39
CA ILE A 166 19.95 -24.32 3.27
C ILE A 166 18.46 -24.11 3.03
N LEU A 167 17.92 -24.80 2.04
CA LEU A 167 16.53 -24.63 1.63
C LEU A 167 15.78 -25.94 1.82
N THR A 168 14.77 -25.92 2.69
CA THR A 168 13.90 -27.05 2.91
C THR A 168 12.49 -26.72 2.44
N THR A 169 11.73 -27.77 2.12
CA THR A 169 10.40 -27.58 1.56
C THR A 169 9.45 -28.62 2.15
N TYR A 170 8.16 -28.28 2.10
CA TYR A 170 7.08 -29.20 2.44
C TYR A 170 6.24 -29.45 1.20
N SER A 171 6.11 -30.72 0.82
CA SER A 171 5.39 -31.09 -0.39
C SER A 171 4.46 -32.26 -0.07
N VAL A 172 3.20 -32.14 -0.48
CA VAL A 172 2.19 -33.15 -0.25
C VAL A 172 1.88 -33.83 -1.57
N PHE A 173 2.11 -35.14 -1.64
CA PHE A 173 1.75 -35.87 -2.84
C PHE A 173 0.24 -36.13 -2.87
N PRO A 174 -0.36 -36.11 -4.05
CA PRO A 174 -1.82 -36.28 -4.13
C PRO A 174 -2.24 -37.69 -3.78
N ALA A 175 -3.55 -37.85 -3.59
CA ALA A 175 -4.13 -39.15 -3.29
C ALA A 175 -4.35 -39.94 -4.57
N ARG A 176 -4.80 -41.18 -4.41
CA ARG A 176 -5.12 -42.02 -5.55
C ARG A 176 -6.40 -41.49 -6.18
N SER A 177 -6.25 -40.70 -7.25
CA SER A 177 -7.37 -40.01 -7.88
C SER A 177 -7.15 -40.03 -9.38
N SER A 178 -7.90 -39.19 -10.09
CA SER A 178 -7.91 -39.22 -11.55
C SER A 178 -6.98 -38.19 -12.17
N GLU A 179 -6.84 -37.00 -11.57
CA GLU A 179 -6.02 -35.96 -12.17
C GLU A 179 -4.53 -36.27 -12.11
N VAL A 180 -4.13 -37.29 -11.36
CA VAL A 180 -2.70 -37.63 -11.23
C VAL A 180 -2.08 -37.83 -12.60
N VAL A 181 -2.84 -38.33 -13.57
CA VAL A 181 -2.33 -38.58 -14.92
C VAL A 181 -1.62 -37.36 -15.48
N VAL A 182 -2.03 -36.16 -15.07
CA VAL A 182 -1.25 -34.97 -15.34
C VAL A 182 -0.58 -34.43 -14.07
N GLN A 183 -1.21 -34.57 -12.90
CA GLN A 183 -0.64 -34.03 -11.68
C GLN A 183 0.73 -34.64 -11.41
N SER A 184 0.82 -35.98 -11.47
CA SER A 184 2.10 -36.66 -11.31
C SER A 184 3.17 -36.03 -12.18
N TYR A 185 2.81 -35.66 -13.42
CA TYR A 185 3.71 -34.93 -14.30
C TYR A 185 4.41 -33.82 -13.54
N ASN A 186 3.63 -32.84 -13.10
CA ASN A 186 4.17 -31.72 -12.33
C ASN A 186 5.06 -32.23 -11.22
N THR A 187 4.56 -33.19 -10.43
CA THR A 187 5.33 -33.74 -9.33
C THR A 187 6.73 -34.12 -9.78
N ILE A 188 6.82 -35.01 -10.77
CA ILE A 188 8.14 -35.52 -11.15
C ILE A 188 9.01 -34.36 -11.61
N LEU A 189 8.43 -33.41 -12.34
CA LEU A 189 9.19 -32.24 -12.74
C LEU A 189 9.71 -31.51 -11.51
N ALA A 190 8.81 -31.15 -10.60
CA ALA A 190 9.23 -30.62 -9.32
C ALA A 190 10.20 -31.58 -8.64
N LEU A 191 9.87 -32.87 -8.66
CA LEU A 191 10.75 -33.86 -8.03
C LEU A 191 12.14 -33.81 -8.66
N ARG A 192 12.19 -33.58 -9.97
CA ARG A 192 13.49 -33.39 -10.62
C ARG A 192 14.30 -32.31 -9.91
N ARG A 193 13.70 -31.13 -9.76
CA ARG A 193 14.39 -30.07 -9.02
C ARG A 193 14.62 -30.47 -7.57
N LEU A 194 13.69 -31.24 -7.00
CA LEU A 194 13.87 -31.72 -5.63
C LEU A 194 15.11 -32.58 -5.50
N ILE A 195 15.54 -33.22 -6.59
CA ILE A 195 16.78 -34.00 -6.55
C ILE A 195 17.98 -33.08 -6.72
N GLU A 196 17.83 -31.98 -7.45
CA GLU A 196 18.97 -31.16 -7.82
C GLU A 196 19.27 -30.07 -6.80
N ASP A 197 18.27 -29.30 -6.39
CA ASP A 197 18.49 -28.11 -5.59
C ASP A 197 17.91 -28.19 -4.19
N SER A 198 16.88 -29.01 -3.97
CA SER A 198 16.27 -29.10 -2.64
C SER A 198 17.23 -29.70 -1.64
N ASP A 199 17.54 -28.95 -0.59
CA ASP A 199 18.43 -29.46 0.45
C ASP A 199 17.71 -30.38 1.43
N ALA A 200 16.40 -30.20 1.59
CA ALA A 200 15.61 -31.03 2.49
C ALA A 200 14.16 -31.01 2.04
N THR A 201 13.44 -32.09 2.36
CA THR A 201 12.05 -32.22 1.96
C THR A 201 11.33 -33.15 2.92
N VAL A 202 10.14 -32.72 3.36
CA VAL A 202 9.25 -33.56 4.17
C VAL A 202 8.11 -34.02 3.27
N VAL A 203 7.87 -35.33 3.24
CA VAL A 203 6.94 -35.92 2.30
C VAL A 203 5.57 -36.09 2.96
N PHE A 204 4.54 -36.07 2.13
CA PHE A 204 3.17 -36.32 2.57
C PHE A 204 2.42 -37.00 1.44
N ASP A 205 1.48 -37.88 1.81
CA ASP A 205 0.61 -38.55 0.85
C ASP A 205 -0.83 -38.20 1.20
N ASN A 206 -1.55 -37.64 0.22
CA ASN A 206 -2.88 -37.13 0.49
C ASN A 206 -3.87 -38.22 0.86
N ALA A 207 -3.72 -39.43 0.31
CA ALA A 207 -4.63 -40.51 0.62
C ALA A 207 -4.51 -40.93 2.08
N SER A 208 -3.27 -41.17 2.54
CA SER A 208 -3.06 -41.52 3.94
C SER A 208 -3.46 -40.37 4.86
N LEU A 209 -3.23 -39.12 4.43
CA LEU A 209 -3.65 -37.98 5.23
C LEU A 209 -5.17 -37.96 5.40
N LEU A 210 -5.90 -38.16 4.30
CA LEU A 210 -7.36 -38.17 4.39
C LEU A 210 -7.84 -39.32 5.26
N ASN A 211 -7.22 -40.49 5.13
CA ASN A 211 -7.62 -41.64 5.94
C ASN A 211 -7.39 -41.37 7.42
N ILE A 212 -6.21 -40.86 7.77
CA ILE A 212 -5.90 -40.61 9.18
C ILE A 212 -6.78 -39.50 9.73
N SER A 213 -7.11 -38.51 8.92
CA SER A 213 -8.02 -37.47 9.38
C SER A 213 -9.41 -38.04 9.64
N GLY A 214 -9.93 -38.84 8.71
CA GLY A 214 -11.19 -39.51 8.94
C GLY A 214 -11.17 -40.40 10.16
N LYS A 215 -10.00 -40.93 10.51
CA LYS A 215 -9.88 -41.72 11.73
C LYS A 215 -9.96 -40.82 12.96
N VAL A 216 -9.19 -39.74 12.99
CA VAL A 216 -9.15 -38.89 14.18
C VAL A 216 -10.36 -37.98 14.24
N PHE A 217 -10.84 -37.48 13.10
CA PHE A 217 -12.04 -36.67 13.07
C PHE A 217 -13.27 -37.58 13.09
N ARG A 218 -14.35 -37.09 13.70
CA ARG A 218 -15.57 -37.89 13.80
C ARG A 218 -16.28 -37.98 12.46
N ASN A 219 -16.33 -36.88 11.72
CA ASN A 219 -17.00 -36.88 10.42
C ASN A 219 -16.06 -37.39 9.34
N PRO A 220 -16.42 -38.44 8.61
CA PRO A 220 -15.54 -38.93 7.53
C PRO A 220 -15.44 -37.96 6.36
N ASN A 221 -16.36 -36.98 6.26
CA ASN A 221 -16.29 -35.97 5.21
C ASN A 221 -15.17 -34.99 5.55
N ILE A 222 -13.94 -35.42 5.28
CA ILE A 222 -12.77 -34.66 5.65
C ILE A 222 -12.63 -33.47 4.70
N ASP A 223 -12.64 -32.26 5.27
CA ASP A 223 -12.37 -31.06 4.50
C ASP A 223 -10.88 -30.89 4.30
N LEU A 224 -10.51 -30.27 3.17
CA LEU A 224 -9.11 -30.00 2.91
C LEU A 224 -8.52 -29.06 3.94
N GLN A 225 -9.34 -28.18 4.52
CA GLN A 225 -8.85 -27.30 5.58
C GLN A 225 -8.47 -28.09 6.82
N HIS A 226 -9.09 -29.25 7.04
CA HIS A 226 -8.69 -30.08 8.18
C HIS A 226 -7.32 -30.70 7.96
N THR A 227 -7.05 -31.17 6.74
CA THR A 227 -5.70 -31.65 6.44
C THR A 227 -4.69 -30.52 6.50
N ASN A 228 -5.09 -29.31 6.10
CA ASN A 228 -4.22 -28.15 6.25
C ASN A 228 -3.93 -27.87 7.71
N GLN A 229 -4.94 -28.04 8.58
CA GLN A 229 -4.72 -27.90 10.01
C GLN A 229 -3.75 -28.96 10.52
N LEU A 230 -3.87 -30.19 10.03
CA LEU A 230 -2.95 -31.25 10.42
C LEU A 230 -1.52 -30.90 10.02
N ILE A 231 -1.34 -30.37 8.80
CA ILE A 231 0.00 -30.00 8.35
C ILE A 231 0.53 -28.82 9.15
N SER A 232 -0.33 -27.87 9.52
CA SER A 232 0.11 -26.77 10.36
C SER A 232 0.56 -27.28 11.72
N THR A 233 -0.16 -28.26 12.28
CA THR A 233 0.24 -28.83 13.56
C THR A 233 1.57 -29.54 13.44
N ILE A 234 1.78 -30.32 12.37
CA ILE A 234 3.05 -31.03 12.25
C ILE A 234 4.20 -30.07 12.03
N ILE A 235 3.97 -28.96 11.31
CA ILE A 235 5.04 -28.01 11.07
C ILE A 235 5.36 -27.23 12.35
N SER A 236 4.33 -26.87 13.12
CA SER A 236 4.58 -26.24 14.41
C SER A 236 5.27 -27.19 15.38
N SER A 237 5.01 -28.49 15.24
CA SER A 237 5.62 -29.48 16.12
C SER A 237 7.10 -29.66 15.80
N VAL A 238 7.43 -29.77 14.51
CA VAL A 238 8.83 -29.96 14.14
C VAL A 238 9.63 -28.71 14.42
N THR A 239 8.99 -27.54 14.42
CA THR A 239 9.65 -26.28 14.73
C THR A 239 9.60 -25.92 16.21
N ASN A 240 9.04 -26.81 17.05
CA ASN A 240 8.97 -26.52 18.47
C ASN A 240 10.35 -26.38 19.09
N SER A 241 11.29 -27.24 18.68
CA SER A 241 12.65 -27.12 19.17
C SER A 241 13.28 -25.80 18.75
N ILE A 242 12.88 -25.26 17.60
CA ILE A 242 13.39 -23.98 17.14
C ILE A 242 12.62 -22.83 17.77
N ARG A 243 11.29 -22.93 17.84
CA ARG A 243 10.48 -21.89 18.44
C ARG A 243 10.55 -21.92 19.97
N PHE A 244 11.00 -23.04 20.55
CA PHE A 244 11.18 -23.14 22.01
C PHE A 244 12.46 -23.92 22.29
N PRO A 245 13.62 -23.29 22.08
CA PRO A 245 14.88 -23.96 22.41
C PRO A 245 15.31 -23.66 23.84
N SER A 246 15.80 -24.69 24.53
CA SER A 246 16.26 -24.54 25.90
C SER A 246 17.76 -24.79 26.03
N TYR A 247 18.24 -25.97 25.69
CA TYR A 247 19.67 -26.24 25.81
C TYR A 247 20.26 -26.93 24.59
N MET A 248 19.53 -27.87 23.98
CA MET A 248 20.13 -28.82 23.05
C MET A 248 19.97 -28.40 21.59
N TYR A 249 18.74 -28.28 21.11
CA TYR A 249 18.46 -28.02 19.70
C TYR A 249 18.01 -26.58 19.53
N SER A 250 18.80 -25.80 18.80
CA SER A 250 18.49 -24.40 18.53
C SER A 250 18.67 -24.05 17.07
N SER A 251 18.74 -25.05 16.19
CA SER A 251 18.96 -24.82 14.77
C SER A 251 18.39 -25.98 13.97
N MET A 252 17.70 -25.64 12.88
CA MET A 252 17.24 -26.67 11.95
C MET A 252 18.41 -27.37 11.26
N SER A 253 19.57 -26.71 11.20
CA SER A 253 20.75 -27.35 10.65
C SER A 253 21.15 -28.57 11.47
N SER A 254 21.02 -28.47 12.79
CA SER A 254 21.33 -29.63 13.64
C SER A 254 20.33 -30.76 13.42
N ILE A 255 19.06 -30.42 13.23
CA ILE A 255 18.05 -31.45 13.00
C ILE A 255 18.29 -32.15 11.67
N TYR A 256 18.66 -31.39 10.64
CA TYR A 256 18.97 -32.01 9.36
C TYR A 256 20.32 -32.70 9.38
N SER A 257 21.18 -32.35 10.34
CA SER A 257 22.41 -33.10 10.55
C SER A 257 22.10 -34.47 11.13
N THR A 258 21.29 -34.52 12.18
CA THR A 258 20.93 -35.78 12.81
C THR A 258 19.89 -36.58 12.03
N LEU A 259 19.31 -35.99 10.98
CA LEU A 259 18.31 -36.69 10.19
C LEU A 259 18.72 -36.91 8.75
N ILE A 260 19.41 -35.97 8.11
CA ILE A 260 19.83 -36.13 6.73
C ILE A 260 21.30 -36.51 6.69
N PRO A 261 21.64 -37.76 6.38
CA PRO A 261 23.05 -38.17 6.36
C PRO A 261 23.78 -37.70 5.12
N SER A 262 23.08 -37.61 4.01
CA SER A 262 23.68 -37.25 2.73
C SER A 262 22.67 -36.45 1.92
N PRO A 263 23.14 -35.52 1.08
CA PRO A 263 22.20 -34.69 0.31
C PRO A 263 21.35 -35.48 -0.67
N GLU A 264 21.80 -36.67 -1.09
CA GLU A 264 21.00 -37.47 -2.02
C GLU A 264 19.77 -38.05 -1.33
N LEU A 265 19.79 -38.15 -0.01
CA LEU A 265 18.69 -38.69 0.78
C LEU A 265 18.22 -37.59 1.72
N HIS A 266 17.28 -36.76 1.25
CA HIS A 266 16.76 -35.64 2.03
C HIS A 266 15.23 -35.61 2.02
N PHE A 267 14.60 -36.78 1.98
CA PHE A 267 13.14 -36.88 1.96
C PHE A 267 12.72 -37.68 3.19
N LEU A 268 12.09 -36.99 4.14
CA LEU A 268 11.75 -37.57 5.43
C LEU A 268 10.24 -37.73 5.58
N SER A 269 9.84 -38.80 6.25
CA SER A 269 8.44 -39.10 6.50
C SER A 269 8.09 -38.75 7.93
N PRO A 270 7.06 -37.96 8.17
CA PRO A 270 6.70 -37.56 9.53
C PRO A 270 5.65 -38.47 10.16
N SER A 271 5.54 -38.36 11.48
CA SER A 271 4.51 -39.03 12.25
C SER A 271 4.27 -38.23 13.52
N PHE A 272 3.02 -38.16 13.96
CA PHE A 272 2.66 -37.35 15.12
C PHE A 272 1.48 -37.99 15.83
N THR A 273 1.66 -38.29 17.13
CA THR A 273 0.61 -38.95 17.90
C THR A 273 0.90 -38.85 19.38
N PRO A 274 -0.12 -38.71 20.24
CA PRO A 274 -1.52 -38.45 19.90
C PRO A 274 -1.85 -36.98 20.01
N PHE A 275 -2.90 -36.53 19.33
CA PHE A 275 -3.25 -35.12 19.33
C PHE A 275 -4.69 -34.95 18.87
N THR A 276 -5.23 -33.77 19.15
CA THR A 276 -6.59 -33.41 18.78
C THR A 276 -6.57 -32.27 17.76
N SER A 277 -7.67 -32.17 17.01
CA SER A 277 -7.80 -31.13 16.00
C SER A 277 -9.27 -30.78 15.77
N ALA A 285 -11.54 -35.58 26.38
CA ALA A 285 -10.31 -34.85 26.61
C ALA A 285 -9.53 -35.45 27.78
N HIS A 286 -9.00 -36.65 27.58
CA HIS A 286 -8.26 -37.36 28.62
C HIS A 286 -6.91 -37.81 28.07
N LYS A 287 -6.03 -38.19 28.98
CA LYS A 287 -4.70 -38.70 28.64
C LYS A 287 -4.68 -40.21 28.85
N GLY A 288 -4.38 -40.96 27.79
CA GLY A 288 -4.30 -42.41 27.90
C GLY A 288 -3.13 -42.98 27.10
N HIS A 289 -2.18 -42.14 26.68
CA HIS A 289 -1.03 -42.57 25.89
C HIS A 289 0.23 -42.10 26.61
N SER A 290 0.89 -43.02 27.32
CA SER A 290 2.16 -42.70 27.94
C SER A 290 3.23 -42.49 26.88
N SER A 291 4.37 -41.93 27.29
CA SER A 291 5.46 -41.68 26.36
C SER A 291 5.90 -42.97 25.68
N TYR A 292 5.92 -44.08 26.43
CA TYR A 292 6.16 -45.39 25.83
C TYR A 292 5.08 -45.70 24.79
N ASP A 293 3.81 -45.50 25.15
CA ASP A 293 2.72 -45.68 24.21
C ASP A 293 2.82 -44.67 23.07
N VAL A 294 3.21 -43.44 23.38
CA VAL A 294 3.36 -42.41 22.36
C VAL A 294 4.36 -42.86 21.30
N MET A 295 5.50 -43.41 21.73
CA MET A 295 6.53 -43.80 20.79
C MET A 295 6.14 -45.06 20.02
N LEU A 296 5.52 -46.03 20.69
CA LEU A 296 5.10 -47.23 19.97
C LEU A 296 4.00 -46.91 18.97
N ASP A 297 3.23 -45.85 19.21
CA ASP A 297 2.26 -45.39 18.21
C ASP A 297 2.96 -44.62 17.09
N LEU A 298 3.97 -43.82 17.43
CA LEU A 298 4.78 -43.18 16.42
C LEU A 298 5.38 -44.20 15.46
N LEU A 299 5.72 -45.39 15.96
CA LEU A 299 6.17 -46.46 15.08
C LEU A 299 5.04 -47.04 14.26
N ASP A 300 3.81 -47.00 14.77
CA ASP A 300 2.70 -47.65 14.09
C ASP A 300 2.40 -46.96 12.77
N PRO A 301 2.13 -47.73 11.70
CA PRO A 301 1.87 -47.09 10.39
C PRO A 301 0.64 -46.23 10.37
N SER A 302 -0.37 -46.53 11.19
CA SER A 302 -1.59 -45.72 11.21
C SER A 302 -1.40 -44.37 11.89
N ASN A 303 -0.18 -44.02 12.26
CA ASN A 303 0.12 -42.71 12.84
C ASN A 303 1.09 -41.91 11.99
N SER A 304 1.59 -42.47 10.90
CA SER A 304 2.49 -41.75 10.00
C SER A 304 1.68 -40.93 9.01
N LEU A 305 2.22 -39.77 8.65
CA LEU A 305 1.56 -38.86 7.72
C LEU A 305 1.77 -39.25 6.25
N VAL A 306 2.19 -40.48 5.98
CA VAL A 306 2.41 -40.95 4.62
C VAL A 306 2.08 -42.44 4.56
N SER A 307 1.60 -42.88 3.40
CA SER A 307 1.26 -44.28 3.20
C SER A 307 2.53 -45.13 3.27
N THR A 308 2.59 -46.02 4.27
CA THR A 308 3.78 -46.84 4.46
C THR A 308 3.91 -47.89 3.35
N ALA A 309 2.93 -48.78 3.25
CA ALA A 309 2.90 -49.83 2.22
C ALA A 309 4.17 -50.68 2.25
N MET A 310 4.66 -50.97 3.45
CA MET A 310 5.87 -51.76 3.63
C MET A 310 5.75 -52.59 4.89
N ASN A 311 6.23 -53.84 4.83
CA ASN A 311 6.20 -54.71 5.99
C ASN A 311 7.26 -54.30 7.01
N ASN A 312 8.51 -54.17 6.58
CA ASN A 312 9.61 -53.75 7.45
C ASN A 312 10.46 -52.75 6.69
N PRO A 313 10.16 -51.45 6.79
CA PRO A 313 10.98 -50.44 6.12
C PRO A 313 12.37 -50.37 6.73
N THR A 314 13.35 -50.05 5.89
CA THR A 314 14.74 -49.98 6.31
C THR A 314 15.01 -48.57 6.81
N TYR A 315 14.98 -48.39 8.13
CA TYR A 315 15.25 -47.10 8.75
C TYR A 315 16.74 -46.81 8.71
N PHE A 316 17.10 -45.61 8.25
CA PHE A 316 18.50 -45.19 8.18
C PHE A 316 18.87 -44.29 9.36
N ASN A 317 18.15 -43.18 9.54
CA ASN A 317 18.40 -42.27 10.64
C ASN A 317 17.06 -41.74 11.13
N VAL A 318 16.75 -42.01 12.41
CA VAL A 318 15.48 -41.64 13.00
C VAL A 318 15.74 -40.65 14.13
N TYR A 319 14.82 -39.70 14.29
CA TYR A 319 14.92 -38.69 15.34
C TYR A 319 13.51 -38.20 15.67
N ASN A 320 13.24 -38.04 16.96
CA ASN A 320 11.90 -37.70 17.42
C ASN A 320 11.97 -36.63 18.50
N THR A 321 10.83 -35.95 18.67
CA THR A 321 10.67 -34.94 19.70
C THR A 321 9.38 -35.25 20.45
N ILE A 322 9.50 -35.49 21.76
CA ILE A 322 8.38 -35.78 22.63
C ILE A 322 7.98 -34.50 23.34
N ILE A 323 6.71 -34.12 23.20
CA ILE A 323 6.16 -32.91 23.80
C ILE A 323 5.40 -33.30 25.06
N GLY A 324 5.73 -32.66 26.16
CA GLY A 324 5.14 -32.94 27.46
C GLY A 324 6.20 -33.23 28.51
N ASN A 325 5.74 -33.29 29.76
CA ASN A 325 6.61 -33.56 30.90
C ASN A 325 6.80 -35.06 31.01
N VAL A 326 8.01 -35.53 30.72
CA VAL A 326 8.29 -36.96 30.60
C VAL A 326 9.44 -37.33 31.53
N GLU A 327 9.38 -38.54 32.08
CA GLU A 327 10.44 -39.14 32.88
C GLU A 327 11.32 -40.02 31.99
N PRO A 328 12.65 -39.99 32.21
CA PRO A 328 13.57 -40.73 31.33
C PRO A 328 13.41 -42.24 31.40
N ARG A 329 12.69 -42.78 32.38
CA ARG A 329 12.56 -44.23 32.50
C ARG A 329 11.76 -44.81 31.35
N GLN A 330 10.56 -44.27 31.11
CA GLN A 330 9.77 -44.68 29.96
C GLN A 330 10.50 -44.38 28.66
N ILE A 331 11.27 -43.28 28.64
CA ILE A 331 12.08 -42.96 27.47
C ILE A 331 13.02 -44.11 27.15
N SER A 332 13.77 -44.58 28.15
CA SER A 332 14.73 -45.65 27.92
C SER A 332 14.03 -46.96 27.59
N ARG A 333 12.91 -47.25 28.24
CA ARG A 333 12.17 -48.47 27.93
C ARG A 333 11.70 -48.48 26.48
N ALA A 334 11.10 -47.37 26.03
CA ALA A 334 10.65 -47.28 24.65
C ALA A 334 11.81 -47.28 23.67
N MET A 335 12.95 -46.70 24.06
CA MET A 335 14.12 -46.73 23.19
C MET A 335 14.63 -48.15 23.00
N THR A 336 14.71 -48.91 24.09
CA THR A 336 15.13 -50.31 23.99
C THR A 336 14.15 -51.11 23.14
N LYS A 337 12.85 -50.93 23.38
CA LYS A 337 11.85 -51.66 22.60
C LYS A 337 11.93 -51.30 21.12
N LEU A 338 12.17 -50.03 20.82
CA LEU A 338 12.23 -49.60 19.42
C LEU A 338 13.49 -50.12 18.73
N GLN A 339 14.62 -50.14 19.45
CA GLN A 339 15.82 -50.75 18.91
C GLN A 339 15.60 -52.23 18.66
N GLN A 340 14.83 -52.90 19.52
CA GLN A 340 14.45 -54.27 19.28
C GLN A 340 13.48 -54.40 18.10
N ARG A 341 12.77 -53.33 17.77
CA ARG A 341 11.79 -53.35 16.69
C ARG A 341 12.32 -52.81 15.37
N ILE A 342 12.93 -51.63 15.38
CA ILE A 342 13.40 -51.00 14.14
C ILE A 342 14.73 -51.63 13.74
N LYS A 343 14.85 -51.96 12.45
CA LYS A 343 16.07 -52.50 11.88
C LYS A 343 16.86 -51.41 11.19
N PHE A 344 18.18 -51.43 11.37
CA PHE A 344 19.09 -50.53 10.69
C PHE A 344 20.06 -51.32 9.82
N PRO A 345 20.53 -50.74 8.72
CA PRO A 345 21.55 -51.42 7.91
C PRO A 345 22.84 -51.60 8.70
N SER A 346 23.56 -52.67 8.37
CA SER A 346 24.81 -52.98 9.08
C SER A 346 25.91 -51.98 8.79
N TRP A 347 25.83 -51.25 7.68
CA TRP A 347 26.85 -50.26 7.33
C TRP A 347 26.58 -48.90 7.96
N SER A 348 25.35 -48.62 8.35
CA SER A 348 24.99 -47.35 8.96
C SER A 348 24.81 -47.53 10.47
N SER A 349 24.53 -46.43 11.15
CA SER A 349 24.40 -46.42 12.61
C SER A 349 22.95 -46.61 13.03
N SER A 350 22.75 -47.23 14.18
CA SER A 350 21.43 -47.42 14.77
C SER A 350 21.09 -46.26 15.70
N ALA A 351 21.17 -45.04 15.17
CA ALA A 351 21.02 -43.84 15.99
C ALA A 351 19.56 -43.52 16.24
N MET A 352 19.23 -43.27 17.49
CA MET A 352 17.90 -42.84 17.92
C MET A 352 18.05 -41.70 18.90
N HIS A 353 17.43 -40.57 18.59
CA HIS A 353 17.56 -39.37 19.41
C HIS A 353 16.18 -38.81 19.73
N VAL A 354 16.03 -38.33 20.97
CA VAL A 354 14.78 -37.82 21.49
C VAL A 354 15.01 -36.42 22.03
N ASN A 355 14.15 -35.49 21.65
CA ASN A 355 14.19 -34.12 22.13
C ASN A 355 12.97 -33.84 23.00
N ILE A 356 13.20 -33.30 24.19
CA ILE A 356 12.12 -32.95 25.10
C ILE A 356 11.64 -31.55 24.73
N GLY A 357 10.48 -31.48 24.07
CA GLY A 357 9.93 -30.21 23.65
C GLY A 357 9.05 -29.56 24.69
N ARG A 358 9.44 -28.37 25.16
CA ARG A 358 8.70 -27.69 26.20
C ARG A 358 7.38 -27.16 25.65
N ARG A 359 6.38 -27.09 26.52
CA ARG A 359 5.08 -26.55 26.18
C ARG A 359 5.05 -25.05 26.38
N SER A 360 4.28 -24.38 25.53
CA SER A 360 4.20 -22.92 25.60
C SER A 360 3.19 -22.51 26.68
N PRO A 361 3.59 -21.69 27.65
CA PRO A 361 2.63 -21.20 28.65
C PRO A 361 1.70 -20.13 28.12
N TYR A 362 1.97 -19.57 26.94
CA TYR A 362 1.12 -18.56 26.33
C TYR A 362 0.19 -19.15 25.27
N LEU A 363 0.12 -20.47 25.17
CA LEU A 363 -0.72 -21.16 24.22
C LEU A 363 -1.95 -21.72 24.92
N PRO A 364 -3.14 -21.51 24.38
CA PRO A 364 -4.34 -22.14 24.95
C PRO A 364 -4.19 -23.65 25.00
N LEU A 365 -4.74 -24.25 26.04
CA LEU A 365 -4.56 -25.68 26.28
C LEU A 365 -5.29 -26.50 25.22
N GLN A 366 -4.55 -27.36 24.53
CA GLN A 366 -5.14 -28.25 23.55
C GLN A 366 -6.02 -29.28 24.24
N PRO A 367 -7.10 -29.74 23.57
CA PRO A 367 -7.90 -30.84 24.13
C PRO A 367 -7.05 -32.05 24.51
N ASN A 368 -7.55 -32.87 25.42
CA ASN A 368 -6.78 -33.96 26.03
C ASN A 368 -5.53 -33.40 26.72
N GLU A 369 -5.77 -32.60 27.75
CA GLU A 369 -4.69 -31.97 28.50
C GLU A 369 -3.85 -33.02 29.22
N ASN A 370 -2.59 -32.67 29.48
CA ASN A 370 -1.63 -33.52 30.18
C ASN A 370 -1.33 -34.80 29.38
N GLU A 371 -1.86 -34.90 28.18
CA GLU A 371 -1.57 -36.04 27.31
C GLU A 371 -0.27 -35.79 26.58
N VAL A 372 0.78 -36.51 26.97
CA VAL A 372 2.07 -36.40 26.29
C VAL A 372 1.91 -36.83 24.85
N SER A 373 2.60 -36.13 23.94
CA SER A 373 2.56 -36.46 22.53
C SER A 373 3.98 -36.60 22.01
N GLY A 374 4.10 -37.04 20.76
CA GLY A 374 5.41 -37.20 20.15
C GLY A 374 5.32 -37.10 18.65
N MET A 375 6.37 -36.50 18.07
CA MET A 375 6.57 -36.42 16.64
C MET A 375 7.85 -37.17 16.31
N MET A 376 7.87 -37.82 15.15
CA MET A 376 9.05 -38.55 14.70
C MET A 376 9.26 -38.31 13.22
N LEU A 377 10.52 -38.16 12.82
CA LEU A 377 10.89 -38.03 11.41
C LEU A 377 11.78 -39.20 11.03
N SER A 378 11.36 -39.96 10.02
CA SER A 378 12.04 -41.19 9.65
C SER A 378 12.55 -41.11 8.22
N ASN A 379 13.69 -41.75 7.98
CA ASN A 379 14.26 -41.90 6.65
C ASN A 379 14.29 -43.40 6.35
N MET A 380 13.34 -43.86 5.54
CA MET A 380 13.20 -45.28 5.25
C MET A 380 12.82 -45.44 3.78
N SER A 381 12.57 -46.69 3.39
CA SER A 381 12.22 -47.03 2.02
C SER A 381 10.72 -46.96 1.76
N THR A 382 9.98 -46.24 2.58
CA THR A 382 8.56 -46.04 2.33
C THR A 382 8.30 -44.82 1.46
N VAL A 383 9.13 -43.78 1.60
CA VAL A 383 9.03 -42.62 0.74
C VAL A 383 9.27 -43.02 -0.71
N VAL A 384 10.24 -43.92 -0.93
CA VAL A 384 10.54 -44.37 -2.28
C VAL A 384 9.42 -45.26 -2.80
N ASN A 385 8.60 -45.84 -1.93
CA ASN A 385 7.45 -46.61 -2.41
C ASN A 385 6.41 -45.70 -3.07
N VAL A 386 6.07 -44.58 -2.42
CA VAL A 386 5.16 -43.62 -3.02
C VAL A 386 5.80 -43.00 -4.25
N PHE A 387 7.12 -42.77 -4.20
CA PHE A 387 7.82 -42.27 -5.38
C PHE A 387 7.70 -43.24 -6.54
N GLU A 388 7.83 -44.53 -6.28
CA GLU A 388 7.70 -45.54 -7.33
C GLU A 388 6.28 -45.60 -7.86
N ASN A 389 5.28 -45.46 -6.98
CA ASN A 389 3.91 -45.41 -7.43
C ASN A 389 3.70 -44.24 -8.39
N ALA A 390 4.16 -43.05 -8.00
CA ALA A 390 4.00 -41.87 -8.84
C ALA A 390 4.75 -42.02 -10.17
N CYS A 391 5.98 -42.54 -10.13
CA CYS A 391 6.76 -42.70 -11.35
C CYS A 391 6.16 -43.77 -12.26
N ASN A 392 5.56 -44.82 -11.69
CA ASN A 392 4.91 -45.82 -12.51
C ASN A 392 3.65 -45.25 -13.18
N THR A 393 2.86 -44.49 -12.43
CA THR A 393 1.71 -43.83 -13.03
C THR A 393 2.14 -42.90 -14.16
N PHE A 394 3.20 -42.12 -13.93
CA PHE A 394 3.71 -41.23 -14.98
C PHE A 394 4.18 -42.02 -16.20
N ASP A 395 4.91 -43.11 -15.98
CA ASP A 395 5.43 -43.90 -17.10
C ASP A 395 4.28 -44.51 -17.91
N LYS A 396 3.26 -45.02 -17.22
CA LYS A 396 2.10 -45.56 -17.92
C LYS A 396 1.43 -44.47 -18.76
N VAL A 397 1.05 -43.36 -18.12
CA VAL A 397 0.31 -42.32 -18.82
C VAL A 397 1.17 -41.63 -19.88
N PHE A 398 2.49 -41.79 -19.84
CA PHE A 398 3.37 -41.16 -20.83
C PHE A 398 3.64 -42.08 -22.01
N ALA A 399 4.18 -43.28 -21.74
CA ALA A 399 4.46 -44.22 -22.82
C ALA A 399 3.20 -44.78 -23.45
N LYS A 400 2.04 -44.63 -22.80
CA LYS A 400 0.80 -45.12 -23.35
C LYS A 400 0.02 -44.06 -24.11
N GLY A 401 0.09 -42.80 -23.66
CA GLY A 401 -0.64 -41.73 -24.33
C GLY A 401 0.15 -40.44 -24.42
N ALA A 402 0.26 -39.88 -25.62
CA ALA A 402 0.97 -38.63 -25.84
C ALA A 402 -0.02 -37.46 -25.89
N PHE A 403 -0.53 -37.12 -24.71
CA PHE A 403 -1.46 -36.00 -24.58
C PHE A 403 -0.84 -34.77 -23.93
N LEU A 404 0.28 -34.93 -23.20
CA LEU A 404 0.94 -33.81 -22.54
C LEU A 404 1.46 -32.78 -23.53
N ASN A 405 1.56 -33.12 -24.81
CA ASN A 405 1.99 -32.20 -25.86
C ASN A 405 0.92 -31.19 -26.25
N ASN A 406 -0.17 -31.11 -25.49
CA ASN A 406 -1.27 -30.22 -25.80
C ASN A 406 -1.45 -29.08 -24.80
N TYR A 407 -0.87 -29.19 -23.60
CA TYR A 407 -1.01 -28.20 -22.55
C TYR A 407 0.38 -27.74 -22.14
N ASN A 408 0.89 -26.73 -22.84
CA ASN A 408 2.22 -26.20 -22.56
C ASN A 408 2.21 -24.70 -22.81
N VAL A 409 3.18 -24.01 -22.22
CA VAL A 409 3.29 -22.56 -22.30
C VAL A 409 4.73 -22.19 -22.63
N GLY A 410 4.89 -21.13 -23.43
CA GLY A 410 6.20 -20.56 -23.65
C GLY A 410 7.14 -21.53 -24.33
N ASP A 411 8.34 -21.68 -23.75
CA ASP A 411 9.36 -22.55 -24.32
C ASP A 411 8.89 -24.00 -24.42
N LEU A 412 7.99 -24.42 -23.56
CA LEU A 412 7.44 -25.78 -23.63
C LEU A 412 6.38 -25.91 -24.71
N PHE A 413 5.72 -24.81 -25.08
CA PHE A 413 4.71 -24.87 -26.13
C PHE A 413 5.32 -24.70 -27.52
N GLN A 414 6.48 -24.06 -27.62
CA GLN A 414 7.12 -23.88 -28.92
C GLN A 414 7.54 -25.22 -29.52
N SER A 415 7.91 -26.18 -28.67
CA SER A 415 8.26 -27.52 -29.13
C SER A 415 7.96 -28.51 -28.02
N MET A 416 7.27 -29.60 -28.37
CA MET A 416 6.91 -30.63 -27.40
C MET A 416 7.97 -31.71 -27.27
N GLN A 417 8.90 -31.79 -28.21
CA GLN A 417 9.98 -32.77 -28.11
C GLN A 417 10.88 -32.48 -26.91
N ASN A 418 11.16 -31.19 -26.67
CA ASN A 418 11.93 -30.84 -25.47
C ASN A 418 11.16 -31.15 -24.21
N VAL A 419 9.83 -31.05 -24.25
CA VAL A 419 9.01 -31.44 -23.10
C VAL A 419 9.15 -32.94 -22.84
N GLN A 420 9.07 -33.73 -23.91
CA GLN A 420 9.25 -35.18 -23.77
C GLN A 420 10.64 -35.51 -23.23
N ASP A 421 11.66 -34.78 -23.69
CA ASP A 421 13.01 -35.02 -23.22
C ASP A 421 13.15 -34.64 -21.75
N GLU A 422 12.55 -33.53 -21.33
CA GLU A 422 12.60 -33.13 -19.93
C GLU A 422 11.88 -34.15 -19.05
N PHE A 423 10.75 -34.68 -19.51
CA PHE A 423 10.04 -35.69 -18.72
C PHE A 423 10.85 -36.98 -18.65
N ALA A 424 11.49 -37.37 -19.75
CA ALA A 424 12.35 -38.56 -19.72
C ALA A 424 13.54 -38.37 -18.79
N GLU A 425 14.11 -37.16 -18.77
CA GLU A 425 15.23 -36.89 -17.86
C GLU A 425 14.77 -36.89 -16.42
N SER A 426 13.58 -36.37 -16.14
CA SER A 426 13.03 -36.44 -14.80
C SER A 426 12.82 -37.90 -14.38
N ARG A 427 12.29 -38.73 -15.29
CA ARG A 427 12.15 -40.14 -14.98
C ARG A 427 13.50 -40.79 -14.71
N GLU A 428 14.51 -40.44 -15.50
CA GLU A 428 15.84 -41.01 -15.31
C GLU A 428 16.44 -40.61 -13.97
N VAL A 429 16.28 -39.34 -13.58
CA VAL A 429 16.90 -38.89 -12.33
C VAL A 429 16.15 -39.46 -11.14
N VAL A 430 14.82 -39.59 -11.21
CA VAL A 430 14.12 -40.21 -10.09
C VAL A 430 14.41 -41.70 -10.04
N GLN A 431 14.70 -42.32 -11.19
CA GLN A 431 15.10 -43.72 -11.20
C GLN A 431 16.46 -43.89 -10.53
N SER A 432 17.41 -43.00 -10.86
CA SER A 432 18.72 -43.05 -10.20
C SER A 432 18.58 -42.81 -8.70
N LEU A 433 17.66 -41.92 -8.32
CA LEU A 433 17.46 -41.64 -6.90
C LEU A 433 16.91 -42.86 -6.16
N MET A 434 15.86 -43.50 -6.72
CA MET A 434 15.32 -44.67 -6.06
C MET A 434 16.30 -45.83 -6.07
N GLU A 435 17.16 -45.91 -7.09
CA GLU A 435 18.19 -46.94 -7.10
C GLU A 435 19.23 -46.69 -6.02
N ASP A 436 19.62 -45.42 -5.83
CA ASP A 436 20.52 -45.08 -4.72
C ASP A 436 19.88 -45.42 -3.39
N TYR A 437 18.58 -45.16 -3.26
CA TYR A 437 17.87 -45.48 -2.02
C TYR A 437 17.88 -46.99 -1.76
N VAL A 438 17.46 -47.79 -2.75
CA VAL A 438 17.40 -49.22 -2.55
C VAL A 438 18.79 -49.84 -2.38
N ALA A 439 19.83 -49.18 -2.90
CA ALA A 439 21.19 -49.65 -2.67
C ALA A 439 21.65 -49.30 -1.26
N ALA A 440 21.22 -48.15 -0.74
CA ALA A 440 21.54 -47.80 0.64
C ALA A 440 20.96 -48.80 1.62
N GLU A 441 19.86 -49.47 1.25
CA GLU A 441 19.30 -50.51 2.10
C GLU A 441 20.24 -51.70 2.24
N GLN A 442 21.19 -51.87 1.33
CA GLN A 442 22.13 -52.97 1.36
C GLN A 442 23.38 -52.58 2.13
N ASP A 443 23.95 -53.56 2.83
CA ASP A 443 25.21 -53.33 3.54
C ASP A 443 26.34 -53.02 2.58
N SER A 444 26.25 -53.51 1.33
CA SER A 444 27.27 -53.24 0.32
C SER A 444 27.22 -51.82 -0.21
N TYR A 445 26.34 -50.96 0.32
CA TYR A 445 26.30 -49.57 -0.12
C TYR A 445 27.60 -48.85 0.25
N LEU A 446 28.07 -49.03 1.48
CA LEU A 446 29.30 -48.43 1.95
C LEU A 446 30.49 -49.39 1.79
N ASP A 447 30.41 -50.33 0.85
CA ASP A 447 31.48 -51.32 0.68
C ASP A 447 32.77 -50.70 0.14
N ASP A 448 32.69 -49.51 -0.44
CA ASP A 448 33.89 -48.90 -1.03
C ASP A 448 34.93 -48.56 0.01
N VAL A 449 34.55 -48.44 1.28
CA VAL A 449 35.49 -48.17 2.35
C VAL A 449 35.78 -49.39 3.21
N LEU A 450 34.85 -50.35 3.29
CA LEU A 450 35.05 -51.54 4.10
C LEU A 450 35.55 -52.71 3.25
N MET B 1 25.60 33.75 8.32
CA MET B 1 25.54 33.53 6.89
C MET B 1 24.10 33.33 6.41
N GLY B 2 23.15 33.46 7.33
CA GLY B 2 21.75 33.28 7.00
C GLY B 2 21.11 34.58 6.56
N GLY B 3 20.37 34.51 5.44
CA GLY B 3 19.69 35.67 4.92
C GLY B 3 18.27 35.33 4.52
N GLU B 4 17.51 36.38 4.20
CA GLU B 4 16.12 36.21 3.81
C GLU B 4 16.02 35.79 2.35
N ILE B 5 14.99 34.99 2.05
CA ILE B 5 14.72 34.47 0.72
C ILE B 5 13.31 34.88 0.31
N ILE B 6 13.16 35.29 -0.94
CA ILE B 6 11.88 35.71 -1.48
C ILE B 6 11.42 34.69 -2.51
N THR B 7 10.15 34.30 -2.43
CA THR B 7 9.57 33.33 -3.33
C THR B 7 9.06 34.02 -4.59
N LEU B 8 9.26 33.37 -5.74
CA LEU B 8 8.86 33.90 -7.04
C LEU B 8 7.90 32.92 -7.69
N GLN B 9 6.65 33.36 -7.89
CA GLN B 9 5.61 32.54 -8.49
C GLN B 9 5.45 32.96 -9.95
N ALA B 10 5.81 32.08 -10.88
CA ALA B 10 5.69 32.34 -12.30
C ALA B 10 4.83 31.25 -12.94
N GLY B 11 3.83 31.67 -13.71
CA GLY B 11 2.93 30.75 -14.36
C GLY B 11 1.81 30.28 -13.45
N GLN B 12 0.85 29.57 -14.05
CA GLN B 12 -0.27 29.06 -13.29
C GLN B 12 0.18 28.00 -12.29
N CYS B 13 1.00 27.05 -12.74
CA CYS B 13 1.57 26.08 -11.82
C CYS B 13 2.41 26.76 -10.75
N GLY B 14 3.19 27.77 -11.13
CA GLY B 14 3.98 28.49 -10.14
C GLY B 14 3.12 29.11 -9.06
N ASN B 15 2.03 29.76 -9.47
CA ASN B 15 1.14 30.39 -8.49
C ASN B 15 0.43 29.36 -7.62
N HIS B 16 0.03 28.24 -8.21
CA HIS B 16 -0.64 27.20 -7.44
C HIS B 16 0.30 26.60 -6.40
N VAL B 17 1.52 26.27 -6.80
CA VAL B 17 2.47 25.70 -5.85
C VAL B 17 2.88 26.73 -4.81
N GLY B 18 2.94 28.02 -5.18
CA GLY B 18 3.21 29.04 -4.19
C GLY B 18 2.09 29.15 -3.16
N LYS B 19 0.85 29.13 -3.62
CA LYS B 19 -0.30 29.12 -2.71
C LYS B 19 -0.22 27.92 -1.76
N PHE B 20 0.05 26.74 -2.31
CA PHE B 20 0.11 25.54 -1.47
C PHE B 20 1.26 25.61 -0.48
N LEU B 21 2.42 26.11 -0.91
CA LEU B 21 3.57 26.22 -0.02
C LEU B 21 3.31 27.22 1.10
N TRP B 22 2.69 28.35 0.78
CA TRP B 22 2.40 29.32 1.81
C TRP B 22 1.32 28.83 2.77
N SER B 23 0.34 28.07 2.27
CA SER B 23 -0.62 27.45 3.17
C SER B 23 0.05 26.44 4.09
N GLN B 24 0.98 25.65 3.55
CA GLN B 24 1.71 24.70 4.37
C GLN B 24 2.54 25.40 5.44
N LEU B 25 3.18 26.52 5.07
CA LEU B 25 3.96 27.27 6.03
C LEU B 25 3.07 27.89 7.10
N ALA B 26 1.90 28.40 6.71
CA ALA B 26 0.95 28.90 7.69
C ALA B 26 0.47 27.79 8.61
N LYS B 27 0.35 26.57 8.09
CA LYS B 27 0.01 25.43 8.93
C LYS B 27 1.12 25.12 9.93
N GLU B 28 2.38 25.18 9.47
CA GLU B 28 3.50 24.85 10.34
C GLU B 28 3.71 25.94 11.39
N HIS B 29 3.62 27.21 10.99
CA HIS B 29 3.89 28.33 11.87
C HIS B 29 2.62 28.91 12.48
N ALA B 30 1.47 28.25 12.28
CA ALA B 30 0.18 28.69 12.83
C ALA B 30 -0.12 30.13 12.41
N ILE B 31 -0.23 30.33 11.10
CA ILE B 31 -0.49 31.66 10.55
C ILE B 31 -1.85 31.65 9.86
N GLY B 32 -2.28 30.49 9.37
CA GLY B 32 -3.57 30.37 8.73
C GLY B 32 -3.64 31.10 7.40
N THR B 33 -4.87 31.17 6.87
CA THR B 33 -5.14 31.78 5.58
C THR B 33 -5.49 33.26 5.67
N ASP B 34 -5.45 33.84 6.87
CA ASP B 34 -5.81 35.23 7.06
C ASP B 34 -4.61 36.17 7.15
N GLY B 35 -3.39 35.63 7.15
CA GLY B 35 -2.20 36.44 7.33
C GLY B 35 -1.89 36.80 8.76
N LEU B 36 -2.83 36.65 9.68
CA LEU B 36 -2.62 36.92 11.10
C LEU B 36 -2.22 35.62 11.79
N SER B 37 -1.08 35.64 12.48
CA SER B 37 -0.59 34.45 13.16
C SER B 37 -1.63 33.93 14.13
N GLN B 38 -2.05 32.68 13.94
CA GLN B 38 -3.05 32.07 14.79
C GLN B 38 -2.63 32.01 16.25
N LEU B 39 -1.33 32.10 16.53
CA LEU B 39 -0.83 32.18 17.90
C LEU B 39 -0.86 33.62 18.38
N PRO B 40 -1.14 33.83 19.67
CA PRO B 40 -1.10 35.20 20.21
C PRO B 40 0.31 35.75 20.17
N ASP B 41 0.42 37.04 19.84
CA ASP B 41 1.73 37.69 19.75
C ASP B 41 2.36 37.94 21.12
N SER B 42 1.79 37.44 22.21
CA SER B 42 2.38 37.62 23.53
C SER B 42 3.52 36.65 23.80
N SER B 43 3.54 35.50 23.13
CA SER B 43 4.61 34.52 23.31
C SER B 43 5.74 34.85 22.36
N THR B 44 6.77 35.53 22.88
CA THR B 44 7.87 35.96 22.04
C THR B 44 8.83 34.83 21.69
N GLU B 45 8.95 33.81 22.54
CA GLU B 45 9.90 32.73 22.29
C GLU B 45 9.37 31.83 21.19
N ARG B 46 10.09 31.80 20.06
CA ARG B 46 9.70 30.99 18.91
C ARG B 46 10.94 30.27 18.40
N ASP B 47 10.89 28.93 18.39
CA ASP B 47 12.04 28.15 17.92
C ASP B 47 12.25 28.31 16.42
N ASP B 48 11.20 28.61 15.67
CA ASP B 48 11.30 28.77 14.22
C ASP B 48 11.73 30.20 13.89
N ASP B 49 11.69 30.55 12.61
CA ASP B 49 12.06 31.90 12.17
C ASP B 49 11.29 32.20 10.89
N THR B 50 10.23 33.00 11.02
CA THR B 50 9.44 33.40 9.85
C THR B 50 10.05 34.58 9.12
N LYS B 51 10.95 35.33 9.78
CA LYS B 51 11.56 36.50 9.16
C LYS B 51 12.20 36.24 7.80
N PRO B 52 12.93 35.15 7.56
CA PRO B 52 13.49 34.92 6.22
C PRO B 52 12.43 34.79 5.12
N PHE B 53 11.17 34.55 5.46
CA PHE B 53 10.12 34.40 4.47
C PHE B 53 8.86 35.18 4.77
N PHE B 54 8.71 35.72 5.98
CA PHE B 54 7.52 36.47 6.36
C PHE B 54 7.94 37.84 6.87
N ARG B 55 7.46 38.89 6.23
CA ARG B 55 7.66 40.23 6.75
C ARG B 55 6.59 40.55 7.78
N GLU B 56 7.02 41.18 8.88
CA GLU B 56 6.15 41.43 10.02
C GLU B 56 5.88 42.93 10.11
N ASN B 57 4.72 43.35 9.61
CA ASN B 57 4.27 44.73 9.75
C ASN B 57 3.58 44.96 11.08
N SER B 58 2.53 44.21 11.37
CA SER B 58 1.94 44.17 12.70
C SER B 58 2.45 42.95 13.44
N ARG B 59 2.33 42.98 14.77
CA ARG B 59 2.94 41.95 15.59
C ARG B 59 2.32 40.58 15.35
N ASN B 60 1.02 40.53 15.06
CA ASN B 60 0.35 39.27 14.81
C ASN B 60 0.29 38.89 13.34
N LYS B 61 0.66 39.80 12.44
CA LYS B 61 0.60 39.56 11.00
C LYS B 61 2.00 39.35 10.45
N PHE B 62 2.14 38.33 9.60
CA PHE B 62 3.41 38.00 8.96
C PHE B 62 3.15 37.88 7.46
N THR B 63 3.51 38.90 6.71
CA THR B 63 3.26 38.91 5.28
C THR B 63 4.30 38.06 4.56
N PRO B 64 3.89 37.04 3.79
CA PRO B 64 4.87 36.21 3.09
C PRO B 64 5.68 37.02 2.10
N ARG B 65 7.00 36.91 2.20
CA ARG B 65 7.92 37.62 1.31
C ARG B 65 7.91 36.88 -0.03
N ALA B 66 6.89 37.17 -0.83
CA ALA B 66 6.71 36.53 -2.13
C ALA B 66 5.95 37.46 -3.05
N ILE B 67 6.22 37.32 -4.34
CA ILE B 67 5.56 38.11 -5.39
C ILE B 67 4.79 37.15 -6.28
N MET B 68 3.55 37.53 -6.60
CA MET B 68 2.67 36.73 -7.45
C MET B 68 2.71 37.28 -8.87
N MET B 69 3.24 36.48 -9.79
CA MET B 69 3.41 36.90 -11.18
C MET B 69 2.75 35.89 -12.10
N ASP B 70 1.85 36.39 -12.95
CA ASP B 70 1.18 35.55 -13.93
C ASP B 70 0.50 36.45 -14.95
N SER B 71 0.11 35.85 -16.08
CA SER B 71 -0.62 36.57 -17.11
C SER B 71 -2.13 36.33 -17.03
N GLU B 72 -2.57 35.33 -16.26
CA GLU B 72 -3.99 35.03 -16.11
C GLU B 72 -4.47 35.56 -14.78
N PRO B 73 -5.25 36.65 -14.74
CA PRO B 73 -5.67 37.21 -13.44
C PRO B 73 -6.65 36.35 -12.68
N SER B 74 -7.25 35.33 -13.31
CA SER B 74 -8.27 34.53 -12.64
C SER B 74 -7.67 33.75 -11.48
N VAL B 75 -6.54 33.06 -11.73
CA VAL B 75 -5.93 32.27 -10.67
C VAL B 75 -5.39 33.17 -9.55
N ILE B 76 -4.86 34.33 -9.91
CA ILE B 76 -4.36 35.26 -8.89
C ILE B 76 -5.50 35.76 -8.02
N ALA B 77 -6.62 36.13 -8.65
CA ALA B 77 -7.78 36.58 -7.89
C ALA B 77 -8.32 35.46 -7.01
N ASP B 78 -8.33 34.22 -7.53
CA ASP B 78 -8.80 33.09 -6.73
C ASP B 78 -7.93 32.87 -5.50
N VAL B 79 -6.61 32.88 -5.68
CA VAL B 79 -5.71 32.67 -4.55
C VAL B 79 -5.83 33.81 -3.54
N GLU B 80 -6.03 35.04 -4.03
CA GLU B 80 -6.18 36.17 -3.12
C GLU B 80 -7.50 36.09 -2.36
N ASN B 81 -8.56 35.62 -3.00
CA ASN B 81 -9.84 35.49 -2.32
C ASN B 81 -9.83 34.37 -1.29
N THR B 82 -9.18 33.25 -1.62
CA THR B 82 -9.04 32.18 -0.62
C THR B 82 -8.16 32.62 0.53
N PHE B 83 -7.06 33.29 0.24
CA PHE B 83 -6.16 33.80 1.28
C PHE B 83 -6.43 35.29 1.50
N ARG B 84 -7.52 35.55 2.22
CA ARG B 84 -7.93 36.92 2.49
C ARG B 84 -6.93 37.60 3.43
N GLY B 85 -6.30 38.67 2.96
CA GLY B 85 -5.32 39.39 3.74
C GLY B 85 -4.01 38.66 3.96
N PHE B 86 -3.90 37.40 3.54
CA PHE B 86 -2.66 36.65 3.73
C PHE B 86 -1.54 37.22 2.85
N PHE B 87 -1.79 37.32 1.55
CA PHE B 87 -0.81 37.87 0.62
C PHE B 87 -0.94 39.39 0.54
N ASP B 88 0.07 40.02 -0.06
CA ASP B 88 0.05 41.46 -0.27
C ASP B 88 -0.51 41.76 -1.65
N PRO B 89 -1.57 42.55 -1.76
CA PRO B 89 -2.10 42.87 -3.10
C PRO B 89 -1.13 43.67 -3.97
N ARG B 90 -0.27 44.48 -3.35
CA ARG B 90 0.70 45.24 -4.13
C ARG B 90 1.80 44.35 -4.73
N ASN B 91 1.92 43.11 -4.28
CA ASN B 91 2.92 42.18 -4.80
C ASN B 91 2.32 41.19 -5.78
N THR B 92 1.12 41.46 -6.30
CA THR B 92 0.47 40.62 -7.29
C THR B 92 0.61 41.27 -8.65
N TRP B 93 1.36 40.63 -9.54
CA TRP B 93 1.63 41.16 -10.88
C TRP B 93 0.81 40.39 -11.90
N VAL B 94 0.03 41.13 -12.69
CA VAL B 94 -0.66 40.56 -13.85
C VAL B 94 -0.40 41.33 -15.14
N ALA B 95 0.01 42.60 -15.06
CA ALA B 95 0.31 43.50 -16.17
C ALA B 95 -0.92 43.86 -16.98
N SER B 96 -2.09 43.30 -16.67
CA SER B 96 -3.34 43.60 -17.38
C SER B 96 -3.20 43.36 -18.88
N ASP B 97 -2.29 42.48 -19.27
CA ASP B 97 -2.06 42.18 -20.68
C ASP B 97 -3.01 41.13 -21.24
N GLY B 98 -3.94 40.63 -20.43
CA GLY B 98 -4.88 39.64 -20.91
C GLY B 98 -4.31 38.24 -20.86
N ALA B 99 -5.09 37.32 -21.44
CA ALA B 99 -4.69 35.92 -21.48
C ALA B 99 -3.50 35.74 -22.42
N SER B 100 -2.74 34.68 -22.17
CA SER B 100 -1.59 34.37 -23.01
C SER B 100 -2.03 33.97 -24.40
N ALA B 101 -1.36 34.53 -25.41
CA ALA B 101 -1.65 34.21 -26.81
C ALA B 101 -0.84 32.98 -27.21
N GLY B 102 -1.17 31.86 -26.58
CA GLY B 102 -0.52 30.59 -26.85
C GLY B 102 0.45 30.19 -25.74
N ASN B 103 0.97 28.98 -25.89
CA ASN B 103 1.93 28.40 -24.95
C ASN B 103 3.37 28.53 -25.45
N SER B 104 3.69 29.64 -26.10
CA SER B 104 5.04 29.84 -26.63
C SER B 104 5.91 30.49 -25.56
N TRP B 105 7.14 30.00 -25.44
CA TRP B 105 8.11 30.62 -24.55
C TRP B 105 8.38 32.06 -24.95
N ALA B 106 8.30 32.36 -26.25
CA ALA B 106 8.55 33.72 -26.73
C ALA B 106 7.50 34.68 -26.21
N ASN B 107 6.25 34.22 -26.08
CA ASN B 107 5.19 35.09 -25.57
C ASN B 107 5.48 35.50 -24.13
N GLY B 108 5.83 34.53 -23.28
CA GLY B 108 6.17 34.85 -21.91
C GLY B 108 7.41 35.71 -21.79
N TYR B 109 8.42 35.42 -22.62
CA TYR B 109 9.63 36.23 -22.58
C TYR B 109 9.33 37.67 -22.98
N ASP B 110 8.46 37.87 -23.97
CA ASP B 110 8.10 39.22 -24.39
C ASP B 110 7.28 39.93 -23.32
N ILE B 111 6.32 39.23 -22.71
CA ILE B 111 5.48 39.88 -21.70
C ILE B 111 6.31 40.19 -20.46
N GLY B 112 7.41 39.45 -20.23
CA GLY B 112 8.31 39.81 -19.16
C GLY B 112 9.25 40.92 -19.52
N THR B 113 9.65 41.01 -20.79
CA THR B 113 10.55 42.07 -21.22
C THR B 113 9.85 43.42 -21.25
N ARG B 114 8.62 43.47 -21.77
CA ARG B 114 7.91 44.73 -21.85
C ARG B 114 7.56 45.28 -20.47
N ASN B 115 7.07 44.42 -19.58
CA ASN B 115 6.71 44.82 -18.23
C ASN B 115 7.86 44.60 -17.25
N GLN B 116 9.10 44.64 -17.73
CA GLN B 116 10.25 44.41 -16.86
C GLN B 116 10.42 45.53 -15.85
N ASP B 117 10.07 46.76 -16.21
CA ASP B 117 10.24 47.88 -15.28
C ASP B 117 9.37 47.72 -14.04
N ASP B 118 8.11 47.31 -14.23
CA ASP B 118 7.21 47.19 -13.08
C ASP B 118 7.66 46.08 -12.14
N ILE B 119 8.03 44.91 -12.68
CA ILE B 119 8.45 43.81 -11.83
C ILE B 119 9.76 44.12 -11.15
N LEU B 120 10.67 44.81 -11.84
CA LEU B 120 11.93 45.21 -11.21
C LEU B 120 11.69 46.22 -10.10
N ASN B 121 10.74 47.14 -10.31
CA ASN B 121 10.39 48.08 -9.26
C ASN B 121 9.81 47.37 -8.05
N LYS B 122 8.93 46.39 -8.29
CA LYS B 122 8.35 45.64 -7.18
C LYS B 122 9.42 44.85 -6.42
N ILE B 123 10.35 44.24 -7.15
CA ILE B 123 11.43 43.48 -6.51
C ILE B 123 12.32 44.40 -5.69
N ASP B 124 12.66 45.56 -6.23
CA ASP B 124 13.47 46.52 -5.49
C ASP B 124 12.74 47.02 -4.25
N LYS B 125 11.43 47.24 -4.36
CA LYS B 125 10.65 47.68 -3.21
C LYS B 125 10.62 46.60 -2.13
N GLU B 126 10.48 45.34 -2.53
CA GLU B 126 10.51 44.26 -1.56
C GLU B 126 11.89 44.13 -0.93
N ILE B 127 12.95 44.37 -1.69
CA ILE B 127 14.29 44.37 -1.13
C ILE B 127 14.46 45.52 -0.14
N ASP B 128 13.78 46.65 -0.40
CA ASP B 128 13.83 47.76 0.54
C ASP B 128 13.16 47.43 1.86
N SER B 129 12.14 46.57 1.84
CA SER B 129 11.45 46.17 3.06
C SER B 129 12.26 45.19 3.90
N THR B 130 13.43 44.75 3.42
CA THR B 130 14.28 43.83 4.15
C THR B 130 15.70 44.40 4.23
N ASP B 131 16.48 43.83 5.14
CA ASP B 131 17.87 44.24 5.37
C ASP B 131 18.87 43.16 5.02
N ASN B 132 18.72 41.96 5.58
CA ASN B 132 19.61 40.84 5.32
C ASN B 132 18.96 39.92 4.30
N PHE B 133 19.40 40.00 3.05
CA PHE B 133 18.84 39.22 1.96
C PHE B 133 19.92 38.33 1.36
N GLU B 134 19.52 37.13 0.94
CA GLU B 134 20.47 36.16 0.40
C GLU B 134 20.18 35.77 -1.04
N GLY B 135 18.93 35.53 -1.39
CA GLY B 135 18.61 35.14 -2.76
C GLY B 135 17.13 34.86 -2.88
N PHE B 136 16.74 34.45 -4.09
CA PHE B 136 15.37 34.17 -4.41
C PHE B 136 15.18 32.68 -4.67
N GLN B 137 13.92 32.23 -4.59
CA GLN B 137 13.53 30.88 -4.97
C GLN B 137 12.46 31.00 -6.06
N LEU B 138 12.84 30.72 -7.29
CA LEU B 138 11.99 30.95 -8.46
C LEU B 138 11.28 29.65 -8.84
N LEU B 139 9.98 29.75 -9.08
CA LEU B 139 9.16 28.64 -9.57
C LEU B 139 8.89 28.86 -11.05
N HIS B 140 9.49 28.02 -11.89
CA HIS B 140 9.41 28.22 -13.34
C HIS B 140 8.05 27.81 -13.91
N SER B 141 7.61 26.59 -13.63
CA SER B 141 6.52 25.95 -14.35
C SER B 141 6.83 25.91 -15.85
N VAL B 142 7.95 25.25 -16.18
CA VAL B 142 8.43 25.18 -17.55
C VAL B 142 7.48 24.43 -18.47
N ALA B 143 6.49 23.72 -17.93
CA ALA B 143 5.51 23.06 -18.78
C ALA B 143 4.69 24.08 -19.57
N GLY B 144 4.49 25.27 -19.00
CA GLY B 144 3.81 26.34 -19.71
C GLY B 144 4.78 27.24 -20.45
N GLY B 145 4.35 27.69 -21.62
CA GLY B 145 5.21 28.52 -22.45
C GLY B 145 5.38 29.92 -21.89
N THR B 146 4.27 30.58 -21.56
CA THR B 146 4.33 31.92 -20.98
C THR B 146 5.05 31.89 -19.64
N GLY B 147 4.79 30.86 -18.82
CA GLY B 147 5.48 30.74 -17.55
C GLY B 147 6.98 30.56 -17.72
N SER B 148 7.38 29.70 -18.66
CA SER B 148 8.80 29.48 -18.91
C SER B 148 9.46 30.75 -19.44
N GLY B 149 8.78 31.47 -20.34
CA GLY B 149 9.34 32.72 -20.82
C GLY B 149 9.49 33.76 -19.74
N LEU B 150 8.49 33.88 -18.87
CA LEU B 150 8.58 34.81 -17.75
C LEU B 150 9.71 34.43 -16.81
N GLY B 151 9.85 33.13 -16.51
CA GLY B 151 10.95 32.70 -15.66
C GLY B 151 12.32 33.00 -16.27
N SER B 152 12.46 32.75 -17.58
CA SER B 152 13.72 33.08 -18.25
C SER B 152 13.98 34.57 -18.22
N ASN B 153 12.94 35.39 -18.36
CA ASN B 153 13.11 36.84 -18.31
C ASN B 153 13.56 37.30 -16.93
N LEU B 154 12.91 36.79 -15.87
CA LEU B 154 13.32 37.14 -14.52
C LEU B 154 14.74 36.67 -14.24
N LEU B 155 15.11 35.50 -14.75
CA LEU B 155 16.48 35.02 -14.55
C LEU B 155 17.49 35.91 -15.25
N GLU B 156 17.21 36.27 -16.50
CA GLU B 156 18.10 37.14 -17.26
C GLU B 156 18.16 38.55 -16.68
N ALA B 157 17.14 38.96 -15.90
CA ALA B 157 17.22 40.25 -15.24
C ALA B 157 18.00 40.16 -13.93
N LEU B 158 17.74 39.12 -13.13
CA LEU B 158 18.33 39.02 -11.80
C LEU B 158 19.77 38.53 -11.82
N CYS B 159 20.22 37.89 -12.90
CA CYS B 159 21.61 37.45 -12.95
C CYS B 159 22.55 38.65 -12.95
N ASP B 160 22.25 39.66 -13.76
CA ASP B 160 23.09 40.86 -13.83
C ASP B 160 22.61 41.98 -12.92
N ARG B 161 21.36 41.94 -12.45
CA ARG B 161 20.92 42.97 -11.52
C ARG B 161 21.46 42.73 -10.12
N TYR B 162 21.53 41.47 -9.69
CA TYR B 162 22.04 41.09 -8.37
C TYR B 162 22.98 39.91 -8.53
N PRO B 163 24.23 40.14 -8.93
CA PRO B 163 25.18 39.03 -9.06
C PRO B 163 25.67 38.48 -7.74
N LYS B 164 25.49 39.20 -6.63
CA LYS B 164 25.95 38.76 -5.32
C LYS B 164 24.89 37.97 -4.57
N LYS B 165 23.79 37.62 -5.22
CA LYS B 165 22.73 36.82 -4.61
C LYS B 165 22.66 35.46 -5.29
N ILE B 166 22.49 34.42 -4.50
CA ILE B 166 22.38 33.06 -5.02
C ILE B 166 20.94 32.82 -5.46
N LEU B 167 20.76 32.44 -6.72
CA LEU B 167 19.45 32.28 -7.33
C LEU B 167 19.17 30.79 -7.52
N THR B 168 18.30 30.25 -6.67
CA THR B 168 17.85 28.88 -6.86
C THR B 168 16.54 28.88 -7.65
N THR B 169 16.31 27.77 -8.36
CA THR B 169 15.19 27.66 -9.27
C THR B 169 14.51 26.31 -9.11
N TYR B 170 13.24 26.26 -9.48
CA TYR B 170 12.43 25.05 -9.37
C TYR B 170 11.65 24.86 -10.67
N SER B 171 12.10 23.91 -11.49
CA SER B 171 11.49 23.62 -12.78
C SER B 171 10.64 22.36 -12.69
N VAL B 172 9.37 22.46 -13.06
CA VAL B 172 8.43 21.35 -13.01
C VAL B 172 8.22 20.82 -14.42
N PHE B 173 8.62 19.57 -14.65
CA PHE B 173 8.45 19.03 -15.99
C PHE B 173 7.26 18.10 -16.07
N PRO B 174 6.51 18.15 -17.16
CA PRO B 174 5.36 17.26 -17.33
C PRO B 174 5.77 15.87 -17.76
N ALA B 175 4.89 14.91 -17.48
CA ALA B 175 5.12 13.53 -17.91
C ALA B 175 4.89 13.38 -19.40
N ARG B 176 3.67 13.63 -19.85
CA ARG B 176 3.30 13.57 -21.25
C ARG B 176 2.76 14.92 -21.69
N SER B 177 3.07 15.31 -22.92
CA SER B 177 2.65 16.58 -23.47
C SER B 177 1.74 16.33 -24.67
N SER B 178 0.61 17.03 -24.71
CA SER B 178 -0.32 16.88 -25.83
C SER B 178 0.33 17.27 -27.15
N GLU B 179 1.14 18.33 -27.15
CA GLU B 179 1.96 18.73 -28.30
C GLU B 179 3.39 18.82 -27.78
N VAL B 180 4.11 17.69 -27.83
CA VAL B 180 5.44 17.60 -27.24
C VAL B 180 6.40 18.62 -27.85
N VAL B 181 6.14 19.07 -29.07
CA VAL B 181 7.07 19.98 -29.73
C VAL B 181 7.10 21.33 -29.02
N VAL B 182 5.92 21.89 -28.73
CA VAL B 182 5.86 23.23 -28.15
C VAL B 182 6.41 23.23 -26.73
N GLN B 183 5.98 22.26 -25.92
CA GLN B 183 6.45 22.19 -24.55
C GLN B 183 7.94 21.87 -24.49
N SER B 184 8.41 21.01 -25.40
CA SER B 184 9.84 20.72 -25.46
C SER B 184 10.63 21.96 -25.82
N TYR B 185 10.12 22.77 -26.76
CA TYR B 185 10.80 24.00 -27.14
C TYR B 185 10.84 24.98 -25.99
N ASN B 186 9.72 25.15 -25.29
CA ASN B 186 9.69 26.05 -24.13
C ASN B 186 10.67 25.60 -23.06
N THR B 187 10.69 24.29 -22.76
CA THR B 187 11.59 23.79 -21.73
C THR B 187 13.05 23.93 -22.15
N ILE B 188 13.35 23.74 -23.43
CA ILE B 188 14.72 23.90 -23.91
C ILE B 188 15.15 25.36 -23.81
N LEU B 189 14.28 26.28 -24.20
CA LEU B 189 14.61 27.70 -24.12
C LEU B 189 14.80 28.13 -22.67
N ALA B 190 14.00 27.58 -21.74
CA ALA B 190 14.19 27.91 -20.34
C ALA B 190 15.45 27.27 -19.77
N LEU B 191 15.76 26.04 -20.19
CA LEU B 191 16.96 25.36 -19.72
C LEU B 191 18.22 26.04 -20.22
N ARG B 192 18.16 26.70 -21.39
CA ARG B 192 19.28 27.51 -21.84
C ARG B 192 19.65 28.55 -20.79
N ARG B 193 18.67 29.33 -20.33
CA ARG B 193 18.93 30.33 -19.30
C ARG B 193 19.28 29.68 -17.97
N LEU B 194 18.69 28.52 -17.67
CA LEU B 194 19.05 27.79 -16.46
C LEU B 194 20.54 27.45 -16.43
N ILE B 195 21.06 26.97 -17.56
CA ILE B 195 22.48 26.68 -17.65
C ILE B 195 23.30 27.96 -17.60
N GLU B 196 22.80 29.02 -18.23
CA GLU B 196 23.56 30.26 -18.29
C GLU B 196 23.62 30.96 -16.93
N ASP B 197 22.47 31.24 -16.34
CA ASP B 197 22.40 32.14 -15.19
C ASP B 197 22.01 31.46 -13.89
N SER B 198 21.12 30.47 -13.92
CA SER B 198 20.61 29.88 -12.69
C SER B 198 21.72 29.23 -11.88
N ASP B 199 21.69 29.46 -10.57
CA ASP B 199 22.70 28.90 -9.68
C ASP B 199 22.32 27.52 -9.16
N ALA B 200 21.03 27.26 -8.97
CA ALA B 200 20.56 25.96 -8.50
C ALA B 200 19.20 25.68 -9.10
N THR B 201 18.99 24.45 -9.57
CA THR B 201 17.76 24.07 -10.24
C THR B 201 17.31 22.71 -9.74
N VAL B 202 16.05 22.62 -9.32
CA VAL B 202 15.45 21.37 -8.89
C VAL B 202 14.39 20.99 -9.91
N VAL B 203 14.51 19.80 -10.48
CA VAL B 203 13.60 19.33 -11.50
C VAL B 203 12.43 18.61 -10.84
N PHE B 204 11.28 18.65 -11.50
CA PHE B 204 10.06 18.01 -11.00
C PHE B 204 9.35 17.37 -12.18
N ASP B 205 9.61 16.09 -12.41
CA ASP B 205 8.94 15.36 -13.48
C ASP B 205 7.58 14.87 -12.99
N ASN B 206 6.54 15.15 -13.78
CA ASN B 206 5.18 14.87 -13.34
C ASN B 206 4.83 13.39 -13.41
N ALA B 207 5.64 12.55 -14.04
CA ALA B 207 5.33 11.12 -14.09
C ALA B 207 5.38 10.51 -12.70
N SER B 208 6.49 10.72 -11.98
CA SER B 208 6.58 10.23 -10.61
C SER B 208 5.56 10.89 -9.70
N LEU B 209 5.21 12.16 -9.98
CA LEU B 209 4.17 12.82 -9.21
C LEU B 209 2.83 12.11 -9.36
N LEU B 210 2.44 11.82 -10.60
CA LEU B 210 1.20 11.09 -10.84
C LEU B 210 1.25 9.70 -10.21
N ASN B 211 2.39 9.03 -10.33
CA ASN B 211 2.52 7.68 -9.76
C ASN B 211 2.34 7.71 -8.25
N ILE B 212 3.00 8.65 -7.56
CA ILE B 212 2.90 8.72 -6.12
C ILE B 212 1.49 9.14 -5.70
N SER B 213 0.89 10.09 -6.41
CA SER B 213 -0.46 10.52 -6.08
C SER B 213 -1.47 9.40 -6.30
N GLY B 214 -1.19 8.48 -7.23
CA GLY B 214 -2.03 7.32 -7.36
C GLY B 214 -1.75 6.25 -6.34
N LYS B 215 -0.52 6.17 -5.85
CA LYS B 215 -0.15 5.13 -4.88
C LYS B 215 -0.64 5.47 -3.48
N VAL B 216 -0.28 6.64 -2.96
CA VAL B 216 -0.56 6.94 -1.55
C VAL B 216 -1.97 7.48 -1.34
N PHE B 217 -2.57 8.13 -2.33
CA PHE B 217 -3.92 8.62 -2.21
C PHE B 217 -4.92 7.51 -2.54
N ARG B 218 -6.12 7.63 -1.97
CA ARG B 218 -7.15 6.64 -2.20
C ARG B 218 -7.84 6.84 -3.55
N ASN B 219 -8.05 8.08 -3.94
CA ASN B 219 -8.75 8.36 -5.19
C ASN B 219 -7.89 8.01 -6.38
N PRO B 220 -8.41 7.24 -7.35
CA PRO B 220 -7.61 6.95 -8.56
C PRO B 220 -7.40 8.16 -9.43
N ASN B 221 -8.41 9.02 -9.58
CA ASN B 221 -8.24 10.26 -10.32
C ASN B 221 -7.31 11.20 -9.56
N ILE B 222 -6.40 11.82 -10.29
CA ILE B 222 -5.37 12.69 -9.72
C ILE B 222 -5.72 14.13 -10.07
N ASP B 223 -5.83 14.97 -9.04
CA ASP B 223 -6.07 16.39 -9.21
C ASP B 223 -4.76 17.16 -9.13
N LEU B 224 -4.67 18.23 -9.94
CA LEU B 224 -3.44 18.99 -10.03
C LEU B 224 -3.10 19.70 -8.73
N GLN B 225 -4.11 20.05 -7.93
CA GLN B 225 -3.86 20.84 -6.74
C GLN B 225 -3.16 20.01 -5.66
N HIS B 226 -3.67 18.81 -5.37
CA HIS B 226 -2.96 17.99 -4.39
C HIS B 226 -1.67 17.40 -4.94
N THR B 227 -1.46 17.46 -6.26
CA THR B 227 -0.17 17.12 -6.82
C THR B 227 0.84 18.24 -6.57
N ASN B 228 0.42 19.49 -6.78
CA ASN B 228 1.25 20.62 -6.39
C ASN B 228 1.49 20.64 -4.89
N GLN B 229 0.58 20.06 -4.12
CA GLN B 229 0.78 19.95 -2.68
C GLN B 229 2.05 19.17 -2.37
N LEU B 230 2.37 18.16 -3.18
CA LEU B 230 3.60 17.41 -2.98
C LEU B 230 4.82 18.30 -3.13
N ILE B 231 4.86 19.10 -4.20
CA ILE B 231 6.00 19.98 -4.43
C ILE B 231 6.09 21.04 -3.35
N SER B 232 4.93 21.53 -2.88
CA SER B 232 4.95 22.53 -1.82
C SER B 232 5.48 21.94 -0.52
N THR B 233 5.05 20.73 -0.17
CA THR B 233 5.58 20.07 1.02
C THR B 233 7.07 19.81 0.87
N ILE B 234 7.52 19.48 -0.33
CA ILE B 234 8.95 19.29 -0.59
C ILE B 234 9.71 20.59 -0.31
N ILE B 235 9.21 21.70 -0.86
CA ILE B 235 9.89 22.98 -0.68
C ILE B 235 9.90 23.37 0.79
N SER B 236 8.81 23.09 1.51
CA SER B 236 8.80 23.40 2.94
C SER B 236 9.81 22.54 3.69
N SER B 237 9.92 21.26 3.33
CA SER B 237 10.88 20.40 4.02
C SER B 237 12.31 20.86 3.76
N VAL B 238 12.60 21.30 2.53
CA VAL B 238 13.96 21.74 2.23
C VAL B 238 14.26 23.08 2.91
N THR B 239 13.27 23.98 2.96
CA THR B 239 13.45 25.25 3.65
C THR B 239 13.42 25.12 5.17
N ASN B 240 13.02 23.96 5.69
CA ASN B 240 13.04 23.75 7.13
C ASN B 240 14.41 24.00 7.73
N SER B 241 15.48 23.76 6.98
CA SER B 241 16.83 23.99 7.51
C SER B 241 17.09 25.45 7.82
N ILE B 242 16.24 26.36 7.34
CA ILE B 242 16.35 27.77 7.65
C ILE B 242 15.18 28.24 8.52
N ARG B 243 13.96 27.84 8.17
CA ARG B 243 12.80 28.19 8.98
C ARG B 243 12.92 27.60 10.38
N PHE B 244 13.32 26.33 10.46
CA PHE B 244 13.63 25.66 11.72
C PHE B 244 15.11 25.30 11.70
N PRO B 245 15.98 26.28 11.94
CA PRO B 245 17.42 26.06 11.70
C PRO B 245 17.99 25.00 12.62
N SER B 246 18.72 24.07 12.02
CA SER B 246 19.42 23.02 12.75
C SER B 246 20.77 23.54 13.20
N TYR B 247 21.63 22.64 13.67
CA TYR B 247 22.94 23.01 14.20
C TYR B 247 24.07 22.73 13.22
N MET B 248 23.79 22.19 12.05
CA MET B 248 24.78 21.95 11.01
C MET B 248 24.57 22.83 9.79
N TYR B 249 23.36 22.87 9.25
CA TYR B 249 23.02 23.70 8.10
C TYR B 249 22.10 24.82 8.57
N SER B 250 22.56 26.06 8.42
CA SER B 250 21.78 27.21 8.85
C SER B 250 21.67 28.29 7.77
N SER B 251 22.07 27.99 6.54
CA SER B 251 21.99 28.96 5.46
C SER B 251 21.86 28.22 4.14
N MET B 252 21.05 28.78 3.23
CA MET B 252 20.85 28.18 1.92
C MET B 252 22.16 28.07 1.15
N SER B 253 23.06 29.04 1.32
CA SER B 253 24.37 28.94 0.70
C SER B 253 25.15 27.76 1.24
N SER B 254 25.09 27.53 2.55
CA SER B 254 25.76 26.37 3.12
C SER B 254 25.14 25.07 2.64
N ILE B 255 23.82 25.06 2.44
CA ILE B 255 23.16 23.86 1.93
C ILE B 255 23.60 23.58 0.50
N TYR B 256 23.70 24.62 -0.32
CA TYR B 256 24.13 24.42 -1.71
C TYR B 256 25.63 24.18 -1.82
N SER B 257 26.40 24.48 -0.78
CA SER B 257 27.83 24.21 -0.81
C SER B 257 28.10 22.72 -0.94
N THR B 258 27.37 21.90 -0.19
CA THR B 258 27.51 20.45 -0.28
C THR B 258 26.70 19.85 -1.40
N LEU B 259 25.87 20.65 -2.08
CA LEU B 259 25.06 20.15 -3.19
C LEU B 259 25.54 20.62 -4.55
N ILE B 260 26.28 21.72 -4.62
CA ILE B 260 26.80 22.21 -5.89
C ILE B 260 28.30 21.91 -5.94
N PRO B 261 28.72 20.85 -6.62
CA PRO B 261 30.16 20.59 -6.77
C PRO B 261 30.83 21.56 -7.72
N SER B 262 30.08 22.13 -8.67
CA SER B 262 30.60 23.08 -9.64
C SER B 262 29.41 23.79 -10.28
N PRO B 263 29.59 25.02 -10.77
CA PRO B 263 28.46 25.71 -11.40
C PRO B 263 27.86 24.98 -12.59
N GLU B 264 28.60 24.03 -13.18
CA GLU B 264 28.06 23.27 -14.31
C GLU B 264 26.99 22.29 -13.85
N LEU B 265 27.30 21.51 -12.81
CA LEU B 265 26.36 20.53 -12.27
C LEU B 265 25.48 21.22 -11.24
N HIS B 266 24.35 21.78 -11.71
CA HIS B 266 23.42 22.47 -10.83
C HIS B 266 21.99 21.97 -11.03
N PHE B 267 21.83 20.66 -11.25
CA PHE B 267 20.53 20.03 -11.37
C PHE B 267 20.49 18.82 -10.46
N LEU B 268 19.50 18.78 -9.57
CA LEU B 268 19.45 17.81 -8.49
C LEU B 268 18.26 16.87 -8.66
N SER B 269 18.35 15.72 -8.00
CA SER B 269 17.30 14.71 -8.04
C SER B 269 16.69 14.57 -6.65
N PRO B 270 15.39 14.82 -6.50
CA PRO B 270 14.76 14.75 -5.18
C PRO B 270 14.15 13.38 -4.88
N SER B 271 13.92 13.16 -3.59
CA SER B 271 13.23 11.97 -3.12
C SER B 271 12.67 12.26 -1.73
N PHE B 272 11.50 11.68 -1.43
CA PHE B 272 10.88 11.91 -0.13
C PHE B 272 10.02 10.71 0.22
N THR B 273 10.03 10.33 1.49
CA THR B 273 9.18 9.26 2.00
C THR B 273 7.72 9.62 1.82
N PRO B 274 6.79 8.69 2.13
CA PRO B 274 5.38 9.07 2.24
C PRO B 274 5.17 10.29 3.14
N PHE B 275 4.60 11.35 2.59
CA PHE B 275 4.39 12.58 3.33
C PHE B 275 3.39 12.39 4.46
N THR B 276 3.25 13.42 5.29
CA THR B 276 2.34 13.40 6.41
C THR B 276 1.41 14.61 6.50
N SER B 277 1.72 15.70 5.82
CA SER B 277 0.89 16.89 5.83
C SER B 277 0.00 17.00 4.60
N ASP B 278 -0.04 15.96 3.77
CA ASP B 278 -0.86 15.97 2.57
C ASP B 278 -2.32 15.69 2.91
N TYR B 279 -3.16 15.64 1.87
CA TYR B 279 -4.59 15.40 2.06
C TYR B 279 -4.87 14.04 2.66
N ILE B 280 -4.57 12.98 1.91
CA ILE B 280 -4.82 11.61 2.35
C ILE B 280 -3.53 11.12 3.00
N HIS B 281 -3.37 11.44 4.28
CA HIS B 281 -2.18 11.06 5.05
C HIS B 281 -2.53 10.15 6.22
N ASP B 282 -3.69 9.50 6.16
CA ASP B 282 -4.09 8.60 7.24
C ASP B 282 -3.48 7.22 7.08
N ASP B 283 -3.10 6.85 5.86
CA ASP B 283 -2.46 5.55 5.61
C ASP B 283 -0.95 5.66 5.70
N ILE B 284 -0.50 6.21 6.83
CA ILE B 284 0.94 6.32 7.11
C ILE B 284 1.35 5.67 8.41
N ALA B 285 0.44 5.47 9.37
CA ALA B 285 0.79 4.83 10.63
C ALA B 285 0.83 3.31 10.53
N HIS B 286 0.43 2.74 9.40
CA HIS B 286 0.48 1.30 9.19
C HIS B 286 1.79 0.83 8.59
N LYS B 287 2.76 1.73 8.41
CA LYS B 287 4.01 1.36 7.77
C LYS B 287 5.00 0.75 8.76
N GLY B 288 5.05 1.30 9.99
CA GLY B 288 5.88 0.75 11.06
C GLY B 288 7.36 0.74 10.67
N HIS B 289 7.84 1.88 10.20
CA HIS B 289 9.20 2.00 9.70
C HIS B 289 10.10 2.69 10.71
N SER B 290 11.40 2.52 10.52
CA SER B 290 12.43 3.15 11.33
C SER B 290 13.21 4.14 10.49
N SER B 291 14.18 4.80 11.13
CA SER B 291 15.01 5.77 10.43
C SER B 291 15.82 5.11 9.32
N TYR B 292 16.30 3.89 9.57
CA TYR B 292 17.01 3.15 8.53
C TYR B 292 16.08 2.85 7.36
N ASP B 293 14.84 2.45 7.65
CA ASP B 293 13.86 2.25 6.59
C ASP B 293 13.54 3.56 5.88
N VAL B 294 13.53 4.66 6.61
CA VAL B 294 13.30 5.96 5.98
C VAL B 294 14.43 6.28 5.00
N MET B 295 15.67 6.01 5.39
CA MET B 295 16.80 6.24 4.48
C MET B 295 16.72 5.32 3.27
N LEU B 296 16.34 4.05 3.49
CA LEU B 296 16.15 3.14 2.36
C LEU B 296 15.11 3.67 1.39
N ASP B 297 13.98 4.14 1.92
CA ASP B 297 12.93 4.68 1.06
C ASP B 297 13.40 5.93 0.33
N LEU B 298 14.20 6.77 1.00
CA LEU B 298 14.79 7.93 0.33
C LEU B 298 15.70 7.49 -0.82
N LEU B 299 16.40 6.37 -0.65
CA LEU B 299 17.21 5.82 -1.72
C LEU B 299 16.43 4.93 -2.67
N ASP B 300 15.16 4.64 -2.36
CA ASP B 300 14.36 3.81 -3.24
C ASP B 300 13.87 4.63 -4.43
N PRO B 301 13.81 4.04 -5.63
CA PRO B 301 13.31 4.79 -6.80
C PRO B 301 11.83 5.11 -6.73
N SER B 302 11.06 4.38 -5.91
CA SER B 302 9.63 4.62 -5.83
C SER B 302 9.30 5.93 -5.13
N ASN B 303 10.25 6.50 -4.38
CA ASN B 303 10.03 7.74 -3.66
C ASN B 303 10.70 8.94 -4.32
N SER B 304 11.33 8.74 -5.48
CA SER B 304 11.91 9.86 -6.22
C SER B 304 10.82 10.59 -6.98
N LEU B 305 10.88 11.92 -6.94
CA LEU B 305 9.85 12.75 -7.56
C LEU B 305 10.11 13.04 -9.03
N VAL B 306 11.15 12.45 -9.61
CA VAL B 306 11.46 12.62 -11.02
C VAL B 306 11.66 11.25 -11.64
N SER B 307 11.69 11.22 -12.97
CA SER B 307 11.92 9.98 -13.70
C SER B 307 13.29 9.42 -13.33
N THR B 308 13.31 8.26 -12.68
CA THR B 308 14.55 7.72 -12.15
C THR B 308 15.52 7.35 -13.26
N ALA B 309 15.10 6.45 -14.16
CA ALA B 309 15.96 5.94 -15.22
C ALA B 309 17.27 5.39 -14.64
N MET B 310 17.15 4.63 -13.56
CA MET B 310 18.30 4.14 -12.81
C MET B 310 18.93 2.98 -13.57
N ASN B 311 19.94 3.29 -14.38
CA ASN B 311 20.78 2.29 -15.05
C ASN B 311 22.22 2.56 -14.60
N ASN B 312 22.57 2.00 -13.45
CA ASN B 312 23.84 2.27 -12.77
C ASN B 312 24.09 3.77 -12.70
N PRO B 313 23.28 4.53 -11.97
CA PRO B 313 23.43 5.99 -11.97
C PRO B 313 24.59 6.44 -11.12
N THR B 314 25.27 7.48 -11.61
CA THR B 314 26.42 8.05 -10.92
C THR B 314 25.95 9.19 -10.04
N TYR B 315 26.31 9.11 -8.75
CA TYR B 315 25.96 10.15 -7.79
C TYR B 315 27.15 11.08 -7.58
N PHE B 316 26.86 12.34 -7.29
CA PHE B 316 27.90 13.32 -7.04
C PHE B 316 27.79 13.98 -5.68
N ASN B 317 26.57 14.32 -5.24
CA ASN B 317 26.37 14.95 -3.94
C ASN B 317 25.05 14.42 -3.37
N VAL B 318 25.15 13.39 -2.55
CA VAL B 318 23.99 12.80 -1.89
C VAL B 318 23.87 13.42 -0.50
N TYR B 319 22.71 14.01 -0.22
CA TYR B 319 22.47 14.69 1.04
C TYR B 319 21.04 14.42 1.47
N ASN B 320 20.79 14.52 2.77
CA ASN B 320 19.45 14.27 3.28
C ASN B 320 19.23 15.07 4.55
N THR B 321 17.99 15.50 4.73
CA THR B 321 17.55 16.20 5.93
C THR B 321 16.39 15.41 6.54
N ILE B 322 16.54 15.01 7.81
CA ILE B 322 15.58 14.15 8.48
C ILE B 322 14.90 14.95 9.57
N ILE B 323 13.57 15.02 9.52
CA ILE B 323 12.77 15.77 10.47
C ILE B 323 12.06 14.79 11.39
N GLY B 324 12.18 15.02 12.69
CA GLY B 324 11.55 14.21 13.71
C GLY B 324 12.54 13.83 14.78
N ASN B 325 12.10 12.93 15.67
CA ASN B 325 12.94 12.42 16.76
C ASN B 325 13.84 11.34 16.20
N VAL B 326 15.04 11.74 15.80
CA VAL B 326 15.97 10.86 15.09
C VAL B 326 17.02 10.34 16.07
N GLU B 327 17.41 9.08 15.90
CA GLU B 327 18.40 8.39 16.70
C GLU B 327 19.74 8.32 15.95
N PRO B 328 20.85 8.54 16.64
CA PRO B 328 22.16 8.57 15.96
C PRO B 328 22.66 7.20 15.54
N ARG B 329 22.33 6.17 16.34
CA ARG B 329 22.80 4.83 16.00
C ARG B 329 22.12 4.30 14.75
N GLN B 330 20.82 4.55 14.60
CA GLN B 330 20.14 4.19 13.37
C GLN B 330 20.73 4.94 12.19
N ILE B 331 21.12 6.20 12.40
CA ILE B 331 21.74 6.97 11.32
C ILE B 331 23.07 6.34 10.91
N SER B 332 23.89 5.96 11.89
CA SER B 332 25.17 5.34 11.59
C SER B 332 24.97 4.01 10.86
N ARG B 333 24.00 3.21 11.31
CA ARG B 333 23.72 1.94 10.64
C ARG B 333 23.27 2.17 9.21
N ALA B 334 22.38 3.14 8.99
CA ALA B 334 21.91 3.43 7.65
C ALA B 334 23.04 3.91 6.75
N MET B 335 23.94 4.74 7.30
CA MET B 335 25.07 5.20 6.51
C MET B 335 25.98 4.04 6.13
N THR B 336 26.25 3.14 7.08
CA THR B 336 27.05 1.95 6.78
C THR B 336 26.41 1.13 5.67
N LYS B 337 25.10 0.91 5.76
CA LYS B 337 24.42 0.07 4.78
C LYS B 337 24.36 0.75 3.41
N LEU B 338 24.19 2.07 3.38
CA LEU B 338 24.07 2.76 2.11
C LEU B 338 25.41 2.91 1.41
N GLN B 339 26.49 3.15 2.18
CA GLN B 339 27.82 3.22 1.57
C GLN B 339 28.20 1.89 0.94
N GLN B 340 27.59 0.79 1.38
CA GLN B 340 27.74 -0.51 0.74
C GLN B 340 26.74 -0.72 -0.39
N ARG B 341 25.85 0.23 -0.63
CA ARG B 341 24.76 0.04 -1.59
C ARG B 341 24.55 1.26 -2.49
N ILE B 342 25.56 2.11 -2.66
CA ILE B 342 25.43 3.31 -3.46
C ILE B 342 26.67 3.44 -4.35
N LYS B 343 26.45 3.67 -5.64
CA LYS B 343 27.55 3.85 -6.57
C LYS B 343 28.15 5.24 -6.42
N PHE B 344 29.46 5.29 -6.22
CA PHE B 344 30.19 6.54 -6.06
C PHE B 344 31.30 6.63 -7.10
N PRO B 345 31.62 7.84 -7.57
CA PRO B 345 32.74 7.99 -8.50
C PRO B 345 34.06 7.77 -7.78
N SER B 346 34.93 6.98 -8.39
CA SER B 346 36.17 6.58 -7.75
C SER B 346 37.18 7.72 -7.61
N TRP B 347 37.00 8.82 -8.33
CA TRP B 347 37.93 9.93 -8.24
C TRP B 347 37.69 10.81 -7.01
N SER B 348 36.55 10.64 -6.34
CA SER B 348 36.23 11.42 -5.15
C SER B 348 35.86 10.49 -4.01
N SER B 349 36.54 10.64 -2.88
CA SER B 349 36.25 9.84 -1.70
C SER B 349 35.13 10.41 -0.85
N SER B 350 34.49 11.50 -1.29
CA SER B 350 33.41 12.11 -0.53
C SER B 350 32.16 11.23 -0.58
N ALA B 351 31.63 10.88 0.58
CA ALA B 351 30.46 10.04 0.68
C ALA B 351 29.21 10.90 0.84
N MET B 352 28.09 10.25 1.13
CA MET B 352 26.83 10.97 1.32
C MET B 352 26.82 11.70 2.66
N HIS B 353 26.01 12.75 2.72
CA HIS B 353 25.90 13.58 3.90
C HIS B 353 24.52 13.45 4.52
N VAL B 354 24.46 13.40 5.85
CA VAL B 354 23.23 13.23 6.59
C VAL B 354 23.01 14.46 7.46
N ASN B 355 21.81 15.02 7.41
CA ASN B 355 21.41 16.12 8.28
C ASN B 355 20.12 15.77 8.98
N ILE B 356 19.95 16.27 10.20
CA ILE B 356 18.80 15.99 11.04
C ILE B 356 18.10 17.31 11.34
N GLY B 357 16.78 17.34 11.12
CA GLY B 357 15.98 18.50 11.41
C GLY B 357 15.12 18.32 12.65
N ARG B 358 14.42 19.40 13.00
CA ARG B 358 13.56 19.44 14.16
C ARG B 358 12.12 19.57 13.73
N ARG B 359 11.22 19.00 14.53
CA ARG B 359 9.79 19.08 14.25
C ARG B 359 9.19 20.30 14.93
N SER B 360 8.18 20.89 14.28
CA SER B 360 7.55 22.08 14.81
C SER B 360 6.75 21.74 16.06
N PRO B 361 6.75 22.62 17.07
CA PRO B 361 5.96 22.36 18.28
C PRO B 361 4.46 22.50 18.07
N TYR B 362 4.03 23.01 16.91
CA TYR B 362 2.62 23.21 16.63
C TYR B 362 2.10 22.33 15.50
N LEU B 363 2.98 21.56 14.86
CA LEU B 363 2.53 20.63 13.84
C LEU B 363 1.87 19.42 14.50
N PRO B 364 0.86 18.82 13.87
CA PRO B 364 0.21 17.65 14.45
C PRO B 364 1.18 16.49 14.59
N LEU B 365 1.37 16.03 15.82
CA LEU B 365 2.29 14.93 16.08
C LEU B 365 1.71 13.62 15.55
N GLN B 366 2.52 12.89 14.82
CA GLN B 366 2.10 11.62 14.21
C GLN B 366 2.47 10.45 15.12
N PRO B 367 1.80 9.31 14.95
CA PRO B 367 2.16 8.12 15.73
C PRO B 367 3.61 7.71 15.48
N ASN B 368 4.09 6.82 16.35
CA ASN B 368 5.49 6.41 16.36
C ASN B 368 5.90 5.59 15.14
N GLU B 369 5.02 5.39 14.16
CA GLU B 369 5.39 4.67 12.95
C GLU B 369 5.88 5.59 11.84
N ASN B 370 5.21 6.72 11.65
CA ASN B 370 5.64 7.74 10.68
C ASN B 370 5.83 9.10 11.35
N GLU B 371 6.26 9.09 12.62
CA GLU B 371 6.53 10.34 13.31
C GLU B 371 7.76 11.06 12.76
N VAL B 372 8.69 10.32 12.14
CA VAL B 372 9.90 10.88 11.59
C VAL B 372 9.88 10.67 10.08
N SER B 373 10.14 11.74 9.34
CA SER B 373 10.23 11.69 7.88
C SER B 373 11.58 12.23 7.46
N GLY B 374 11.86 12.16 6.15
CA GLY B 374 13.13 12.66 5.65
C GLY B 374 13.05 12.97 4.17
N MET B 375 13.92 13.88 3.76
CA MET B 375 14.05 14.30 2.37
C MET B 375 15.47 14.02 1.90
N MET B 376 15.62 13.61 0.65
CA MET B 376 16.92 13.30 0.08
C MET B 376 17.10 14.02 -1.24
N LEU B 377 18.32 14.50 -1.49
CA LEU B 377 18.67 15.19 -2.72
C LEU B 377 20.00 14.64 -3.20
N SER B 378 20.03 14.12 -4.43
CA SER B 378 21.21 13.48 -4.97
C SER B 378 21.54 14.08 -6.33
N ASN B 379 22.80 14.46 -6.52
CA ASN B 379 23.26 14.96 -7.80
C ASN B 379 23.54 13.77 -8.71
N MET B 380 22.67 13.58 -9.70
CA MET B 380 22.76 12.45 -10.62
C MET B 380 22.70 12.95 -12.05
N SER B 381 23.44 12.27 -12.94
CA SER B 381 23.43 12.64 -14.34
C SER B 381 22.16 12.20 -15.05
N THR B 382 21.43 11.24 -14.47
CA THR B 382 20.22 10.74 -15.11
C THR B 382 19.18 11.82 -15.36
N VAL B 383 19.34 12.99 -14.73
CA VAL B 383 18.44 14.11 -14.98
C VAL B 383 18.47 14.49 -16.46
N VAL B 384 19.64 14.38 -17.10
CA VAL B 384 19.72 14.73 -18.52
C VAL B 384 18.89 13.77 -19.35
N ASN B 385 18.62 12.56 -18.84
CA ASN B 385 17.72 11.65 -19.53
C ASN B 385 16.34 12.27 -19.69
N VAL B 386 15.86 12.97 -18.65
CA VAL B 386 14.58 13.69 -18.75
C VAL B 386 14.63 14.66 -19.91
N PHE B 387 15.78 15.26 -20.17
CA PHE B 387 15.92 16.14 -21.31
C PHE B 387 16.24 15.38 -22.58
N GLU B 388 16.87 14.20 -22.47
CA GLU B 388 17.33 13.46 -23.64
C GLU B 388 16.20 13.24 -24.63
N ASN B 389 15.15 12.54 -24.20
CA ASN B 389 13.97 12.36 -25.04
C ASN B 389 13.48 13.70 -25.57
N ALA B 390 13.44 14.72 -24.72
CA ALA B 390 13.07 16.05 -25.16
C ALA B 390 13.95 16.51 -26.33
N CYS B 391 15.28 16.45 -26.14
CA CYS B 391 16.17 16.75 -27.24
C CYS B 391 15.89 15.85 -28.43
N ASN B 392 15.61 14.56 -28.16
CA ASN B 392 15.19 13.65 -29.23
C ASN B 392 14.07 14.27 -30.04
N THR B 393 13.02 14.75 -29.35
CA THR B 393 11.94 15.47 -30.02
C THR B 393 12.51 16.58 -30.89
N PHE B 394 13.31 17.47 -30.29
CA PHE B 394 14.02 18.48 -31.06
C PHE B 394 14.74 17.84 -32.24
N ASP B 395 15.56 16.82 -31.96
CA ASP B 395 16.37 16.20 -33.00
C ASP B 395 15.53 15.57 -34.10
N LYS B 396 14.25 15.32 -33.86
CA LYS B 396 13.38 14.74 -34.87
C LYS B 396 12.35 15.71 -35.42
N VAL B 397 12.31 16.96 -34.92
CA VAL B 397 11.33 17.92 -35.43
C VAL B 397 12.05 19.14 -35.99
N PHE B 398 13.25 19.42 -35.48
CA PHE B 398 13.99 20.59 -35.93
C PHE B 398 14.46 20.47 -37.38
N ALA B 399 14.33 19.29 -37.99
CA ALA B 399 14.70 19.15 -39.40
C ALA B 399 13.69 19.83 -40.31
N LYS B 400 12.46 20.03 -39.83
CA LYS B 400 11.40 20.67 -40.61
C LYS B 400 11.06 22.06 -40.11
N GLY B 401 10.82 22.21 -38.81
CA GLY B 401 10.51 23.51 -38.24
C GLY B 401 9.03 23.78 -38.09
N ALA B 402 8.30 22.83 -37.51
CA ALA B 402 6.88 23.03 -37.25
C ALA B 402 6.69 24.02 -36.11
N PHE B 403 5.48 24.60 -36.07
CA PHE B 403 5.10 25.57 -35.04
C PHE B 403 6.02 26.78 -35.03
N LEU B 404 6.64 27.09 -36.17
CA LEU B 404 7.56 28.22 -36.23
C LEU B 404 6.82 29.55 -36.33
N ASN B 405 5.58 29.53 -36.83
CA ASN B 405 4.78 30.74 -36.93
C ASN B 405 4.26 31.23 -35.59
N ASN B 406 4.60 30.56 -34.49
CA ASN B 406 4.15 30.96 -33.17
C ASN B 406 5.27 31.49 -32.28
N TYR B 407 6.52 31.10 -32.53
CA TYR B 407 7.66 31.61 -31.79
C TYR B 407 8.28 32.83 -32.47
N ASN B 408 7.71 33.28 -33.58
CA ASN B 408 8.22 34.45 -34.28
C ASN B 408 7.67 35.76 -33.73
N VAL B 409 6.50 35.72 -33.12
CA VAL B 409 5.87 36.92 -32.55
C VAL B 409 6.32 37.09 -31.11
N GLY B 410 6.27 38.32 -30.63
CA GLY B 410 6.67 38.62 -29.26
C GLY B 410 8.15 38.83 -29.05
N ASP B 411 8.98 37.87 -29.44
CA ASP B 411 10.41 37.99 -29.25
C ASP B 411 10.99 39.07 -30.15
N LEU B 412 12.28 39.34 -29.97
CA LEU B 412 12.96 40.39 -30.72
C LEU B 412 13.18 40.03 -32.18
N PHE B 413 12.95 38.78 -32.57
CA PHE B 413 13.23 38.30 -33.92
C PHE B 413 11.95 37.75 -34.52
N GLN B 414 11.45 38.42 -35.55
CA GLN B 414 10.25 37.96 -36.25
C GLN B 414 10.57 37.01 -37.40
N SER B 415 11.83 36.97 -37.84
CA SER B 415 12.20 36.12 -38.97
C SER B 415 12.32 34.67 -38.55
N MET B 416 12.12 33.76 -39.51
CA MET B 416 12.26 32.34 -39.23
C MET B 416 13.72 31.97 -39.01
N GLN B 417 14.63 32.61 -39.74
CA GLN B 417 16.05 32.25 -39.65
C GLN B 417 16.62 32.54 -38.28
N ASN B 418 16.28 33.70 -37.70
CA ASN B 418 16.84 34.06 -36.40
C ASN B 418 16.29 33.15 -35.30
N VAL B 419 15.00 32.84 -35.34
CA VAL B 419 14.43 31.92 -34.37
C VAL B 419 15.06 30.54 -34.52
N GLN B 420 15.27 30.10 -35.76
CA GLN B 420 15.93 28.81 -35.99
C GLN B 420 17.34 28.80 -35.42
N ASP B 421 18.08 29.90 -35.61
CA ASP B 421 19.43 29.99 -35.07
C ASP B 421 19.43 29.97 -33.55
N GLU B 422 18.48 30.68 -32.94
CA GLU B 422 18.39 30.68 -31.47
C GLU B 422 18.06 29.29 -30.94
N PHE B 423 17.16 28.58 -31.62
CA PHE B 423 16.83 27.22 -31.20
C PHE B 423 18.01 26.28 -31.37
N ALA B 424 18.77 26.44 -32.46
CA ALA B 424 19.96 25.63 -32.67
C ALA B 424 21.01 25.91 -31.59
N GLU B 425 21.14 27.18 -31.20
CA GLU B 425 22.07 27.54 -30.13
C GLU B 425 21.64 26.94 -28.80
N SER B 426 20.34 26.97 -28.50
CA SER B 426 19.85 26.36 -27.28
C SER B 426 20.08 24.85 -27.29
N ARG B 427 19.88 24.22 -28.44
CA ARG B 427 20.15 22.79 -28.56
C ARG B 427 21.63 22.48 -28.35
N GLU B 428 22.51 23.33 -28.91
CA GLU B 428 23.94 23.15 -28.70
C GLU B 428 24.30 23.32 -27.23
N VAL B 429 23.65 24.27 -26.55
CA VAL B 429 23.93 24.51 -25.14
C VAL B 429 23.52 23.30 -24.30
N VAL B 430 22.32 22.77 -24.55
CA VAL B 430 21.89 21.61 -23.76
C VAL B 430 22.70 20.37 -24.13
N GLN B 431 23.18 20.29 -25.37
CA GLN B 431 24.07 19.19 -25.75
C GLN B 431 25.38 19.28 -25.00
N SER B 432 25.96 20.48 -24.91
CA SER B 432 27.19 20.66 -24.15
C SER B 432 26.97 20.37 -22.67
N LEU B 433 25.80 20.71 -22.15
CA LEU B 433 25.49 20.38 -20.76
C LEU B 433 25.44 18.87 -20.55
N MET B 434 24.77 18.15 -21.45
CA MET B 434 24.73 16.69 -21.35
C MET B 434 26.12 16.10 -21.49
N GLU B 435 26.97 16.70 -22.33
CA GLU B 435 28.34 16.21 -22.46
C GLU B 435 29.13 16.44 -21.18
N ASP B 436 28.94 17.60 -20.54
CA ASP B 436 29.59 17.84 -19.26
C ASP B 436 29.12 16.84 -18.22
N TYR B 437 27.82 16.54 -18.20
CA TYR B 437 27.28 15.60 -17.21
C TYR B 437 27.80 14.19 -17.45
N VAL B 438 27.93 13.79 -18.72
CA VAL B 438 28.43 12.44 -19.00
C VAL B 438 29.94 12.37 -18.81
N ALA B 439 30.66 13.49 -18.93
CA ALA B 439 32.08 13.50 -18.63
C ALA B 439 32.32 13.47 -17.12
N ALA B 440 31.44 14.10 -16.35
CA ALA B 440 31.54 14.04 -14.90
C ALA B 440 31.34 12.63 -14.37
N GLU B 441 30.66 11.77 -15.14
CA GLU B 441 30.46 10.36 -14.79
C GLU B 441 31.73 9.53 -14.94
N GLN B 442 32.84 10.13 -15.35
CA GLN B 442 34.08 9.41 -15.57
C GLN B 442 35.16 9.97 -14.64
N ASP B 443 36.20 9.15 -14.42
CA ASP B 443 37.30 9.59 -13.59
C ASP B 443 38.23 10.55 -14.33
N SER B 444 38.24 10.49 -15.65
CA SER B 444 39.07 11.41 -16.43
C SER B 444 38.68 12.86 -16.20
N TYR B 445 37.44 13.10 -15.75
CA TYR B 445 37.02 14.46 -15.41
C TYR B 445 37.96 15.08 -14.40
N LEU B 446 38.17 14.40 -13.27
CA LEU B 446 39.11 14.91 -12.28
C LEU B 446 40.56 14.75 -12.73
N ASP B 447 40.85 13.75 -13.56
CA ASP B 447 42.21 13.57 -14.07
C ASP B 447 42.62 14.67 -15.03
N ASP B 448 41.65 15.47 -15.51
CA ASP B 448 41.99 16.58 -16.39
C ASP B 448 42.88 17.60 -15.70
N VAL B 449 42.69 17.81 -14.39
CA VAL B 449 43.56 18.71 -13.64
C VAL B 449 44.87 18.04 -13.24
N LEU B 450 44.93 16.71 -13.32
CA LEU B 450 46.18 16.00 -13.05
C LEU B 450 47.10 15.93 -14.26
N VAL B 451 46.53 15.82 -15.47
CA VAL B 451 47.36 15.70 -16.66
C VAL B 451 48.06 17.01 -17.00
N ASP B 452 47.57 18.14 -16.50
CA ASP B 452 48.19 19.44 -16.77
C ASP B 452 48.12 20.30 -15.52
N ASP B 453 49.20 21.02 -15.26
CA ASP B 453 49.27 21.89 -14.09
C ASP B 453 50.06 23.16 -14.40
N MET C 1 47.70 4.39 130.90
CA MET C 1 48.57 4.32 129.73
C MET C 1 49.12 5.70 129.39
N GLU C 2 50.43 5.83 129.43
CA GLU C 2 51.07 7.12 129.17
C GLU C 2 50.97 7.47 127.68
N ILE C 3 50.51 8.69 127.41
CA ILE C 3 50.36 9.16 126.04
C ILE C 3 51.75 9.46 125.47
N LYS C 4 52.10 8.79 124.38
CA LYS C 4 53.34 9.05 123.67
C LYS C 4 53.09 10.03 122.54
N GLU C 5 54.07 10.91 122.30
CA GLU C 5 53.92 12.02 121.39
C GLU C 5 54.52 11.67 120.03
N VAL C 6 53.69 11.63 119.00
CA VAL C 6 54.11 11.44 117.62
C VAL C 6 53.37 12.42 116.75
N ASP C 7 54.00 12.81 115.64
CA ASP C 7 53.44 13.80 114.72
C ASP C 7 52.44 13.12 113.80
N ASP C 8 51.16 13.19 114.16
CA ASP C 8 50.09 12.60 113.37
C ASP C 8 49.48 13.68 112.48
N ARG C 9 49.67 13.55 111.17
CA ARG C 9 49.14 14.50 110.21
C ARG C 9 48.53 13.74 109.04
N ALA C 10 47.27 14.04 108.75
CA ALA C 10 46.54 13.37 107.67
C ALA C 10 46.56 14.25 106.42
N GLU C 11 47.08 13.69 105.33
CA GLU C 11 47.13 14.38 104.05
C GLU C 11 46.53 13.48 102.97
N LEU C 12 45.91 14.12 101.98
CA LEU C 12 45.39 13.38 100.84
C LEU C 12 46.54 12.88 99.98
N LEU C 13 46.43 11.63 99.52
CA LEU C 13 47.43 11.07 98.63
C LEU C 13 47.44 11.85 97.32
N ARG C 14 48.62 12.39 96.96
CA ARG C 14 48.70 13.30 95.83
C ARG C 14 48.36 12.62 94.52
N TYR C 15 48.91 11.44 94.27
CA TYR C 15 48.63 10.70 93.04
C TYR C 15 47.63 9.60 93.35
N THR C 16 46.53 9.55 92.59
CA THR C 16 45.48 8.58 92.85
C THR C 16 45.17 7.66 91.67
N ASN C 17 45.77 7.89 90.50
CA ASN C 17 45.48 7.03 89.36
C ASN C 17 46.03 5.62 89.55
N ASN C 18 47.19 5.49 90.21
CA ASN C 18 47.70 4.18 90.56
C ASN C 18 46.87 3.52 91.67
N ILE C 19 45.98 4.27 92.29
CA ILE C 19 45.06 3.73 93.28
C ILE C 19 43.75 3.42 92.55
N PRO C 20 43.10 2.29 92.83
CA PRO C 20 41.81 2.03 92.21
C PRO C 20 40.82 3.15 92.51
N LEU C 21 39.83 3.30 91.64
CA LEU C 21 38.84 4.36 91.80
C LEU C 21 38.11 4.23 93.13
N LEU C 22 38.01 3.02 93.67
CA LEU C 22 37.44 2.80 94.99
C LEU C 22 38.49 2.60 96.07
N GLY C 23 39.77 2.85 95.74
CA GLY C 23 40.81 2.73 96.74
C GLY C 23 40.93 3.97 97.62
N LYS C 24 41.50 3.76 98.80
CA LYS C 24 41.63 4.86 99.76
C LYS C 24 42.65 5.88 99.28
N LEU C 25 42.35 7.16 99.52
CA LEU C 25 43.18 8.25 99.04
C LEU C 25 43.80 9.06 100.19
N VAL C 26 43.95 8.45 101.37
CA VAL C 26 44.54 9.13 102.51
C VAL C 26 45.68 8.27 103.05
N ASN C 27 46.60 8.91 103.76
CA ASN C 27 47.70 8.20 104.39
C ASN C 27 47.23 7.50 105.66
N HIS C 28 47.86 6.36 105.95
CA HIS C 28 47.49 5.57 107.11
C HIS C 28 48.12 6.13 108.38
N GLN C 29 47.47 5.88 109.51
CA GLN C 29 47.98 6.34 110.79
C GLN C 29 49.27 5.61 111.15
N PRO C 30 50.12 6.22 111.98
CA PRO C 30 51.36 5.56 112.37
C PRO C 30 51.10 4.26 113.13
N LEU C 31 52.07 3.36 113.06
CA LEU C 31 51.94 2.05 113.67
C LEU C 31 52.36 2.08 115.12
N TRP C 32 51.70 1.24 115.94
CA TRP C 32 52.05 1.13 117.35
C TRP C 32 53.48 0.66 117.52
N SER C 33 53.92 -0.29 116.69
CA SER C 33 55.29 -0.77 116.78
C SER C 33 56.30 0.28 116.37
N THR C 34 55.93 1.20 115.49
CA THR C 34 56.82 2.24 114.99
C THR C 34 56.64 3.58 115.67
N ASN C 35 55.39 4.03 115.83
CA ASN C 35 55.10 5.30 116.48
C ASN C 35 53.89 5.12 117.38
N PRO C 36 54.08 4.52 118.54
CA PRO C 36 52.96 4.31 119.46
C PRO C 36 52.48 5.63 120.04
N LYS C 37 51.18 5.73 120.26
CA LYS C 37 50.56 6.91 120.84
C LYS C 37 50.21 6.75 122.31
N LEU C 38 50.18 5.52 122.81
CA LEU C 38 49.92 5.25 124.22
C LEU C 38 50.89 4.20 124.73
N LYS C 39 51.36 4.38 125.96
CA LYS C 39 52.25 3.41 126.57
C LYS C 39 51.48 2.15 126.91
N SER C 40 51.92 1.01 126.37
CA SER C 40 51.21 -0.24 126.57
C SER C 40 51.28 -0.69 128.03
N PHE C 41 50.22 -1.33 128.49
CA PHE C 41 50.12 -1.87 129.84
C PHE C 41 50.32 -3.37 129.78
N SER C 42 51.20 -3.89 130.64
CA SER C 42 51.53 -5.30 130.61
C SER C 42 50.33 -6.16 130.99
N LEU C 43 50.06 -7.20 130.19
CA LEU C 43 48.89 -8.03 130.42
C LEU C 43 49.06 -8.99 131.60
N GLU C 44 50.30 -9.30 131.99
CA GLU C 44 50.51 -10.18 133.12
C GLU C 44 50.06 -9.54 134.43
N LYS C 45 49.95 -8.22 134.49
CA LYS C 45 49.38 -7.57 135.66
C LYS C 45 47.89 -7.80 135.78
N ILE C 46 47.21 -8.11 134.67
CA ILE C 46 45.77 -8.34 134.67
C ILE C 46 45.43 -9.73 134.14
N SER C 47 46.42 -10.62 134.06
CA SER C 47 46.17 -12.00 133.67
C SER C 47 45.57 -12.83 134.79
N ALA C 48 45.50 -12.29 136.01
CA ALA C 48 44.91 -13.00 137.13
C ALA C 48 43.39 -13.06 136.96
N PRO C 49 42.74 -14.05 137.59
CA PRO C 49 41.28 -14.18 137.42
C PRO C 49 40.49 -12.98 137.92
N ASP C 50 40.94 -12.32 138.99
CA ASP C 50 40.21 -11.16 139.49
C ASP C 50 40.30 -9.99 138.51
N GLN C 51 41.45 -9.81 137.87
CA GLN C 51 41.63 -8.81 136.82
C GLN C 51 41.45 -9.39 135.43
N ARG C 52 40.96 -10.63 135.33
CA ARG C 52 40.72 -11.23 134.03
C ARG C 52 39.65 -10.47 133.24
N ARG C 53 38.74 -9.78 133.95
CA ARG C 53 37.71 -9.03 133.26
C ARG C 53 38.28 -7.82 132.54
N VAL C 54 39.25 -7.14 133.16
CA VAL C 54 39.90 -6.00 132.51
C VAL C 54 40.64 -6.46 131.26
N GLN C 55 41.39 -7.56 131.36
CA GLN C 55 42.11 -8.10 130.21
C GLN C 55 41.13 -8.51 129.12
N GLU C 56 40.02 -9.14 129.49
CA GLU C 56 39.04 -9.57 128.50
C GLU C 56 38.39 -8.37 127.80
N ALA C 57 38.08 -7.31 128.55
CA ALA C 57 37.50 -6.13 127.95
C ALA C 57 38.48 -5.46 126.99
N LEU C 58 39.75 -5.35 127.39
CA LEU C 58 40.74 -4.74 126.51
C LEU C 58 40.96 -5.59 125.27
N VAL C 59 40.92 -6.92 125.42
CA VAL C 59 41.05 -7.80 124.26
C VAL C 59 39.86 -7.63 123.32
N VAL C 60 38.66 -7.54 123.87
CA VAL C 60 37.47 -7.35 123.04
C VAL C 60 37.54 -6.02 122.30
N LYS C 61 38.04 -4.98 122.98
CA LYS C 61 38.20 -3.68 122.34
C LYS C 61 39.19 -3.75 121.19
N ASP C 62 40.35 -4.38 121.43
CA ASP C 62 41.34 -4.53 120.37
C ASP C 62 40.79 -5.36 119.20
N LEU C 63 39.97 -6.36 119.51
CA LEU C 63 39.39 -7.19 118.46
C LEU C 63 38.37 -6.42 117.63
N LEU C 64 37.57 -5.59 118.29
CA LEU C 64 36.64 -4.73 117.56
C LEU C 64 37.38 -3.73 116.70
N ASN C 65 38.54 -3.26 117.17
CA ASN C 65 39.36 -2.37 116.34
C ASN C 65 39.96 -3.13 115.15
N VAL C 66 40.30 -4.41 115.34
CA VAL C 66 40.89 -5.19 114.27
C VAL C 66 39.86 -5.54 113.21
N LEU C 67 38.62 -5.82 113.64
CA LEU C 67 37.58 -6.25 112.71
C LEU C 67 37.33 -5.22 111.61
N ILE C 68 37.57 -3.94 111.90
CA ILE C 68 37.43 -2.88 110.90
C ILE C 68 38.75 -2.53 110.23
N GLY C 69 39.81 -3.28 110.52
CA GLY C 69 41.09 -3.06 109.89
C GLY C 69 42.05 -2.16 110.62
N LEU C 70 41.79 -1.86 111.89
CA LEU C 70 42.63 -0.96 112.67
C LEU C 70 43.37 -1.75 113.76
N GLU C 71 44.49 -1.20 114.18
CA GLU C 71 45.34 -1.84 115.18
C GLU C 71 45.00 -1.36 116.58
N GLY C 72 45.38 -2.17 117.57
CA GLY C 72 45.11 -1.84 118.96
C GLY C 72 46.37 -1.74 119.80
N THR C 73 46.29 -2.15 121.06
CA THR C 73 47.42 -2.06 121.99
C THR C 73 48.16 -3.37 122.16
N TYR C 74 47.46 -4.50 122.19
CA TYR C 74 48.08 -5.80 122.38
C TYR C 74 48.22 -6.60 121.11
N ILE C 75 47.27 -6.50 120.19
CA ILE C 75 47.32 -7.19 118.91
C ILE C 75 47.71 -6.14 117.87
N ARG C 76 49.00 -6.04 117.58
CA ARG C 76 49.51 -5.08 116.62
C ARG C 76 49.79 -5.77 115.29
N TYR C 77 49.97 -4.97 114.25
CA TYR C 77 50.27 -5.49 112.94
C TYR C 77 51.56 -6.30 112.96
N PHE C 78 51.68 -7.22 112.01
CA PHE C 78 52.86 -8.07 111.95
C PHE C 78 54.05 -7.25 111.43
N ASN C 79 55.22 -7.88 111.45
CA ASN C 79 56.44 -7.19 111.07
C ASN C 79 56.45 -6.86 109.57
N ASP C 80 55.82 -7.68 108.75
CA ASP C 80 55.83 -7.48 107.31
C ASP C 80 54.72 -6.55 106.83
N TYR C 81 53.84 -6.11 107.74
CA TYR C 81 52.74 -5.25 107.34
C TYR C 81 53.25 -3.88 106.93
N GLU C 82 52.78 -3.40 105.78
CA GLU C 82 53.15 -2.07 105.28
C GLU C 82 51.87 -1.29 105.03
N PRO C 83 51.57 -0.27 105.84
CA PRO C 83 50.32 0.47 105.65
C PRO C 83 50.25 1.21 104.33
N SER C 84 51.38 1.54 103.72
CA SER C 84 51.39 2.25 102.44
C SER C 84 51.43 1.30 101.24
N ASP C 85 51.43 -0.01 101.46
CA ASP C 85 51.45 -0.97 100.37
C ASP C 85 50.11 -1.68 100.30
N PRO C 86 49.39 -1.61 99.17
CA PRO C 86 48.08 -2.28 99.09
C PRO C 86 48.17 -3.79 98.99
N GLU C 87 49.29 -4.33 98.53
CA GLU C 87 49.41 -5.76 98.29
C GLU C 87 50.27 -6.49 99.33
N THR C 88 50.74 -5.80 100.36
CA THR C 88 51.55 -6.46 101.36
C THR C 88 50.68 -7.38 102.22
N PRO C 89 51.23 -8.51 102.67
CA PRO C 89 50.46 -9.39 103.56
C PRO C 89 50.20 -8.71 104.90
N ILE C 90 48.94 -8.71 105.32
CA ILE C 90 48.50 -8.05 106.53
C ILE C 90 48.27 -9.11 107.60
N GLU C 91 49.23 -9.27 108.49
CA GLU C 91 49.11 -10.16 109.64
C GLU C 91 49.20 -9.34 110.92
N PHE C 92 49.02 -10.01 112.06
CA PHE C 92 49.00 -9.33 113.34
C PHE C 92 49.84 -10.09 114.35
N LYS C 93 50.37 -9.35 115.32
CA LYS C 93 51.10 -9.93 116.44
C LYS C 93 50.32 -9.69 117.73
N ILE C 94 49.91 -10.77 118.37
CA ILE C 94 49.13 -10.72 119.60
C ILE C 94 50.10 -10.68 120.77
N ALA C 95 49.74 -9.93 121.82
CA ALA C 95 50.57 -9.85 123.01
C ALA C 95 50.77 -11.23 123.61
N LYS C 96 52.02 -11.52 124.02
CA LYS C 96 52.35 -12.86 124.49
C LYS C 96 51.83 -13.10 125.91
N LYS C 97 51.58 -12.04 126.67
CA LYS C 97 51.14 -12.14 128.05
C LYS C 97 49.61 -12.28 128.16
N MET C 98 48.95 -12.67 127.09
CA MET C 98 47.50 -12.79 127.06
C MET C 98 47.06 -14.17 127.54
N ASP C 99 45.82 -14.25 128.00
CA ASP C 99 45.26 -15.52 128.43
C ASP C 99 45.15 -16.47 127.24
N PRO C 100 45.42 -17.77 127.45
CA PRO C 100 45.38 -18.70 126.30
C PRO C 100 44.03 -18.78 125.61
N SER C 101 42.94 -18.94 126.37
CA SER C 101 41.61 -18.92 125.75
C SER C 101 41.35 -17.59 125.07
N PHE C 102 41.70 -16.50 125.74
CA PHE C 102 41.62 -15.18 125.11
C PHE C 102 42.49 -15.12 123.86
N LYS C 103 43.64 -15.81 123.87
CA LYS C 103 44.50 -15.83 122.69
C LYS C 103 43.82 -16.54 121.53
N THR C 104 43.14 -17.65 121.79
CA THR C 104 42.44 -18.36 120.71
C THR C 104 41.29 -17.52 120.17
N PHE C 105 40.50 -16.91 121.07
CA PHE C 105 39.41 -16.06 120.61
C PHE C 105 39.93 -14.87 119.80
N SER C 106 41.03 -14.27 120.24
CA SER C 106 41.62 -13.16 119.51
C SER C 106 42.16 -13.61 118.17
N ARG C 107 42.70 -14.84 118.10
CA ARG C 107 43.14 -15.37 116.82
C ARG C 107 41.97 -15.52 115.85
N ARG C 108 40.85 -16.05 116.33
CA ARG C 108 39.67 -16.17 115.47
C ARG C 108 39.21 -14.80 114.98
N ILE C 109 39.09 -13.84 115.90
CA ILE C 109 38.57 -12.53 115.52
C ILE C 109 39.54 -11.77 114.63
N VAL C 110 40.86 -11.96 114.84
CA VAL C 110 41.83 -11.28 113.98
C VAL C 110 41.87 -11.93 112.61
N ARG C 111 41.61 -13.24 112.53
CA ARG C 111 41.44 -13.87 111.22
C ARG C 111 40.24 -13.29 110.50
N TYR C 112 39.14 -13.07 111.23
CA TYR C 112 37.96 -12.45 110.63
C TYR C 112 38.28 -11.05 110.12
N GLY C 113 38.96 -10.24 110.93
CA GLY C 113 39.30 -8.90 110.52
C GLY C 113 40.28 -8.87 109.34
N LYS C 114 41.22 -9.81 109.33
CA LYS C 114 42.15 -9.91 108.20
C LYS C 114 41.42 -10.29 106.92
N GLN C 115 40.47 -11.23 107.02
CA GLN C 115 39.65 -11.56 105.86
C GLN C 115 38.86 -10.35 105.39
N TYR C 116 38.35 -9.55 106.33
CA TYR C 116 37.65 -8.32 105.95
C TYR C 116 38.55 -7.38 105.18
N MET C 117 39.75 -7.14 105.69
CA MET C 117 40.68 -6.23 105.01
C MET C 117 41.09 -6.77 103.65
N ILE C 118 41.30 -8.08 103.56
CA ILE C 118 41.68 -8.70 102.30
C ILE C 118 40.58 -8.54 101.26
N LEU C 119 39.33 -8.82 101.66
CA LEU C 119 38.22 -8.63 100.73
C LEU C 119 38.02 -7.15 100.38
N THR C 120 38.32 -6.25 101.33
CA THR C 120 38.23 -4.83 101.05
C THR C 120 39.19 -4.44 99.93
N ARG C 121 40.47 -4.75 100.11
CA ARG C 121 41.45 -4.49 99.05
C ARG C 121 41.09 -5.24 97.77
N ALA C 122 40.47 -6.42 97.90
CA ALA C 122 40.11 -7.21 96.73
C ALA C 122 39.09 -6.48 95.88
N TYR C 123 37.97 -6.04 96.47
CA TYR C 123 36.96 -5.36 95.66
C TYR C 123 37.43 -3.97 95.26
N GLU C 124 38.29 -3.34 96.06
CA GLU C 124 38.89 -2.08 95.64
C GLU C 124 39.67 -2.27 94.34
N LYS C 125 40.58 -3.23 94.32
CA LYS C 125 41.34 -3.50 93.09
C LYS C 125 40.41 -3.95 91.96
N TRP C 126 39.36 -4.71 92.29
CA TRP C 126 38.43 -5.19 91.28
C TRP C 126 37.59 -4.08 90.69
N SER C 127 37.55 -2.90 91.33
CA SER C 127 36.93 -1.74 90.70
C SER C 127 37.58 -1.38 89.37
N ASP C 128 38.77 -1.90 89.08
CA ASP C 128 39.42 -1.64 87.82
C ASP C 128 38.66 -2.30 86.67
N THR C 129 38.81 -1.73 85.48
CA THR C 129 38.11 -2.27 84.30
C THR C 129 38.72 -3.57 83.83
N SER C 130 39.99 -3.82 84.13
CA SER C 130 40.67 -5.01 83.65
C SER C 130 40.00 -6.28 84.17
N PHE C 131 39.33 -6.20 85.31
CA PHE C 131 38.65 -7.35 85.88
C PHE C 131 37.25 -7.55 85.31
N GLY C 132 36.74 -6.60 84.54
CA GLY C 132 35.43 -6.73 83.93
C GLY C 132 34.30 -6.25 84.81
N MET C 133 33.37 -5.49 84.22
CA MET C 133 32.27 -4.92 85.00
C MET C 133 31.51 -6.00 85.77
N VAL C 134 31.35 -7.17 85.17
CA VAL C 134 30.72 -8.30 85.86
C VAL C 134 31.39 -8.52 87.21
N LEU C 135 32.70 -8.75 87.19
CA LEU C 135 33.43 -8.91 88.45
C LEU C 135 33.30 -7.66 89.31
N GLN C 136 33.34 -6.48 88.67
CA GLN C 136 33.10 -5.24 89.39
C GLN C 136 31.79 -5.31 90.15
N ARG C 137 30.72 -5.73 89.47
CA ARG C 137 29.44 -5.93 90.15
C ARG C 137 29.62 -6.83 91.35
N PHE C 138 30.27 -7.99 91.15
CA PHE C 138 30.62 -8.85 92.27
C PHE C 138 31.33 -8.07 93.36
N ALA C 139 32.41 -7.36 92.97
CA ALA C 139 33.09 -6.48 93.90
C ALA C 139 32.11 -5.57 94.62
N TYR C 140 31.27 -4.89 93.84
CA TYR C 140 30.22 -4.05 94.43
C TYR C 140 29.42 -4.84 95.45
N GLU C 141 28.89 -5.99 95.03
CA GLU C 141 28.12 -6.83 95.94
C GLU C 141 28.90 -7.11 97.21
N ILE C 142 30.19 -7.46 97.06
CA ILE C 142 31.03 -7.69 98.23
C ILE C 142 30.98 -6.49 99.16
N ARG C 143 31.28 -5.31 98.62
CA ARG C 143 31.19 -4.09 99.40
C ARG C 143 29.80 -3.94 100.01
N ARG C 144 28.76 -4.20 99.19
CA ARG C 144 27.40 -4.16 99.69
C ARG C 144 27.26 -5.03 100.93
N PHE C 145 27.74 -6.28 100.86
CA PHE C 145 27.79 -7.14 102.02
C PHE C 145 28.48 -6.44 103.18
N LEU C 146 29.71 -5.99 102.96
CA LEU C 146 30.48 -5.33 104.01
C LEU C 146 29.82 -4.04 104.45
N GLU C 147 28.91 -3.48 103.65
CA GLU C 147 28.22 -2.26 104.04
C GLU C 147 26.88 -2.53 104.70
N ASP C 148 26.34 -3.75 104.56
CA ASP C 148 25.01 -4.05 105.05
C ASP C 148 24.95 -5.23 106.01
N VAL C 149 25.86 -6.18 105.93
CA VAL C 149 25.83 -7.39 106.74
C VAL C 149 26.93 -7.39 107.80
N TYR C 150 28.17 -7.13 107.38
CA TYR C 150 29.30 -7.26 108.29
C TYR C 150 29.36 -6.09 109.27
N LEU C 151 29.54 -4.88 108.74
CA LEU C 151 29.68 -3.71 109.61
C LEU C 151 28.40 -3.44 110.39
N LYS C 152 27.25 -3.60 109.75
CA LYS C 152 25.98 -3.36 110.42
C LYS C 152 25.82 -4.27 111.63
N THR C 153 25.93 -5.59 111.42
CA THR C 153 25.81 -6.53 112.52
C THR C 153 26.87 -6.30 113.59
N LEU C 154 28.10 -6.01 113.16
CA LEU C 154 29.16 -5.71 114.11
C LEU C 154 28.78 -4.57 115.04
N VAL C 155 28.49 -3.40 114.46
CA VAL C 155 28.17 -2.22 115.27
C VAL C 155 26.91 -2.45 116.10
N GLU C 156 25.96 -3.23 115.58
CA GLU C 156 24.71 -3.41 116.30
C GLU C 156 24.84 -4.35 117.49
N ARG C 157 25.64 -5.41 117.36
CA ARG C 157 25.75 -6.42 118.39
C ARG C 157 26.98 -6.23 119.28
N LEU C 158 28.18 -6.28 118.68
CA LEU C 158 29.39 -6.44 119.47
C LEU C 158 29.75 -5.16 120.21
N GLU C 159 29.68 -4.01 119.53
CA GLU C 159 29.98 -2.74 120.20
C GLU C 159 29.00 -2.48 121.34
N ARG C 160 27.71 -2.73 121.09
CA ARG C 160 26.70 -2.50 122.13
C ARG C 160 26.92 -3.42 123.32
N ASP C 161 27.25 -4.70 123.06
CA ASP C 161 27.47 -5.63 124.16
C ASP C 161 28.74 -5.30 124.93
N PHE C 162 29.77 -4.80 124.24
CA PHE C 162 30.99 -4.42 124.93
C PHE C 162 30.82 -3.11 125.71
N ASN C 163 29.88 -2.28 125.30
CA ASN C 163 29.67 -1.00 125.97
C ASN C 163 28.74 -1.10 127.16
N LYS C 164 27.52 -1.62 126.96
CA LYS C 164 26.47 -1.49 127.96
C LYS C 164 25.97 -2.84 128.48
N VAL C 165 26.78 -3.89 128.39
CA VAL C 165 26.36 -5.19 128.90
C VAL C 165 27.37 -5.71 129.91
N PRO C 166 27.06 -5.70 131.21
CA PRO C 166 27.90 -6.39 132.18
C PRO C 166 27.77 -7.90 132.04
N ASN C 167 28.67 -8.61 132.72
CA ASN C 167 28.75 -10.06 132.70
C ASN C 167 28.99 -10.62 131.30
N PHE C 168 29.36 -9.76 130.35
CA PHE C 168 29.60 -10.21 128.98
C PHE C 168 30.98 -10.83 128.88
N SER C 169 31.06 -11.97 128.19
CA SER C 169 32.30 -12.71 128.02
C SER C 169 32.66 -12.80 126.55
N ILE C 170 33.95 -13.03 126.29
CA ILE C 170 34.40 -13.20 124.91
C ILE C 170 33.86 -14.49 124.33
N ARG C 171 33.56 -15.48 125.18
CA ARG C 171 32.88 -16.68 124.71
C ARG C 171 31.48 -16.36 124.21
N GLU C 172 30.76 -15.52 124.97
CA GLU C 172 29.44 -15.08 124.53
C GLU C 172 29.52 -14.29 123.24
N LEU C 173 30.56 -13.48 123.08
CA LEU C 173 30.74 -12.71 121.86
C LEU C 173 30.98 -13.62 120.66
N GLU C 174 31.85 -14.62 120.83
CA GLU C 174 32.10 -15.57 119.75
C GLU C 174 30.84 -16.36 119.41
N GLN C 175 30.08 -16.75 120.43
CA GLN C 175 28.83 -17.47 120.18
C GLN C 175 27.83 -16.59 119.45
N ILE C 176 27.79 -15.31 119.78
CA ILE C 176 26.90 -14.38 119.09
C ILE C 176 27.32 -14.23 117.63
N ILE C 177 28.63 -14.12 117.38
CA ILE C 177 29.11 -14.03 116.01
C ILE C 177 28.76 -15.29 115.23
N ASN C 178 28.90 -16.45 115.85
CA ASN C 178 28.53 -17.70 115.20
C ASN C 178 27.03 -17.77 114.95
N GLU C 179 26.22 -17.19 115.83
CA GLU C 179 24.78 -17.07 115.59
C GLU C 179 24.51 -16.22 114.36
N THR C 180 25.20 -15.08 114.25
CA THR C 180 25.02 -14.21 113.09
C THR C 180 25.53 -14.88 111.81
N GLU C 181 26.50 -15.77 111.92
CA GLU C 181 27.09 -16.51 110.81
C GLU C 181 27.71 -15.61 109.76
N VAL C 182 27.83 -14.31 110.03
CA VAL C 182 28.55 -13.43 109.12
C VAL C 182 30.00 -13.87 109.02
N ASN C 183 30.54 -14.44 110.10
CA ASN C 183 31.89 -15.00 110.05
C ASN C 183 31.96 -16.17 109.09
N LYS C 184 30.95 -17.04 109.10
CA LYS C 184 30.95 -18.18 108.19
C LYS C 184 30.79 -17.73 106.74
N GLN C 185 29.93 -16.74 106.50
CA GLN C 185 29.80 -16.19 105.16
C GLN C 185 31.11 -15.59 104.69
N MET C 186 31.79 -14.85 105.57
CA MET C 186 33.08 -14.27 105.20
C MET C 186 34.12 -15.35 104.94
N GLU C 187 34.09 -16.44 105.71
CA GLU C 187 35.02 -17.53 105.49
C GLU C 187 34.79 -18.18 104.13
N LEU C 188 33.52 -18.42 103.79
CA LEU C 188 33.23 -19.04 102.50
C LEU C 188 33.59 -18.11 101.35
N LEU C 189 33.30 -16.81 101.49
CA LEU C 189 33.69 -15.86 100.45
C LEU C 189 35.20 -15.76 100.34
N TYR C 190 35.91 -15.91 101.45
CA TYR C 190 37.38 -15.88 101.41
C TYR C 190 37.91 -17.13 100.71
N ASN C 191 37.29 -18.28 100.95
CA ASN C 191 37.65 -19.48 100.20
C ASN C 191 37.43 -19.27 98.71
N ILE C 192 36.30 -18.65 98.35
CA ILE C 192 36.02 -18.36 96.94
C ILE C 192 37.08 -17.44 96.37
N TYR C 193 37.47 -16.41 97.12
CA TYR C 193 38.47 -15.47 96.64
C TYR C 193 39.83 -16.14 96.50
N GLU C 194 40.18 -17.04 97.42
CA GLU C 194 41.42 -17.79 97.30
C GLU C 194 41.41 -18.66 96.06
N GLU C 195 40.28 -19.32 95.78
CA GLU C 195 40.19 -20.13 94.57
C GLU C 195 40.31 -19.26 93.32
N ILE C 196 39.71 -18.07 93.34
CA ILE C 196 39.80 -17.16 92.20
C ILE C 196 41.24 -16.71 91.99
N PHE C 197 41.94 -16.39 93.07
CA PHE C 197 43.32 -15.95 92.96
C PHE C 197 44.22 -17.07 92.48
N ARG C 198 43.97 -18.29 92.96
CA ARG C 198 44.72 -19.45 92.47
C ARG C 198 44.46 -19.69 90.99
N GLU C 199 43.21 -19.47 90.55
CA GLU C 199 42.91 -19.58 89.13
C GLU C 199 43.65 -18.52 88.32
N ILE C 200 43.74 -17.30 88.86
CA ILE C 200 44.53 -16.25 88.21
C ILE C 200 45.98 -16.69 88.09
N GLU C 201 46.53 -17.27 89.17
CA GLU C 201 47.91 -17.76 89.12
C GLU C 201 48.07 -18.84 88.05
N GLU C 202 47.13 -19.77 87.98
CA GLU C 202 47.22 -20.84 86.99
C GLU C 202 47.12 -20.29 85.57
N ARG C 203 46.28 -19.27 85.37
CA ARG C 203 46.24 -18.59 84.08
C ARG C 203 47.57 -17.88 83.79
N ARG C 204 48.28 -17.47 84.84
CA ARG C 204 49.59 -16.88 84.66
C ARG C 204 50.66 -17.92 84.35
N THR C 205 50.46 -19.16 84.79
CA THR C 205 51.43 -20.22 84.49
C THR C 205 51.51 -20.47 82.99
N ASN C 206 50.39 -20.87 82.39
CA ASN C 206 50.35 -21.19 80.96
C ASN C 206 50.43 -19.89 80.15
N GLN C 207 51.65 -19.37 80.04
CA GLN C 207 51.89 -18.12 79.32
C GLN C 207 52.11 -18.33 77.84
N SER C 208 52.70 -19.46 77.45
CA SER C 208 52.99 -19.74 76.05
C SER C 208 51.89 -20.52 75.34
N SER C 209 51.13 -21.33 76.07
CA SER C 209 50.07 -22.13 75.48
C SER C 209 48.77 -21.34 75.54
N GLN C 210 48.27 -20.94 74.37
CA GLN C 210 47.01 -20.20 74.24
C GLN C 210 47.03 -18.93 75.09
N ASN C 222 38.00 -27.65 64.06
CA ASN C 222 36.85 -28.39 63.55
C ASN C 222 36.57 -28.04 62.10
N GLU C 223 36.05 -29.02 61.35
CA GLU C 223 35.76 -28.81 59.94
C GLU C 223 34.33 -28.31 59.71
N SER C 224 33.48 -28.32 60.73
CA SER C 224 32.11 -27.85 60.55
C SER C 224 32.06 -26.36 60.24
N SER C 225 33.05 -25.59 60.70
CA SER C 225 33.08 -24.17 60.37
C SER C 225 33.35 -23.96 58.89
N LEU C 226 34.26 -24.74 58.31
CA LEU C 226 34.47 -24.70 56.87
C LEU C 226 33.28 -25.28 56.12
N HIS C 227 32.55 -26.23 56.72
CA HIS C 227 31.33 -26.73 56.11
C HIS C 227 30.28 -25.65 56.00
N LEU C 228 30.23 -24.75 56.97
CA LEU C 228 29.26 -23.66 56.97
C LEU C 228 29.80 -22.48 56.18
N ARG C 229 28.91 -21.82 55.43
CA ARG C 229 29.28 -20.67 54.61
C ARG C 229 29.29 -19.40 55.46
N LEU C 230 30.07 -19.45 56.54
CA LEU C 230 30.15 -18.36 57.51
C LEU C 230 31.60 -17.98 57.72
N MET C 231 31.86 -16.67 57.77
CA MET C 231 33.19 -16.16 58.09
C MET C 231 33.34 -16.10 59.61
N VAL C 232 33.45 -17.28 60.21
CA VAL C 232 33.52 -17.45 61.65
C VAL C 232 34.91 -17.93 62.02
N ALA C 233 35.47 -17.36 63.09
CA ALA C 233 36.78 -17.75 63.58
C ALA C 233 36.71 -17.94 65.09
N PHE C 234 37.71 -18.64 65.62
CA PHE C 234 37.82 -18.90 67.04
C PHE C 234 38.74 -17.87 67.68
N ASP C 235 38.46 -17.53 68.93
CA ASP C 235 39.30 -16.65 69.74
C ASP C 235 39.64 -17.40 71.01
N THR C 236 40.73 -18.16 70.98
CA THR C 236 41.16 -18.98 72.11
C THR C 236 42.03 -18.22 73.09
N THR C 237 41.92 -16.89 73.12
CA THR C 237 42.73 -16.08 74.02
C THR C 237 42.27 -16.27 75.45
N VAL C 238 43.19 -16.65 76.33
CA VAL C 238 42.93 -16.83 77.75
C VAL C 238 43.34 -15.57 78.49
N TYR C 239 42.46 -15.07 79.34
CA TYR C 239 42.83 -13.88 80.10
C TYR C 239 43.55 -14.27 81.39
N PRO C 240 44.44 -13.41 81.89
CA PRO C 240 45.11 -13.72 83.17
C PRO C 240 44.14 -13.84 84.33
N VAL C 241 43.01 -13.14 84.27
CA VAL C 241 41.99 -13.22 85.30
C VAL C 241 40.72 -13.82 84.68
N PRO C 242 39.92 -14.56 85.43
CA PRO C 242 38.66 -15.08 84.87
C PRO C 242 37.69 -13.95 84.58
N LYS C 243 37.00 -14.06 83.45
CA LYS C 243 36.07 -13.04 83.03
C LYS C 243 34.87 -13.70 82.35
N GLY C 244 33.74 -12.99 82.35
CA GLY C 244 32.56 -13.51 81.72
C GLY C 244 32.06 -14.76 82.40
N GLY C 245 31.62 -15.74 81.57
CA GLY C 245 31.10 -16.97 82.12
C GLY C 245 32.08 -17.71 82.99
N ALA C 246 33.38 -17.58 82.70
CA ALA C 246 34.40 -18.21 83.53
C ALA C 246 34.26 -17.79 84.98
N ILE C 247 33.79 -16.58 85.24
CA ILE C 247 33.47 -16.19 86.61
C ILE C 247 32.22 -16.91 87.08
N LEU C 248 31.14 -16.80 86.31
CA LEU C 248 29.85 -17.38 86.72
C LEU C 248 29.97 -18.88 86.92
N LYS C 249 30.67 -19.56 86.02
CA LYS C 249 30.91 -20.99 86.19
C LYS C 249 31.50 -21.30 87.55
N ILE C 250 32.48 -20.50 87.99
CA ILE C 250 33.02 -20.64 89.33
C ILE C 250 31.90 -20.61 90.35
N PHE C 251 31.08 -19.55 90.29
CA PHE C 251 29.88 -19.49 91.13
C PHE C 251 29.06 -20.76 90.98
N GLN C 252 28.78 -21.17 89.75
CA GLN C 252 28.09 -22.43 89.51
C GLN C 252 28.82 -23.57 90.20
N GLN C 253 30.14 -23.65 90.00
CA GLN C 253 30.92 -24.69 90.67
C GLN C 253 30.79 -24.57 92.18
N LYS C 254 30.78 -23.33 92.70
CA LYS C 254 30.57 -23.14 94.13
C LYS C 254 29.20 -23.64 94.55
N ILE C 255 28.19 -23.43 93.71
CA ILE C 255 26.88 -24.01 93.97
C ILE C 255 26.97 -25.52 93.97
N LEU C 256 27.82 -26.08 93.10
CA LEU C 256 28.05 -27.52 93.10
C LEU C 256 28.86 -27.97 94.31
N GLU C 257 29.49 -27.04 95.03
CA GLU C 257 30.30 -27.39 96.20
C GLU C 257 29.64 -26.97 97.51
N ASN C 258 28.51 -26.28 97.46
CA ASN C 258 27.82 -25.83 98.66
C ASN C 258 26.49 -26.55 98.86
N LEU C 259 26.29 -27.67 98.18
CA LEU C 259 25.06 -28.44 98.34
C LEU C 259 24.96 -28.99 99.75
N GLY C 260 23.73 -29.03 100.27
CA GLY C 260 23.46 -29.45 101.63
C GLY C 260 23.16 -28.30 102.56
N ASP C 261 23.75 -27.14 102.32
CA ASP C 261 23.48 -25.93 103.10
C ASP C 261 22.55 -25.05 102.28
N ARG C 262 21.33 -24.82 102.80
CA ARG C 262 20.33 -24.10 102.04
C ARG C 262 20.67 -22.63 101.92
N SER C 263 21.07 -21.99 103.02
CA SER C 263 21.40 -20.57 102.98
C SER C 263 22.60 -20.31 102.08
N SER C 264 23.55 -21.25 102.04
CA SER C 264 24.72 -21.09 101.19
C SER C 264 24.33 -21.03 99.72
N VAL C 265 23.56 -22.02 99.26
CA VAL C 265 23.14 -22.05 97.85
C VAL C 265 22.23 -20.87 97.56
N MET C 266 21.41 -20.47 98.53
CA MET C 266 20.53 -19.32 98.34
C MET C 266 21.33 -18.05 98.08
N PHE C 267 22.29 -17.76 98.94
CA PHE C 267 23.12 -16.56 98.75
C PHE C 267 23.94 -16.67 97.47
N LEU C 268 24.41 -17.88 97.15
CA LEU C 268 25.19 -18.08 95.93
C LEU C 268 24.38 -17.72 94.70
N LYS C 269 23.16 -18.29 94.58
CA LYS C 269 22.33 -17.99 93.42
C LYS C 269 21.88 -16.54 93.42
N LYS C 270 21.66 -15.96 94.60
CA LYS C 270 21.30 -14.54 94.67
C LYS C 270 22.38 -13.67 94.08
N LEU C 271 23.63 -13.84 94.54
CA LEU C 271 24.73 -13.06 94.00
C LEU C 271 24.95 -13.37 92.52
N LEU C 272 24.82 -14.64 92.13
CA LEU C 272 25.04 -15.01 90.75
C LEU C 272 24.05 -14.30 89.83
N ASN C 273 22.77 -14.27 90.21
CA ASN C 273 21.78 -13.57 89.40
C ASN C 273 22.04 -12.07 89.40
N ASN C 274 22.31 -11.49 90.59
CA ASN C 274 22.55 -10.06 90.68
C ASN C 274 23.74 -9.63 89.82
N ILE C 275 24.73 -10.50 89.66
CA ILE C 275 25.91 -10.15 88.87
C ILE C 275 25.68 -10.43 87.38
N SER C 276 25.07 -11.56 87.04
CA SER C 276 24.87 -11.96 85.65
C SER C 276 23.64 -11.33 85.02
N GLN C 277 22.92 -10.46 85.73
CA GLN C 277 21.84 -9.70 85.11
C GLN C 277 22.32 -8.96 83.87
N ASP C 278 23.46 -8.27 83.98
CA ASP C 278 23.99 -7.53 82.84
C ASP C 278 24.35 -8.46 81.70
N TYR C 279 24.94 -9.62 82.01
CA TYR C 279 25.36 -10.53 80.95
C TYR C 279 24.16 -11.14 80.23
N CYS C 280 23.12 -11.52 80.99
CA CYS C 280 21.94 -12.09 80.32
C CYS C 280 21.20 -11.01 79.54
N THR C 281 21.24 -9.76 80.01
CA THR C 281 20.68 -8.66 79.23
C THR C 281 21.43 -8.51 77.90
N MET C 282 22.76 -8.53 77.96
CA MET C 282 23.56 -8.43 76.73
C MET C 282 23.29 -9.60 75.80
N LEU C 283 23.17 -10.81 76.34
CA LEU C 283 22.89 -11.99 75.53
C LEU C 283 21.51 -11.90 74.89
N TYR C 284 20.52 -11.40 75.64
CA TYR C 284 19.19 -11.19 75.08
C TYR C 284 19.23 -10.16 73.95
N GLU C 285 20.00 -9.08 74.14
CA GLU C 285 20.15 -8.10 73.08
C GLU C 285 20.78 -8.73 71.84
N TRP C 286 21.81 -9.56 72.03
CA TRP C 286 22.48 -10.17 70.89
C TRP C 286 21.57 -11.16 70.17
N LEU C 287 20.74 -11.88 70.92
CA LEU C 287 19.88 -12.91 70.33
C LEU C 287 18.56 -12.36 69.79
N THR C 288 18.18 -11.14 70.17
CA THR C 288 16.95 -10.55 69.68
C THR C 288 17.14 -9.41 68.71
N GLN C 289 18.33 -8.80 68.67
CA GLN C 289 18.62 -7.70 67.77
C GLN C 289 19.94 -7.85 67.04
N GLY C 290 20.81 -8.78 67.45
CA GLY C 290 22.13 -8.86 66.87
C GLY C 290 23.03 -7.71 67.22
N ILE C 291 22.68 -6.94 68.25
CA ILE C 291 23.45 -5.76 68.65
C ILE C 291 24.60 -6.23 69.53
N LEU C 292 25.82 -5.95 69.11
CA LEU C 292 27.03 -6.33 69.83
C LEU C 292 27.55 -5.12 70.60
N ASN C 293 27.60 -5.25 71.93
CA ASN C 293 28.13 -4.18 72.78
C ASN C 293 28.84 -4.87 73.96
N ASP C 294 30.15 -5.05 73.82
CA ASP C 294 30.98 -5.71 74.83
C ASP C 294 32.20 -4.84 75.09
N PRO C 295 32.03 -3.74 75.83
CA PRO C 295 33.19 -2.86 76.11
C PRO C 295 34.17 -3.45 77.10
N TYR C 296 33.86 -4.59 77.71
CA TYR C 296 34.74 -5.22 78.69
C TYR C 296 35.19 -6.61 78.27
N GLN C 297 34.90 -7.01 77.03
CA GLN C 297 35.33 -8.30 76.48
C GLN C 297 34.85 -9.46 77.35
N GLU C 298 33.59 -9.39 77.78
CA GLU C 298 32.99 -10.43 78.61
C GLU C 298 32.04 -11.33 77.84
N PHE C 299 31.63 -10.94 76.63
CA PHE C 299 30.75 -11.77 75.82
C PHE C 299 31.57 -12.63 74.88
N MET C 300 31.08 -13.85 74.64
CA MET C 300 31.78 -14.85 73.86
C MET C 300 31.64 -14.66 72.36
N THR C 301 31.25 -13.48 71.88
CA THR C 301 31.07 -13.25 70.46
C THR C 301 31.41 -11.81 70.14
N TYR C 302 32.37 -11.62 69.23
CA TYR C 302 32.70 -10.30 68.71
C TYR C 302 33.26 -10.48 67.30
N ASP C 303 33.11 -9.43 66.50
CA ASP C 303 33.51 -9.46 65.09
C ASP C 303 34.46 -8.30 64.82
N ASP C 304 34.87 -8.19 63.55
CA ASP C 304 35.74 -7.11 63.11
C ASP C 304 34.88 -5.95 62.62
N LEU C 305 35.52 -4.95 61.99
CA LEU C 305 34.82 -3.77 61.46
C LEU C 305 34.02 -3.06 62.55
N GLU C 306 34.61 -2.96 63.73
CA GLU C 306 33.95 -2.31 64.86
C GLU C 306 34.03 -0.79 64.73
N ARG C 318 35.53 -9.06 51.42
CA ARG C 318 35.99 -8.82 52.78
C ARG C 318 35.54 -7.43 53.26
N ALA C 319 35.28 -6.55 52.30
CA ALA C 319 34.81 -5.20 52.64
C ALA C 319 33.46 -5.26 53.35
N TRP C 320 32.54 -6.07 52.82
CA TRP C 320 31.23 -6.25 53.45
C TRP C 320 31.21 -7.37 54.47
N ASP C 321 32.12 -8.33 54.39
CA ASP C 321 32.12 -9.49 55.26
C ASP C 321 33.05 -9.25 56.44
N THR C 322 32.49 -9.27 57.65
CA THR C 322 33.26 -9.19 58.87
C THR C 322 33.42 -10.57 59.48
N GLN C 323 34.59 -10.84 60.05
CA GLN C 323 34.88 -12.12 60.66
C GLN C 323 34.55 -12.08 62.15
N TYR C 324 33.71 -13.01 62.59
CA TYR C 324 33.33 -13.10 63.99
C TYR C 324 34.29 -14.02 64.73
N PHE C 325 34.67 -13.61 65.94
CA PHE C 325 35.59 -14.37 66.77
C PHE C 325 34.90 -14.70 68.09
N ILE C 326 35.06 -15.95 68.54
CA ILE C 326 34.40 -16.45 69.73
C ILE C 326 35.43 -16.53 70.84
N ARG C 327 35.31 -15.61 71.81
CA ARG C 327 36.21 -15.60 72.96
C ARG C 327 35.97 -16.87 73.80
N LYS C 328 36.96 -17.76 73.81
CA LYS C 328 36.80 -19.02 74.52
C LYS C 328 36.86 -18.86 76.03
N ASP C 329 37.48 -17.79 76.52
CA ASP C 329 37.63 -17.62 77.97
C ASP C 329 36.33 -17.20 78.64
N VAL C 330 35.48 -16.45 77.94
CA VAL C 330 34.25 -15.93 78.52
C VAL C 330 33.03 -16.71 78.04
N LEU C 331 33.22 -17.96 77.63
CA LEU C 331 32.12 -18.79 77.18
C LEU C 331 31.18 -19.12 78.33
N LEU C 332 29.98 -19.53 77.98
CA LEU C 332 29.02 -20.03 78.97
C LEU C 332 29.05 -21.55 79.09
N ARG C 333 29.51 -22.25 78.06
CA ARG C 333 29.63 -23.70 78.08
C ARG C 333 30.95 -24.10 77.45
N ASP C 334 31.22 -25.41 77.45
CA ASP C 334 32.47 -25.91 76.90
C ASP C 334 32.45 -26.02 75.38
N CYS C 335 31.26 -26.01 74.77
CA CYS C 335 31.06 -26.18 73.33
C CYS C 335 32.01 -27.21 72.74
N ASP C 336 32.05 -28.38 73.39
CA ASP C 336 32.87 -29.50 72.94
C ASP C 336 32.05 -30.58 72.24
N SER C 337 30.84 -30.84 72.73
CA SER C 337 29.98 -31.82 72.08
C SER C 337 29.40 -31.25 70.79
N GLU C 338 28.93 -32.14 69.93
CA GLU C 338 28.33 -31.71 68.66
C GLU C 338 27.07 -30.91 68.91
N GLU C 339 26.28 -31.29 69.92
CA GLU C 339 25.06 -30.56 70.23
C GLU C 339 25.38 -29.15 70.73
N ASP C 340 26.36 -29.04 71.62
CA ASP C 340 26.75 -27.72 72.13
C ASP C 340 27.33 -26.85 71.03
N LYS C 341 28.16 -27.43 70.17
CA LYS C 341 28.72 -26.68 69.04
C LYS C 341 27.63 -26.22 68.10
N ASN C 342 26.64 -27.08 67.82
CA ASN C 342 25.55 -26.69 66.94
C ASN C 342 24.69 -25.61 67.58
N LEU C 343 24.48 -25.68 68.90
CA LEU C 343 23.74 -24.63 69.59
C LEU C 343 24.46 -23.30 69.51
N LEU C 344 25.78 -23.31 69.74
CA LEU C 344 26.56 -22.07 69.63
C LEU C 344 26.52 -21.52 68.22
N PHE C 345 26.65 -22.40 67.22
CA PHE C 345 26.58 -21.97 65.83
C PHE C 345 25.22 -21.38 65.52
N LYS C 346 24.15 -21.97 66.06
CA LYS C 346 22.81 -21.47 65.82
C LYS C 346 22.62 -20.09 66.43
N MET C 347 23.09 -19.89 67.67
CA MET C 347 22.97 -18.59 68.30
C MET C 347 23.78 -17.54 67.56
N LEU C 348 25.01 -17.88 67.17
CA LEU C 348 25.85 -16.94 66.44
C LEU C 348 25.22 -16.60 65.09
N ARG C 349 24.66 -17.59 64.40
CA ARG C 349 24.03 -17.34 63.11
C ARG C 349 22.78 -16.49 63.28
N THR C 350 22.03 -16.70 64.36
CA THR C 350 20.88 -15.86 64.64
C THR C 350 21.29 -14.40 64.82
N GLY C 351 22.31 -14.17 65.66
CA GLY C 351 22.80 -12.81 65.84
C GLY C 351 23.32 -12.19 64.56
N ILE C 352 24.02 -12.98 63.76
CA ILE C 352 24.56 -12.48 62.49
C ILE C 352 23.43 -12.12 61.54
N LEU C 353 22.40 -12.96 61.46
CA LEU C 353 21.26 -12.65 60.59
C LEU C 353 20.53 -11.42 61.07
N LEU C 354 20.41 -11.24 62.39
CA LEU C 354 19.80 -10.03 62.92
C LEU C 354 20.60 -8.79 62.53
N LYS C 355 21.92 -8.86 62.66
CA LYS C 355 22.76 -7.73 62.27
C LYS C 355 22.66 -7.46 60.77
N VAL C 356 22.58 -8.51 59.96
CA VAL C 356 22.48 -8.34 58.52
C VAL C 356 21.14 -7.70 58.15
N VAL C 357 20.06 -8.13 58.81
CA VAL C 357 18.75 -7.53 58.55
C VAL C 357 18.74 -6.07 58.96
N ARG C 358 19.36 -5.75 60.10
CA ARG C 358 19.44 -4.35 60.54
C ARG C 358 20.25 -3.52 59.54
N ALA C 359 21.34 -4.06 59.03
CA ALA C 359 22.17 -3.32 58.09
C ALA C 359 21.47 -3.13 56.75
N SER C 360 20.72 -4.14 56.31
CA SER C 360 20.03 -4.03 55.02
C SER C 360 18.84 -3.09 55.11
N LEU C 361 18.05 -3.20 56.17
CA LEU C 361 16.89 -2.34 56.35
C LEU C 361 17.25 -0.96 56.88
N GLN C 362 18.52 -0.73 57.20
CA GLN C 362 18.99 0.57 57.72
C GLN C 362 18.21 0.97 58.97
N ILE C 363 17.91 -0.02 59.81
CA ILE C 363 17.14 0.22 61.03
C ILE C 363 18.05 0.03 62.24
N PRO C 364 17.91 0.85 63.28
CA PRO C 364 18.74 0.64 64.48
C PRO C 364 18.36 -0.60 65.25
N THR C 365 17.07 -0.89 65.36
CA THR C 365 16.58 -2.07 66.07
C THR C 365 15.46 -2.71 65.27
N ILE C 366 15.23 -3.99 65.53
CA ILE C 366 14.17 -4.75 64.87
C ILE C 366 13.01 -4.88 65.85
N PRO C 367 11.85 -4.29 65.56
CA PRO C 367 10.70 -4.43 66.46
C PRO C 367 10.16 -5.84 66.45
N SER C 368 9.49 -6.20 67.54
CA SER C 368 8.98 -7.56 67.70
C SER C 368 7.84 -7.85 66.73
N ASN C 369 7.14 -6.81 66.26
CA ASN C 369 6.03 -6.99 65.33
C ASN C 369 6.48 -7.43 63.95
N SER C 370 7.79 -7.49 63.70
CA SER C 370 8.28 -7.93 62.40
C SER C 370 7.94 -9.39 62.12
N SER C 371 7.59 -10.16 63.15
CA SER C 371 7.17 -11.53 62.98
C SER C 371 6.17 -11.87 64.08
N ASP C 372 5.70 -13.12 64.06
CA ASP C 372 4.76 -13.63 65.06
C ASP C 372 5.47 -14.22 66.26
N ILE C 373 6.78 -14.05 66.37
CA ILE C 373 7.59 -14.69 67.41
C ILE C 373 8.15 -13.62 68.32
N THR C 374 8.00 -13.83 69.63
CA THR C 374 8.53 -12.92 70.64
C THR C 374 9.46 -13.69 71.57
N ILE C 375 10.49 -12.99 72.06
CA ILE C 375 11.48 -13.56 72.97
C ILE C 375 11.50 -12.71 74.22
N GLN C 376 11.32 -13.36 75.38
CA GLN C 376 11.34 -12.66 76.66
C GLN C 376 12.76 -12.61 77.21
N GLU C 377 13.00 -11.61 78.04
CA GLU C 377 14.33 -11.43 78.63
C GLU C 377 14.56 -12.45 79.75
N ILE C 378 15.83 -12.78 79.95
CA ILE C 378 16.23 -13.78 80.93
C ILE C 378 16.39 -13.09 82.28
N ASN C 379 15.82 -13.69 83.33
CA ASN C 379 15.90 -13.17 84.68
C ASN C 379 16.81 -14.00 85.57
N ASP C 380 16.62 -15.32 85.61
CA ASP C 380 17.44 -16.20 86.41
C ASP C 380 18.41 -16.95 85.49
N PHE C 381 19.71 -16.73 85.69
CA PHE C 381 20.70 -17.37 84.84
C PHE C 381 20.84 -18.85 85.17
N ALA C 382 20.76 -19.20 86.46
CA ALA C 382 20.91 -20.59 86.86
C ALA C 382 19.76 -21.44 86.33
N ASP C 383 18.53 -20.94 86.42
CA ASP C 383 17.39 -21.67 85.88
C ASP C 383 17.48 -21.78 84.36
N LEU C 384 18.02 -20.76 83.70
CA LEU C 384 18.19 -20.83 82.25
C LEU C 384 19.25 -21.86 81.88
N MET C 385 20.28 -22.01 82.71
CA MET C 385 21.32 -22.99 82.42
C MET C 385 20.84 -24.41 82.67
N GLU C 386 20.28 -24.67 83.84
CA GLU C 386 19.85 -26.03 84.17
C GLU C 386 18.62 -26.44 83.37
N GLY C 387 17.80 -25.47 82.96
CA GLY C 387 16.61 -25.77 82.21
C GLY C 387 16.80 -25.64 80.71
N SER C 388 15.84 -26.17 79.96
CA SER C 388 15.84 -26.10 78.51
C SER C 388 15.12 -24.87 77.99
N ASN C 389 14.67 -23.97 78.87
CA ASN C 389 14.06 -22.73 78.42
C ASN C 389 15.03 -21.90 77.60
N LEU C 390 16.32 -21.99 77.90
CA LEU C 390 17.34 -21.39 77.03
C LEU C 390 17.23 -21.94 75.63
N GLU C 391 17.12 -23.26 75.49
CA GLU C 391 16.97 -23.87 74.18
C GLU C 391 15.66 -23.45 73.53
N LEU C 392 14.59 -23.32 74.31
CA LEU C 392 13.33 -22.83 73.78
C LEU C 392 13.50 -21.44 73.17
N TYR C 393 14.09 -20.52 73.92
CA TYR C 393 14.31 -19.16 73.43
C TYR C 393 15.20 -19.17 72.19
N VAL C 394 16.26 -19.98 72.21
CA VAL C 394 17.20 -20.00 71.09
C VAL C 394 16.51 -20.48 69.83
N ASP C 395 15.80 -21.60 69.93
CA ASP C 395 15.10 -22.13 68.76
C ASP C 395 14.04 -21.17 68.27
N LYS C 396 13.34 -20.50 69.20
CA LYS C 396 12.29 -19.58 68.81
C LYS C 396 12.86 -18.38 68.05
N CYS C 397 13.91 -17.75 68.58
CA CYS C 397 14.48 -16.61 67.90
C CYS C 397 15.19 -17.01 66.61
N TYR C 398 15.74 -18.23 66.56
CA TYR C 398 16.36 -18.70 65.33
C TYR C 398 15.32 -18.90 64.24
N SER C 399 14.20 -19.52 64.57
CA SER C 399 13.12 -19.68 63.60
C SER C 399 12.56 -18.32 63.18
N ARG C 400 12.46 -17.39 64.12
CA ARG C 400 11.99 -16.04 63.79
C ARG C 400 12.93 -15.36 62.80
N ALA C 401 14.24 -15.41 63.08
CA ALA C 401 15.21 -14.78 62.20
C ALA C 401 15.21 -15.43 60.83
N ASN C 402 15.10 -16.76 60.78
CA ASN C 402 15.04 -17.45 59.50
C ASN C 402 13.80 -17.04 58.72
N GLU C 403 12.65 -16.96 59.39
CA GLU C 403 11.43 -16.52 58.73
C GLU C 403 11.59 -15.11 58.16
N ILE C 404 12.09 -14.18 58.98
CA ILE C 404 12.22 -12.80 58.53
C ILE C 404 13.21 -12.69 57.37
N PHE C 405 14.35 -13.38 57.47
CA PHE C 405 15.35 -13.32 56.43
C PHE C 405 14.85 -13.92 55.12
N LEU C 406 14.19 -15.08 55.20
CA LEU C 406 13.64 -15.70 54.00
C LEU C 406 12.57 -14.83 53.38
N LYS C 407 11.73 -14.20 54.19
CA LYS C 407 10.71 -13.31 53.65
C LYS C 407 11.34 -12.13 52.93
N LEU C 408 12.31 -11.47 53.58
CA LEU C 408 12.94 -10.30 52.99
C LEU C 408 13.72 -10.65 51.74
N PHE C 409 14.27 -11.86 51.65
CA PHE C 409 15.05 -12.22 50.47
C PHE C 409 14.18 -12.77 49.34
N PHE C 410 13.03 -13.37 49.68
CA PHE C 410 12.15 -13.91 48.66
C PHE C 410 11.23 -12.84 48.10
N GLN C 411 10.93 -11.81 48.87
CA GLN C 411 10.07 -10.73 48.43
C GLN C 411 10.82 -9.43 48.18
N GLY C 412 11.74 -9.05 49.06
CA GLY C 412 12.52 -7.85 48.82
C GLY C 412 13.53 -8.01 47.71
N TYR C 413 14.05 -9.23 47.54
CA TYR C 413 15.06 -9.48 46.52
C TYR C 413 14.63 -10.49 45.46
N ASP C 414 13.57 -11.25 45.70
CA ASP C 414 13.02 -12.20 44.73
C ASP C 414 14.10 -13.19 44.28
N LEU C 415 14.54 -14.00 45.24
CA LEU C 415 15.63 -14.94 45.03
C LEU C 415 15.36 -15.87 43.85
N ILE C 416 14.09 -16.13 43.54
CA ILE C 416 13.76 -17.06 42.45
C ILE C 416 14.24 -16.51 41.12
N ASN C 417 14.04 -15.21 40.88
CA ASN C 417 14.50 -14.62 39.63
C ASN C 417 16.01 -14.64 39.55
N VAL C 418 16.70 -14.42 40.67
CA VAL C 418 18.15 -14.42 40.66
C VAL C 418 18.69 -15.81 40.37
N LEU C 419 18.11 -16.84 40.99
CA LEU C 419 18.57 -18.20 40.72
C LEU C 419 18.25 -18.61 39.29
N LYS C 420 17.10 -18.17 38.76
CA LYS C 420 16.80 -18.42 37.36
C LYS C 420 17.83 -17.76 36.45
N HIS C 421 18.21 -16.53 36.76
CA HIS C 421 19.21 -15.84 35.95
C HIS C 421 20.56 -16.56 35.99
N LEU C 422 20.98 -16.98 37.18
CA LEU C 422 22.28 -17.65 37.28
C LEU C 422 22.25 -19.02 36.61
N GLN C 423 21.11 -19.71 36.64
CA GLN C 423 20.99 -20.97 35.90
C GLN C 423 21.05 -20.71 34.40
N GLN C 424 20.43 -19.62 33.94
CA GLN C 424 20.53 -19.27 32.53
C GLN C 424 21.97 -18.94 32.14
N ILE C 425 22.71 -18.29 33.03
CA ILE C 425 24.05 -17.82 32.69
C ILE C 425 25.06 -18.96 32.75
N PHE C 426 25.25 -19.54 33.93
CA PHE C 426 26.32 -20.50 34.15
C PHE C 426 25.92 -21.93 33.79
N LEU C 427 24.63 -22.24 33.76
CA LEU C 427 24.17 -23.59 33.44
C LEU C 427 23.53 -23.70 32.07
N GLY C 428 23.31 -22.59 31.37
CA GLY C 428 22.66 -22.63 30.09
C GLY C 428 21.22 -23.10 30.13
N TYR C 429 20.61 -23.10 31.31
CA TYR C 429 19.25 -23.59 31.47
C TYR C 429 18.28 -22.64 30.77
N GLN C 430 17.64 -23.13 29.71
CA GLN C 430 16.69 -22.34 28.92
C GLN C 430 17.33 -21.07 28.36
N SER C 431 18.65 -21.10 28.15
CA SER C 431 19.38 -19.95 27.63
C SER C 431 20.41 -20.37 26.59
N GLY C 432 20.21 -21.52 25.95
CA GLY C 432 21.13 -21.95 24.92
C GLY C 432 21.19 -21.01 23.74
N HIS C 433 20.11 -20.25 23.52
CA HIS C 433 20.06 -19.32 22.40
C HIS C 433 21.10 -18.21 22.55
N ASN C 434 21.19 -17.61 23.73
CA ASN C 434 22.11 -16.49 23.93
C ASN C 434 23.56 -16.92 23.79
N VAL C 435 23.93 -18.02 24.45
CA VAL C 435 25.31 -18.51 24.38
C VAL C 435 25.63 -18.99 22.96
N LEU C 436 24.66 -19.59 22.29
CA LEU C 436 24.89 -20.02 20.91
C LEU C 436 25.12 -18.82 19.99
N LYS C 437 24.35 -17.74 20.20
CA LYS C 437 24.56 -16.52 19.43
C LYS C 437 25.94 -15.94 19.70
N PHE C 438 26.33 -15.91 20.97
CA PHE C 438 27.65 -15.36 21.32
C PHE C 438 28.77 -16.19 20.71
N LEU C 439 28.59 -17.51 20.64
CA LEU C 439 29.61 -18.37 20.04
C LEU C 439 29.65 -18.19 18.53
N THR C 440 28.50 -18.09 17.89
CA THR C 440 28.47 -17.93 16.44
C THR C 440 29.02 -16.57 16.03
N LYS C 441 28.85 -15.55 16.86
CA LYS C 441 29.34 -14.23 16.51
C LYS C 441 30.86 -14.16 16.56
N ASN C 442 31.51 -15.00 17.37
CA ASN C 442 32.92 -14.83 17.64
C ASN C 442 33.69 -16.16 17.59
N MET C 443 33.20 -17.11 16.79
CA MET C 443 33.98 -18.33 16.55
C MET C 443 35.42 -18.01 16.13
N GLY C 444 35.57 -17.11 15.15
CA GLY C 444 36.89 -16.74 14.70
C GLY C 444 37.72 -16.09 15.80
N GLU C 445 37.09 -15.26 16.62
CA GLU C 445 37.81 -14.62 17.71
C GLU C 445 38.30 -15.64 18.73
N LEU C 446 37.44 -16.61 19.07
CA LEU C 446 37.85 -17.65 20.00
C LEU C 446 38.99 -18.49 19.45
N THR C 447 38.90 -18.90 18.18
CA THR C 447 39.97 -19.73 17.64
C THR C 447 41.27 -18.95 17.49
N LYS C 448 41.20 -17.66 17.16
CA LYS C 448 42.41 -16.84 17.05
C LYS C 448 43.00 -16.48 18.41
N HIS C 449 42.18 -16.48 19.47
CA HIS C 449 42.71 -16.27 20.81
C HIS C 449 43.23 -17.55 21.44
N TYR C 450 42.74 -18.71 21.00
CA TYR C 450 43.23 -19.98 21.51
C TYR C 450 44.42 -20.52 20.73
N ARG C 451 44.64 -20.05 19.50
CA ARG C 451 45.84 -20.43 18.76
C ARG C 451 47.01 -19.49 19.00
N ASN C 452 46.75 -18.25 19.43
CA ASN C 452 47.80 -17.29 19.72
C ASN C 452 48.24 -17.42 21.17
N ASP C 453 49.03 -16.46 21.64
CA ASP C 453 49.52 -16.44 23.01
C ASP C 453 48.69 -15.47 23.85
N ASN C 454 49.08 -15.32 25.11
CA ASN C 454 48.40 -14.38 26.00
C ASN C 454 48.71 -12.93 25.62
N ASN C 455 49.81 -12.68 24.90
CA ASN C 455 50.14 -11.33 24.48
C ASN C 455 49.22 -10.83 23.38
N ALA C 456 48.51 -11.73 22.70
CA ALA C 456 47.58 -11.32 21.67
C ALA C 456 46.43 -10.53 22.26
N ASN C 457 46.06 -9.43 21.61
CA ASN C 457 45.02 -8.55 22.12
C ASN C 457 43.65 -9.21 21.94
N TYR C 458 42.89 -9.27 23.03
CA TYR C 458 41.52 -9.79 23.00
C TYR C 458 40.51 -8.70 23.31
N ASP C 459 40.90 -7.42 23.14
CA ASP C 459 40.00 -6.32 23.47
C ASP C 459 38.79 -6.26 22.54
N LYS C 460 38.90 -6.79 21.32
CA LYS C 460 37.74 -6.85 20.44
C LYS C 460 36.66 -7.76 21.02
N LEU C 461 37.08 -8.92 21.56
CA LEU C 461 36.12 -9.81 22.19
C LEU C 461 35.48 -9.17 23.41
N LEU C 462 36.28 -8.43 24.20
CA LEU C 462 35.72 -7.74 25.36
C LEU C 462 34.73 -6.66 24.94
N GLN C 463 35.03 -5.95 23.86
CA GLN C 463 34.09 -4.94 23.36
C GLN C 463 32.80 -5.58 22.87
N ASN C 464 32.90 -6.72 22.17
CA ASN C 464 31.70 -7.43 21.76
C ASN C 464 30.90 -7.90 22.96
N PHE C 465 31.58 -8.38 24.00
CA PHE C 465 30.89 -8.86 25.19
C PHE C 465 30.16 -7.72 25.89
N GLU C 466 30.83 -6.58 26.07
CA GLU C 466 30.17 -5.47 26.74
C GLU C 466 29.05 -4.90 25.89
N LEU C 467 29.18 -4.95 24.56
CA LEU C 467 28.07 -4.52 23.71
C LEU C 467 26.87 -5.45 23.87
N GLU C 468 27.11 -6.76 23.89
CA GLU C 468 26.02 -7.70 24.11
C GLU C 468 25.38 -7.51 25.47
N ARG C 469 26.19 -7.20 26.48
CA ARG C 469 25.67 -6.95 27.82
C ARG C 469 24.84 -5.67 27.86
N GLN C 470 25.25 -4.65 27.09
CA GLN C 470 24.47 -3.43 27.01
C GLN C 470 23.14 -3.68 26.31
N SER C 471 23.15 -4.51 25.27
CA SER C 471 21.90 -4.87 24.61
C SER C 471 21.02 -5.76 25.48
N GLU C 472 21.57 -6.33 26.56
CA GLU C 472 20.79 -7.11 27.50
C GLU C 472 19.89 -6.19 28.33
N ASN C 473 18.75 -6.73 28.74
CA ASN C 473 17.81 -5.95 29.53
C ASN C 473 18.46 -5.51 30.84
N PRO C 474 18.28 -4.25 31.25
CA PRO C 474 18.94 -3.78 32.48
C PRO C 474 18.42 -4.43 33.75
N ASN C 475 17.24 -5.05 33.72
CA ASN C 475 16.70 -5.65 34.93
C ASN C 475 17.47 -6.89 35.34
N ASN C 476 17.99 -7.66 34.37
CA ASN C 476 18.75 -8.87 34.67
C ASN C 476 20.12 -8.46 35.18
N LEU C 477 20.16 -8.10 36.47
CA LEU C 477 21.41 -7.69 37.08
C LEU C 477 22.48 -8.77 36.98
N MET C 478 22.09 -10.04 37.07
CA MET C 478 23.06 -11.12 36.93
C MET C 478 23.73 -11.08 35.56
N ARG C 479 22.98 -10.69 34.53
CA ARG C 479 23.57 -10.49 33.21
C ARG C 479 24.11 -9.08 33.04
N GLN C 480 23.58 -8.11 33.77
CA GLN C 480 24.12 -6.75 33.71
C GLN C 480 25.45 -6.64 34.43
N LEU C 481 25.64 -7.41 35.49
CA LEU C 481 26.90 -7.44 36.22
C LEU C 481 27.84 -8.53 35.71
N LEU C 482 27.47 -9.23 34.65
CA LEU C 482 28.32 -10.28 34.10
C LEU C 482 29.63 -9.69 33.58
N MET C 483 30.75 -10.27 33.99
CA MET C 483 32.06 -9.80 33.57
C MET C 483 32.87 -10.98 33.04
N ILE C 484 33.62 -10.71 31.98
CA ILE C 484 34.42 -11.71 31.28
C ILE C 484 35.89 -11.51 31.64
N GLN C 485 36.66 -12.58 31.60
CA GLN C 485 38.08 -12.50 31.89
C GLN C 485 38.79 -13.66 31.22
N PHE C 486 40.09 -13.46 31.01
CA PHE C 486 40.96 -14.48 30.41
C PHE C 486 41.85 -15.07 31.49
N ASP C 487 41.96 -16.39 31.48
CA ASP C 487 42.79 -17.11 32.44
C ASP C 487 44.13 -17.46 31.82
N THR C 488 45.10 -17.74 32.68
CA THR C 488 46.41 -18.20 32.23
C THR C 488 46.49 -19.72 32.12
N GLU C 489 45.51 -20.45 32.66
CA GLU C 489 45.51 -21.90 32.66
C GLU C 489 44.30 -22.40 31.88
N THR C 490 44.43 -23.62 31.36
CA THR C 490 43.31 -24.26 30.67
C THR C 490 42.34 -24.86 31.68
N LEU C 491 41.19 -25.31 31.17
CA LEU C 491 40.21 -25.95 32.03
C LEU C 491 40.72 -27.25 32.64
N PRO C 492 41.33 -28.19 31.88
CA PRO C 492 41.91 -29.36 32.54
C PRO C 492 43.02 -28.99 33.51
N GLN C 493 43.70 -27.87 33.30
CA GLN C 493 44.74 -27.44 34.24
C GLN C 493 44.15 -27.09 35.60
N VAL C 494 43.09 -26.29 35.61
CA VAL C 494 42.47 -25.94 36.89
C VAL C 494 41.75 -27.15 37.48
N LEU C 495 41.29 -28.07 36.63
CA LEU C 495 40.69 -29.30 37.16
C LEU C 495 41.74 -30.15 37.86
N SER C 496 42.95 -30.22 37.31
CA SER C 496 44.04 -30.89 37.98
C SER C 496 44.46 -30.14 39.24
N HIS C 497 44.33 -28.82 39.23
CA HIS C 497 44.64 -28.03 40.42
C HIS C 497 43.68 -28.36 41.56
N TYR C 498 42.37 -28.39 41.28
CA TYR C 498 41.39 -28.63 42.33
C TYR C 498 41.16 -30.11 42.60
N LEU C 499 41.24 -30.96 41.59
CA LEU C 499 41.04 -32.40 41.74
C LEU C 499 42.28 -33.14 41.28
N GLN C 500 42.56 -34.27 41.93
CA GLN C 500 43.77 -35.02 41.64
C GLN C 500 43.62 -35.77 40.31
N ILE C 501 43.93 -35.09 39.21
CA ILE C 501 43.84 -35.66 37.87
C ILE C 501 44.98 -35.10 37.03
N TYR C 502 45.19 -35.73 35.87
CA TYR C 502 46.24 -35.32 34.95
C TYR C 502 45.61 -34.85 33.64
N PRO C 503 45.94 -33.65 33.15
CA PRO C 503 45.41 -33.13 31.89
C PRO C 503 46.06 -33.79 30.67
N ALA C 556 47.06 -24.83 25.43
CA ALA C 556 46.78 -23.42 25.63
C ALA C 556 45.42 -23.05 25.02
N ILE C 557 44.39 -23.80 25.39
CA ILE C 557 43.04 -23.61 24.87
C ILE C 557 42.09 -23.40 26.02
N TYR C 558 40.99 -22.68 25.74
CA TYR C 558 39.93 -22.43 26.72
C TYR C 558 40.47 -21.71 27.95
N HIS C 559 40.97 -20.50 27.73
CA HIS C 559 41.45 -19.64 28.78
C HIS C 559 40.42 -18.60 29.22
N LEU C 560 39.20 -18.70 28.73
CA LEU C 560 38.16 -17.72 29.02
C LEU C 560 37.31 -18.18 30.20
N LYS C 561 36.74 -17.20 30.91
CA LYS C 561 35.81 -17.49 31.99
C LYS C 561 35.00 -16.24 32.28
N PHE C 562 33.94 -16.42 33.07
CA PHE C 562 33.06 -15.33 33.46
C PHE C 562 32.87 -15.39 34.97
N ASP C 563 32.70 -14.21 35.58
CA ASP C 563 32.57 -14.12 37.02
C ASP C 563 31.56 -13.06 37.40
N ILE C 564 31.05 -13.16 38.63
CA ILE C 564 30.10 -12.22 39.19
C ILE C 564 30.60 -11.80 40.57
N ASN C 565 30.55 -10.50 40.85
CA ASN C 565 30.90 -9.98 42.17
C ASN C 565 29.63 -9.86 42.98
N ILE C 566 29.35 -10.89 43.79
CA ILE C 566 28.13 -10.95 44.57
C ILE C 566 28.16 -9.85 45.63
N PRO C 567 27.17 -8.98 45.67
CA PRO C 567 27.20 -7.86 46.63
C PRO C 567 26.56 -8.24 47.96
N TYR C 568 26.60 -7.30 48.88
CA TYR C 568 25.94 -7.44 50.16
C TYR C 568 24.46 -7.05 50.03
N PRO C 569 23.55 -7.79 50.67
CA PRO C 569 23.82 -8.97 51.48
C PRO C 569 23.71 -10.29 50.71
N LEU C 570 23.70 -10.23 49.39
CA LEU C 570 23.59 -11.44 48.60
C LEU C 570 24.87 -12.28 48.67
N ASN C 571 26.00 -11.66 48.99
CA ASN C 571 27.26 -12.39 49.04
C ASN C 571 27.34 -13.36 50.22
N ILE C 572 26.52 -13.17 51.26
CA ILE C 572 26.58 -14.06 52.40
C ILE C 572 25.96 -15.42 52.09
N ILE C 573 25.09 -15.50 51.08
CA ILE C 573 24.53 -16.76 50.64
C ILE C 573 25.24 -17.28 49.41
N ILE C 574 25.44 -16.43 48.41
CA ILE C 574 26.17 -16.79 47.19
C ILE C 574 27.63 -16.54 47.48
N SER C 575 28.30 -17.57 48.01
CA SER C 575 29.70 -17.47 48.40
C SER C 575 30.59 -17.54 47.17
N ARG C 576 31.90 -17.64 47.39
CA ARG C 576 32.85 -17.72 46.28
C ARG C 576 33.11 -19.15 45.82
N THR C 577 32.90 -20.13 46.69
CA THR C 577 33.06 -21.53 46.29
C THR C 577 32.03 -21.92 45.24
N CYS C 578 30.77 -21.56 45.47
CA CYS C 578 29.74 -21.80 44.46
C CYS C 578 30.03 -21.01 43.19
N MET C 579 30.61 -19.83 43.31
CA MET C 579 31.00 -19.06 42.13
C MET C 579 32.07 -19.77 41.32
N ILE C 580 33.05 -20.37 42.00
CA ILE C 580 34.09 -21.11 41.30
C ILE C 580 33.50 -22.36 40.63
N LYS C 581 32.59 -23.04 41.33
CA LYS C 581 31.89 -24.16 40.72
C LYS C 581 31.15 -23.72 39.47
N TYR C 582 30.48 -22.56 39.54
CA TYR C 582 29.75 -22.03 38.39
C TYR C 582 30.71 -21.74 37.24
N GLN C 583 31.86 -21.13 37.54
CA GLN C 583 32.82 -20.84 36.49
C GLN C 583 33.33 -22.12 35.83
N ILE C 584 33.61 -23.15 36.62
CA ILE C 584 34.09 -24.41 36.07
C ILE C 584 33.02 -25.03 35.17
N ILE C 585 31.79 -25.10 35.68
CA ILE C 585 30.71 -25.70 34.89
C ILE C 585 30.45 -24.89 33.63
N LEU C 586 30.57 -23.57 33.72
CA LEU C 586 30.34 -22.72 32.56
C LEU C 586 31.41 -22.92 31.50
N ARG C 587 32.68 -22.99 31.92
CA ARG C 587 33.74 -23.26 30.96
C ARG C 587 33.58 -24.64 30.32
N TYR C 588 33.14 -25.61 31.11
CA TYR C 588 32.91 -26.95 30.56
C TYR C 588 31.79 -26.94 29.52
N GLN C 589 30.66 -26.32 29.86
CA GLN C 589 29.55 -26.21 28.92
C GLN C 589 29.94 -25.40 27.69
N LEU C 590 30.83 -24.40 27.86
CA LEU C 590 31.32 -23.64 26.73
C LEU C 590 32.14 -24.52 25.79
N VAL C 591 33.02 -25.35 26.37
CA VAL C 591 33.78 -26.31 25.56
C VAL C 591 32.82 -27.20 24.76
N LEU C 592 31.84 -27.77 25.46
CA LEU C 592 30.91 -28.68 24.81
C LEU C 592 30.13 -27.99 23.69
N GLN C 593 29.62 -26.79 23.97
CA GLN C 593 28.82 -26.08 22.98
C GLN C 593 29.66 -25.63 21.80
N TYR C 594 30.92 -25.24 22.05
CA TYR C 594 31.80 -24.87 20.94
C TYR C 594 32.11 -26.08 20.07
N HIS C 595 32.29 -27.25 20.67
CA HIS C 595 32.53 -28.45 19.87
C HIS C 595 31.29 -28.82 19.06
N SER C 596 30.11 -28.73 19.66
CA SER C 596 28.89 -28.99 18.90
C SER C 596 28.72 -27.98 17.78
N ARG C 597 29.09 -26.72 18.02
CA ARG C 597 29.02 -25.70 16.99
C ARG C 597 29.99 -25.99 15.86
N LEU C 598 31.19 -26.48 16.19
CA LEU C 598 32.14 -26.86 15.16
C LEU C 598 31.60 -28.01 14.32
N LEU C 599 30.95 -28.99 14.97
CA LEU C 599 30.34 -30.09 14.23
C LEU C 599 29.23 -29.58 13.31
N ASP C 600 28.39 -28.67 13.82
CA ASP C 600 27.33 -28.11 12.99
C ASP C 600 27.88 -27.34 11.81
N GLU C 601 28.95 -26.57 12.03
CA GLU C 601 29.58 -25.83 10.94
C GLU C 601 30.18 -26.77 9.91
N THR C 602 30.77 -27.88 10.37
CA THR C 602 31.31 -28.87 9.45
C THR C 602 30.20 -29.48 8.59
N TRP C 603 29.08 -29.85 9.23
CA TRP C 603 27.96 -30.40 8.47
C TRP C 603 27.41 -29.39 7.49
N MET C 604 27.37 -28.11 7.89
CA MET C 604 26.89 -27.07 6.98
C MET C 604 27.80 -26.92 5.77
N ASP C 605 29.11 -26.87 6.01
CA ASP C 605 30.06 -26.78 4.90
C ASP C 605 29.98 -28.00 4.00
N LEU C 606 29.68 -29.17 4.56
CA LEU C 606 29.59 -30.38 3.76
C LEU C 606 28.31 -30.42 2.92
N ASN C 607 27.19 -29.99 3.50
CA ASN C 607 25.88 -30.10 2.86
C ASN C 607 25.50 -28.87 2.04
N LYS C 608 26.27 -27.80 2.11
CA LYS C 608 25.95 -26.57 1.39
C LYS C 608 26.92 -26.24 0.27
N THR C 609 28.21 -26.54 0.45
CA THR C 609 29.17 -26.28 -0.60
C THR C 609 28.88 -27.18 -1.80
N PRO C 610 28.89 -26.65 -3.02
CA PRO C 610 28.59 -27.49 -4.18
C PRO C 610 29.66 -28.52 -4.49
N SER C 611 30.92 -28.21 -4.21
CA SER C 611 31.99 -29.14 -4.52
C SER C 611 31.86 -30.43 -3.73
N TRP C 612 31.42 -30.33 -2.47
CA TRP C 612 31.27 -31.53 -1.65
C TRP C 612 30.16 -32.42 -2.17
N LYS C 613 29.04 -31.84 -2.58
CA LYS C 613 27.93 -32.64 -3.10
C LYS C 613 28.18 -33.03 -4.55
N TYR C 614 29.03 -32.29 -5.27
CA TYR C 614 29.32 -32.61 -6.66
C TYR C 614 30.12 -33.90 -6.76
N ARG C 615 29.88 -34.65 -7.83
CA ARG C 615 30.59 -35.89 -8.12
C ARG C 615 30.79 -36.03 -9.62
N GLY C 616 31.81 -36.80 -9.99
CA GLY C 616 32.07 -37.05 -11.39
C GLY C 616 33.42 -37.70 -11.59
N TYR C 617 33.89 -37.66 -12.84
CA TYR C 617 35.19 -38.17 -13.27
C TYR C 617 35.49 -39.55 -12.71
N SER C 618 34.56 -40.48 -12.93
CA SER C 618 34.68 -41.86 -12.44
C SER C 618 35.07 -41.87 -10.96
N HIS C 619 34.16 -41.37 -10.13
CA HIS C 619 34.51 -40.75 -8.85
C HIS C 619 35.54 -41.54 -8.02
N THR C 620 35.15 -42.70 -7.51
CA THR C 620 36.02 -43.56 -6.71
C THR C 620 36.41 -42.84 -5.42
N VAL C 621 36.03 -41.57 -5.31
CA VAL C 621 36.43 -40.68 -4.23
C VAL C 621 35.23 -40.41 -3.34
N LYS C 622 34.10 -40.08 -3.96
CA LYS C 622 32.88 -39.83 -3.19
C LYS C 622 32.57 -40.98 -2.25
N ARG C 623 32.51 -42.20 -2.78
CA ARG C 623 32.23 -43.36 -1.97
C ARG C 623 33.36 -43.67 -0.98
N ARG C 624 34.59 -43.29 -1.32
CA ARG C 624 35.76 -43.62 -0.49
C ARG C 624 36.20 -42.48 0.41
N ILE C 625 36.24 -41.25 -0.10
CA ILE C 625 36.68 -40.11 0.69
C ILE C 625 35.49 -39.37 1.30
N VAL C 626 34.52 -38.99 0.49
CA VAL C 626 33.42 -38.16 0.97
C VAL C 626 32.49 -38.97 1.87
N ARG C 627 32.07 -40.15 1.40
CA ARG C 627 31.16 -40.97 2.20
C ARG C 627 31.79 -41.37 3.52
N ALA C 628 33.09 -41.69 3.52
CA ALA C 628 33.77 -42.11 4.73
C ALA C 628 33.80 -40.97 5.76
N THR C 629 34.20 -39.77 5.34
CA THR C 629 34.25 -38.66 6.28
C THR C 629 32.86 -38.24 6.72
N ARG C 630 31.85 -38.41 5.86
CA ARG C 630 30.49 -38.12 6.26
C ARG C 630 30.02 -39.10 7.35
N VAL C 631 30.33 -40.38 7.17
CA VAL C 631 30.00 -41.38 8.19
C VAL C 631 30.75 -41.08 9.48
N LEU C 632 31.99 -40.62 9.37
CA LEU C 632 32.78 -40.29 10.55
C LEU C 632 32.19 -39.10 11.29
N HIS C 633 31.78 -38.08 10.55
CA HIS C 633 31.10 -36.94 11.17
C HIS C 633 29.80 -37.36 11.81
N ALA C 634 29.09 -38.32 11.18
CA ALA C 634 27.88 -38.86 11.78
C ALA C 634 28.19 -39.56 13.10
N LYS C 635 29.29 -40.31 13.15
CA LYS C 635 29.70 -40.97 14.39
C LYS C 635 30.00 -39.95 15.47
N MET C 636 30.77 -38.92 15.12
CA MET C 636 31.10 -37.87 16.09
C MET C 636 29.85 -37.17 16.58
N ASN C 637 28.88 -36.96 15.69
CA ASN C 637 27.61 -36.34 16.10
C ASN C 637 26.81 -37.26 17.01
N HIS C 638 26.78 -38.55 16.71
CA HIS C 638 26.07 -39.52 17.54
C HIS C 638 26.75 -39.73 18.87
N PHE C 639 28.03 -39.34 18.99
CA PHE C 639 28.70 -39.41 20.29
C PHE C 639 28.49 -38.12 21.09
N ILE C 640 28.89 -36.98 20.52
CA ILE C 640 28.86 -35.72 21.24
C ILE C 640 27.43 -35.35 21.62
N LYS C 641 26.51 -35.40 20.66
CA LYS C 641 25.13 -35.02 20.94
C LYS C 641 24.48 -35.98 21.93
N THR C 642 24.79 -37.27 21.82
CA THR C 642 24.24 -38.24 22.75
C THR C 642 24.69 -37.96 24.18
N ILE C 643 25.99 -37.75 24.38
CA ILE C 643 26.49 -37.51 25.73
C ILE C 643 25.99 -36.17 26.24
N MET C 644 25.82 -35.19 25.36
CA MET C 644 25.28 -33.90 25.77
C MET C 644 23.85 -34.03 26.25
N GLU C 645 23.00 -34.72 25.47
CA GLU C 645 21.63 -34.95 25.88
C GLU C 645 21.55 -35.75 27.17
N TYR C 646 22.44 -36.72 27.34
CA TYR C 646 22.45 -37.52 28.56
C TYR C 646 22.78 -36.65 29.77
N PHE C 647 23.85 -35.86 29.67
CA PHE C 647 24.26 -35.04 30.80
C PHE C 647 23.25 -33.93 31.09
N ASN C 648 22.59 -33.40 30.06
CA ASN C 648 21.66 -32.30 30.27
C ASN C 648 20.30 -32.77 30.79
N GLN C 649 19.98 -34.06 30.63
CA GLN C 649 18.71 -34.60 31.06
C GLN C 649 18.81 -35.35 32.39
N ASN C 650 19.78 -36.25 32.51
CA ASN C 650 19.93 -37.03 33.73
C ASN C 650 20.69 -36.32 34.82
N VAL C 651 21.36 -35.21 34.50
CA VAL C 651 22.13 -34.47 35.49
C VAL C 651 21.61 -33.04 35.58
N ILE C 652 21.69 -32.31 34.47
CA ILE C 652 21.31 -30.90 34.48
C ILE C 652 19.82 -30.76 34.75
N ASP C 653 18.98 -31.51 34.02
CA ASP C 653 17.53 -31.38 34.18
C ASP C 653 17.09 -31.79 35.58
N LYS C 654 17.63 -32.90 36.08
CA LYS C 654 17.23 -33.37 37.41
C LYS C 654 17.66 -32.40 38.50
N GLU C 655 18.87 -31.87 38.40
CA GLU C 655 19.33 -30.91 39.39
C GLU C 655 18.52 -29.61 39.31
N VAL C 656 18.17 -29.17 38.10
CA VAL C 656 17.34 -27.99 37.95
C VAL C 656 15.97 -28.22 38.56
N TYR C 657 15.39 -29.40 38.34
CA TYR C 657 14.08 -29.70 38.92
C TYR C 657 14.14 -29.75 40.43
N SER C 658 15.20 -30.33 41.00
CA SER C 658 15.34 -30.35 42.45
C SER C 658 15.51 -28.94 43.00
N LEU C 659 16.32 -28.12 42.34
CA LEU C 659 16.49 -26.74 42.77
C LEU C 659 15.19 -25.95 42.66
N GLU C 660 14.34 -26.29 41.70
CA GLU C 660 13.04 -25.64 41.61
C GLU C 660 12.11 -26.10 42.73
N LYS C 661 12.11 -27.40 43.03
CA LYS C 661 11.16 -27.92 44.00
C LYS C 661 11.59 -27.71 45.44
N CYS C 662 12.86 -27.35 45.69
CA CYS C 662 13.31 -27.22 47.08
C CYS C 662 12.89 -25.88 47.69
N TYR C 663 12.97 -24.79 46.92
CA TYR C 663 12.66 -23.49 47.50
C TYR C 663 11.16 -23.30 47.77
N ARG C 664 10.34 -24.30 47.50
CA ARG C 664 8.91 -24.22 47.79
C ARG C 664 8.71 -24.22 49.29
N ASN C 665 8.34 -23.06 49.85
CA ASN C 665 8.18 -22.86 51.29
C ASN C 665 9.47 -23.24 52.02
N PRO C 666 10.52 -22.44 51.89
CA PRO C 666 11.80 -22.81 52.51
C PRO C 666 11.78 -22.62 54.01
N THR C 667 12.74 -23.25 54.67
CA THR C 667 12.89 -23.18 56.12
C THR C 667 14.16 -22.45 56.55
N LEU C 668 15.31 -22.84 56.00
CA LEU C 668 16.58 -22.22 56.35
C LEU C 668 17.32 -21.86 55.06
N ALA C 669 17.74 -20.60 54.96
CA ALA C 669 18.52 -20.18 53.80
C ALA C 669 19.86 -20.92 53.74
N VAL C 670 20.45 -21.19 54.90
CA VAL C 670 21.66 -22.00 54.94
C VAL C 670 21.37 -23.40 54.40
N ALA C 671 20.18 -23.93 54.69
CA ALA C 671 19.79 -25.22 54.12
C ALA C 671 19.66 -25.14 52.61
N ILE C 672 19.13 -24.02 52.11
CA ILE C 672 19.02 -23.84 50.66
C ILE C 672 20.40 -23.83 50.02
N GLN C 673 21.33 -23.08 50.61
CA GLN C 673 22.68 -23.03 50.07
C GLN C 673 23.36 -24.39 50.16
N ASN C 674 23.10 -25.14 51.24
CA ASN C 674 23.67 -26.47 51.36
C ASN C 674 23.12 -27.42 50.30
N GLU C 675 21.82 -27.33 50.01
CA GLU C 675 21.25 -28.14 48.94
C GLU C 675 21.84 -27.76 47.60
N LEU C 676 22.05 -26.45 47.37
CA LEU C 676 22.65 -25.99 46.13
C LEU C 676 24.06 -26.54 45.95
N GLU C 677 24.88 -26.44 47.00
CA GLU C 677 26.24 -26.95 46.92
C GLU C 677 26.25 -28.47 46.82
N GLY C 678 25.30 -29.16 47.44
CA GLY C 678 25.22 -30.60 47.29
C GLY C 678 24.86 -31.01 45.87
N GLY C 679 23.96 -30.27 45.23
CA GLY C 679 23.68 -30.52 43.82
C GLY C 679 24.89 -30.25 42.95
N LEU C 680 25.62 -29.16 43.23
CA LEU C 680 26.85 -28.89 42.50
C LEU C 680 27.85 -30.03 42.68
N THR C 681 27.94 -30.58 43.89
CA THR C 681 28.84 -31.70 44.14
C THR C 681 28.41 -32.95 43.38
N ASN C 682 27.11 -33.26 43.41
CA ASN C 682 26.60 -34.40 42.64
C ASN C 682 26.91 -34.22 41.15
N ILE C 683 26.85 -32.98 40.66
CA ILE C 683 27.28 -32.70 39.29
C ILE C 683 28.76 -33.01 39.13
N MET C 684 29.58 -32.61 40.11
CA MET C 684 31.01 -32.83 40.02
C MET C 684 31.37 -34.29 40.28
N THR C 685 30.74 -34.90 41.29
CA THR C 685 31.04 -36.28 41.66
C THR C 685 30.41 -37.30 40.73
N ASN C 686 29.91 -36.88 39.58
CA ASN C 686 29.35 -37.84 38.63
C ASN C 686 30.48 -38.64 37.98
N ARG C 687 30.38 -39.97 38.06
CA ARG C 687 31.43 -40.82 37.52
C ARG C 687 31.55 -40.67 36.02
N CYS C 688 30.45 -40.37 35.33
CA CYS C 688 30.50 -40.22 33.88
C CYS C 688 31.40 -39.06 33.47
N LEU C 689 31.27 -37.92 34.14
CA LEU C 689 32.11 -36.76 33.80
C LEU C 689 33.57 -37.04 34.06
N SER C 690 33.87 -37.70 35.19
CA SER C 690 35.26 -38.00 35.52
C SER C 690 35.85 -39.00 34.54
N ASP C 691 35.04 -39.96 34.08
CA ASP C 691 35.52 -40.91 33.09
C ASP C 691 35.63 -40.28 31.71
N LEU C 692 34.86 -39.23 31.46
CA LEU C 692 34.86 -38.58 30.16
C LEU C 692 36.02 -37.61 29.99
N ILE C 693 36.36 -36.86 31.06
CA ILE C 693 37.37 -35.81 30.95
C ILE C 693 38.64 -36.29 30.27
N PRO C 694 39.29 -37.38 30.68
CA PRO C 694 40.50 -37.81 29.96
C PRO C 694 40.21 -38.24 28.53
N LEU C 695 39.10 -38.95 28.31
CA LEU C 695 38.74 -39.33 26.95
C LEU C 695 38.25 -38.14 26.14
N GLN C 696 37.65 -37.14 26.79
CA GLN C 696 37.28 -35.92 26.09
C GLN C 696 38.51 -35.16 25.62
N LEU C 697 39.57 -35.15 26.43
CA LEU C 697 40.80 -34.47 26.04
C LEU C 697 41.40 -35.04 24.76
N GLN C 698 41.11 -36.29 24.44
CA GLN C 698 41.57 -36.92 23.21
C GLN C 698 40.54 -36.83 22.09
N ILE C 699 39.25 -36.93 22.43
CA ILE C 699 38.19 -36.79 21.44
C ILE C 699 38.23 -35.40 20.82
N PHE C 700 38.57 -34.39 21.62
CA PHE C 700 38.61 -33.02 21.08
C PHE C 700 39.78 -32.84 20.13
N ASP C 701 40.92 -33.47 20.43
CA ASP C 701 42.04 -33.43 19.49
C ASP C 701 41.70 -34.17 18.21
N ILE C 702 40.99 -35.30 18.33
CA ILE C 702 40.52 -36.02 17.15
C ILE C 702 39.59 -35.13 16.33
N VAL C 703 38.75 -34.36 17.01
CA VAL C 703 37.84 -33.44 16.32
C VAL C 703 38.61 -32.35 15.61
N TYR C 704 39.67 -31.84 16.23
CA TYR C 704 40.50 -30.84 15.57
C TYR C 704 41.17 -31.41 14.33
N LYS C 705 41.70 -32.63 14.44
CA LYS C 705 42.26 -33.29 13.25
C LYS C 705 41.21 -33.45 12.18
N PHE C 706 39.99 -33.85 12.56
CA PHE C 706 38.93 -34.06 11.59
C PHE C 706 38.57 -32.76 10.88
N CYS C 707 38.47 -31.65 11.62
CA CYS C 707 38.07 -30.40 10.99
C CYS C 707 39.18 -29.83 10.13
N LYS C 708 40.44 -29.97 10.53
CA LYS C 708 41.52 -29.52 9.65
C LYS C 708 41.59 -30.39 8.40
N PHE C 709 41.29 -31.69 8.52
CA PHE C 709 41.20 -32.54 7.34
C PHE C 709 40.05 -32.09 6.44
N ILE C 710 38.92 -31.71 7.04
CA ILE C 710 37.79 -31.22 6.28
C ILE C 710 38.17 -29.96 5.51
N LYS C 711 38.89 -29.05 6.17
CA LYS C 711 39.31 -27.81 5.50
C LYS C 711 40.27 -28.12 4.35
N SER C 712 41.23 -29.02 4.57
CA SER C 712 42.16 -29.38 3.51
C SER C 712 41.44 -30.02 2.33
N MET C 713 40.49 -30.91 2.60
CA MET C 713 39.77 -31.56 1.51
C MET C 713 38.87 -30.58 0.77
N ARG C 714 38.28 -29.62 1.50
CA ARG C 714 37.50 -28.58 0.85
C ARG C 714 38.38 -27.72 -0.05
N ALA C 715 39.60 -27.41 0.38
CA ALA C 715 40.52 -26.66 -0.45
C ALA C 715 40.97 -27.48 -1.67
N LYS C 716 41.07 -28.80 -1.51
CA LYS C 716 41.52 -29.65 -2.62
C LYS C 716 40.41 -29.99 -3.61
N LEU C 717 39.14 -29.89 -3.20
CA LEU C 717 38.04 -30.27 -4.07
C LEU C 717 38.00 -29.41 -5.33
N CYS C 718 38.14 -28.10 -5.19
CA CYS C 718 38.09 -27.22 -6.35
C CYS C 718 39.25 -27.45 -7.30
N GLN C 719 40.36 -27.98 -6.80
CA GLN C 719 41.52 -28.23 -7.64
C GLN C 719 41.44 -29.60 -8.31
N LEU C 720 40.84 -30.58 -7.65
CA LEU C 720 40.74 -31.93 -8.23
C LEU C 720 39.81 -31.99 -9.42
N ASP C 721 38.96 -30.99 -9.61
CA ASP C 721 38.03 -31.00 -10.73
C ASP C 721 38.79 -30.86 -12.04
N PRO C 722 38.58 -31.77 -13.01
CA PRO C 722 39.24 -31.72 -14.31
C PRO C 722 38.93 -30.44 -15.09
N GLN C 753 44.55 -35.52 -15.13
CA GLN C 753 45.52 -35.20 -16.17
C GLN C 753 46.94 -35.45 -15.67
N GLU C 754 47.08 -35.60 -14.36
CA GLU C 754 48.38 -35.78 -13.72
C GLU C 754 48.27 -36.88 -12.67
N ASP C 755 49.25 -37.78 -12.65
CA ASP C 755 49.27 -38.86 -11.67
C ASP C 755 49.67 -38.37 -10.28
N ALA C 756 50.34 -37.23 -10.18
CA ALA C 756 50.68 -36.68 -8.86
C ALA C 756 49.42 -36.34 -8.07
N ALA C 757 48.36 -35.92 -8.76
CA ALA C 757 47.08 -35.72 -8.08
C ALA C 757 46.56 -37.02 -7.50
N LEU C 758 46.69 -38.12 -8.25
CA LEU C 758 46.28 -39.42 -7.73
C LEU C 758 47.14 -39.85 -6.55
N GLU C 759 48.44 -39.53 -6.58
CA GLU C 759 49.29 -39.87 -5.44
C GLU C 759 48.92 -39.05 -4.21
N LEU C 760 48.57 -37.78 -4.40
CA LEU C 760 48.07 -36.97 -3.29
C LEU C 760 46.75 -37.53 -2.77
N ILE C 761 45.90 -38.04 -3.66
CA ILE C 761 44.65 -38.67 -3.23
C ILE C 761 44.95 -39.91 -2.41
N GLN C 762 45.97 -40.68 -2.80
CA GLN C 762 46.35 -41.85 -2.02
C GLN C 762 46.88 -41.44 -0.65
N LYS C 763 47.67 -40.37 -0.60
CA LYS C 763 48.12 -39.84 0.67
C LYS C 763 46.93 -39.46 1.55
N LEU C 764 45.93 -38.80 0.96
CA LEU C 764 44.77 -38.39 1.74
C LEU C 764 43.95 -39.59 2.21
N ILE C 765 43.82 -40.63 1.36
CA ILE C 765 43.01 -41.78 1.76
C ILE C 765 43.70 -42.56 2.86
N GLU C 766 45.03 -42.70 2.79
CA GLU C 766 45.72 -43.38 3.89
C GLU C 766 45.67 -42.54 5.16
N TYR C 767 45.78 -41.21 5.02
CA TYR C 767 45.64 -40.33 6.18
C TYR C 767 44.30 -40.52 6.86
N ILE C 768 43.22 -40.47 6.09
CA ILE C 768 41.89 -40.53 6.71
C ILE C 768 41.56 -41.93 7.19
N SER C 769 42.11 -42.97 6.56
CA SER C 769 41.92 -44.31 7.09
C SER C 769 42.64 -44.47 8.42
N ASN C 770 43.86 -43.94 8.54
CA ASN C 770 44.55 -43.95 9.82
C ASN C 770 43.80 -43.15 10.87
N ALA C 771 43.22 -42.01 10.47
CA ALA C 771 42.46 -41.20 11.41
C ALA C 771 41.22 -41.94 11.89
N SER C 772 40.51 -42.60 10.97
CA SER C 772 39.33 -43.39 11.36
C SER C 772 39.73 -44.54 12.28
N SER C 773 40.86 -45.19 12.00
CA SER C 773 41.33 -46.27 12.86
C SER C 773 41.66 -45.75 14.25
N ILE C 774 42.30 -44.58 14.32
CA ILE C 774 42.65 -43.99 15.62
C ILE C 774 41.39 -43.62 16.39
N PHE C 775 40.40 -43.05 15.71
CA PHE C 775 39.13 -42.74 16.35
C PHE C 775 38.46 -44.01 16.85
N ARG C 776 38.51 -45.08 16.07
CA ARG C 776 37.93 -46.36 16.49
C ARG C 776 38.64 -46.91 17.72
N LYS C 777 39.96 -46.80 17.77
CA LYS C 777 40.71 -47.29 18.92
C LYS C 777 40.39 -46.47 20.17
N CYS C 778 40.29 -45.15 20.02
CA CYS C 778 39.92 -44.31 21.16
C CYS C 778 38.51 -44.63 21.63
N LEU C 779 37.60 -44.90 20.69
CA LEU C 779 36.25 -45.31 21.05
C LEU C 779 36.25 -46.63 21.81
N ILE C 780 37.09 -47.58 21.39
CA ILE C 780 37.18 -48.86 22.08
C ILE C 780 37.75 -48.67 23.47
N ASN C 781 38.74 -47.79 23.62
CA ASN C 781 39.30 -47.50 24.94
C ASN C 781 38.23 -46.91 25.85
N PHE C 782 37.47 -45.94 25.35
CA PHE C 782 36.41 -45.36 26.16
C PHE C 782 35.33 -46.38 26.48
N THR C 783 35.05 -47.29 25.55
CA THR C 783 34.08 -48.35 25.79
C THR C 783 34.54 -49.26 26.93
N GLN C 784 35.81 -49.66 26.90
CA GLN C 784 36.35 -50.43 28.01
C GLN C 784 36.26 -49.67 29.32
N GLU C 785 36.60 -48.37 29.30
CA GLU C 785 36.58 -47.58 30.52
C GLU C 785 35.16 -47.48 31.09
N LEU C 786 34.16 -47.30 30.23
CA LEU C 786 32.79 -47.19 30.73
C LEU C 786 32.23 -48.55 31.15
N SER C 787 32.63 -49.63 30.48
CA SER C 787 32.18 -50.95 30.92
C SER C 787 32.79 -51.32 32.26
N THR C 788 34.00 -50.83 32.55
CA THR C 788 34.59 -51.05 33.86
C THR C 788 33.91 -50.21 34.94
N GLU C 789 33.22 -49.14 34.57
CA GLU C 789 32.54 -48.30 35.53
C GLU C 789 31.36 -49.02 36.16
N LYS C 790 31.00 -48.60 37.37
CA LYS C 790 29.87 -49.17 38.10
C LYS C 790 29.07 -48.05 38.75
N PHE C 791 27.75 -48.20 38.75
CA PHE C 791 26.87 -47.20 39.35
C PHE C 791 25.87 -47.86 40.30
N ALA C 801 21.23 -46.68 34.85
CA ALA C 801 22.09 -47.12 33.77
C ALA C 801 21.39 -47.00 32.42
N ALA C 802 20.31 -46.21 32.40
CA ALA C 802 19.53 -46.06 31.18
C ALA C 802 20.32 -45.32 30.10
N GLY C 803 20.74 -44.09 30.39
CA GLY C 803 21.56 -43.37 29.44
C GLY C 803 22.89 -44.05 29.16
N ILE C 804 23.42 -44.78 30.15
CA ILE C 804 24.62 -45.56 29.92
C ILE C 804 24.35 -46.65 28.89
N GLU C 805 23.18 -47.31 28.98
CA GLU C 805 22.84 -48.32 27.98
C GLU C 805 22.62 -47.69 26.61
N ARG C 806 22.06 -46.47 26.58
CA ARG C 806 21.88 -45.79 25.29
C ARG C 806 23.23 -45.46 24.66
N VAL C 807 24.18 -44.95 25.45
CA VAL C 807 25.52 -44.68 24.94
C VAL C 807 26.19 -45.97 24.50
N LEU C 808 25.95 -47.06 25.23
CA LEU C 808 26.50 -48.35 24.82
C LEU C 808 25.96 -48.76 23.46
N TYR C 809 24.64 -48.68 23.28
CA TYR C 809 24.05 -49.01 21.99
C TYR C 809 24.61 -48.12 20.89
N SER C 810 24.89 -46.86 21.20
CA SER C 810 25.49 -45.97 20.21
C SER C 810 26.90 -46.41 19.85
N ILE C 811 27.67 -46.90 20.83
CA ILE C 811 29.04 -47.30 20.57
C ILE C 811 29.16 -48.76 20.12
N VAL C 812 28.11 -49.56 20.25
CA VAL C 812 28.17 -50.92 19.71
C VAL C 812 28.28 -50.84 18.19
N PRO C 813 29.28 -51.48 17.58
CA PRO C 813 29.42 -51.40 16.13
C PRO C 813 28.33 -52.17 15.42
N PRO C 814 27.79 -51.62 14.33
CA PRO C 814 26.72 -52.28 13.55
C PRO C 814 27.26 -53.44 12.72
N VAL D 165 31.46 -3.38 138.40
CA VAL D 165 31.38 -2.05 137.82
C VAL D 165 31.40 -2.14 136.30
N THR D 166 31.21 -1.00 135.64
CA THR D 166 31.20 -0.96 134.19
C THR D 166 32.62 -1.06 133.64
N LEU D 167 32.70 -1.47 132.37
CA LEU D 167 34.01 -1.57 131.71
C LEU D 167 34.65 -0.21 131.50
N ARG D 168 33.86 0.87 131.48
CA ARG D 168 34.42 2.21 131.35
C ARG D 168 35.33 2.53 132.52
N GLN D 169 34.97 2.09 133.73
CA GLN D 169 35.77 2.37 134.90
C GLN D 169 37.09 1.60 134.87
N LEU D 170 37.10 0.40 134.28
CA LEU D 170 38.33 -0.38 134.22
C LEU D 170 39.36 0.27 133.30
N SER D 171 38.90 0.97 132.26
CA SER D 171 39.79 1.66 131.34
C SER D 171 39.79 3.17 131.55
N ASN D 172 39.26 3.65 132.67
CA ASN D 172 39.25 5.09 132.93
C ASN D 172 40.66 5.67 133.09
N PRO D 173 41.53 5.13 133.95
CA PRO D 173 42.86 5.75 134.10
C PRO D 173 43.72 5.64 132.85
N TYR D 174 43.34 4.80 131.89
CA TYR D 174 44.16 4.66 130.69
C TYR D 174 43.95 5.82 129.73
N TYR D 175 42.76 6.43 129.73
CA TYR D 175 42.42 7.50 128.80
C TYR D 175 42.04 8.78 129.52
N VAL D 176 42.66 9.04 130.68
CA VAL D 176 42.42 10.30 131.37
C VAL D 176 43.00 11.48 130.60
N ASN D 177 43.96 11.24 129.70
CA ASN D 177 44.58 12.28 128.90
C ASN D 177 44.07 12.29 127.47
N THR D 178 42.82 11.92 127.25
CA THR D 178 42.23 11.89 125.93
C THR D 178 41.07 12.87 125.85
N ILE D 179 40.70 13.23 124.62
CA ILE D 179 39.63 14.20 124.38
C ILE D 179 38.29 13.47 124.34
N PRO D 180 37.27 13.98 125.03
CA PRO D 180 35.95 13.33 124.98
C PRO D 180 35.29 13.52 123.63
N GLU D 181 34.25 12.71 123.40
CA GLU D 181 33.55 12.73 122.11
C GLU D 181 32.89 14.08 121.86
N GLU D 182 32.52 14.81 122.91
CA GLU D 182 31.83 16.08 122.73
C GLU D 182 32.71 17.10 122.03
N ASP D 183 33.89 17.35 122.59
CA ASP D 183 34.84 18.26 121.95
C ASP D 183 35.29 17.72 120.60
N ILE D 184 35.40 16.39 120.49
CA ILE D 184 35.73 15.77 119.20
C ILE D 184 34.76 16.21 118.13
N LEU D 185 33.46 16.12 118.43
CA LEU D 185 32.45 16.56 117.47
C LEU D 185 32.48 18.07 117.26
N LYS D 186 32.61 18.83 118.36
CA LYS D 186 32.63 20.28 118.27
C LYS D 186 33.73 20.79 117.36
N TYR D 187 34.87 20.09 117.34
CA TYR D 187 35.99 20.54 116.52
C TYR D 187 36.07 19.85 115.16
N VAL D 188 35.52 18.65 115.00
CA VAL D 188 35.43 18.08 113.67
C VAL D 188 34.41 18.87 112.85
N SER D 189 33.43 19.49 113.52
CA SER D 189 32.54 20.41 112.83
C SER D 189 33.32 21.54 112.17
N TYR D 190 34.28 22.11 112.89
CA TYR D 190 35.10 23.17 112.33
C TYR D 190 36.06 22.63 111.27
N THR D 191 36.65 21.46 111.51
CA THR D 191 37.66 20.94 110.61
C THR D 191 37.05 20.55 109.25
N LEU D 192 35.92 19.86 109.26
CA LEU D 192 35.30 19.45 108.01
C LEU D 192 34.70 20.61 107.25
N LEU D 193 34.39 21.72 107.92
CA LEU D 193 33.87 22.91 107.27
C LEU D 193 34.96 23.79 106.66
N ALA D 194 36.15 23.24 106.46
CA ALA D 194 37.32 23.95 105.91
C ALA D 194 37.75 25.12 106.78
N THR D 195 37.21 25.24 107.99
CA THR D 195 37.58 26.30 108.91
C THR D 195 38.64 25.80 109.90
N THR D 196 39.24 26.76 110.61
CA THR D 196 40.27 26.41 111.58
C THR D 196 39.68 25.69 112.78
N SER D 197 40.51 24.90 113.44
CA SER D 197 40.11 24.14 114.62
C SER D 197 41.17 24.32 115.70
N ALA D 198 40.74 24.75 116.88
CA ALA D 198 41.69 24.99 117.96
C ALA D 198 42.24 23.69 118.53
N LEU D 199 41.36 22.69 118.72
CA LEU D 199 41.81 21.41 119.24
C LEU D 199 42.72 20.69 118.23
N PHE D 200 42.35 20.71 116.96
CA PHE D 200 43.16 20.13 115.88
C PHE D 200 43.65 21.26 115.00
N PRO D 201 44.86 21.78 115.22
CA PRO D 201 45.38 22.87 114.38
C PRO D 201 45.44 22.43 112.92
N PHE D 202 44.60 23.03 112.08
CA PHE D 202 44.37 22.55 110.72
C PHE D 202 45.16 23.41 109.74
N ASP D 203 46.11 22.77 109.05
CA ASP D 203 46.83 23.42 107.97
C ASP D 203 46.06 23.23 106.66
N HIS D 204 46.50 23.96 105.63
CA HIS D 204 45.85 23.88 104.32
C HIS D 204 45.90 22.46 103.75
N GLU D 205 46.94 21.70 104.07
CA GLU D 205 47.08 20.34 103.60
C GLU D 205 47.16 19.30 104.71
N GLN D 206 47.62 19.69 105.89
CA GLN D 206 47.85 18.77 106.99
C GLN D 206 46.85 19.01 108.11
N ILE D 207 46.24 17.94 108.62
CA ILE D 207 45.32 18.09 109.74
C ILE D 207 46.07 18.34 111.03
N GLN D 208 47.28 17.80 111.15
CA GLN D 208 48.13 17.98 112.34
C GLN D 208 47.40 17.52 113.60
N ILE D 209 47.09 16.23 113.61
CA ILE D 209 46.32 15.65 114.71
C ILE D 209 47.24 15.42 115.91
N PRO D 210 46.86 15.84 117.11
CA PRO D 210 47.66 15.53 118.29
C PRO D 210 47.73 14.03 118.54
N SER D 211 48.74 13.62 119.29
CA SER D 211 48.97 12.21 119.58
C SER D 211 48.16 11.70 120.76
N LYS D 212 47.34 12.54 121.38
CA LYS D 212 46.54 12.10 122.53
C LYS D 212 45.46 11.12 122.11
N ILE D 213 45.05 11.15 120.85
CA ILE D 213 43.98 10.28 120.35
C ILE D 213 44.56 8.91 120.03
N PRO D 214 43.89 7.82 120.38
CA PRO D 214 44.40 6.48 120.05
C PRO D 214 44.57 6.29 118.55
N ASN D 215 45.35 5.25 118.20
CA ASN D 215 45.77 5.07 116.82
C ASN D 215 44.63 4.57 115.94
N PHE D 216 43.75 3.72 116.47
CA PHE D 216 42.58 3.31 115.69
C PHE D 216 41.59 4.48 115.58
N GLU D 217 41.39 5.21 116.68
CA GLU D 217 40.65 6.47 116.58
C GLU D 217 41.37 7.44 115.66
N SER D 218 42.71 7.40 115.65
CA SER D 218 43.46 8.23 114.71
C SER D 218 43.14 7.86 113.27
N GLY D 219 42.98 6.56 113.00
CA GLY D 219 42.65 6.14 111.65
C GLY D 219 41.23 6.52 111.24
N LEU D 220 40.28 6.38 112.15
CA LEU D 220 38.91 6.77 111.83
C LEU D 220 38.80 8.28 111.61
N LEU D 221 39.48 9.07 112.45
CA LEU D 221 39.50 10.51 112.21
C LEU D 221 40.29 10.84 110.96
N HIS D 222 41.27 10.01 110.59
CA HIS D 222 41.96 10.20 109.33
C HIS D 222 41.00 10.04 108.16
N LEU D 223 40.12 9.06 108.24
CA LEU D 223 39.10 8.91 107.19
C LEU D 223 38.14 10.09 107.17
N ILE D 224 37.71 10.54 108.36
CA ILE D 224 36.78 11.66 108.43
C ILE D 224 37.41 12.93 107.85
N PHE D 225 38.63 13.24 108.28
CA PHE D 225 39.35 14.39 107.77
C PHE D 225 39.78 14.21 106.32
N GLU D 226 39.87 12.96 105.84
CA GLU D 226 40.07 12.74 104.42
C GLU D 226 38.84 13.17 103.63
N ALA D 227 37.65 12.81 104.12
CA ALA D 227 36.43 13.33 103.52
C ALA D 227 36.39 14.85 103.55
N GLY D 228 36.77 15.44 104.69
CA GLY D 228 36.79 16.88 104.80
C GLY D 228 37.78 17.54 103.85
N LEU D 229 38.96 16.95 103.70
CA LEU D 229 39.95 17.48 102.78
C LEU D 229 39.55 17.29 101.33
N LEU D 230 38.85 16.20 101.02
CA LEU D 230 38.27 16.05 99.68
C LEU D 230 37.26 17.15 99.41
N TYR D 231 36.42 17.46 100.40
CA TYR D 231 35.48 18.56 100.25
C TYR D 231 36.21 19.88 100.03
N GLN D 232 37.26 20.13 100.80
CA GLN D 232 38.00 21.39 100.68
C GLN D 232 38.70 21.50 99.34
N SER D 233 39.30 20.40 98.87
CA SER D 233 39.98 20.42 97.59
C SER D 233 38.99 20.56 96.44
N LEU D 234 37.81 19.96 96.57
CA LEU D 234 36.77 20.15 95.57
C LEU D 234 36.29 21.59 95.55
N GLY D 235 36.20 22.22 96.73
CA GLY D 235 35.87 23.64 96.76
C GLY D 235 36.93 24.49 96.09
N TYR D 236 38.21 24.19 96.34
CA TYR D 236 39.29 24.91 95.67
C TYR D 236 39.22 24.71 94.16
N LYS D 237 38.98 23.48 93.71
CA LYS D 237 38.92 23.21 92.27
C LYS D 237 37.73 23.90 91.64
N VAL D 238 36.58 23.92 92.31
CA VAL D 238 35.40 24.56 91.72
C VAL D 238 35.57 26.07 91.71
N GLU D 239 36.25 26.63 92.71
CA GLU D 239 36.56 28.06 92.68
C GLU D 239 37.48 28.39 91.51
N LYS D 240 38.52 27.57 91.33
CA LYS D 240 39.44 27.76 90.23
C LYS D 240 38.72 27.67 88.88
N PHE D 241 37.89 26.66 88.70
CA PHE D 241 37.21 26.47 87.43
C PHE D 241 36.12 27.52 87.19
N ARG D 242 35.55 28.06 88.27
CA ARG D 242 34.60 29.17 88.12
C ARG D 242 35.31 30.46 87.75
N MET D 243 36.55 30.65 88.25
CA MET D 243 37.30 31.84 87.87
C MET D 243 37.73 31.80 86.41
N LEU D 244 37.87 30.60 85.83
CA LEU D 244 38.23 30.47 84.42
C LEU D 244 37.00 30.38 83.55
N ASN D 245 37.15 30.80 82.29
CA ASN D 245 36.08 30.67 81.32
C ASN D 245 36.09 29.27 80.73
N ILE D 246 34.89 28.69 80.61
CA ILE D 246 34.73 27.32 80.13
C ILE D 246 33.50 27.27 79.22
N SER D 247 33.37 26.14 78.51
CA SER D 247 32.22 25.93 77.66
C SER D 247 30.97 25.75 78.51
N PRO D 248 29.79 26.04 77.95
CA PRO D 248 28.55 25.86 78.71
C PRO D 248 28.35 24.43 79.19
N MET D 249 28.85 23.43 78.46
CA MET D 249 28.81 22.06 78.97
C MET D 249 29.69 21.91 80.20
N LYS D 250 30.90 22.49 80.15
CA LYS D 250 31.74 22.52 81.34
C LYS D 250 31.10 23.34 82.45
N LYS D 251 30.35 24.39 82.09
CA LYS D 251 29.63 25.16 83.09
C LYS D 251 28.59 24.30 83.79
N ALA D 252 27.83 23.50 83.03
CA ALA D 252 26.85 22.61 83.63
C ALA D 252 27.51 21.52 84.45
N LEU D 253 28.69 21.05 84.03
CA LEU D 253 29.44 20.09 84.82
C LEU D 253 29.84 20.70 86.16
N ILE D 254 30.33 21.94 86.14
CA ILE D 254 30.68 22.63 87.38
C ILE D 254 29.44 22.83 88.24
N ILE D 255 28.29 23.09 87.61
CA ILE D 255 27.04 23.25 88.35
C ILE D 255 26.67 21.95 89.04
N GLU D 256 26.82 20.82 88.34
CA GLU D 256 26.54 19.53 88.95
C GLU D 256 27.48 19.25 90.11
N ILE D 257 28.76 19.59 89.95
CA ILE D 257 29.73 19.39 91.03
C ILE D 257 29.36 20.23 92.24
N SER D 258 28.99 21.51 92.01
CA SER D 258 28.58 22.36 93.12
C SER D 258 27.29 21.87 93.77
N GLU D 259 26.40 21.29 92.98
CA GLU D 259 25.18 20.71 93.54
C GLU D 259 25.51 19.54 94.46
N GLU D 260 26.40 18.66 94.01
CA GLU D 260 26.85 17.57 94.87
C GLU D 260 27.50 18.09 96.14
N LEU D 261 28.33 19.14 96.01
CA LEU D 261 29.03 19.69 97.17
C LEU D 261 28.06 20.28 98.17
N GLN D 262 27.07 21.05 97.69
CA GLN D 262 26.11 21.65 98.62
C GLN D 262 25.17 20.61 99.20
N ASN D 263 24.89 19.53 98.46
CA ASN D 263 24.11 18.45 99.02
C ASN D 263 24.85 17.77 100.16
N TYR D 264 26.14 17.47 99.95
CA TYR D 264 26.96 16.91 101.02
C TYR D 264 27.07 17.86 102.20
N THR D 265 27.12 19.17 101.92
CA THR D 265 27.18 20.16 102.98
C THR D 265 25.90 20.15 103.81
N ALA D 266 24.75 20.13 103.15
CA ALA D 266 23.48 20.04 103.88
C ALA D 266 23.40 18.74 104.66
N PHE D 267 23.93 17.65 104.09
CA PHE D 267 23.91 16.36 104.78
C PHE D 267 24.73 16.42 106.06
N VAL D 268 25.95 16.93 105.99
CA VAL D 268 26.78 16.99 107.19
C VAL D 268 26.23 18.02 108.17
N ASN D 269 25.56 19.06 107.68
CA ASN D 269 24.94 20.02 108.59
C ASN D 269 23.79 19.38 109.35
N ASN D 270 22.98 18.56 108.66
CA ASN D 270 21.92 17.83 109.33
C ASN D 270 22.50 16.85 110.35
N LEU D 271 23.61 16.20 110.00
CA LEU D 271 24.25 15.29 110.94
C LEU D 271 24.73 16.02 112.18
N VAL D 272 25.31 17.21 112.00
CA VAL D 272 25.83 17.97 113.13
C VAL D 272 24.69 18.47 114.00
N SER D 273 23.65 19.04 113.38
CA SER D 273 22.54 19.60 114.15
C SER D 273 21.76 18.52 114.88
N SER D 274 21.51 17.39 114.20
CA SER D 274 20.76 16.30 114.82
C SER D 274 21.61 15.56 115.84
N GLY D 275 22.72 14.98 115.40
CA GLY D 275 23.58 14.22 116.28
C GLY D 275 22.94 12.96 116.81
N THR D 276 22.18 12.24 115.98
CA THR D 276 21.52 11.03 116.43
C THR D 276 22.48 9.86 116.52
N VAL D 277 23.53 9.84 115.70
CA VAL D 277 24.49 8.74 115.72
C VAL D 277 25.33 8.83 116.99
N VAL D 278 25.47 7.69 117.67
CA VAL D 278 26.26 7.63 118.89
C VAL D 278 27.57 6.90 118.71
N SER D 279 27.66 5.97 117.75
CA SER D 279 28.89 5.23 117.48
C SER D 279 29.52 5.77 116.22
N LEU D 280 30.81 6.14 116.31
CA LEU D 280 31.50 6.69 115.14
C LEU D 280 31.60 5.67 114.02
N LYS D 281 31.53 4.37 114.36
CA LYS D 281 31.55 3.35 113.32
C LYS D 281 30.30 3.43 112.44
N SER D 282 29.12 3.51 113.07
CA SER D 282 27.89 3.66 112.31
C SER D 282 27.84 5.01 111.60
N LEU D 283 28.42 6.04 112.20
CA LEU D 283 28.51 7.34 111.53
C LEU D 283 29.32 7.23 110.24
N TYR D 284 30.47 6.57 110.30
CA TYR D 284 31.27 6.37 109.09
C TYR D 284 30.55 5.50 108.08
N ARG D 285 29.82 4.48 108.55
CA ARG D 285 29.05 3.64 107.64
C ARG D 285 27.98 4.45 106.93
N GLU D 286 27.37 5.40 107.63
CA GLU D 286 26.37 6.25 107.00
C GLU D 286 27.01 7.20 105.99
N ILE D 287 28.13 7.83 106.36
CA ILE D 287 28.76 8.81 105.48
C ILE D 287 29.65 8.18 104.42
N TYR D 288 29.77 6.84 104.40
CA TYR D 288 30.66 6.19 103.46
C TYR D 288 30.22 6.41 102.02
N GLU D 289 28.91 6.43 101.77
CA GLU D 289 28.43 6.68 100.41
C GLU D 289 28.84 8.07 99.93
N ASN D 290 28.65 9.08 100.78
CA ASN D 290 29.06 10.43 100.42
C ASN D 290 30.58 10.53 100.27
N ILE D 291 31.32 9.79 101.09
CA ILE D 291 32.78 9.77 100.96
C ILE D 291 33.19 9.20 99.62
N ILE D 292 32.56 8.09 99.21
CA ILE D 292 32.86 7.48 97.93
C ILE D 292 32.50 8.43 96.78
N ARG D 293 31.36 9.12 96.91
CA ARG D 293 30.96 10.06 95.87
C ARG D 293 31.95 11.22 95.75
N LEU D 294 32.39 11.76 96.90
CA LEU D 294 33.38 12.83 96.86
C LEU D 294 34.70 12.35 96.27
N ARG D 295 35.10 11.11 96.59
CA ARG D 295 36.31 10.56 96.01
C ARG D 295 36.17 10.42 94.50
N ILE D 296 34.99 9.98 94.03
CA ILE D 296 34.75 9.88 92.60
C ILE D 296 34.85 11.25 91.95
N TYR D 297 34.28 12.27 92.58
CA TYR D 297 34.31 13.61 92.01
C TYR D 297 35.74 14.16 91.97
N CYS D 298 36.55 13.84 92.97
CA CYS D 298 37.95 14.26 92.94
C CYS D 298 38.71 13.52 91.84
N ARG D 299 38.49 12.21 91.70
CA ARG D 299 39.10 11.45 90.62
C ARG D 299 38.72 12.04 89.26
N PHE D 300 37.49 12.53 89.14
CA PHE D 300 37.06 13.12 87.88
C PHE D 300 37.71 14.48 87.65
N THR D 301 37.73 15.33 88.68
CA THR D 301 38.31 16.66 88.55
C THR D 301 39.81 16.64 88.41
N GLU D 302 40.47 15.51 88.71
CA GLU D 302 41.91 15.41 88.48
C GLU D 302 42.26 15.71 87.03
N HIS D 303 41.45 15.23 86.08
CA HIS D 303 41.69 15.44 84.65
C HIS D 303 40.62 16.32 84.02
N LEU D 304 39.90 17.09 84.83
CA LEU D 304 38.83 17.93 84.29
C LEU D 304 39.37 19.13 83.54
N GLU D 305 40.48 19.71 84.01
CA GLU D 305 41.06 20.90 83.40
C GLU D 305 41.71 20.62 82.05
N GLU D 306 41.67 19.38 81.56
CA GLU D 306 42.36 19.01 80.33
C GLU D 306 41.41 18.55 79.23
N LEU D 307 40.49 17.63 79.54
CA LEU D 307 39.65 17.03 78.52
C LEU D 307 38.57 18.00 78.06
N SER D 308 38.14 17.82 76.81
CA SER D 308 37.07 18.63 76.23
C SER D 308 35.72 17.93 76.41
N GLY D 309 34.68 18.53 75.85
CA GLY D 309 33.34 17.98 76.02
C GLY D 309 33.16 16.63 75.35
N ASP D 310 33.83 16.42 74.21
CA ASP D 310 33.73 15.14 73.51
C ASP D 310 34.33 14.02 74.34
N THR D 311 35.56 14.22 74.83
CA THR D 311 36.17 13.24 75.72
C THR D 311 35.38 13.08 77.01
N PHE D 312 34.79 14.19 77.49
CA PHE D 312 33.90 14.12 78.64
C PHE D 312 32.79 13.11 78.41
N LEU D 313 32.03 13.29 77.32
CA LEU D 313 30.93 12.38 77.02
C LEU D 313 31.41 10.97 76.76
N ILE D 314 32.61 10.82 76.17
CA ILE D 314 33.16 9.48 75.96
C ILE D 314 33.34 8.77 77.29
N GLU D 315 34.04 9.42 78.23
CA GLU D 315 34.26 8.81 79.54
C GLU D 315 32.95 8.61 80.29
N LEU D 316 31.97 9.50 80.09
CA LEU D 316 30.69 9.33 80.76
C LEU D 316 29.95 8.10 80.25
N ASN D 317 29.89 7.94 78.93
CA ASN D 317 29.26 6.75 78.36
C ASN D 317 30.02 5.49 78.77
N ILE D 318 31.34 5.60 78.94
CA ILE D 318 32.13 4.46 79.40
C ILE D 318 31.73 4.09 80.82
N PHE D 319 31.68 5.07 81.72
CA PHE D 319 31.32 4.81 83.10
C PHE D 319 29.86 4.40 83.26
N LYS D 320 29.01 4.72 82.27
CA LYS D 320 27.65 4.21 82.31
C LYS D 320 27.62 2.71 82.05
N SER D 321 28.65 2.17 81.37
CA SER D 321 28.78 0.74 81.22
C SER D 321 29.46 0.07 82.41
N HIS D 322 29.94 0.85 83.38
CA HIS D 322 30.66 0.30 84.51
C HIS D 322 29.75 -0.59 85.35
N GLY D 323 30.35 -1.59 86.00
CA GLY D 323 29.58 -2.51 86.81
C GLY D 323 28.96 -1.85 88.04
N ASP D 324 29.59 -0.80 88.54
CA ASP D 324 29.06 -0.08 89.69
C ASP D 324 27.84 0.75 89.27
N LEU D 325 27.01 1.09 90.26
CA LEU D 325 25.76 1.80 90.01
C LEU D 325 25.89 3.29 90.24
N THR D 326 26.64 3.71 91.26
CA THR D 326 26.79 5.13 91.54
C THR D 326 27.58 5.83 90.45
N ILE D 327 28.69 5.22 90.01
CA ILE D 327 29.47 5.80 88.93
C ILE D 327 28.63 5.90 87.67
N ARG D 328 27.88 4.84 87.36
CA ARG D 328 27.01 4.85 86.18
C ARG D 328 25.97 5.95 86.28
N LYS D 329 25.39 6.14 87.47
CA LYS D 329 24.37 7.16 87.66
C LYS D 329 24.95 8.56 87.47
N ILE D 330 26.10 8.83 88.08
CA ILE D 330 26.72 10.14 87.95
C ILE D 330 27.10 10.40 86.50
N ALA D 331 27.66 9.38 85.82
CA ALA D 331 28.03 9.53 84.43
C ALA D 331 26.82 9.79 83.56
N THR D 332 25.70 9.12 83.85
CA THR D 332 24.48 9.37 83.09
C THR D 332 23.96 10.79 83.32
N ASN D 333 24.01 11.27 84.55
CA ASN D 333 23.58 12.63 84.84
C ASN D 333 24.40 13.64 84.06
N LEU D 334 25.73 13.50 84.10
CA LEU D 334 26.59 14.45 83.40
C LEU D 334 26.41 14.33 81.88
N PHE D 335 26.24 13.10 81.38
CA PHE D 335 26.00 12.90 79.95
C PHE D 335 24.73 13.60 79.51
N ASN D 336 23.67 13.50 80.31
CA ASN D 336 22.42 14.17 79.96
C ASN D 336 22.59 15.68 80.00
N SER D 337 23.26 16.19 81.03
CA SER D 337 23.44 17.64 81.13
C SER D 337 24.26 18.19 79.98
N MET D 338 25.19 17.40 79.44
CA MET D 338 25.97 17.88 78.30
C MET D 338 25.24 17.69 76.98
N ILE D 339 24.51 16.58 76.83
CA ILE D 339 23.79 16.33 75.58
C ILE D 339 22.62 17.30 75.44
N SER D 340 22.12 17.84 76.55
CA SER D 340 21.11 18.90 76.45
C SER D 340 21.65 20.08 75.67
N LEU D 341 22.83 20.58 76.06
CA LEU D 341 23.42 21.72 75.36
C LEU D 341 23.90 21.34 73.97
N TYR D 342 24.29 20.07 73.77
CA TYR D 342 24.65 19.64 72.43
C TYR D 342 23.44 19.68 71.50
N TYR D 343 22.29 19.18 71.97
CA TYR D 343 21.07 19.29 71.19
C TYR D 343 20.65 20.74 71.00
N GLU D 344 20.95 21.60 71.99
CA GLU D 344 20.67 23.02 71.82
C GLU D 344 21.49 23.61 70.67
N TYR D 345 22.78 23.27 70.61
CA TYR D 345 23.62 23.73 69.51
C TYR D 345 23.09 23.19 68.17
N LEU D 346 22.72 21.91 68.16
CA LEU D 346 22.16 21.31 66.95
C LEU D 346 20.92 22.07 66.48
N MET D 347 20.02 22.37 67.41
CA MET D 347 18.80 23.07 67.05
C MET D 347 19.08 24.50 66.59
N ASN D 348 20.02 25.18 67.24
CA ASN D 348 20.40 26.52 66.79
C ASN D 348 20.91 26.49 65.36
N TRP D 349 21.80 25.55 65.05
CA TRP D 349 22.36 25.47 63.71
C TRP D 349 21.29 25.06 62.69
N LEU D 350 20.36 24.19 63.09
CA LEU D 350 19.35 23.74 62.16
C LEU D 350 18.22 24.74 61.95
N THR D 351 18.01 25.66 62.89
CA THR D 351 16.94 26.65 62.78
C THR D 351 17.41 27.99 62.24
N LYS D 352 18.65 28.39 62.52
CA LYS D 352 19.15 29.67 62.07
C LYS D 352 20.51 29.60 61.37
N GLY D 353 21.09 28.41 61.23
CA GLY D 353 22.41 28.31 60.64
C GLY D 353 23.49 28.98 61.45
N LEU D 354 23.36 28.99 62.77
CA LEU D 354 24.25 29.74 63.65
C LEU D 354 25.21 28.79 64.35
N LEU D 355 26.51 29.11 64.25
CA LEU D 355 27.55 28.42 65.01
C LEU D 355 27.91 29.18 66.29
N ARG D 356 26.93 29.88 66.87
CA ARG D 356 27.21 30.76 68.00
C ARG D 356 27.39 29.95 69.28
N ALA D 357 28.43 30.28 70.05
CA ALA D 357 28.71 29.65 71.34
C ALA D 357 28.85 28.13 71.20
N THR D 358 29.55 27.69 70.17
CA THR D 358 29.81 26.27 69.96
C THR D 358 31.12 25.83 70.59
N TYR D 359 32.10 26.73 70.71
CA TYR D 359 33.40 26.43 71.33
C TYR D 359 34.10 25.27 70.61
N GLY D 360 33.92 25.20 69.29
CA GLY D 360 34.55 24.15 68.52
C GLY D 360 34.01 22.75 68.77
N GLU D 361 32.95 22.62 69.55
CA GLU D 361 32.35 21.33 69.86
C GLU D 361 31.32 20.89 68.82
N PHE D 362 31.28 21.56 67.68
CA PHE D 362 30.31 21.27 66.63
C PHE D 362 31.05 20.81 65.38
N PHE D 363 30.53 19.76 64.74
CA PHE D 363 31.23 19.14 63.63
C PHE D 363 31.26 20.00 62.37
N ILE D 364 30.44 21.05 62.30
CA ILE D 364 30.48 22.02 61.21
C ILE D 364 31.15 23.29 61.73
N ALA D 365 32.06 23.84 60.93
CA ALA D 365 32.77 25.05 61.31
C ALA D 365 32.75 26.05 60.17
N GLU D 366 33.15 27.28 60.49
CA GLU D 366 33.27 28.34 59.50
C GLU D 366 34.74 28.55 59.16
N ASN D 367 35.06 28.52 57.87
CA ASN D 367 36.44 28.63 57.40
C ASN D 367 36.52 29.80 56.41
N THR D 368 36.92 30.97 56.90
CA THR D 368 37.09 32.14 56.06
C THR D 368 38.53 32.34 55.62
N ASP D 369 39.37 31.33 55.80
CA ASP D 369 40.78 31.39 55.43
C ASP D 369 40.88 31.22 53.91
N THR D 370 40.88 32.33 53.20
CA THR D 370 40.94 32.33 51.74
C THR D 370 42.37 32.62 51.27
N ASN D 371 42.76 31.98 50.18
CA ASN D 371 44.08 32.14 49.58
C ASN D 371 44.02 32.90 48.25
N GLY D 372 43.00 33.74 48.09
CA GLY D 372 42.80 34.52 46.88
C GLY D 372 41.71 33.99 45.96
N THR D 373 41.38 32.70 46.06
CA THR D 373 40.35 32.11 45.21
C THR D 373 38.99 32.45 45.81
N ASP D 374 38.28 33.39 45.17
CA ASP D 374 36.95 33.82 45.59
C ASP D 374 36.99 34.36 47.03
N ASP D 375 37.71 35.47 47.19
CA ASP D 375 37.81 36.10 48.51
C ASP D 375 36.46 36.64 48.98
N ASP D 376 35.62 37.08 48.04
CA ASP D 376 34.29 37.58 48.39
C ASP D 376 33.26 36.45 48.54
N PHE D 377 33.68 35.19 48.42
CA PHE D 377 32.80 34.04 48.57
C PHE D 377 31.63 34.11 47.59
N ILE D 378 31.90 34.57 46.37
CA ILE D 378 30.89 34.57 45.31
C ILE D 378 30.44 33.14 45.03
N TYR D 379 31.36 32.18 45.12
CA TYR D 379 31.03 30.78 44.97
C TYR D 379 31.73 29.89 46.00
N HIS D 380 32.53 30.46 46.90
CA HIS D 380 33.36 29.64 47.78
C HIS D 380 32.54 28.93 48.84
N ILE D 381 31.52 29.59 49.38
CA ILE D 381 30.67 29.03 50.43
C ILE D 381 31.54 28.66 51.62
N PRO D 382 32.06 29.63 52.37
CA PRO D 382 33.05 29.31 53.41
C PRO D 382 32.47 28.58 54.61
N ILE D 383 32.04 27.33 54.41
CA ILE D 383 31.56 26.45 55.46
C ILE D 383 32.25 25.11 55.31
N GLU D 384 32.79 24.57 56.40
CA GLU D 384 33.49 23.30 56.38
C GLU D 384 32.76 22.29 57.25
N PHE D 385 32.80 21.03 56.79
CA PHE D 385 32.13 19.91 57.46
C PHE D 385 33.21 18.95 57.94
N ASN D 386 33.43 18.94 59.25
CA ASN D 386 34.49 18.12 59.86
C ASN D 386 33.91 16.74 60.16
N GLN D 387 34.36 15.74 59.38
CA GLN D 387 33.88 14.38 59.58
C GLN D 387 34.39 13.81 60.90
N GLU D 388 35.59 14.19 61.31
CA GLU D 388 36.19 13.64 62.52
C GLU D 388 35.46 14.10 63.78
N ARG D 389 34.89 15.30 63.75
CA ARG D 389 34.17 15.83 64.90
C ARG D 389 32.74 15.32 64.99
N VAL D 390 32.31 14.49 64.03
CA VAL D 390 30.97 13.91 64.06
C VAL D 390 30.93 12.82 65.11
N PRO D 391 30.09 12.94 66.14
CA PRO D 391 30.02 11.91 67.18
C PRO D 391 29.47 10.60 66.64
N ALA D 392 29.57 9.57 67.48
CA ALA D 392 29.14 8.23 67.08
C ALA D 392 27.62 8.07 67.10
N PHE D 393 26.92 8.78 67.99
CA PHE D 393 25.48 8.65 68.10
C PHE D 393 24.72 9.35 66.98
N ILE D 394 25.43 9.85 65.97
CA ILE D 394 24.78 10.48 64.82
C ILE D 394 25.40 9.92 63.54
N PRO D 395 24.60 9.49 62.57
CA PRO D 395 25.17 8.96 61.33
C PRO D 395 25.88 10.04 60.52
N LYS D 396 26.86 9.60 59.74
CA LYS D 396 27.59 10.54 58.88
C LYS D 396 26.69 11.09 57.79
N GLU D 397 25.77 10.28 57.28
CA GLU D 397 24.82 10.76 56.29
C GLU D 397 23.91 11.83 56.88
N LEU D 398 23.42 11.60 58.11
CA LEU D 398 22.57 12.59 58.76
C LEU D 398 23.34 13.87 59.07
N ALA D 399 24.61 13.74 59.46
CA ALA D 399 25.42 14.93 59.70
C ALA D 399 25.64 15.71 58.42
N TYR D 400 25.90 15.00 57.30
CA TYR D 400 26.02 15.68 56.02
C TYR D 400 24.72 16.35 55.61
N LYS D 401 23.59 15.71 55.89
CA LYS D 401 22.30 16.32 55.58
C LYS D 401 22.08 17.58 56.41
N ILE D 402 22.43 17.56 57.68
CA ILE D 402 22.33 18.74 58.53
C ILE D 402 23.23 19.85 57.98
N PHE D 403 24.46 19.49 57.61
CA PHE D 403 25.38 20.47 57.04
C PHE D 403 24.82 21.10 55.78
N MET D 404 24.25 20.28 54.88
CA MET D 404 23.69 20.81 53.66
C MET D 404 22.45 21.65 53.93
N ILE D 405 21.66 21.28 54.95
CA ILE D 405 20.51 22.09 55.33
C ILE D 405 20.96 23.49 55.74
N GLY D 406 21.94 23.56 56.65
CA GLY D 406 22.43 24.85 57.08
C GLY D 406 23.06 25.64 55.95
N LYS D 407 23.82 24.96 55.09
CA LYS D 407 24.47 25.64 53.98
C LYS D 407 23.46 26.19 52.99
N SER D 408 22.42 25.42 52.68
CA SER D 408 21.38 25.90 51.77
C SER D 408 20.57 27.02 52.39
N TYR D 409 20.34 26.97 53.70
CA TYR D 409 19.66 28.07 54.37
C TYR D 409 20.46 29.36 54.27
N ILE D 410 21.76 29.27 54.55
CA ILE D 410 22.63 30.45 54.43
C ILE D 410 22.69 30.92 52.99
N PHE D 411 22.69 29.98 52.04
CA PHE D 411 22.74 30.33 50.62
C PHE D 411 21.48 31.06 50.18
N LEU D 412 20.32 30.61 50.65
CA LEU D 412 19.07 31.29 50.35
C LEU D 412 19.02 32.67 51.00
N GLU D 413 19.46 32.77 52.25
CA GLU D 413 19.33 34.02 52.98
C GLU D 413 20.32 35.07 52.48
N LYS D 414 21.50 34.66 52.05
CA LYS D 414 22.57 35.58 51.67
C LYS D 414 22.64 35.84 50.17
N TYR D 415 22.43 34.82 49.34
CA TYR D 415 22.57 34.96 47.90
C TYR D 415 21.22 35.12 47.19
N CYS D 416 20.22 34.31 47.55
CA CYS D 416 18.94 34.37 46.88
C CYS D 416 18.02 35.46 47.43
N LYS D 417 18.34 36.02 48.60
CA LYS D 417 17.57 37.11 49.21
C LYS D 417 16.12 36.70 49.46
N GLU D 418 15.87 35.41 49.69
CA GLU D 418 14.53 34.92 50.00
C GLU D 418 14.25 35.07 51.49
N VAL D 419 14.22 36.33 51.94
CA VAL D 419 14.17 36.62 53.36
C VAL D 419 12.88 36.13 53.99
N GLN D 420 11.74 36.33 53.31
CA GLN D 420 10.46 36.00 53.92
C GLN D 420 10.26 34.50 54.00
N TRP D 421 10.52 33.78 52.90
CA TRP D 421 10.36 32.34 52.92
C TRP D 421 11.32 31.69 53.88
N THR D 422 12.58 32.15 53.91
CA THR D 422 13.55 31.60 54.85
C THR D 422 13.13 31.88 56.29
N ASN D 423 12.61 33.07 56.55
CA ASN D 423 12.15 33.42 57.90
C ASN D 423 11.00 32.51 58.33
N GLU D 424 10.03 32.31 57.43
CA GLU D 424 8.88 31.47 57.79
C GLU D 424 9.30 30.01 57.96
N PHE D 425 10.18 29.53 57.08
CA PHE D 425 10.71 28.17 57.21
C PHE D 425 11.45 27.99 58.53
N SER D 426 12.27 28.98 58.90
CA SER D 426 13.01 28.92 60.15
C SER D 426 12.07 28.90 61.34
N LYS D 427 11.05 29.76 61.32
CA LYS D 427 10.08 29.79 62.42
C LYS D 427 9.35 28.45 62.54
N LYS D 428 8.90 27.91 61.41
CA LYS D 428 8.17 26.65 61.41
C LYS D 428 9.02 25.52 61.97
N TYR D 429 10.21 25.31 61.40
CA TYR D 429 11.04 24.21 61.87
C TYR D 429 11.63 24.48 63.25
N HIS D 430 11.68 25.74 63.68
CA HIS D 430 12.09 26.03 65.05
C HIS D 430 11.01 25.61 66.03
N VAL D 431 9.75 25.89 65.72
CA VAL D 431 8.65 25.38 66.53
C VAL D 431 8.68 23.85 66.54
N LEU D 432 8.96 23.25 65.38
CA LEU D 432 9.04 21.80 65.29
C LEU D 432 10.11 21.24 66.21
N TYR D 433 11.32 21.80 66.15
CA TYR D 433 12.41 21.33 67.00
C TYR D 433 12.17 21.65 68.46
N GLN D 434 11.42 22.72 68.74
CA GLN D 434 11.05 23.02 70.12
C GLN D 434 10.09 21.99 70.67
N SER D 435 9.17 21.51 69.85
CA SER D 435 8.30 20.40 70.25
C SER D 435 9.08 19.11 70.43
N ASN D 436 10.23 18.98 69.75
CA ASN D 436 11.04 17.78 69.80
C ASN D 436 12.25 17.93 70.71
N SER D 437 12.22 18.88 71.63
CA SER D 437 13.38 19.11 72.50
C SER D 437 13.43 18.13 73.67
N TYR D 438 12.27 17.62 74.11
CA TYR D 438 12.25 16.72 75.25
C TYR D 438 12.81 15.34 74.93
N ARG D 439 12.84 14.96 73.65
CA ARG D 439 13.35 13.65 73.26
C ARG D 439 14.86 13.60 73.11
N GLY D 440 15.51 14.75 72.93
CA GLY D 440 16.94 14.77 72.68
C GLY D 440 17.29 14.20 71.33
N ILE D 441 18.02 13.08 71.33
CA ILE D 441 18.44 12.42 70.10
C ILE D 441 17.46 11.27 69.85
N SER D 442 16.51 11.49 68.95
CA SER D 442 15.51 10.50 68.60
C SER D 442 15.37 10.40 67.09
N THR D 443 14.59 9.41 66.64
CA THR D 443 14.35 9.26 65.22
C THR D 443 13.45 10.35 64.68
N ASN D 444 12.61 10.94 65.54
CA ASN D 444 11.82 12.09 65.14
C ASN D 444 12.71 13.24 64.68
N PHE D 445 13.81 13.45 65.40
CA PHE D 445 14.80 14.45 64.99
C PHE D 445 15.30 14.16 63.57
N PHE D 446 15.64 12.91 63.30
CA PHE D 446 16.18 12.54 61.99
C PHE D 446 15.15 12.73 60.89
N GLU D 447 13.90 12.35 61.14
CA GLU D 447 12.87 12.49 60.11
C GLU D 447 12.52 13.95 59.86
N ILE D 448 12.54 14.77 60.92
CA ILE D 448 12.33 16.20 60.72
C ILE D 448 13.47 16.79 59.89
N ILE D 449 14.70 16.35 60.16
CA ILE D 449 15.84 16.78 59.36
C ILE D 449 15.66 16.40 57.90
N ASN D 450 15.21 15.16 57.65
CA ASN D 450 15.04 14.70 56.28
C ASN D 450 13.95 15.49 55.56
N ASP D 451 12.83 15.72 56.22
CA ASP D 451 11.77 16.53 55.62
C ASP D 451 12.25 17.95 55.34
N GLN D 452 12.98 18.54 56.29
CA GLN D 452 13.53 19.88 56.09
C GLN D 452 14.45 19.91 54.88
N TYR D 453 15.34 18.94 54.76
CA TYR D 453 16.28 18.93 53.64
C TYR D 453 15.55 18.77 52.31
N SER D 454 14.62 17.82 52.24
CA SER D 454 13.88 17.60 51.01
C SER D 454 13.11 18.86 50.61
N GLU D 455 12.39 19.45 51.56
CA GLU D 455 11.60 20.63 51.26
C GLU D 455 12.47 21.79 50.81
N ILE D 456 13.58 22.04 51.53
CA ILE D 456 14.42 23.18 51.18
C ILE D 456 15.12 22.97 49.85
N VAL D 457 15.51 21.72 49.53
CA VAL D 457 16.18 21.47 48.26
C VAL D 457 15.21 21.65 47.10
N ASN D 458 13.99 21.11 47.24
CA ASN D 458 12.98 21.33 46.22
C ASN D 458 12.67 22.81 46.06
N HIS D 459 12.64 23.55 47.17
CA HIS D 459 12.34 24.98 47.11
C HIS D 459 13.44 25.74 46.38
N THR D 460 14.71 25.45 46.70
CA THR D 460 15.80 26.11 46.00
C THR D 460 15.78 25.79 44.51
N ASN D 461 15.52 24.53 44.16
CA ASN D 461 15.45 24.17 42.75
C ASN D 461 14.33 24.94 42.04
N GLN D 462 13.17 25.04 42.67
CA GLN D 462 12.07 25.80 42.10
C GLN D 462 12.43 27.26 41.92
N ILE D 463 12.99 27.88 42.96
CA ILE D 463 13.35 29.29 42.90
C ILE D 463 14.38 29.53 41.79
N LEU D 464 15.35 28.65 41.66
CA LEU D 464 16.41 28.83 40.67
C LEU D 464 15.87 28.62 39.26
N ASN D 465 14.98 27.64 39.07
CA ASN D 465 14.42 27.41 37.74
C ASN D 465 13.39 28.44 37.34
N GLN D 466 12.81 29.17 38.30
CA GLN D 466 11.80 30.16 37.98
C GLN D 466 12.33 31.59 37.98
N LYS D 467 12.91 32.04 39.09
CA LYS D 467 13.40 33.42 39.19
C LYS D 467 14.76 33.61 38.52
N PHE D 468 15.52 32.54 38.34
CA PHE D 468 16.83 32.60 37.73
C PHE D 468 16.95 31.77 36.46
N HIS D 469 15.99 30.89 36.20
CA HIS D 469 15.94 30.12 34.95
C HIS D 469 17.22 29.29 34.78
N TYR D 470 17.46 28.42 35.76
CA TYR D 470 18.70 27.65 35.80
C TYR D 470 18.90 26.86 34.51
N ARG D 471 17.94 26.00 34.17
CA ARG D 471 18.06 25.19 32.97
C ARG D 471 18.12 26.07 31.73
N ASP D 472 17.40 27.19 31.74
CA ASP D 472 17.48 28.12 30.63
C ASP D 472 18.86 28.75 30.53
N VAL D 473 19.49 29.03 31.67
CA VAL D 473 20.85 29.55 31.67
C VAL D 473 21.81 28.52 31.10
N VAL D 474 21.62 27.24 31.47
CA VAL D 474 22.46 26.18 30.93
C VAL D 474 22.29 26.10 29.42
N PHE D 475 21.05 26.20 28.94
CA PHE D 475 20.81 26.14 27.50
C PHE D 475 21.47 27.32 26.79
N ALA D 476 21.37 28.52 27.39
CA ALA D 476 22.00 29.70 26.80
C ALA D 476 23.51 29.54 26.74
N LEU D 477 24.11 29.02 27.81
CA LEU D 477 25.56 28.82 27.81
C LEU D 477 25.98 27.76 26.79
N LYS D 478 25.18 26.70 26.65
CA LYS D 478 25.49 25.67 25.67
C LYS D 478 25.36 26.20 24.25
N ASN D 479 24.42 27.13 24.02
CA ASN D 479 24.25 27.68 22.69
C ASN D 479 25.26 28.77 22.37
N ILE D 480 25.77 29.45 23.39
CA ILE D 480 26.68 30.58 23.17
C ILE D 480 28.13 30.10 23.23
N LEU D 481 28.55 29.58 24.38
CA LEU D 481 29.95 29.22 24.55
C LEU D 481 30.29 27.94 23.81
N LEU D 482 29.42 26.95 23.86
CA LEU D 482 29.63 25.69 23.15
C LEU D 482 29.14 25.74 21.72
N MET D 483 28.69 26.90 21.25
CA MET D 483 28.21 27.09 19.88
C MET D 483 27.10 26.09 19.55
N GLY D 484 26.21 25.87 20.52
CA GLY D 484 25.10 24.95 20.32
C GLY D 484 24.09 25.43 19.30
N LYS D 485 24.04 26.73 19.02
CA LYS D 485 23.12 27.31 18.06
C LYS D 485 23.92 27.77 16.85
N SER D 486 23.85 27.00 15.76
CA SER D 486 24.61 27.36 14.56
C SER D 486 24.07 28.62 13.92
N ASP D 487 22.77 28.89 14.05
CA ASP D 487 22.18 30.07 13.41
C ASP D 487 22.74 31.35 13.99
N PHE D 488 22.75 31.47 15.32
CA PHE D 488 23.26 32.69 15.94
C PHE D 488 24.76 32.83 15.73
N MET D 489 25.49 31.71 15.71
CA MET D 489 26.92 31.77 15.43
C MET D 489 27.18 32.29 14.02
N ASP D 490 26.42 31.77 13.05
CA ASP D 490 26.55 32.26 11.67
C ASP D 490 26.17 33.75 11.58
N ALA D 491 25.16 34.16 12.34
CA ALA D 491 24.76 35.56 12.35
C ALA D 491 25.88 36.44 12.87
N LEU D 492 26.48 36.07 13.99
CA LEU D 492 27.57 36.84 14.54
C LEU D 492 28.77 36.84 13.59
N ILE D 493 29.02 35.72 12.91
CA ILE D 493 30.15 35.63 11.99
C ILE D 493 29.94 36.59 10.82
N GLU D 494 28.77 36.53 10.19
CA GLU D 494 28.51 37.46 9.09
C GLU D 494 28.41 38.91 9.56
N LYS D 495 28.13 39.12 10.85
CA LYS D 495 28.09 40.49 11.37
C LYS D 495 29.48 41.05 11.56
N ALA D 496 30.41 40.27 12.10
CA ALA D 496 31.72 40.77 12.51
C ALA D 496 32.87 40.22 11.67
N ASN D 497 32.58 39.65 10.50
CA ASN D 497 33.66 39.12 9.65
C ASN D 497 34.58 40.23 9.19
N ASP D 498 34.03 41.42 8.92
CA ASP D 498 34.89 42.52 8.47
C ASP D 498 35.87 42.94 9.55
N ILE D 499 35.42 42.99 10.81
CA ILE D 499 36.31 43.38 11.90
C ILE D 499 37.29 42.27 12.22
N LEU D 500 36.84 41.01 12.14
CA LEU D 500 37.74 39.89 12.44
C LEU D 500 38.84 39.77 11.38
N ALA D 501 38.49 39.99 10.11
CA ALA D 501 39.50 39.94 9.07
C ALA D 501 40.53 41.04 9.23
N THR D 502 40.08 42.25 9.57
CA THR D 502 40.99 43.33 9.85
C THR D 502 41.76 43.05 11.15
N PRO D 503 43.00 43.51 11.26
CA PRO D 503 43.74 43.34 12.51
C PRO D 503 43.03 44.03 13.65
N SER D 504 42.91 43.31 14.77
CA SER D 504 42.21 43.80 15.95
C SER D 504 43.17 44.00 17.11
N ASP D 505 44.33 44.58 16.82
CA ASP D 505 45.29 44.89 17.87
C ASP D 505 44.72 45.92 18.84
N SER D 506 43.90 46.84 18.36
CA SER D 506 43.24 47.85 19.18
C SER D 506 41.74 47.69 19.06
N LEU D 507 41.10 47.27 20.14
CA LEU D 507 39.65 47.04 20.15
C LEU D 507 38.99 47.93 21.18
N PRO D 508 38.29 48.99 20.77
CA PRO D 508 37.59 49.83 21.74
C PRO D 508 36.41 49.13 22.40
N ASN D 509 35.95 48.01 21.85
CA ASN D 509 34.95 47.11 22.40
C ASN D 509 33.53 47.69 22.38
N TYR D 510 33.35 48.94 21.99
CA TYR D 510 32.00 49.46 21.85
C TYR D 510 31.39 49.07 20.51
N LYS D 511 32.19 49.08 19.44
CA LYS D 511 31.75 48.48 18.19
C LYS D 511 31.51 46.99 18.37
N LEU D 512 32.30 46.33 19.21
CA LEU D 512 32.12 44.91 19.46
C LEU D 512 30.75 44.63 20.07
N THR D 513 30.42 45.35 21.16
CA THR D 513 29.13 45.11 21.80
C THR D 513 27.98 45.60 20.92
N ARG D 514 28.21 46.61 20.08
CA ARG D 514 27.17 47.02 19.14
C ARG D 514 26.89 45.91 18.14
N VAL D 515 27.93 45.30 17.58
CA VAL D 515 27.74 44.18 16.66
C VAL D 515 27.09 43.01 17.39
N LEU D 516 27.42 42.82 18.66
CA LEU D 516 26.80 41.76 19.44
C LEU D 516 25.30 41.99 19.58
N GLN D 517 24.90 43.20 19.96
CA GLN D 517 23.48 43.52 20.07
C GLN D 517 22.77 43.39 18.74
N GLU D 518 23.44 43.80 17.66
CA GLU D 518 22.82 43.68 16.34
C GLU D 518 22.61 42.23 15.94
N ALA D 519 23.62 41.38 16.15
CA ALA D 519 23.47 39.96 15.86
C ALA D 519 22.43 39.30 16.74
N VAL D 520 22.31 39.75 17.99
CA VAL D 520 21.21 39.28 18.84
C VAL D 520 19.87 39.67 18.24
N GLN D 521 19.78 40.89 17.71
CA GLN D 521 18.54 41.34 17.08
C GLN D 521 18.21 40.49 15.85
N LEU D 522 19.22 40.16 15.06
CA LEU D 522 18.96 39.34 13.88
C LEU D 522 18.61 37.90 14.27
N SER D 523 19.37 37.31 15.18
CA SER D 523 19.08 35.95 15.62
C SER D 523 17.81 35.92 16.47
N SER D 524 17.38 34.71 16.81
CA SER D 524 16.20 34.54 17.64
C SER D 524 16.42 35.02 19.08
N LEU D 525 17.65 35.39 19.44
CA LEU D 525 17.92 35.90 20.78
C LEU D 525 17.13 37.17 21.06
N ARG D 526 16.74 37.92 20.03
CA ARG D 526 15.87 39.07 20.23
C ARG D 526 14.60 38.67 20.97
N HIS D 527 14.08 37.48 20.66
CA HIS D 527 12.93 36.96 21.41
C HIS D 527 13.25 36.88 22.90
N LEU D 528 14.39 36.27 23.23
CA LEU D 528 14.85 36.27 24.62
C LEU D 528 15.12 37.69 25.10
N MET D 529 15.54 38.57 24.20
CA MET D 529 15.66 39.98 24.55
C MET D 529 14.32 40.62 24.83
N ASN D 530 13.26 40.17 24.15
CA ASN D 530 11.94 40.73 24.38
C ASN D 530 11.37 40.24 25.70
N SER D 531 11.56 38.97 26.03
CA SER D 531 11.06 38.43 27.28
C SER D 531 11.89 38.95 28.44
N PRO D 532 11.29 39.61 29.43
CA PRO D 532 12.07 40.08 30.59
C PRO D 532 12.66 38.95 31.39
N ARG D 533 12.01 37.77 31.40
CA ARG D 533 12.54 36.62 32.10
C ARG D 533 13.87 36.16 31.53
N ASN D 534 14.15 36.48 30.26
CA ASN D 534 15.41 36.10 29.63
C ASN D 534 16.34 37.27 29.40
N SER D 535 15.89 38.51 29.64
CA SER D 535 16.75 39.67 29.46
C SER D 535 17.89 39.66 30.47
N SER D 536 17.62 39.20 31.70
CA SER D 536 18.68 39.12 32.70
C SER D 536 19.76 38.13 32.26
N VAL D 537 19.36 37.00 31.67
CA VAL D 537 20.34 36.02 31.21
C VAL D 537 21.08 36.54 29.99
N ILE D 538 20.38 37.22 29.09
CA ILE D 538 21.01 37.72 27.87
C ILE D 538 21.93 38.90 28.16
N ASN D 539 21.74 39.58 29.30
CA ASN D 539 22.63 40.66 29.68
C ASN D 539 23.86 40.16 30.43
N GLY D 540 23.80 38.98 31.05
CA GLY D 540 24.94 38.42 31.72
C GLY D 540 26.09 38.04 30.81
N LEU D 541 25.86 38.03 29.50
CA LEU D 541 26.91 37.74 28.53
C LEU D 541 27.84 38.93 28.40
N ASP D 542 29.15 38.68 28.55
CA ASP D 542 30.16 39.73 28.46
C ASP D 542 31.36 39.18 27.71
N ALA D 543 31.50 39.54 26.44
CA ALA D 543 32.62 39.08 25.65
C ALA D 543 33.92 39.64 26.20
N ARG D 544 35.01 38.90 25.98
CA ARG D 544 36.31 39.27 26.51
C ARG D 544 37.36 39.24 25.39
N VAL D 545 38.42 40.01 25.59
CA VAL D 545 39.53 40.07 24.67
C VAL D 545 40.78 39.59 25.40
N LEU D 546 41.37 38.50 24.92
CA LEU D 546 42.55 37.93 25.54
C LEU D 546 43.80 38.54 24.95
N ASP D 547 44.77 38.84 25.82
CA ASP D 547 46.02 39.47 25.41
C ASP D 547 46.96 38.40 24.83
N LEU D 548 46.89 38.22 23.52
CA LEU D 548 47.71 37.24 22.82
C LEU D 548 48.90 37.88 22.12
N GLY D 549 49.17 39.16 22.36
CA GLY D 549 50.30 39.82 21.76
C GLY D 549 49.92 40.65 20.55
N HIS D 550 50.83 41.55 20.17
CA HIS D 550 50.62 42.41 19.02
C HIS D 550 50.92 41.66 17.73
N GLY D 551 50.17 42.01 16.68
CA GLY D 551 50.36 41.45 15.36
C GLY D 551 49.36 40.39 14.97
N SER D 552 48.59 39.85 15.92
CA SER D 552 47.61 38.83 15.58
C SER D 552 46.38 39.47 14.95
N VAL D 553 45.47 38.62 14.49
CA VAL D 553 44.26 39.06 13.82
C VAL D 553 43.07 38.84 14.75
N GLY D 554 41.96 39.51 14.45
CA GLY D 554 40.77 39.36 15.25
C GLY D 554 40.23 37.95 15.28
N TRP D 555 40.47 37.19 14.20
CA TRP D 555 40.02 35.80 14.15
C TRP D 555 40.73 34.92 15.18
N ASP D 556 41.82 35.41 15.77
CA ASP D 556 42.57 34.65 16.77
C ASP D 556 42.49 35.22 18.17
N VAL D 557 42.17 36.51 18.31
CA VAL D 557 42.19 37.17 19.61
C VAL D 557 40.81 37.20 20.26
N PHE D 558 39.77 37.46 19.47
CA PHE D 558 38.43 37.63 20.03
C PHE D 558 37.96 36.38 20.74
N THR D 559 37.51 36.55 21.98
CA THR D 559 36.90 35.48 22.76
C THR D 559 35.49 35.88 23.17
N LEU D 560 34.69 34.89 23.53
CA LEU D 560 33.29 35.10 23.91
C LEU D 560 33.06 34.44 25.26
N ASP D 561 33.05 35.25 26.32
CA ASP D 561 32.88 34.77 27.68
C ASP D 561 31.52 35.22 28.23
N TYR D 562 31.14 34.61 29.35
CA TYR D 562 29.92 34.94 30.06
C TYR D 562 30.26 35.22 31.51
N ILE D 563 29.69 36.29 32.07
CA ILE D 563 29.94 36.68 33.45
C ILE D 563 28.72 36.31 34.28
N LEU D 564 28.93 35.51 35.32
CA LEU D 564 27.86 35.10 36.21
C LEU D 564 27.96 35.83 37.54
N TYR D 565 26.85 35.88 38.26
CA TYR D 565 26.74 36.54 39.54
C TYR D 565 25.93 35.66 40.49
N PRO D 566 26.11 35.82 41.79
CA PRO D 566 25.33 35.03 42.73
C PRO D 566 23.84 35.31 42.58
N PRO D 567 22.98 34.34 42.90
CA PRO D 567 23.31 33.01 43.43
C PRO D 567 23.67 31.98 42.35
N LEU D 568 23.98 32.45 41.14
CA LEU D 568 24.23 31.51 40.05
C LEU D 568 25.68 31.01 40.03
N SER D 569 26.63 31.87 40.38
CA SER D 569 28.04 31.49 40.31
C SER D 569 28.38 30.33 41.23
N LEU D 570 27.53 30.04 42.23
CA LEU D 570 27.77 28.95 43.15
C LEU D 570 27.38 27.59 42.58
N VAL D 571 26.88 27.54 41.35
CA VAL D 571 26.42 26.28 40.76
C VAL D 571 27.16 26.02 39.46
N LEU D 572 27.05 26.95 38.52
CA LEU D 572 27.62 26.76 37.19
C LEU D 572 29.10 27.11 37.18
N ASN D 573 29.89 26.27 36.52
CA ASN D 573 31.32 26.52 36.40
C ASN D 573 31.59 27.47 35.24
N VAL D 574 32.32 28.54 35.51
CA VAL D 574 32.65 29.55 34.52
C VAL D 574 34.17 29.53 34.34
N ASN D 575 34.63 30.23 33.31
CA ASN D 575 36.07 30.34 33.07
C ASN D 575 36.70 31.26 34.10
N ARG D 576 36.74 30.81 35.36
CA ARG D 576 37.26 31.63 36.43
C ARG D 576 38.78 31.76 36.30
N PRO D 577 39.35 32.88 36.78
CA PRO D 577 40.80 33.08 36.65
C PRO D 577 41.63 31.99 37.29
N PHE D 578 41.08 31.27 38.26
CA PHE D 578 41.80 30.20 38.94
C PHE D 578 41.28 28.82 38.55
N GLY D 579 40.49 28.74 37.49
CA GLY D 579 39.96 27.48 37.00
C GLY D 579 40.84 26.85 35.95
N ARG D 580 40.26 25.90 35.21
CA ARG D 580 40.97 25.19 34.16
C ARG D 580 40.68 25.74 32.77
N LYS D 581 39.80 26.74 32.66
CA LYS D 581 39.45 27.35 31.38
C LYS D 581 38.91 26.31 30.40
N GLU D 582 38.00 25.46 30.89
CA GLU D 582 37.37 24.46 30.04
C GLU D 582 36.61 25.13 28.90
N TYR D 583 35.67 26.00 29.25
CA TYR D 583 34.90 26.71 28.24
C TYR D 583 35.82 27.52 27.32
N LEU D 584 36.91 28.05 27.87
CA LEU D 584 37.81 28.86 27.07
C LEU D 584 38.46 28.03 25.97
N ARG D 585 39.06 26.90 26.34
CA ARG D 585 39.72 26.06 25.34
C ARG D 585 38.70 25.44 24.37
N ILE D 586 37.51 25.10 24.87
CA ILE D 586 36.48 24.55 23.99
C ILE D 586 36.06 25.59 22.96
N PHE D 587 35.83 26.83 23.41
CA PHE D 587 35.45 27.90 22.50
C PHE D 587 36.58 28.22 21.53
N ASN D 588 37.84 28.12 21.97
CA ASN D 588 38.95 28.36 21.05
C ASN D 588 39.02 27.30 19.97
N PHE D 589 38.82 26.03 20.35
CA PHE D 589 38.79 24.96 19.36
C PHE D 589 37.66 25.16 18.36
N LEU D 590 36.44 25.36 18.87
CA LEU D 590 35.30 25.59 17.99
C LEU D 590 35.47 26.86 17.17
N TRP D 591 36.21 27.84 17.69
CA TRP D 591 36.43 29.09 16.99
C TRP D 591 37.40 28.93 15.84
N ARG D 592 38.47 28.16 16.05
CA ARG D 592 39.36 27.82 14.95
C ARG D 592 38.61 27.02 13.88
N PHE D 593 37.75 26.10 14.30
CA PHE D 593 36.98 25.32 13.34
C PHE D 593 36.03 26.21 12.53
N LYS D 594 35.33 27.13 13.23
CA LYS D 594 34.43 28.04 12.53
C LYS D 594 35.18 29.02 11.64
N LYS D 595 36.40 29.41 12.03
CA LYS D 595 37.21 30.27 11.20
C LYS D 595 37.61 29.55 9.91
N ASN D 596 38.05 28.30 10.02
CA ASN D 596 38.35 27.51 8.83
C ASN D 596 37.11 27.35 7.95
N ASN D 597 35.96 27.08 8.57
CA ASN D 597 34.74 26.89 7.80
C ASN D 597 34.31 28.18 7.09
N TYR D 598 34.44 29.32 7.77
CA TYR D 598 34.09 30.59 7.15
C TYR D 598 35.04 30.93 6.02
N PHE D 599 36.33 30.62 6.18
CA PHE D 599 37.27 30.85 5.09
C PHE D 599 36.95 29.97 3.90
N TYR D 600 36.59 28.72 4.14
CA TYR D 600 36.15 27.84 3.06
C TYR D 600 34.92 28.41 2.37
N GLN D 601 33.95 28.90 3.14
CA GLN D 601 32.73 29.47 2.56
C GLN D 601 33.06 30.71 1.73
N LYS D 602 34.00 31.53 2.21
CA LYS D 602 34.36 32.75 1.48
C LYS D 602 35.03 32.40 0.17
N GLU D 603 35.97 31.45 0.20
CA GLU D 603 36.59 31.00 -1.05
C GLU D 603 35.56 30.41 -1.99
N MET D 604 34.60 29.65 -1.44
CA MET D 604 33.57 29.04 -2.28
C MET D 604 32.70 30.10 -2.95
N LEU D 605 32.26 31.10 -2.20
CA LEU D 605 31.41 32.12 -2.77
C LEU D 605 32.18 32.97 -3.79
N LYS D 606 33.44 33.27 -3.51
CA LYS D 606 34.24 34.02 -4.46
C LYS D 606 34.41 33.24 -5.76
N SER D 607 34.76 31.96 -5.66
CA SER D 607 34.94 31.15 -6.86
C SER D 607 33.63 31.00 -7.62
N ASN D 608 32.52 30.80 -6.92
CA ASN D 608 31.23 30.64 -7.59
C ASN D 608 30.84 31.91 -8.32
N ASP D 609 31.00 33.07 -7.66
CA ASP D 609 30.66 34.33 -8.30
C ASP D 609 31.55 34.61 -9.50
N ILE D 610 32.86 34.31 -9.39
CA ILE D 610 33.74 34.62 -10.50
C ILE D 610 33.47 33.68 -11.67
N ILE D 611 33.16 32.41 -11.41
CA ILE D 611 32.85 31.50 -12.51
C ILE D 611 31.51 31.85 -13.13
N ARG D 612 30.55 32.32 -12.33
CA ARG D 612 29.31 32.82 -12.88
C ARG D 612 29.56 34.01 -13.78
N SER D 613 30.46 34.90 -13.37
CA SER D 613 30.82 36.04 -14.22
C SER D 613 31.46 35.59 -15.52
N PHE D 614 32.37 34.60 -15.45
CA PHE D 614 32.91 34.02 -16.67
C PHE D 614 31.80 33.54 -17.59
N LYS D 615 30.93 32.65 -17.07
CA LYS D 615 29.84 32.11 -17.88
C LYS D 615 28.96 33.21 -18.46
N LYS D 616 28.78 34.32 -17.72
CA LYS D 616 28.00 35.43 -18.24
C LYS D 616 28.69 36.08 -19.44
N ILE D 617 29.97 36.42 -19.30
CA ILE D 617 30.66 37.20 -20.31
C ILE D 617 31.73 36.36 -21.05
N ARG D 618 31.55 35.05 -21.12
CA ARG D 618 32.50 34.24 -21.87
C ARG D 618 32.23 34.31 -23.38
N GLY D 619 30.96 34.41 -23.77
CA GLY D 619 30.61 34.32 -25.17
C GLY D 619 31.01 32.96 -25.73
N TYR D 620 32.05 32.93 -26.55
CA TYR D 620 32.64 31.67 -26.98
C TYR D 620 33.81 31.29 -26.08
N ASN D 621 34.84 32.16 -26.03
CA ASN D 621 36.01 32.00 -25.18
C ASN D 621 36.64 30.63 -25.39
N PRO D 622 37.29 30.40 -26.52
CA PRO D 622 37.80 29.04 -26.79
C PRO D 622 39.02 28.68 -25.96
N LEU D 623 39.93 29.62 -25.74
CA LEU D 623 41.16 29.32 -25.01
C LEU D 623 40.92 29.10 -23.53
N ILE D 624 39.73 29.44 -23.02
CA ILE D 624 39.48 29.35 -21.59
C ILE D 624 39.07 27.95 -21.16
N ARG D 625 38.67 27.09 -22.10
CA ARG D 625 38.09 25.79 -21.77
C ARG D 625 38.93 25.03 -20.75
N ASP D 626 40.22 24.86 -21.03
CA ASP D 626 41.09 24.12 -20.12
C ASP D 626 41.17 24.80 -18.76
N ILE D 627 41.26 26.13 -18.75
CA ILE D 627 41.34 26.86 -17.49
C ILE D 627 40.07 26.66 -16.67
N ILE D 628 38.92 26.66 -17.35
CA ILE D 628 37.64 26.44 -16.68
C ILE D 628 37.59 25.03 -16.11
N ASN D 629 38.11 24.06 -16.85
CA ASN D 629 38.19 22.69 -16.36
C ASN D 629 39.05 22.62 -15.09
N LYS D 630 40.23 23.23 -15.15
CA LYS D 630 41.12 23.26 -13.99
C LYS D 630 40.44 23.92 -12.80
N LEU D 631 39.75 25.03 -13.05
CA LEU D 631 39.07 25.75 -11.96
C LEU D 631 37.97 24.91 -11.35
N SER D 632 37.20 24.21 -12.19
CA SER D 632 36.14 23.33 -11.69
C SER D 632 36.72 22.23 -10.83
N ARG D 633 37.81 21.59 -11.30
CA ARG D 633 38.42 20.51 -10.53
C ARG D 633 39.02 21.03 -9.23
N ILE D 634 39.59 22.24 -9.25
CA ILE D 634 40.21 22.79 -8.05
C ILE D 634 39.12 23.19 -7.05
N SER D 635 37.99 23.70 -7.54
CA SER D 635 36.87 23.99 -6.66
C SER D 635 36.30 22.71 -6.08
N ILE D 636 36.34 21.62 -6.85
CA ILE D 636 35.90 20.32 -6.34
C ILE D 636 36.85 19.85 -5.24
N LEU D 637 38.15 20.05 -5.43
CA LEU D 637 39.13 19.67 -4.41
C LEU D 637 38.94 20.50 -3.15
N ARG D 638 38.70 21.80 -3.31
CA ARG D 638 38.41 22.67 -2.18
C ARG D 638 37.13 22.22 -1.48
N THR D 639 36.14 21.78 -2.26
CA THR D 639 34.90 21.27 -1.71
C THR D 639 35.14 20.01 -0.89
N GLN D 640 36.03 19.15 -1.38
CA GLN D 640 36.38 17.94 -0.65
C GLN D 640 37.11 18.27 0.65
N PHE D 641 38.02 19.24 0.58
CA PHE D 641 38.71 19.72 1.78
C PHE D 641 37.72 20.26 2.81
N GLN D 642 36.82 21.13 2.36
CA GLN D 642 35.80 21.69 3.24
C GLN D 642 34.86 20.60 3.75
N GLN D 643 34.64 19.57 2.94
CA GLN D 643 33.79 18.46 3.35
C GLN D 643 34.42 17.68 4.47
N PHE D 644 35.72 17.40 4.36
CA PHE D 644 36.43 16.73 5.45
C PHE D 644 36.44 17.60 6.71
N ASN D 645 36.71 18.90 6.54
CA ASN D 645 36.71 19.82 7.67
C ASN D 645 35.36 19.83 8.38
N SER D 646 34.30 20.08 7.63
CA SER D 646 32.96 20.10 8.20
C SER D 646 32.53 18.73 8.69
N LYS D 647 33.14 17.66 8.15
CA LYS D 647 32.84 16.31 8.60
C LYS D 647 33.38 16.09 10.01
N MET D 648 34.65 16.42 10.21
CA MET D 648 35.23 16.36 11.55
C MET D 648 34.48 17.31 12.49
N GLU D 649 34.14 18.49 12.00
CA GLU D 649 33.42 19.47 12.80
C GLU D 649 32.05 18.95 13.22
N SER D 650 31.36 18.26 12.30
CA SER D 650 30.03 17.75 12.60
C SER D 650 30.11 16.53 13.50
N TYR D 651 31.16 15.74 13.37
CA TYR D 651 31.37 14.63 14.30
C TYR D 651 31.57 15.16 15.71
N TYR D 652 32.43 16.17 15.84
CA TYR D 652 32.63 16.83 17.13
C TYR D 652 31.32 17.41 17.66
N LEU D 653 30.57 18.08 16.79
CA LEU D 653 29.29 18.67 17.17
C LEU D 653 28.31 17.61 17.64
N ASN D 654 28.25 16.49 16.93
CA ASN D 654 27.36 15.39 17.29
C ASN D 654 27.72 14.84 18.65
N CYS D 655 29.00 14.52 18.87
CA CYS D 655 29.41 13.99 20.16
C CYS D 655 29.13 14.98 21.28
N ILE D 656 29.43 16.26 21.05
CA ILE D 656 29.23 17.30 22.06
C ILE D 656 27.76 17.44 22.41
N ILE D 657 26.91 17.53 21.38
CA ILE D 657 25.48 17.74 21.61
C ILE D 657 24.86 16.48 22.22
N GLU D 658 25.40 15.31 21.90
CA GLU D 658 24.98 14.08 22.55
C GLU D 658 25.29 14.16 24.04
N GLU D 659 26.50 14.59 24.38
CA GLU D 659 26.86 14.77 25.78
C GLU D 659 25.92 15.75 26.46
N ASN D 660 25.64 16.88 25.80
CA ASN D 660 24.75 17.89 26.36
C ASN D 660 23.37 17.30 26.65
N PHE D 661 22.78 16.64 25.66
CA PHE D 661 21.42 16.14 25.80
C PHE D 661 21.34 15.01 26.81
N LYS D 662 22.32 14.11 26.80
CA LYS D 662 22.35 13.04 27.79
C LYS D 662 22.52 13.61 29.20
N GLU D 663 23.31 14.68 29.32
CA GLU D 663 23.47 15.35 30.61
C GLU D 663 22.14 15.93 31.07
N MET D 664 21.48 16.69 30.21
CA MET D 664 20.18 17.27 30.54
C MET D 664 19.19 16.20 30.96
N THR D 665 19.10 15.11 30.18
CA THR D 665 18.12 14.07 30.45
C THR D 665 18.50 13.18 31.63
N ARG D 666 19.77 13.16 32.03
CA ARG D 666 20.22 12.27 33.09
C ARG D 666 20.81 12.99 34.28
N LYS D 667 21.14 14.28 34.17
CA LYS D 667 21.65 15.05 35.31
C LYS D 667 20.77 16.24 35.63
N LEU D 668 20.37 17.03 34.64
CA LEU D 668 19.48 18.15 34.88
C LEU D 668 18.05 17.70 35.09
N GLN D 669 17.63 16.65 34.40
CA GLN D 669 16.29 16.09 34.53
C GLN D 669 16.35 14.62 34.96
N ARG D 670 17.18 14.34 35.97
CA ARG D 670 17.28 12.97 36.47
C ARG D 670 16.08 12.62 37.34
N THR D 671 15.70 13.51 38.25
CA THR D 671 14.57 13.24 39.14
C THR D 671 13.26 13.10 38.38
N GLU D 672 13.19 13.59 37.14
CA GLU D 672 12.05 13.38 36.28
C GLU D 672 12.37 12.25 35.31
N ASN D 673 11.57 11.18 35.35
CA ASN D 673 11.77 10.00 34.51
C ASN D 673 13.15 9.39 34.74
N LYS D 674 13.34 8.88 35.96
CA LYS D 674 14.59 8.26 36.34
C LYS D 674 14.90 7.06 35.47
N SER D 675 16.18 6.64 35.47
CA SER D 675 16.62 5.54 34.62
C SER D 675 16.11 4.19 35.09
N GLN D 676 15.59 4.11 36.33
CA GLN D 676 15.00 2.89 36.89
C GLN D 676 16.07 1.84 37.18
N ASN D 677 17.32 2.13 36.80
CA ASN D 677 18.43 1.20 37.01
C ASN D 677 18.93 1.38 38.44
N GLN D 678 18.32 0.63 39.36
CA GLN D 678 18.74 0.66 40.76
C GLN D 678 20.11 0.05 40.98
N PHE D 679 20.70 -0.56 39.94
CA PHE D 679 22.00 -1.22 40.05
C PHE D 679 23.10 -0.20 39.77
N ASP D 680 23.95 0.04 40.76
CA ASP D 680 25.08 0.96 40.62
C ASP D 680 26.36 0.15 40.45
N LEU D 681 26.90 0.15 39.23
CA LEU D 681 28.06 -0.65 38.88
C LEU D 681 29.28 0.22 38.72
N ILE D 682 30.45 -0.39 38.93
CA ILE D 682 31.74 0.28 38.78
C ILE D 682 32.63 -0.63 37.93
N ARG D 683 33.15 -0.09 36.85
CA ARG D 683 34.02 -0.82 35.94
C ARG D 683 35.48 -0.59 36.34
N LEU D 684 36.24 -1.67 36.41
CA LEU D 684 37.67 -1.59 36.72
C LEU D 684 38.49 -1.80 35.45
N ASN D 685 39.72 -1.28 35.49
CA ASN D 685 40.60 -1.34 34.33
C ASN D 685 40.93 -2.77 33.91
N ASN D 686 40.84 -3.73 34.84
CA ASN D 686 41.07 -5.13 34.54
C ASN D 686 39.79 -5.87 34.16
N GLY D 687 38.78 -5.15 33.67
CA GLY D 687 37.53 -5.76 33.26
C GLY D 687 36.59 -6.15 34.39
N THR D 688 36.97 -5.91 35.65
CA THR D 688 36.15 -6.29 36.78
C THR D 688 35.00 -5.30 36.95
N ILE D 689 33.79 -5.82 37.11
CA ILE D 689 32.59 -5.02 37.30
C ILE D 689 32.07 -5.32 38.70
N GLU D 690 32.13 -4.32 39.59
CA GLU D 690 31.74 -4.50 40.98
C GLU D 690 30.50 -3.66 41.29
N LEU D 691 29.58 -4.26 42.03
CA LEU D 691 28.41 -3.51 42.49
C LEU D 691 28.82 -2.50 43.55
N ASN D 692 28.38 -1.25 43.38
CA ASN D 692 28.74 -0.19 44.29
C ASN D 692 27.85 -0.24 45.54
N GLY D 693 28.48 -0.22 46.70
CA GLY D 693 27.75 -0.16 47.95
C GLY D 693 26.88 -1.39 48.20
N ILE D 694 25.95 -1.22 49.14
CA ILE D 694 25.01 -2.27 49.49
C ILE D 694 23.93 -2.37 48.42
N LEU D 695 23.43 -3.58 48.21
CA LEU D 695 22.34 -3.81 47.27
C LEU D 695 21.02 -3.63 48.01
N THR D 696 20.19 -2.71 47.51
CA THR D 696 18.90 -2.46 48.12
C THR D 696 17.87 -3.47 47.62
N PRO D 697 16.91 -3.84 48.47
CA PRO D 697 15.84 -4.73 48.02
C PRO D 697 14.97 -4.06 46.97
N LYS D 698 14.09 -4.86 46.37
CA LYS D 698 13.22 -4.36 45.32
C LYS D 698 11.98 -3.67 45.90
N ALA D 699 12.20 -2.71 46.79
CA ALA D 699 11.15 -1.90 47.39
C ALA D 699 10.06 -2.77 48.03
N GLU D 700 10.50 -3.61 48.96
CA GLU D 700 9.59 -4.48 49.72
C GLU D 700 9.99 -4.40 51.19
N VAL D 701 9.17 -3.73 51.99
CA VAL D 701 9.41 -3.58 53.42
C VAL D 701 8.13 -3.98 54.15
N LEU D 702 8.29 -4.57 55.33
CA LEU D 702 7.15 -5.03 56.11
C LEU D 702 6.28 -3.85 56.51
N THR D 703 5.13 -3.69 55.86
CA THR D 703 4.22 -2.58 56.09
C THR D 703 2.81 -3.13 56.29
N LYS D 704 2.49 -3.50 57.53
CA LYS D 704 1.17 -3.99 57.88
C LYS D 704 0.99 -4.05 59.40
N ILE D 715 9.73 15.62 48.00
CA ILE D 715 9.38 14.31 47.46
C ILE D 715 10.36 13.93 46.36
N GLU D 716 10.63 14.87 45.46
CA GLU D 716 11.54 14.61 44.35
C GLU D 716 12.98 14.57 44.83
N LYS D 717 13.73 13.59 44.34
CA LYS D 717 15.15 13.45 44.67
C LYS D 717 15.95 14.47 43.86
N THR D 718 15.80 15.73 44.25
CA THR D 718 16.44 16.84 43.55
C THR D 718 17.80 17.15 44.18
N LEU D 719 18.64 17.84 43.41
CA LEU D 719 20.00 18.16 43.81
C LEU D 719 20.07 19.58 44.34
N ASN D 720 20.91 19.78 45.36
CA ASN D 720 21.13 21.09 45.93
C ASN D 720 22.33 21.77 45.24
N ILE D 721 22.84 22.83 45.85
CA ILE D 721 23.84 23.68 45.19
C ILE D 721 25.08 22.88 44.84
N ASP D 722 25.72 22.29 45.85
CA ASP D 722 26.99 21.60 45.62
C ASP D 722 26.81 20.37 44.72
N GLU D 723 25.67 19.70 44.81
CA GLU D 723 25.43 18.55 43.94
C GLU D 723 25.35 18.98 42.48
N LEU D 724 24.63 20.07 42.20
CA LEU D 724 24.54 20.57 40.84
C LEU D 724 25.88 21.09 40.35
N GLU D 725 26.66 21.71 41.24
CA GLU D 725 27.99 22.18 40.83
C GLU D 725 28.91 21.02 40.51
N SER D 726 28.88 19.96 41.31
CA SER D 726 29.66 18.77 41.01
C SER D 726 29.17 18.10 39.72
N VAL D 727 27.87 18.15 39.47
CA VAL D 727 27.34 17.66 38.19
C VAL D 727 27.95 18.43 37.03
N HIS D 728 27.95 19.75 37.12
CA HIS D 728 28.54 20.58 36.08
C HIS D 728 30.02 20.28 35.89
N ASN D 729 30.74 20.10 37.00
CA ASN D 729 32.18 19.85 36.91
C ASN D 729 32.48 18.48 36.31
N THR D 730 31.72 17.46 36.70
CA THR D 730 31.88 16.14 36.09
C THR D 730 31.50 16.17 34.62
N PHE D 731 30.52 17.00 34.24
CA PHE D 731 30.17 17.16 32.84
C PHE D 731 31.34 17.76 32.07
N LEU D 732 31.93 18.84 32.59
CA LEU D 732 33.10 19.43 31.96
C LEU D 732 34.24 18.43 31.86
N THR D 733 34.40 17.59 32.90
CA THR D 733 35.47 16.59 32.88
C THR D 733 35.22 15.54 31.80
N ASN D 734 34.00 15.01 31.73
CA ASN D 734 33.66 14.07 30.67
C ASN D 734 33.86 14.69 29.29
N ILE D 735 33.65 16.00 29.18
CA ILE D 735 33.97 16.70 27.94
C ILE D 735 35.46 16.64 27.66
N LEU D 736 36.27 17.11 28.59
CA LEU D 736 37.71 17.20 28.38
C LEU D 736 38.40 15.85 28.36
N SER D 737 37.82 14.82 28.98
CA SER D 737 38.46 13.52 29.06
C SER D 737 38.32 12.71 27.77
N HIS D 738 37.71 13.28 26.74
CA HIS D 738 37.63 12.56 25.46
C HIS D 738 39.01 12.40 24.87
N LYS D 739 39.22 11.26 24.19
CA LYS D 739 40.54 10.97 23.63
C LYS D 739 40.94 12.02 22.61
N LEU D 740 40.03 12.36 21.69
CA LEU D 740 40.33 13.39 20.69
C LEU D 740 40.58 14.74 21.34
N PHE D 741 40.04 14.98 22.53
CA PHE D 741 40.33 16.21 23.27
C PHE D 741 41.53 16.05 24.20
N ALA D 742 42.04 14.84 24.38
CA ALA D 742 43.21 14.60 25.23
C ALA D 742 44.45 15.06 24.47
N THR D 743 44.65 16.37 24.44
CA THR D 743 45.76 16.97 23.73
C THR D 743 46.94 17.18 24.68
N ASN D 744 48.12 16.69 24.27
CA ASN D 744 49.36 16.83 25.03
C ASN D 744 49.22 16.24 26.43
N THR D 745 48.81 14.97 26.48
CA THR D 745 48.69 14.23 27.72
C THR D 745 49.39 12.89 27.57
N SER D 746 49.99 12.42 28.66
CA SER D 746 50.70 11.14 28.61
C SER D 746 49.75 9.95 28.57
N GLU D 747 48.49 10.15 28.95
CA GLU D 747 47.52 9.05 29.01
C GLU D 747 46.99 8.64 27.65
N ILE D 748 47.15 9.48 26.62
CA ILE D 748 46.63 9.16 25.29
C ILE D 748 47.64 8.31 24.54
N SER D 749 47.13 7.43 23.68
CA SER D 749 47.98 6.67 22.78
C SER D 749 48.12 7.41 21.45
N VAL D 750 49.32 7.39 20.91
CA VAL D 750 49.60 8.06 19.65
C VAL D 750 49.20 7.14 18.49
N GLY D 751 48.95 7.75 17.34
CA GLY D 751 48.59 6.97 16.17
C GLY D 751 49.76 6.13 15.69
N ASP D 752 49.47 4.86 15.37
CA ASP D 752 50.49 3.95 14.91
C ASP D 752 51.06 4.42 13.57
N TYR D 753 52.34 4.15 13.36
CA TYR D 753 53.10 4.57 12.18
C TYR D 753 53.16 6.09 12.04
N SER D 754 52.72 6.83 13.05
CA SER D 754 52.75 8.29 13.04
C SER D 754 53.52 8.86 14.22
N GLY D 755 53.49 8.21 15.38
CA GLY D 755 54.17 8.71 16.54
C GLY D 755 53.60 9.98 17.13
N GLN D 756 52.43 10.41 16.69
CA GLN D 756 51.82 11.63 17.17
C GLN D 756 50.42 11.35 17.71
N PRO D 757 50.01 12.04 18.77
CA PRO D 757 48.65 11.87 19.29
C PRO D 757 47.62 12.30 18.26
N TYR D 758 46.41 11.79 18.44
CA TYR D 758 45.32 12.10 17.51
C TYR D 758 44.97 13.58 17.46
N PRO D 759 44.85 14.29 18.59
CA PRO D 759 44.64 15.75 18.48
C PRO D 759 45.84 16.47 17.89
N THR D 760 47.05 15.96 18.09
CA THR D 760 48.22 16.58 17.46
C THR D 760 48.15 16.47 15.94
N SER D 761 47.86 15.27 15.43
CA SER D 761 47.69 15.10 14.00
C SER D 761 46.50 15.89 13.48
N LEU D 762 45.47 16.07 14.32
CA LEU D 762 44.33 16.89 13.92
C LEU D 762 44.72 18.35 13.76
N VAL D 763 45.53 18.87 14.70
CA VAL D 763 46.01 20.25 14.57
C VAL D 763 46.92 20.39 13.35
N LEU D 764 47.73 19.36 13.08
CA LEU D 764 48.56 19.39 11.88
C LEU D 764 47.71 19.45 10.62
N LEU D 765 46.65 18.64 10.56
CA LEU D 765 45.75 18.68 9.41
C LEU D 765 45.03 20.01 9.31
N LEU D 766 44.68 20.62 10.44
CA LEU D 766 44.05 21.94 10.43
C LEU D 766 44.99 22.98 9.85
N ASN D 767 46.27 22.94 10.25
CA ASN D 767 47.25 23.86 9.69
C ASN D 767 47.43 23.61 8.19
N SER D 768 47.44 22.34 7.79
CA SER D 768 47.59 22.02 6.37
C SER D 768 46.41 22.55 5.55
N VAL D 769 45.19 22.36 6.04
CA VAL D 769 44.03 22.83 5.29
C VAL D 769 43.92 24.35 5.35
N TYR D 770 44.46 24.98 6.39
CA TYR D 770 44.49 26.44 6.40
C TYR D 770 45.48 26.98 5.37
N GLU D 771 46.65 26.35 5.26
CA GLU D 771 47.56 26.70 4.17
C GLU D 771 46.92 26.46 2.82
N PHE D 772 46.12 25.39 2.70
CA PHE D 772 45.39 25.12 1.48
C PHE D 772 44.40 26.24 1.18
N VAL D 773 43.69 26.72 2.22
CA VAL D 773 42.75 27.83 2.03
C VAL D 773 43.49 29.08 1.60
N LYS D 774 44.67 29.33 2.16
CA LYS D 774 45.41 30.53 1.81
C LYS D 774 45.93 30.48 0.37
N VAL D 775 46.47 29.32 -0.04
CA VAL D 775 46.92 29.22 -1.42
C VAL D 775 45.74 29.22 -2.38
N TYR D 776 44.57 28.77 -1.92
CA TYR D 776 43.36 28.88 -2.73
C TYR D 776 42.94 30.33 -2.88
N CYS D 777 43.09 31.12 -1.82
CA CYS D 777 42.82 32.56 -1.92
C CYS D 777 43.77 33.22 -2.89
N ASN D 778 45.04 32.83 -2.86
CA ASN D 778 46.01 33.35 -3.83
C ASN D 778 45.62 32.97 -5.25
N LEU D 779 45.20 31.72 -5.45
CA LEU D 779 44.78 31.27 -6.77
C LEU D 779 43.54 32.03 -7.23
N ASN D 780 42.62 32.31 -6.31
CA ASN D 780 41.42 33.07 -6.66
C ASN D 780 41.77 34.50 -7.04
N ASP D 781 42.73 35.10 -6.34
CA ASP D 781 43.19 36.43 -6.71
C ASP D 781 43.83 36.42 -8.09
N ILE D 782 44.64 35.41 -8.38
CA ILE D 782 45.24 35.28 -9.71
C ILE D 782 44.16 35.14 -10.78
N GLY D 783 43.15 34.32 -10.49
CA GLY D 783 42.06 34.14 -11.44
C GLY D 783 41.27 35.41 -11.66
N TYR D 784 41.06 36.19 -10.60
CA TYR D 784 40.37 37.47 -10.75
C TYR D 784 41.19 38.44 -11.57
N GLU D 785 42.51 38.45 -11.39
CA GLU D 785 43.35 39.31 -12.22
C GLU D 785 43.29 38.89 -13.68
N ILE D 786 43.31 37.58 -13.94
CA ILE D 786 43.19 37.08 -15.32
C ILE D 786 41.84 37.46 -15.89
N PHE D 787 40.79 37.42 -15.07
CA PHE D 787 39.46 37.83 -15.51
C PHE D 787 39.43 39.29 -15.89
N ILE D 788 40.03 40.15 -15.06
CA ILE D 788 40.09 41.57 -15.39
C ILE D 788 40.88 41.80 -16.67
N LYS D 789 41.95 41.04 -16.87
CA LYS D 789 42.73 41.17 -18.09
C LYS D 789 41.91 40.74 -19.31
N MET D 790 41.13 39.66 -19.18
CA MET D 790 40.25 39.26 -20.27
C MET D 790 39.20 40.32 -20.55
N ASN D 791 38.73 41.01 -19.51
CA ASN D 791 37.85 42.15 -19.73
C ASN D 791 38.57 43.25 -20.49
N LEU D 792 39.86 43.44 -20.22
CA LEU D 792 40.63 44.49 -20.89
C LEU D 792 40.88 44.14 -22.34
N ASN D 793 41.58 43.04 -22.59
CA ASN D 793 41.94 42.62 -23.94
C ASN D 793 41.49 41.18 -24.17
N ASP D 794 41.49 40.78 -25.44
CA ASP D 794 41.01 39.46 -25.85
C ASP D 794 42.20 38.52 -26.03
N HIS D 795 42.62 37.91 -24.93
CA HIS D 795 43.64 36.86 -24.93
C HIS D 795 44.97 37.33 -25.52
N GLU D 796 45.39 38.55 -25.17
CA GLU D 796 46.65 39.11 -25.66
C GLU D 796 47.69 39.30 -24.58
N ALA D 797 47.38 38.97 -23.33
CA ALA D 797 48.30 39.19 -22.22
C ALA D 797 48.04 38.12 -21.17
N SER D 798 48.50 38.36 -19.94
CA SER D 798 48.29 37.48 -18.79
C SER D 798 48.97 36.13 -18.97
N ASN D 799 49.94 36.04 -19.87
CA ASN D 799 50.70 34.80 -20.00
C ASN D 799 51.53 34.53 -18.76
N GLY D 800 52.13 35.57 -18.18
CA GLY D 800 52.81 35.41 -16.90
C GLY D 800 51.85 35.04 -15.79
N LEU D 801 50.65 35.62 -15.83
CA LEU D 801 49.62 35.21 -14.88
C LEU D 801 49.23 33.75 -15.10
N LEU D 802 49.23 33.30 -16.36
CA LEU D 802 48.99 31.88 -16.63
C LEU D 802 50.09 31.00 -16.06
N GLY D 803 51.34 31.43 -16.18
CA GLY D 803 52.43 30.68 -15.59
C GLY D 803 52.33 30.61 -14.07
N LYS D 804 52.01 31.74 -13.44
CA LYS D 804 51.83 31.75 -11.99
C LYS D 804 50.65 30.87 -11.59
N PHE D 805 49.61 30.85 -12.42
CA PHE D 805 48.48 29.95 -12.18
C PHE D 805 48.92 28.48 -12.24
N ASN D 806 49.78 28.15 -13.21
CA ASN D 806 50.28 26.79 -13.31
C ASN D 806 51.13 26.42 -12.09
N THR D 807 51.97 27.34 -11.62
CA THR D 807 52.78 27.07 -10.44
C THR D 807 51.91 26.88 -9.21
N ASN D 808 50.90 27.74 -9.03
CA ASN D 808 49.98 27.58 -7.91
C ASN D 808 49.20 26.28 -8.02
N LEU D 809 48.88 25.84 -9.24
CA LEU D 809 48.22 24.55 -9.43
C LEU D 809 49.11 23.41 -9.00
N LYS D 810 50.39 23.45 -9.39
CA LYS D 810 51.33 22.42 -8.95
C LYS D 810 51.46 22.41 -7.43
N GLU D 811 51.55 23.59 -6.82
CA GLU D 811 51.64 23.68 -5.37
C GLU D 811 50.40 23.09 -4.71
N ILE D 812 49.22 23.40 -5.25
CA ILE D 812 47.97 22.90 -4.68
C ILE D 812 47.89 21.38 -4.85
N VAL D 813 48.36 20.86 -5.97
CA VAL D 813 48.36 19.41 -6.18
C VAL D 813 49.30 18.73 -5.18
N SER D 814 50.47 19.31 -4.95
CA SER D 814 51.39 18.74 -3.97
C SER D 814 50.77 18.77 -2.57
N GLN D 815 50.15 19.89 -2.20
CA GLN D 815 49.49 19.98 -0.90
C GLN D 815 48.38 18.95 -0.78
N TYR D 816 47.61 18.76 -1.86
CA TYR D 816 46.53 17.78 -1.83
C TYR D 816 47.07 16.36 -1.66
N LYS D 817 48.16 16.03 -2.36
CA LYS D 817 48.75 14.71 -2.21
C LYS D 817 49.27 14.48 -0.81
N ASN D 818 49.96 15.47 -0.25
CA ASN D 818 50.48 15.34 1.11
C ASN D 818 49.33 15.20 2.12
N PHE D 819 48.28 16.00 1.95
CA PHE D 819 47.14 15.92 2.86
C PHE D 819 46.41 14.59 2.71
N LYS D 820 46.35 14.04 1.49
CA LYS D 820 45.71 12.74 1.31
C LYS D 820 46.52 11.63 1.95
N ASP D 821 47.85 11.70 1.87
CA ASP D 821 48.69 10.75 2.58
C ASP D 821 48.49 10.85 4.08
N ARG D 822 48.44 12.09 4.60
CA ARG D 822 48.20 12.29 6.02
C ARG D 822 46.85 11.75 6.45
N LEU D 823 45.83 11.95 5.61
CA LEU D 823 44.50 11.46 5.92
C LEU D 823 44.43 9.94 5.86
N TYR D 824 45.17 9.32 4.94
CA TYR D 824 45.24 7.87 4.93
C TYR D 824 45.92 7.34 6.18
N ILE D 825 46.99 8.00 6.62
CA ILE D 825 47.63 7.62 7.87
C ILE D 825 46.66 7.77 9.04
N PHE D 826 45.88 8.86 9.03
CA PHE D 826 44.91 9.09 10.09
C PHE D 826 43.82 8.02 10.09
N ARG D 827 43.37 7.61 8.91
CA ARG D 827 42.39 6.53 8.80
C ARG D 827 42.97 5.24 9.34
N ALA D 828 44.23 4.93 9.00
CA ALA D 828 44.88 3.74 9.54
C ALA D 828 44.96 3.80 11.06
N ASP D 829 45.26 4.97 11.60
CA ASP D 829 45.33 5.13 13.05
C ASP D 829 43.98 4.92 13.71
N LEU D 830 42.92 5.44 13.10
CA LEU D 830 41.57 5.26 13.66
C LEU D 830 41.14 3.81 13.57
N LYS D 831 41.47 3.13 12.48
CA LYS D 831 41.10 1.72 12.35
C LYS D 831 41.87 0.86 13.34
N ASN D 832 43.17 1.13 13.51
CA ASN D 832 44.02 0.33 14.38
C ASN D 832 44.01 0.80 15.82
N ASP D 833 43.22 1.81 16.16
CA ASP D 833 43.17 2.27 17.54
C ASP D 833 42.38 1.32 18.44
N GLY D 834 41.40 0.62 17.88
CA GLY D 834 40.57 -0.31 18.61
C GLY D 834 39.16 0.22 18.86
N ASP D 835 39.01 1.53 18.99
CA ASP D 835 37.70 2.12 19.20
C ASP D 835 36.83 1.92 17.96
N GLU D 836 35.65 1.33 18.15
CA GLU D 836 34.75 1.10 17.03
C GLU D 836 34.23 2.41 16.45
N GLU D 837 34.12 3.46 17.27
CA GLU D 837 33.69 4.74 16.74
C GLU D 837 34.76 5.35 15.85
N LEU D 838 36.03 5.21 16.21
CA LEU D 838 37.11 5.62 15.32
C LEU D 838 37.10 4.78 14.05
N PHE D 839 36.78 3.50 14.17
CA PHE D 839 36.64 2.65 12.99
C PHE D 839 35.56 3.20 12.06
N LEU D 840 34.40 3.55 12.63
CA LEU D 840 33.32 4.09 11.82
C LEU D 840 33.70 5.42 11.19
N LEU D 841 34.40 6.28 11.93
CA LEU D 841 34.81 7.57 11.40
C LEU D 841 35.79 7.40 10.26
N SER D 842 36.77 6.49 10.42
CA SER D 842 37.74 6.24 9.36
C SER D 842 37.07 5.61 8.14
N LYS D 843 36.07 4.76 8.37
CA LYS D 843 35.32 4.18 7.24
C LYS D 843 34.57 5.27 6.48
N SER D 844 33.89 6.16 7.21
CA SER D 844 33.13 7.22 6.57
C SER D 844 34.06 8.17 5.82
N LEU D 845 35.22 8.49 6.39
CA LEU D 845 36.20 9.29 5.67
C LEU D 845 36.78 8.52 4.50
N ARG D 846 36.79 7.19 4.57
CA ARG D 846 37.31 6.37 3.48
C ARG D 846 36.36 6.36 2.29
N GLU E 164 65.73 0.40 81.15
CA GLU E 164 66.58 0.68 82.31
C GLU E 164 65.75 1.05 83.54
N ILE E 165 64.47 1.33 83.31
CA ILE E 165 63.58 1.65 84.41
C ILE E 165 63.33 0.41 85.28
N LYS E 166 63.28 -0.76 84.65
CA LYS E 166 63.07 -1.99 85.39
C LYS E 166 64.26 -2.30 86.30
N SER E 167 65.49 -2.00 85.83
CA SER E 167 66.65 -2.18 86.67
C SER E 167 66.63 -1.23 87.85
N LEU E 168 66.17 0.01 87.63
CA LEU E 168 66.04 0.95 88.75
C LEU E 168 65.01 0.47 89.75
N LYS E 169 63.89 -0.06 89.27
CA LYS E 169 62.88 -0.60 90.17
C LYS E 169 63.42 -1.80 90.94
N HIS E 170 64.24 -2.62 90.29
CA HIS E 170 64.86 -3.76 90.98
C HIS E 170 65.83 -3.29 92.06
N GLU E 171 66.61 -2.25 91.76
CA GLU E 171 67.50 -1.70 92.77
C GLU E 171 66.72 -1.11 93.94
N ILE E 172 65.59 -0.48 93.65
CA ILE E 172 64.75 0.06 94.72
C ILE E 172 64.15 -1.06 95.54
N LYS E 173 63.81 -2.18 94.91
CA LYS E 173 63.31 -3.33 95.66
C LYS E 173 64.40 -3.94 96.52
N GLU E 174 65.64 -3.93 96.04
CA GLU E 174 66.75 -4.38 96.89
C GLU E 174 66.94 -3.46 98.08
N LEU E 175 66.82 -2.15 97.86
CA LEU E 175 66.87 -1.20 98.97
C LEU E 175 65.73 -1.46 99.95
N ARG E 176 64.54 -1.79 99.44
CA ARG E 176 63.41 -2.12 100.29
C ARG E 176 63.69 -3.38 101.10
N LYS E 177 64.37 -4.36 100.50
CA LYS E 177 64.72 -5.57 101.24
C LYS E 177 65.73 -5.27 102.34
N GLU E 178 66.71 -4.41 102.04
CA GLU E 178 67.65 -3.99 103.08
C GLU E 178 66.92 -3.27 104.22
N LYS E 179 65.99 -2.39 103.88
CA LYS E 179 65.23 -1.69 104.91
C LYS E 179 64.31 -2.63 105.67
N ASN E 180 63.86 -3.71 105.03
CA ASN E 180 63.07 -4.71 105.75
C ASN E 180 63.94 -5.50 106.71
N ASP E 181 65.20 -5.73 106.35
CA ASP E 181 66.15 -6.31 107.31
C ASP E 181 66.36 -5.38 108.49
N THR E 182 66.51 -4.08 108.22
CA THR E 182 66.59 -3.10 109.30
C THR E 182 65.30 -3.10 110.14
N LEU E 183 64.16 -3.35 109.50
CA LEU E 183 62.90 -3.39 110.23
C LEU E 183 62.81 -4.64 111.11
N ASN E 184 63.38 -5.75 110.65
CA ASN E 184 63.46 -6.94 111.50
C ASN E 184 64.38 -6.70 112.69
N ASN E 185 65.49 -5.99 112.46
CA ASN E 185 66.33 -5.56 113.57
C ASN E 185 65.55 -4.67 114.52
N TYR E 186 64.74 -3.76 113.98
CA TYR E 186 63.89 -2.92 114.82
C TYR E 186 62.89 -3.75 115.61
N ASP E 187 62.38 -4.83 115.03
CA ASP E 187 61.39 -5.65 115.71
C ASP E 187 62.02 -6.45 116.84
N THR E 188 63.20 -7.02 116.63
CA THR E 188 63.87 -7.71 117.74
C THR E 188 64.32 -6.71 118.80
N LEU E 189 64.70 -5.49 118.40
CA LEU E 189 64.98 -4.45 119.37
C LEU E 189 63.73 -4.09 120.16
N GLU E 190 62.56 -4.11 119.51
CA GLU E 190 61.31 -3.79 120.19
C GLU E 190 60.92 -4.87 121.18
N GLU E 191 61.13 -6.14 120.81
CA GLU E 191 60.81 -7.21 121.76
C GLU E 191 61.79 -7.19 122.93
N GLU E 192 63.07 -6.90 122.68
CA GLU E 192 64.01 -6.71 123.78
C GLU E 192 63.59 -5.54 124.67
N THR E 193 63.10 -4.47 124.05
CA THR E 193 62.64 -3.32 124.81
C THR E 193 61.43 -3.66 125.66
N ASP E 194 60.51 -4.47 125.14
CA ASP E 194 59.37 -4.90 125.92
C ASP E 194 59.81 -5.77 127.10
N ASP E 195 60.77 -6.68 126.86
CA ASP E 195 61.28 -7.51 127.94
C ASP E 195 61.90 -6.66 129.04
N LEU E 196 62.74 -5.69 128.66
CA LEU E 196 63.37 -4.85 129.67
C LEU E 196 62.40 -3.87 130.31
N LYS E 197 61.31 -3.51 129.62
CA LYS E 197 60.26 -2.73 130.26
C LYS E 197 59.54 -3.55 131.32
N ASN E 198 59.27 -4.82 131.03
CA ASN E 198 58.71 -5.70 132.05
C ASN E 198 59.66 -5.85 133.23
N ARG E 199 60.97 -5.97 132.94
CA ARG E 199 61.95 -6.05 134.02
C ARG E 199 61.97 -4.78 134.86
N LEU E 200 61.88 -3.62 134.21
CA LEU E 200 61.81 -2.35 134.92
C LEU E 200 60.59 -2.29 135.81
N GLN E 201 59.43 -2.68 135.29
CA GLN E 201 58.20 -2.64 136.07
C GLN E 201 58.27 -3.62 137.24
N ALA E 202 58.92 -4.77 137.05
CA ALA E 202 59.02 -5.74 138.13
C ALA E 202 59.99 -5.27 139.21
N LEU E 203 61.10 -4.65 138.82
CA LEU E 203 62.07 -4.20 139.81
C LEU E 203 61.60 -2.94 140.53
N GLU E 204 60.78 -2.11 139.88
CA GLU E 204 60.22 -0.94 140.55
C GLU E 204 59.20 -1.35 141.61
N LYS E 205 58.19 -2.12 141.21
CA LYS E 205 57.15 -2.56 142.13
C LYS E 205 57.63 -3.73 142.99
N ASP F 112 27.79 -68.46 68.12
CA ASP F 112 27.74 -68.54 66.66
C ASP F 112 29.00 -67.97 66.03
N VAL F 113 28.83 -67.34 64.86
CA VAL F 113 29.94 -66.73 64.13
C VAL F 113 29.70 -65.24 64.03
N PRO F 114 30.75 -64.42 63.91
CA PRO F 114 30.54 -62.98 63.74
C PRO F 114 29.82 -62.66 62.43
N MET F 115 28.76 -61.87 62.52
CA MET F 115 27.95 -61.55 61.37
C MET F 115 28.73 -60.71 60.35
N SER F 116 28.47 -60.96 59.08
CA SER F 116 29.15 -60.23 58.01
C SER F 116 28.59 -58.82 57.88
N GLN F 117 29.47 -57.87 57.60
CA GLN F 117 29.05 -56.48 57.46
C GLN F 117 28.21 -56.32 56.20
N PRO F 118 27.09 -55.61 56.27
CA PRO F 118 26.14 -55.61 55.13
C PRO F 118 26.74 -55.02 53.87
N LEU F 119 26.26 -55.53 52.73
CA LEU F 119 26.73 -55.07 51.43
C LEU F 119 26.22 -53.67 51.10
N LYS F 120 24.93 -53.44 51.27
CA LYS F 120 24.37 -52.10 51.05
C LYS F 120 25.04 -51.09 51.98
N GLU F 121 25.35 -51.52 53.21
CA GLU F 121 26.01 -50.63 54.15
C GLU F 121 27.37 -50.18 53.64
N GLN F 122 28.21 -51.13 53.22
CA GLN F 122 29.52 -50.76 52.74
C GLN F 122 29.45 -49.98 51.43
N GLU F 123 28.44 -50.25 50.59
CA GLU F 123 28.28 -49.49 49.36
C GLU F 123 27.95 -48.03 49.65
N VAL F 124 26.92 -47.80 50.47
CA VAL F 124 26.56 -46.42 50.78
C VAL F 124 27.68 -45.74 51.56
N ARG F 125 28.44 -46.51 52.36
CA ARG F 125 29.53 -45.91 53.11
C ARG F 125 30.66 -45.47 52.19
N GLU F 126 31.03 -46.31 51.21
CA GLU F 126 32.07 -45.90 50.28
C GLU F 126 31.62 -44.74 49.41
N HIS F 127 30.34 -44.71 49.03
CA HIS F 127 29.82 -43.58 48.27
C HIS F 127 29.91 -42.29 49.08
N GLN F 128 29.42 -42.33 50.33
CA GLN F 128 29.45 -41.15 51.18
C GLN F 128 30.87 -40.73 51.48
N MET F 129 31.78 -41.69 51.61
CA MET F 129 33.17 -41.36 51.94
C MET F 129 33.87 -40.73 50.75
N LYS F 130 33.61 -41.22 49.54
CA LYS F 130 34.14 -40.58 48.34
C LYS F 130 33.60 -39.16 48.21
N LYS F 131 32.29 -38.98 48.41
CA LYS F 131 31.71 -37.66 48.33
C LYS F 131 32.31 -36.73 49.38
N GLU F 132 32.52 -37.23 50.60
CA GLU F 132 33.07 -36.40 51.66
C GLU F 132 34.53 -36.05 51.40
N ARG F 133 35.31 -37.00 50.87
CA ARG F 133 36.69 -36.70 50.52
C ARG F 133 36.76 -35.62 49.45
N PHE F 134 35.93 -35.75 48.40
CA PHE F 134 35.91 -34.72 47.37
C PHE F 134 35.47 -33.37 47.94
N ASP F 135 34.43 -33.36 48.77
CA ASP F 135 33.93 -32.12 49.33
C ASP F 135 34.97 -31.45 50.21
N ARG F 136 35.67 -32.24 51.03
CA ARG F 136 36.67 -31.65 51.91
C ARG F 136 37.88 -31.16 51.14
N ALA F 137 38.28 -31.88 50.09
CA ALA F 137 39.36 -31.39 49.23
C ALA F 137 38.97 -30.07 48.58
N LEU F 138 37.75 -30.00 48.05
CA LEU F 138 37.29 -28.77 47.40
C LEU F 138 37.18 -27.63 48.40
N GLU F 139 36.75 -27.91 49.63
CA GLU F 139 36.62 -26.86 50.63
C GLU F 139 37.98 -26.35 51.08
N SER F 140 38.94 -27.26 51.29
CA SER F 140 40.30 -26.84 51.62
C SER F 140 40.95 -26.11 50.45
N LYS F 141 40.49 -26.38 49.23
CA LYS F 141 40.99 -25.66 48.06
C LYS F 141 40.42 -24.26 47.94
N LEU F 142 39.25 -24.00 48.51
CA LEU F 142 38.57 -22.72 48.36
C LEU F 142 38.81 -21.83 49.58
N LEU F 143 40.06 -21.40 49.70
CA LEU F 143 40.52 -20.34 50.60
C LEU F 143 40.46 -20.70 52.08
N GLY F 144 39.91 -21.87 52.45
CA GLY F 144 39.89 -22.27 53.84
C GLY F 144 39.11 -21.34 54.76
N LYS F 145 37.78 -21.33 54.63
CA LYS F 145 36.96 -20.43 55.43
C LYS F 145 37.13 -20.68 56.93
N ARG F 146 37.57 -21.87 57.32
CA ARG F 146 37.80 -22.16 58.73
C ARG F 146 39.05 -21.45 59.22
N HIS F 147 38.96 -20.81 60.38
CA HIS F 147 40.08 -20.06 60.93
C HIS F 147 40.03 -20.09 62.44
N ILE F 148 41.18 -19.83 63.06
CA ILE F 148 41.31 -19.66 64.50
C ILE F 148 42.20 -18.45 64.75
N THR F 149 41.76 -17.56 65.64
CA THR F 149 42.44 -16.30 65.88
C THR F 149 42.77 -16.16 67.37
N TYR F 150 43.63 -15.20 67.67
CA TYR F 150 44.00 -14.86 69.04
C TYR F 150 43.78 -13.37 69.25
N ALA F 151 43.09 -13.03 70.35
CA ALA F 151 42.80 -11.64 70.64
C ALA F 151 44.08 -10.91 71.06
N ASN F 152 44.49 -9.93 70.27
CA ASN F 152 45.68 -9.14 70.54
C ASN F 152 45.35 -7.67 70.74
N SER F 153 44.15 -7.39 71.26
CA SER F 153 43.69 -6.02 71.47
C SER F 153 42.93 -5.93 72.78
N ASP F 154 43.05 -4.78 73.44
CA ASP F 154 42.36 -4.53 74.70
C ASP F 154 41.82 -3.11 74.70
N ILE F 155 40.70 -2.92 75.40
CA ILE F 155 40.07 -1.62 75.46
C ILE F 155 40.78 -0.74 76.49
N SER F 156 40.67 0.58 76.29
CA SER F 156 41.25 1.55 77.21
C SER F 156 40.27 2.70 77.37
N ASN F 157 40.02 3.08 78.63
CA ASN F 157 39.06 4.13 78.97
C ASN F 157 39.80 5.28 79.63
N LYS F 158 39.89 6.41 78.92
CA LYS F 158 40.86 7.45 79.22
C LYS F 158 40.83 7.89 80.69
N GLU F 159 39.65 8.15 81.23
CA GLU F 159 39.55 8.69 82.58
C GLU F 159 40.16 7.74 83.60
N LEU F 160 39.90 6.45 83.47
CA LEU F 160 40.52 5.45 84.34
C LEU F 160 41.86 4.97 83.79
N TYR F 161 42.04 5.01 82.48
CA TYR F 161 43.33 4.64 81.87
C TYR F 161 44.43 5.55 82.39
N ILE F 162 45.45 4.94 82.99
CA ILE F 162 46.53 5.72 83.57
C ILE F 162 47.24 6.53 82.50
N ASN F 163 47.42 7.83 82.76
CA ASN F 163 48.14 8.67 81.82
C ASN F 163 49.62 8.29 81.75
N GLU F 164 50.17 7.78 82.84
CA GLU F 164 51.56 7.32 82.87
C GLU F 164 51.76 6.46 84.10
N ILE F 165 52.61 5.42 83.95
CA ILE F 165 52.94 4.54 85.07
C ILE F 165 54.06 5.11 85.92
N LYS F 166 54.55 6.32 85.60
CA LYS F 166 55.67 6.91 86.33
C LYS F 166 55.40 7.01 87.81
N SER F 167 54.13 6.96 88.22
CA SER F 167 53.79 6.98 89.64
C SER F 167 54.57 5.93 90.42
N LEU F 168 54.87 4.80 89.79
CA LEU F 168 55.71 3.79 90.43
C LEU F 168 56.99 4.41 90.98
N LYS F 169 57.75 5.08 90.11
CA LYS F 169 58.95 5.79 90.58
C LYS F 169 58.58 6.83 91.62
N HIS F 170 57.46 7.52 91.43
CA HIS F 170 56.93 8.41 92.47
C HIS F 170 56.74 7.64 93.76
N GLU F 171 56.00 6.53 93.71
CA GLU F 171 55.85 5.67 94.88
C GLU F 171 57.22 5.28 95.43
N ILE F 172 58.16 4.98 94.52
CA ILE F 172 59.54 4.72 94.93
C ILE F 172 60.02 5.83 95.84
N LYS F 173 59.99 7.08 95.34
CA LYS F 173 60.38 8.22 96.15
C LYS F 173 59.64 8.20 97.48
N GLU F 174 58.32 8.02 97.43
CA GLU F 174 57.53 7.92 98.65
C GLU F 174 58.11 6.86 99.58
N LEU F 175 58.24 5.62 99.07
CA LEU F 175 58.82 4.55 99.87
C LEU F 175 60.21 4.94 100.33
N ARG F 176 61.00 5.58 99.45
CA ARG F 176 62.30 6.10 99.83
C ARG F 176 62.20 6.87 101.14
N LYS F 177 61.34 7.89 101.17
CA LYS F 177 61.15 8.67 102.39
C LYS F 177 60.81 7.76 103.55
N GLU F 178 59.84 6.86 103.35
CA GLU F 178 59.44 5.94 104.40
C GLU F 178 60.64 5.18 104.93
N LYS F 179 61.51 4.70 104.03
CA LYS F 179 62.72 4.01 104.44
C LYS F 179 63.46 4.81 105.50
N ASN F 180 63.77 6.07 105.19
CA ASN F 180 64.46 6.93 106.15
C ASN F 180 63.74 6.92 107.49
N ASP F 181 62.43 7.14 107.47
CA ASP F 181 61.64 7.14 108.70
C ASP F 181 61.92 5.90 109.52
N THR F 182 61.82 4.73 108.90
CA THR F 182 62.11 3.48 109.60
C THR F 182 63.47 3.57 110.30
N LEU F 183 64.50 3.88 109.53
CA LEU F 183 65.84 4.05 110.10
C LEU F 183 65.79 4.97 111.30
N ASN F 184 65.21 6.15 111.12
CA ASN F 184 65.07 7.11 112.22
C ASN F 184 64.42 6.43 113.42
N ASN F 185 63.25 5.84 113.21
CA ASN F 185 62.56 5.16 114.30
C ASN F 185 63.47 4.15 114.96
N TYR F 186 64.15 3.33 114.14
CA TYR F 186 65.09 2.36 114.67
C TYR F 186 66.05 3.02 115.65
N ASP F 187 66.73 4.07 115.20
CA ASP F 187 67.64 4.82 116.04
C ASP F 187 66.98 5.16 117.37
N THR F 188 65.81 5.81 117.30
CA THR F 188 65.09 6.18 118.51
C THR F 188 64.93 4.99 119.44
N LEU F 189 64.40 3.88 118.90
CA LEU F 189 64.21 2.70 119.72
C LEU F 189 65.50 2.31 120.42
N GLU F 190 66.60 2.23 119.66
CA GLU F 190 67.90 1.95 120.23
C GLU F 190 68.13 2.82 121.45
N GLU F 191 68.07 4.15 121.26
CA GLU F 191 68.23 5.08 122.37
C GLU F 191 67.37 4.65 123.55
N GLU F 192 66.06 4.55 123.33
CA GLU F 192 65.15 4.15 124.40
C GLU F 192 65.67 2.90 125.08
N THR F 193 65.91 1.84 124.30
CA THR F 193 66.45 0.60 124.85
C THR F 193 67.64 0.91 125.75
N ASP F 194 68.68 1.50 125.16
CA ASP F 194 69.87 1.84 125.94
C ASP F 194 69.50 2.65 127.17
N ASP F 195 68.71 3.70 126.96
CA ASP F 195 68.24 4.51 128.09
C ASP F 195 67.64 3.63 129.16
N LEU F 196 66.61 2.87 128.79
CA LEU F 196 65.94 2.02 129.77
C LEU F 196 66.91 1.00 130.34
N LYS F 197 67.83 0.50 129.50
CA LYS F 197 68.83 -0.43 130.00
C LYS F 197 69.61 0.19 131.15
N ASN F 198 70.06 1.43 130.99
CA ASN F 198 70.76 2.11 132.07
C ASN F 198 69.89 2.16 133.33
N ARG F 199 68.60 2.44 133.14
CA ARG F 199 67.70 2.47 134.28
C ARG F 199 67.68 1.12 134.98
N LEU F 200 67.66 0.03 134.21
CA LEU F 200 67.77 -1.31 134.79
C LEU F 200 69.00 -1.40 135.68
N GLN F 201 70.14 -0.92 135.19
CA GLN F 201 71.35 -0.93 135.99
C GLN F 201 71.14 -0.17 137.29
N ALA F 202 70.47 0.98 137.24
CA ALA F 202 70.14 1.70 138.45
C ALA F 202 69.34 0.83 139.40
N LEU F 203 68.31 0.15 138.87
CA LEU F 203 67.50 -0.72 139.71
C LEU F 203 68.27 -1.94 140.20
N GLU F 204 69.42 -2.23 139.60
CA GLU F 204 70.30 -3.27 140.12
C GLU F 204 71.53 -2.70 140.82
N LYS F 205 71.68 -1.36 140.83
CA LYS F 205 72.79 -0.75 141.55
C LYS F 205 72.45 -0.56 143.03
N GLU F 206 71.22 -0.17 143.32
CA GLU F 206 70.79 0.02 144.71
C GLU F 206 70.40 -1.29 145.35
N MET G 1 -10.65 40.40 -24.67
CA MET G 1 -10.22 39.45 -25.69
C MET G 1 -10.98 38.13 -25.53
N ARG G 2 -11.70 37.99 -24.42
CA ARG G 2 -12.40 36.75 -24.14
C ARG G 2 -13.68 36.59 -24.96
N GLU G 3 -14.28 37.69 -25.40
CA GLU G 3 -15.54 37.64 -26.12
C GLU G 3 -15.38 36.88 -27.44
N VAL G 4 -16.50 36.33 -27.93
CA VAL G 4 -16.54 35.62 -29.20
C VAL G 4 -17.76 36.09 -29.97
N ILE G 5 -17.57 36.40 -31.25
CA ILE G 5 -18.63 36.90 -32.12
C ILE G 5 -19.01 35.81 -33.10
N SER G 6 -20.31 35.54 -33.22
CA SER G 6 -20.83 34.52 -34.12
C SER G 6 -21.63 35.15 -35.25
N ILE G 7 -21.57 34.54 -36.42
CA ILE G 7 -22.24 35.02 -37.61
C ILE G 7 -23.13 33.91 -38.16
N ASN G 8 -24.34 34.28 -38.58
CA ASN G 8 -25.32 33.34 -39.11
C ASN G 8 -25.62 33.73 -40.55
N VAL G 9 -25.16 32.93 -41.49
CA VAL G 9 -25.27 33.22 -42.92
C VAL G 9 -26.08 32.12 -43.59
N GLY G 10 -26.99 32.51 -44.47
CA GLY G 10 -27.80 31.57 -45.21
C GLY G 10 -28.92 30.99 -44.37
N GLN G 11 -29.83 30.29 -45.06
CA GLN G 11 -30.97 29.68 -44.39
C GLN G 11 -30.52 28.60 -43.40
N ALA G 12 -29.71 27.65 -43.87
CA ALA G 12 -29.23 26.59 -43.01
C ALA G 12 -28.37 27.14 -41.88
N GLY G 13 -27.55 28.15 -42.17
CA GLY G 13 -26.74 28.76 -41.12
C GLY G 13 -27.59 29.44 -40.05
N CYS G 14 -28.66 30.12 -40.47
CA CYS G 14 -29.55 30.76 -39.52
C CYS G 14 -30.27 29.72 -38.66
N GLN G 15 -30.71 28.61 -39.26
CA GLN G 15 -31.35 27.56 -38.48
C GLN G 15 -30.38 26.94 -37.49
N ILE G 16 -29.14 26.70 -37.94
CA ILE G 16 -28.11 26.16 -37.06
C ILE G 16 -27.85 27.10 -35.89
N GLY G 17 -27.75 28.39 -36.17
CA GLY G 17 -27.53 29.36 -35.10
C GLY G 17 -28.70 29.42 -34.13
N ASN G 18 -29.92 29.29 -34.66
CA ASN G 18 -31.08 29.23 -33.79
C ASN G 18 -30.98 28.05 -32.83
N ALA G 19 -30.66 26.87 -33.37
CA ALA G 19 -30.50 25.70 -32.50
C ALA G 19 -29.36 25.89 -31.50
N CYS G 20 -28.28 26.53 -31.92
CA CYS G 20 -27.15 26.74 -31.03
C CYS G 20 -27.53 27.66 -29.88
N TRP G 21 -28.21 28.77 -30.17
CA TRP G 21 -28.63 29.66 -29.09
C TRP G 21 -29.67 28.99 -28.21
N GLU G 22 -30.52 28.15 -28.79
CA GLU G 22 -31.49 27.41 -27.98
C GLU G 22 -30.79 26.51 -26.99
N LEU G 23 -29.82 25.71 -27.46
CA LEU G 23 -29.09 24.84 -26.56
C LEU G 23 -28.27 25.64 -25.55
N TYR G 24 -27.72 26.78 -25.96
CA TYR G 24 -26.97 27.62 -25.04
C TYR G 24 -27.85 28.08 -23.89
N SER G 25 -29.00 28.65 -24.21
CA SER G 25 -29.93 29.09 -23.16
C SER G 25 -30.42 27.91 -22.34
N LEU G 26 -30.55 26.73 -22.95
CA LEU G 26 -31.03 25.56 -22.22
C LEU G 26 -29.98 25.05 -21.23
N GLU G 27 -28.70 25.18 -21.56
CA GLU G 27 -27.66 24.70 -20.65
C GLU G 27 -27.55 25.60 -19.41
N HIS G 28 -27.51 26.91 -19.61
CA HIS G 28 -27.36 27.85 -18.51
C HIS G 28 -28.68 28.14 -17.79
N GLY G 29 -29.72 27.37 -18.07
CA GLY G 29 -31.00 27.61 -17.40
C GLY G 29 -31.61 28.94 -17.75
N ILE G 30 -31.58 29.33 -19.02
CA ILE G 30 -32.12 30.59 -19.49
C ILE G 30 -33.26 30.31 -20.45
N LYS G 31 -34.38 31.00 -20.27
CA LYS G 31 -35.52 30.83 -21.14
C LYS G 31 -35.29 31.58 -22.46
N PRO G 32 -35.90 31.13 -23.55
CA PRO G 32 -35.72 31.80 -24.84
C PRO G 32 -36.36 33.16 -24.95
N ASP G 33 -36.97 33.68 -23.89
CA ASP G 33 -37.66 34.96 -23.95
C ASP G 33 -36.77 36.12 -23.45
N GLY G 34 -36.20 35.98 -22.27
CA GLY G 34 -35.34 37.00 -21.73
C GLY G 34 -35.87 37.60 -20.44
N HIS G 35 -34.95 38.14 -19.65
CA HIS G 35 -35.22 38.74 -18.34
C HIS G 35 -35.90 37.76 -17.38
N LEU G 36 -35.16 36.72 -17.00
CA LEU G 36 -33.80 36.46 -17.47
C LEU G 36 -33.76 35.26 -18.45
N GLU G 37 -34.22 34.04 -18.15
CA GLU G 37 -34.66 33.48 -16.86
C GLU G 37 -34.03 32.10 -16.70
N ASP G 38 -33.17 31.91 -15.70
CA ASP G 38 -32.82 32.92 -14.73
C ASP G 38 -31.30 32.99 -14.57
N GLY G 39 -30.76 34.20 -14.44
CA GLY G 39 -29.34 34.36 -14.21
C GLY G 39 -28.50 34.08 -15.44
N LEU G 40 -27.16 34.23 -15.31
CA LEU G 40 -26.39 34.66 -14.13
C LEU G 40 -26.64 33.86 -12.85
N SER G 41 -26.74 32.54 -12.98
CA SER G 41 -27.11 31.67 -11.87
C SER G 41 -26.14 30.49 -11.76
N LYS G 42 -25.01 30.70 -11.10
CA LYS G 42 -24.22 29.62 -10.51
C LYS G 42 -23.86 28.52 -11.50
N PRO G 43 -22.86 28.72 -12.38
CA PRO G 43 -21.98 29.88 -12.54
C PRO G 43 -22.21 30.65 -13.83
N LYS G 44 -23.46 30.89 -14.20
CA LYS G 44 -23.76 31.45 -15.51
C LYS G 44 -23.16 32.83 -15.72
N GLY G 45 -22.65 33.47 -14.67
CA GLY G 45 -21.84 34.66 -14.82
C GLY G 45 -20.39 34.29 -15.04
N GLY G 46 -19.48 34.91 -14.31
CA GLY G 46 -18.09 34.51 -14.32
C GLY G 46 -17.90 33.14 -13.66
N GLU G 47 -17.15 32.24 -14.28
CA GLU G 47 -16.46 32.50 -15.54
C GLU G 47 -17.40 32.47 -16.74
N GLU G 48 -17.29 33.51 -17.57
CA GLU G 48 -18.10 33.63 -18.77
C GLU G 48 -17.94 32.41 -19.67
N GLY G 49 -19.03 32.01 -20.32
CA GLY G 49 -20.29 32.72 -20.30
C GLY G 49 -21.20 32.49 -19.09
N PHE G 50 -22.40 33.07 -19.13
CA PHE G 50 -22.85 33.82 -20.30
C PHE G 50 -22.59 35.31 -20.26
N SER G 51 -21.35 35.69 -20.51
CA SER G 51 -21.01 37.05 -20.89
C SER G 51 -20.06 37.10 -22.08
N THR G 52 -19.54 35.96 -22.51
CA THR G 52 -18.73 35.91 -23.73
C THR G 52 -19.62 35.95 -24.97
N PHE G 53 -20.65 35.12 -25.01
CA PHE G 53 -21.64 35.16 -26.08
C PHE G 53 -22.86 35.99 -25.72
N PHE G 54 -23.25 36.00 -24.45
CA PHE G 54 -24.44 36.71 -23.99
C PHE G 54 -24.00 38.01 -23.33
N HIS G 55 -23.92 39.09 -24.12
CA HIS G 55 -23.62 40.39 -23.54
C HIS G 55 -24.69 40.78 -22.55
N GLU G 56 -24.28 41.14 -21.33
CA GLU G 56 -25.22 41.48 -20.28
C GLU G 56 -25.56 42.97 -20.37
N THR G 57 -26.86 43.27 -20.39
CA THR G 57 -27.32 44.65 -20.39
C THR G 57 -27.25 45.22 -18.98
N GLY G 58 -27.62 46.49 -18.84
CA GLY G 58 -27.61 47.12 -17.53
C GLY G 58 -28.61 46.52 -16.56
N TYR G 59 -29.71 45.97 -17.09
CA TYR G 59 -30.75 45.37 -16.27
C TYR G 59 -30.53 43.88 -16.02
N GLY G 60 -29.44 43.31 -16.52
CA GLY G 60 -29.14 41.91 -16.36
C GLY G 60 -29.50 41.04 -17.54
N LYS G 61 -30.18 41.60 -18.54
CA LYS G 61 -30.54 40.81 -19.71
C LYS G 61 -29.30 40.38 -20.48
N PHE G 62 -29.30 39.12 -20.93
CA PHE G 62 -28.19 38.54 -21.66
C PHE G 62 -28.60 38.39 -23.11
N VAL G 63 -28.13 39.27 -23.97
CA VAL G 63 -28.43 39.25 -25.39
C VAL G 63 -27.31 38.51 -26.12
N PRO G 64 -27.61 37.48 -26.91
CA PRO G 64 -26.56 36.80 -27.67
C PRO G 64 -26.15 37.64 -28.87
N ARG G 65 -24.84 37.89 -28.99
CA ARG G 65 -24.31 38.73 -30.06
C ARG G 65 -24.15 37.88 -31.32
N ALA G 66 -25.23 37.80 -32.08
CA ALA G 66 -25.27 37.03 -33.32
C ALA G 66 -25.84 37.88 -34.43
N ILE G 67 -25.30 37.71 -35.64
CA ILE G 67 -25.74 38.44 -36.82
C ILE G 67 -26.31 37.42 -37.81
N TYR G 68 -27.61 37.51 -38.05
CA TYR G 68 -28.30 36.61 -38.98
C TYR G 68 -28.43 37.33 -40.31
N VAL G 69 -27.55 36.99 -41.25
CA VAL G 69 -27.54 37.60 -42.58
C VAL G 69 -27.99 36.57 -43.60
N ASP G 70 -28.98 36.96 -44.41
CA ASP G 70 -29.47 36.11 -45.50
C ASP G 70 -30.35 36.95 -46.42
N LEU G 71 -30.12 36.86 -47.73
CA LEU G 71 -30.88 37.63 -48.70
C LEU G 71 -32.26 37.05 -48.96
N GLU G 72 -32.69 36.07 -48.17
CA GLU G 72 -34.02 35.49 -48.31
C GLU G 72 -34.92 36.05 -47.22
N PRO G 73 -35.95 36.82 -47.56
CA PRO G 73 -36.83 37.38 -46.52
C PRO G 73 -37.58 36.32 -45.74
N ASN G 74 -37.76 35.13 -46.30
CA ASN G 74 -38.45 34.06 -45.59
C ASN G 74 -37.70 33.65 -44.33
N VAL G 75 -36.37 33.49 -44.44
CA VAL G 75 -35.57 33.13 -43.28
C VAL G 75 -35.59 34.23 -42.24
N ILE G 76 -35.63 35.49 -42.67
CA ILE G 76 -35.69 36.60 -41.72
C ILE G 76 -37.02 36.59 -40.97
N ASP G 77 -38.12 36.35 -41.69
CA ASP G 77 -39.41 36.23 -41.02
C ASP G 77 -39.42 35.05 -40.06
N GLU G 78 -38.80 33.94 -40.46
CA GLU G 78 -38.74 32.77 -39.59
C GLU G 78 -38.00 33.08 -38.29
N VAL G 79 -36.80 33.66 -38.39
CA VAL G 79 -36.04 33.98 -37.20
C VAL G 79 -36.68 35.12 -36.41
N ARG G 80 -37.56 35.90 -37.03
CA ARG G 80 -38.30 36.91 -36.28
C ARG G 80 -39.47 36.30 -35.53
N ASN G 81 -40.04 35.21 -36.04
CA ASN G 81 -41.17 34.58 -35.35
C ASN G 81 -40.74 34.00 -34.00
N GLY G 82 -39.50 33.55 -33.89
CA GLY G 82 -39.00 32.99 -32.65
C GLY G 82 -38.80 34.04 -31.58
N PRO G 83 -38.79 33.61 -30.32
CA PRO G 83 -38.57 34.57 -29.21
C PRO G 83 -37.15 35.08 -29.13
N TYR G 84 -36.18 34.42 -29.80
CA TYR G 84 -34.82 34.89 -29.76
C TYR G 84 -34.64 36.21 -30.51
N LYS G 85 -35.52 36.52 -31.47
CA LYS G 85 -35.52 37.84 -32.07
C LYS G 85 -35.84 38.90 -31.02
N ASP G 86 -36.82 38.63 -30.16
CA ASP G 86 -37.07 39.51 -29.02
C ASP G 86 -35.86 39.55 -28.09
N LEU G 87 -35.21 38.39 -27.89
CA LEU G 87 -33.95 38.38 -27.15
C LEU G 87 -32.87 39.14 -27.91
N PHE G 88 -32.83 38.99 -29.24
CA PHE G 88 -31.84 39.69 -30.04
C PHE G 88 -32.19 41.17 -30.15
N HIS G 89 -31.19 41.94 -30.56
CA HIS G 89 -31.63 43.30 -30.87
C HIS G 89 -32.04 43.37 -32.34
N PRO G 90 -33.05 44.18 -32.67
CA PRO G 90 -33.44 44.31 -34.08
C PRO G 90 -32.30 44.70 -34.99
N GLU G 91 -31.30 45.41 -34.48
CA GLU G 91 -30.14 45.77 -35.28
C GLU G 91 -29.19 44.59 -35.48
N GLN G 92 -29.28 43.56 -34.64
CA GLN G 92 -28.41 42.40 -34.81
C GLN G 92 -28.78 41.59 -36.04
N LEU G 93 -30.09 41.42 -36.28
CA LEU G 93 -30.54 40.65 -37.42
C LEU G 93 -30.58 41.54 -38.66
N ILE G 94 -30.03 41.05 -39.76
CA ILE G 94 -29.96 41.80 -41.01
C ILE G 94 -30.91 41.13 -42.00
N SER G 95 -31.94 41.85 -42.41
CA SER G 95 -32.92 41.31 -43.36
C SER G 95 -32.40 41.45 -44.78
N GLY G 96 -32.69 40.45 -45.60
CA GLY G 96 -32.34 40.47 -47.00
C GLY G 96 -33.55 40.81 -47.84
N LYS G 97 -33.43 41.86 -48.65
CA LYS G 97 -34.56 42.33 -49.43
C LYS G 97 -34.84 41.39 -50.60
N GLU G 98 -33.80 40.95 -51.30
CA GLU G 98 -33.94 40.08 -52.46
C GLU G 98 -32.78 39.12 -52.52
N ASP G 99 -33.06 37.87 -52.89
CA ASP G 99 -32.02 36.86 -53.03
C ASP G 99 -31.16 37.16 -54.24
N ALA G 100 -29.84 37.08 -54.06
CA ALA G 100 -28.91 37.44 -55.13
C ALA G 100 -29.13 36.60 -56.38
N ALA G 101 -29.00 35.28 -56.25
CA ALA G 101 -29.20 34.37 -57.37
C ALA G 101 -29.56 33.00 -56.79
N ASN G 102 -29.47 31.97 -57.62
CA ASN G 102 -29.68 30.59 -57.21
C ASN G 102 -28.38 29.83 -57.45
N ASN G 103 -27.46 29.87 -56.49
CA ASN G 103 -27.65 30.64 -55.26
C ASN G 103 -26.39 31.45 -54.96
N TYR G 104 -25.29 31.10 -55.62
CA TYR G 104 -23.97 31.65 -55.32
C TYR G 104 -23.46 32.61 -56.39
N ALA G 105 -23.92 32.49 -57.63
CA ALA G 105 -23.34 33.25 -58.74
C ALA G 105 -23.40 34.75 -58.48
N ARG G 106 -24.43 35.22 -57.80
CA ARG G 106 -24.54 36.64 -57.46
C ARG G 106 -24.29 36.91 -55.98
N GLY G 107 -24.38 35.88 -55.12
CA GLY G 107 -24.13 36.09 -53.71
C GLY G 107 -22.71 36.58 -53.44
N HIS G 108 -21.74 36.00 -54.14
CA HIS G 108 -20.35 36.43 -54.04
C HIS G 108 -20.02 37.59 -54.97
N TYR G 109 -21.03 38.16 -55.63
CA TYR G 109 -20.81 39.23 -56.59
C TYR G 109 -20.95 40.59 -55.90
N THR G 110 -21.03 41.65 -56.70
CA THR G 110 -21.14 43.00 -56.15
C THR G 110 -22.41 43.19 -55.33
N VAL G 111 -23.49 42.50 -55.70
CA VAL G 111 -24.72 42.56 -54.92
C VAL G 111 -24.45 42.09 -53.50
N GLY G 112 -23.51 41.17 -53.32
CA GLY G 112 -23.13 40.76 -51.98
C GLY G 112 -22.46 41.87 -51.20
N ARG G 113 -21.47 42.54 -51.81
CA ARG G 113 -20.73 43.57 -51.08
C ARG G 113 -21.58 44.82 -50.83
N GLU G 114 -22.63 45.04 -51.63
CA GLU G 114 -23.55 46.15 -51.35
C GLU G 114 -24.10 46.06 -49.93
N ILE G 115 -24.54 44.87 -49.52
CA ILE G 115 -25.00 44.68 -48.16
C ILE G 115 -23.84 44.36 -47.20
N LEU G 116 -22.72 43.86 -47.72
CA LEU G 116 -21.56 43.63 -46.88
C LEU G 116 -21.07 44.93 -46.25
N GLY G 117 -21.15 46.04 -46.99
CA GLY G 117 -20.81 47.31 -46.39
C GLY G 117 -21.64 47.61 -45.15
N ASP G 118 -22.95 47.40 -45.25
CA ASP G 118 -23.83 47.63 -44.11
C ASP G 118 -23.49 46.70 -42.95
N VAL G 119 -23.28 45.42 -43.25
CA VAL G 119 -23.02 44.48 -42.16
C VAL G 119 -21.65 44.75 -41.54
N LEU G 120 -20.70 45.28 -42.31
CA LEU G 120 -19.40 45.59 -41.74
C LEU G 120 -19.46 46.81 -40.85
N ASP G 121 -20.18 47.86 -41.25
CA ASP G 121 -20.33 48.98 -40.32
C ASP G 121 -21.11 48.58 -39.08
N ARG G 122 -22.08 47.66 -39.23
CA ARG G 122 -22.79 47.15 -38.07
C ARG G 122 -21.85 46.37 -37.15
N ILE G 123 -20.97 45.55 -37.72
CA ILE G 123 -20.00 44.80 -36.91
C ILE G 123 -19.03 45.75 -36.22
N ARG G 124 -18.63 46.82 -36.89
CA ARG G 124 -17.76 47.81 -36.27
C ARG G 124 -18.46 48.47 -35.09
N LYS G 125 -19.73 48.85 -35.27
CA LYS G 125 -20.49 49.44 -34.17
C LYS G 125 -20.62 48.46 -33.01
N LEU G 126 -20.87 47.19 -33.31
CA LEU G 126 -20.99 46.19 -32.25
C LEU G 126 -19.68 45.99 -31.50
N ALA G 127 -18.56 45.95 -32.23
CA ALA G 127 -17.26 45.84 -31.58
C ALA G 127 -16.96 47.07 -30.74
N ASP G 128 -17.43 48.24 -31.16
CA ASP G 128 -17.35 49.42 -30.32
C ASP G 128 -18.21 49.27 -29.07
N GLN G 129 -19.34 48.56 -29.19
CA GLN G 129 -20.19 48.34 -28.03
C GLN G 129 -19.55 47.36 -27.05
N CYS G 130 -19.15 46.18 -27.54
CA CYS G 130 -18.54 45.14 -26.71
C CYS G 130 -17.08 44.99 -27.14
N ASP G 131 -16.17 45.32 -26.23
CA ASP G 131 -14.74 45.24 -26.51
C ASP G 131 -14.23 43.84 -26.20
N GLY G 132 -13.13 43.48 -26.87
CA GLY G 132 -12.55 42.16 -26.73
C GLY G 132 -13.12 41.16 -27.70
N LEU G 133 -12.28 40.28 -28.22
CA LEU G 133 -12.73 39.28 -29.19
C LEU G 133 -11.72 38.14 -29.23
N GLN G 134 -12.20 36.91 -29.08
CA GLN G 134 -11.35 35.73 -29.12
C GLN G 134 -11.29 35.11 -30.51
N GLY G 135 -12.41 35.08 -31.22
CA GLY G 135 -12.45 34.49 -32.54
C GLY G 135 -13.74 34.74 -33.27
N PHE G 136 -13.68 34.78 -34.60
CA PHE G 136 -14.85 35.00 -35.43
C PHE G 136 -15.50 33.66 -35.75
N LEU G 137 -16.80 33.55 -35.50
CA LEU G 137 -17.55 32.33 -35.74
C LEU G 137 -18.47 32.51 -36.94
N PHE G 138 -18.54 31.47 -37.78
CA PHE G 138 -19.32 31.51 -39.01
C PHE G 138 -20.18 30.26 -39.11
N THR G 139 -21.43 30.45 -39.55
CA THR G 139 -22.35 29.35 -39.75
C THR G 139 -23.07 29.55 -41.09
N HIS G 140 -22.82 28.65 -42.03
CA HIS G 140 -23.45 28.69 -43.34
C HIS G 140 -23.42 27.28 -43.92
N SER G 141 -23.84 27.15 -45.17
CA SER G 141 -23.91 25.85 -45.83
C SER G 141 -23.44 25.98 -47.27
N LEU G 142 -22.93 24.86 -47.81
CA LEU G 142 -22.56 24.82 -49.22
C LEU G 142 -23.76 24.59 -50.13
N GLY G 143 -24.83 23.99 -49.61
CA GLY G 143 -26.03 23.83 -50.41
C GLY G 143 -26.69 25.16 -50.74
N GLY G 144 -26.78 26.05 -49.76
CA GLY G 144 -27.24 27.40 -50.02
C GLY G 144 -26.10 28.27 -50.49
N GLY G 145 -26.02 28.48 -51.81
CA GLY G 145 -24.89 29.22 -52.36
C GLY G 145 -24.81 30.65 -51.88
N THR G 146 -25.96 31.28 -51.61
CA THR G 146 -25.95 32.63 -51.06
C THR G 146 -25.25 32.65 -49.70
N GLY G 147 -25.57 31.69 -48.84
CA GLY G 147 -24.91 31.63 -47.55
C GLY G 147 -23.40 31.46 -47.67
N SER G 148 -22.97 30.50 -48.50
CA SER G 148 -21.54 30.26 -48.66
C SER G 148 -20.84 31.49 -49.21
N GLY G 149 -21.41 32.12 -50.23
CA GLY G 149 -20.78 33.28 -50.83
C GLY G 149 -20.67 34.44 -49.85
N LEU G 150 -21.78 34.78 -49.19
CA LEU G 150 -21.75 35.90 -48.26
C LEU G 150 -20.82 35.62 -47.09
N GLY G 151 -20.83 34.39 -46.57
CA GLY G 151 -19.94 34.05 -45.47
C GLY G 151 -18.47 34.12 -45.87
N SER G 152 -18.13 33.60 -47.05
CA SER G 152 -16.74 33.66 -47.51
C SER G 152 -16.31 35.10 -47.72
N LEU G 153 -17.16 35.92 -48.32
CA LEU G 153 -16.80 37.31 -48.56
C LEU G 153 -16.63 38.08 -47.26
N LEU G 154 -17.54 37.88 -46.31
CA LEU G 154 -17.43 38.56 -45.02
C LEU G 154 -16.21 38.09 -44.25
N LEU G 155 -15.90 36.78 -44.33
CA LEU G 155 -14.70 36.27 -43.69
C LEU G 155 -13.46 36.91 -44.27
N GLU G 156 -13.39 37.01 -45.59
CA GLU G 156 -12.25 37.66 -46.23
C GLU G 156 -12.15 39.12 -45.81
N GLU G 157 -13.28 39.82 -45.76
CA GLU G 157 -13.26 41.23 -45.40
C GLU G 157 -12.79 41.42 -43.96
N LEU G 158 -13.25 40.58 -43.03
CA LEU G 158 -12.87 40.76 -41.65
C LEU G 158 -11.43 40.31 -41.41
N SER G 159 -10.96 39.31 -42.14
CA SER G 159 -9.56 38.92 -42.05
C SER G 159 -8.66 40.04 -42.57
N ALA G 160 -9.11 40.73 -43.62
CA ALA G 160 -8.40 41.93 -44.06
C ALA G 160 -8.55 43.07 -43.07
N GLU G 161 -9.59 43.05 -42.24
CA GLU G 161 -9.82 44.12 -41.28
C GLU G 161 -8.92 43.95 -40.06
N TYR G 162 -8.96 42.79 -39.41
CA TYR G 162 -8.15 42.53 -38.23
C TYR G 162 -7.04 41.53 -38.50
N GLY G 163 -7.38 40.32 -38.96
CA GLY G 163 -6.41 39.29 -39.21
C GLY G 163 -5.68 38.76 -37.99
N LYS G 164 -5.90 39.35 -36.81
CA LYS G 164 -5.23 38.91 -35.60
C LYS G 164 -6.03 37.89 -34.81
N LYS G 165 -7.33 37.79 -35.06
CA LYS G 165 -8.19 36.84 -34.36
C LYS G 165 -8.48 35.65 -35.25
N SER G 166 -8.73 34.51 -34.61
CA SER G 166 -8.97 33.28 -35.34
C SER G 166 -10.33 33.31 -36.02
N LYS G 167 -10.48 32.46 -37.04
CA LYS G 167 -11.70 32.37 -37.82
C LYS G 167 -12.18 30.93 -37.84
N LEU G 168 -13.38 30.69 -37.33
CA LEU G 168 -13.96 29.36 -37.26
C LEU G 168 -15.23 29.35 -38.11
N GLU G 169 -15.16 28.71 -39.27
CA GLU G 169 -16.24 28.71 -40.25
C GLU G 169 -16.86 27.32 -40.31
N PHE G 170 -18.14 27.24 -39.99
CA PHE G 170 -18.90 26.00 -40.10
C PHE G 170 -19.62 25.97 -41.44
N ALA G 171 -19.29 24.97 -42.27
CA ALA G 171 -19.86 24.82 -43.60
C ALA G 171 -20.49 23.44 -43.72
N VAL G 172 -21.75 23.41 -44.12
CA VAL G 172 -22.45 22.14 -44.34
C VAL G 172 -22.08 21.60 -45.70
N TYR G 173 -21.63 20.35 -45.75
CA TYR G 173 -21.24 19.83 -47.04
C TYR G 173 -22.31 18.93 -47.62
N PRO G 174 -22.60 19.06 -48.91
CA PRO G 174 -23.61 18.20 -49.53
C PRO G 174 -23.12 16.77 -49.72
N ALA G 175 -24.07 15.86 -49.79
CA ALA G 175 -23.74 14.47 -50.05
C ALA G 175 -23.32 14.29 -51.51
N PRO G 176 -22.36 13.41 -51.78
CA PRO G 176 -21.89 13.24 -53.16
C PRO G 176 -22.90 12.61 -54.09
N GLN G 177 -23.97 12.01 -53.55
CA GLN G 177 -24.96 11.34 -54.38
C GLN G 177 -26.13 12.23 -54.76
N VAL G 178 -26.65 13.01 -53.81
CA VAL G 178 -27.80 13.88 -54.03
C VAL G 178 -27.31 15.30 -54.25
N SER G 179 -27.90 15.99 -55.23
CA SER G 179 -27.58 17.37 -55.54
C SER G 179 -28.90 18.13 -55.65
N THR G 180 -29.32 18.76 -54.55
CA THR G 180 -30.55 19.55 -54.57
C THR G 180 -30.44 20.73 -55.54
N SER G 181 -29.21 21.21 -55.76
CA SER G 181 -28.94 22.25 -56.74
C SER G 181 -27.78 21.80 -57.61
N VAL G 182 -27.98 21.79 -58.93
CA VAL G 182 -26.92 21.42 -59.85
C VAL G 182 -25.85 22.50 -59.92
N VAL G 183 -26.09 23.65 -59.28
CA VAL G 183 -25.11 24.74 -59.25
C VAL G 183 -24.05 24.53 -58.17
N GLU G 184 -24.27 23.59 -57.25
CA GLU G 184 -23.44 23.46 -56.05
C GLU G 184 -21.99 23.04 -56.29
N PRO G 185 -21.63 22.27 -57.36
CA PRO G 185 -20.21 21.94 -57.54
C PRO G 185 -19.36 23.18 -57.79
N TYR G 186 -19.80 24.01 -58.73
CA TYR G 186 -19.16 25.29 -59.00
C TYR G 186 -19.04 26.13 -57.73
N ASN G 187 -20.12 26.19 -56.96
CA ASN G 187 -20.13 26.99 -55.74
C ASN G 187 -19.11 26.46 -54.74
N THR G 188 -19.03 25.13 -54.60
CA THR G 188 -18.07 24.55 -53.67
C THR G 188 -16.64 24.82 -54.10
N VAL G 189 -16.38 24.76 -55.41
CA VAL G 189 -15.02 25.03 -55.89
C VAL G 189 -14.65 26.49 -55.66
N LEU G 190 -15.56 27.40 -55.99
CA LEU G 190 -15.30 28.81 -55.76
C LEU G 190 -15.23 29.16 -54.28
N THR G 191 -15.86 28.35 -53.43
CA THR G 191 -15.74 28.56 -51.98
C THR G 191 -14.41 28.02 -51.46
N THR G 192 -13.93 26.92 -52.03
CA THR G 192 -12.57 26.47 -51.73
C THR G 192 -11.55 27.52 -52.13
N HIS G 193 -11.81 28.22 -53.24
CA HIS G 193 -10.97 29.35 -53.61
C HIS G 193 -10.93 30.40 -52.50
N THR G 194 -12.11 30.77 -51.98
CA THR G 194 -12.17 31.80 -50.94
C THR G 194 -11.52 31.32 -49.65
N THR G 195 -11.61 30.03 -49.36
CA THR G 195 -10.92 29.49 -48.19
C THR G 195 -9.41 29.54 -48.38
N LEU G 196 -8.94 29.23 -49.59
CA LEU G 196 -7.54 29.45 -49.90
C LEU G 196 -7.14 30.90 -49.75
N GLU G 197 -8.07 31.82 -49.99
CA GLU G 197 -7.82 33.22 -49.67
C GLU G 197 -7.61 33.41 -48.17
N HIS G 198 -8.56 32.94 -47.35
CA HIS G 198 -8.47 33.05 -45.91
C HIS G 198 -9.18 31.86 -45.28
N ALA G 199 -8.46 31.08 -44.46
CA ALA G 199 -9.08 29.98 -43.74
C ALA G 199 -8.21 29.69 -42.50
N ASP G 200 -8.69 30.11 -41.34
CA ASP G 200 -8.02 29.75 -40.10
C ASP G 200 -8.40 28.34 -39.66
N CYS G 201 -9.70 28.03 -39.69
CA CYS G 201 -10.17 26.69 -39.39
C CYS G 201 -11.57 26.54 -39.97
N THR G 202 -11.80 25.44 -40.68
CA THR G 202 -13.07 25.18 -41.33
C THR G 202 -13.54 23.77 -40.96
N PHE G 203 -14.82 23.65 -40.64
CA PHE G 203 -15.40 22.40 -40.19
C PHE G 203 -16.26 21.80 -41.29
N MET G 204 -15.94 20.58 -41.68
CA MET G 204 -16.65 19.88 -42.75
C MET G 204 -17.67 18.92 -42.14
N VAL G 205 -18.90 18.97 -42.65
CA VAL G 205 -19.99 18.14 -42.13
C VAL G 205 -20.94 17.82 -43.27
N ASP G 206 -21.33 16.55 -43.36
CA ASP G 206 -22.25 16.07 -44.38
C ASP G 206 -23.58 15.69 -43.74
N ASN G 207 -24.67 16.16 -44.34
CA ASN G 207 -26.00 15.85 -43.80
C ASN G 207 -26.33 14.38 -43.93
N GLU G 208 -25.72 13.68 -44.89
CA GLU G 208 -26.02 12.27 -45.12
C GLU G 208 -25.63 11.42 -43.91
N ALA G 209 -24.42 11.63 -43.41
CA ALA G 209 -23.97 10.85 -42.25
C ALA G 209 -24.80 11.16 -41.01
N ILE G 210 -25.18 12.43 -40.83
CA ILE G 210 -25.99 12.79 -39.67
C ILE G 210 -27.37 12.15 -39.76
N TYR G 211 -27.98 12.17 -40.95
CA TYR G 211 -29.29 11.54 -41.11
C TYR G 211 -29.18 10.03 -40.92
N ASP G 212 -28.09 9.43 -41.38
CA ASP G 212 -27.88 8.00 -41.14
C ASP G 212 -27.76 7.70 -39.66
N MET G 213 -27.07 8.58 -38.91
CA MET G 213 -26.95 8.40 -37.48
C MET G 213 -28.31 8.52 -36.78
N CYS G 214 -29.10 9.51 -37.19
CA CYS G 214 -30.45 9.65 -36.63
C CYS G 214 -31.30 8.43 -36.94
N LYS G 215 -31.15 7.86 -38.13
CA LYS G 215 -31.92 6.67 -38.49
C LYS G 215 -31.48 5.46 -37.69
N ARG G 216 -30.16 5.34 -37.44
CA ARG G 216 -29.60 4.18 -36.78
C ARG G 216 -29.45 4.39 -35.27
N ASN G 217 -28.68 5.39 -34.87
CA ASN G 217 -28.41 5.60 -33.45
C ASN G 217 -29.59 6.22 -32.73
N LEU G 218 -30.24 7.20 -33.34
CA LEU G 218 -31.38 7.87 -32.75
C LEU G 218 -32.70 7.20 -33.11
N ASP G 219 -32.67 6.17 -33.95
CA ASP G 219 -33.87 5.39 -34.29
C ASP G 219 -34.96 6.28 -34.88
N ILE G 220 -34.56 7.24 -35.71
CA ILE G 220 -35.50 8.18 -36.32
C ILE G 220 -35.90 7.66 -37.69
N PRO G 221 -37.19 7.52 -37.99
CA PRO G 221 -37.59 7.07 -39.33
C PRO G 221 -37.22 8.07 -40.41
N ARG G 222 -37.58 9.33 -40.24
CA ARG G 222 -37.25 10.39 -41.19
C ARG G 222 -36.56 11.52 -40.43
N PRO G 223 -35.23 11.59 -40.49
CA PRO G 223 -34.52 12.65 -39.75
C PRO G 223 -34.88 14.03 -40.27
N SER G 224 -35.11 14.95 -39.34
CA SER G 224 -35.46 16.32 -39.67
C SER G 224 -34.23 17.21 -39.62
N PHE G 225 -34.29 18.32 -40.36
CA PHE G 225 -33.22 19.31 -40.30
C PHE G 225 -33.08 19.88 -38.90
N ALA G 226 -34.16 19.87 -38.12
CA ALA G 226 -34.09 20.34 -36.75
C ALA G 226 -33.18 19.46 -35.90
N ASN G 227 -33.24 18.14 -36.09
CA ASN G 227 -32.37 17.25 -35.34
C ASN G 227 -30.91 17.45 -35.73
N LEU G 228 -30.65 17.69 -37.02
CA LEU G 228 -29.29 17.98 -37.46
C LEU G 228 -28.78 19.27 -36.84
N ASN G 229 -29.62 20.31 -36.82
CA ASN G 229 -29.23 21.57 -36.20
C ASN G 229 -28.99 21.38 -34.70
N ASN G 230 -29.78 20.53 -34.06
CA ASN G 230 -29.59 20.27 -32.63
C ASN G 230 -28.26 19.55 -32.38
N LEU G 231 -27.92 18.59 -33.24
CA LEU G 231 -26.64 17.90 -33.09
C LEU G 231 -25.47 18.86 -33.32
N ILE G 232 -25.60 19.76 -34.29
CA ILE G 232 -24.56 20.76 -34.52
C ILE G 232 -24.44 21.68 -33.32
N ALA G 233 -25.58 22.06 -32.74
CA ALA G 233 -25.57 22.85 -31.52
C ALA G 233 -24.84 22.12 -30.40
N GLN G 234 -25.08 20.81 -30.27
CA GLN G 234 -24.42 20.03 -29.24
C GLN G 234 -22.91 19.99 -29.46
N VAL G 235 -22.47 19.76 -30.69
CA VAL G 235 -21.04 19.67 -30.93
C VAL G 235 -20.36 21.01 -30.72
N VAL G 236 -20.99 22.10 -31.17
CA VAL G 236 -20.36 23.41 -30.99
C VAL G 236 -20.38 23.82 -29.53
N SER G 237 -21.41 23.40 -28.78
CA SER G 237 -21.44 23.66 -27.34
C SER G 237 -20.32 22.92 -26.65
N SER G 238 -20.07 21.67 -27.05
CA SER G 238 -18.97 20.91 -26.47
C SER G 238 -17.63 21.56 -26.79
N VAL G 239 -17.49 22.11 -28.00
CA VAL G 239 -16.26 22.83 -28.35
C VAL G 239 -16.07 24.04 -27.46
N THR G 240 -17.10 24.89 -27.36
CA THR G 240 -16.98 26.14 -26.62
C THR G 240 -17.06 25.97 -25.11
N ALA G 241 -17.35 24.76 -24.63
CA ALA G 241 -17.43 24.54 -23.19
C ALA G 241 -16.09 24.77 -22.50
N SER G 242 -14.98 24.60 -23.22
CA SER G 242 -13.66 24.81 -22.62
C SER G 242 -13.49 26.27 -22.19
N LEU G 243 -14.09 27.19 -22.93
CA LEU G 243 -14.02 28.60 -22.57
C LEU G 243 -15.23 29.07 -21.77
N ARG G 244 -16.37 28.38 -21.90
CA ARG G 244 -17.55 28.78 -21.15
C ARG G 244 -17.43 28.42 -19.67
N PHE G 245 -17.14 27.15 -19.38
CA PHE G 245 -17.13 26.65 -18.02
C PHE G 245 -15.69 26.43 -17.54
N ASP G 246 -15.59 26.09 -16.26
CA ASP G 246 -14.31 25.78 -15.66
C ASP G 246 -13.93 24.33 -15.93
N GLY G 247 -12.63 24.09 -16.04
CA GLY G 247 -12.13 22.76 -16.28
C GLY G 247 -10.67 22.66 -15.93
N SER G 248 -10.24 21.45 -15.54
CA SER G 248 -8.84 21.24 -15.21
C SER G 248 -7.94 21.44 -16.42
N LEU G 249 -8.45 21.15 -17.62
CA LEU G 249 -7.72 21.33 -18.87
C LEU G 249 -8.52 22.30 -19.74
N ASN G 250 -8.28 23.59 -19.57
CA ASN G 250 -8.91 24.63 -20.38
C ASN G 250 -7.93 25.07 -21.46
N VAL G 251 -8.35 24.94 -22.72
CA VAL G 251 -7.48 25.19 -23.86
C VAL G 251 -8.00 26.39 -24.62
N ASP G 252 -7.10 27.30 -24.97
CA ASP G 252 -7.47 28.48 -25.75
C ASP G 252 -7.84 28.10 -27.18
N LEU G 253 -8.73 28.90 -27.78
CA LEU G 253 -9.10 28.65 -29.17
C LEU G 253 -7.91 28.85 -30.10
N ASN G 254 -7.11 29.89 -29.85
CA ASN G 254 -5.88 30.07 -30.63
C ASN G 254 -4.91 28.92 -30.42
N GLU G 255 -4.93 28.31 -29.24
CA GLU G 255 -4.12 27.12 -29.00
C GLU G 255 -4.58 25.97 -29.89
N PHE G 256 -5.91 25.77 -29.99
CA PHE G 256 -6.43 24.81 -30.94
C PHE G 256 -5.96 25.12 -32.36
N GLN G 257 -6.06 26.39 -32.74
CA GLN G 257 -5.68 26.79 -34.11
C GLN G 257 -4.22 26.46 -34.40
N THR G 258 -3.32 26.77 -33.47
CA THR G 258 -1.91 26.50 -33.72
C THR G 258 -1.59 25.01 -33.64
N ASN G 259 -2.28 24.27 -32.76
CA ASN G 259 -2.04 22.84 -32.67
C ASN G 259 -2.51 22.12 -33.93
N LEU G 260 -3.61 22.56 -34.53
CA LEU G 260 -4.09 21.94 -35.75
C LEU G 260 -3.19 22.24 -36.95
N VAL G 261 -2.36 23.28 -36.86
CA VAL G 261 -1.53 23.68 -37.98
C VAL G 261 -0.06 23.61 -37.59
N PRO G 262 0.55 22.42 -37.55
CA PRO G 262 2.00 22.35 -37.37
C PRO G 262 2.75 22.64 -38.66
N TYR G 263 2.12 22.28 -39.78
CA TYR G 263 2.67 22.51 -41.09
C TYR G 263 2.47 23.96 -41.51
N PRO G 264 3.16 24.41 -42.56
CA PRO G 264 2.93 25.79 -43.03
C PRO G 264 1.49 26.08 -43.43
N ARG G 265 0.71 25.07 -43.80
CA ARG G 265 -0.66 25.29 -44.26
C ARG G 265 -1.53 24.09 -43.86
N ILE G 266 -2.48 24.32 -42.97
CA ILE G 266 -3.54 23.37 -42.65
C ILE G 266 -4.80 24.17 -42.36
N HIS G 267 -5.89 23.87 -43.06
CA HIS G 267 -7.11 24.66 -42.95
C HIS G 267 -8.35 23.87 -42.60
N PHE G 268 -8.39 22.56 -42.89
CA PHE G 268 -9.63 21.78 -42.86
C PHE G 268 -9.49 20.57 -41.94
N PRO G 269 -9.81 20.70 -40.66
CA PRO G 269 -9.88 19.53 -39.78
C PRO G 269 -11.31 18.99 -39.64
N LEU G 270 -11.42 17.66 -39.65
CA LEU G 270 -12.70 17.00 -39.47
C LEU G 270 -13.04 16.86 -37.99
N VAL G 271 -14.34 16.76 -37.72
CA VAL G 271 -14.86 16.73 -36.35
C VAL G 271 -15.56 15.39 -36.12
N SER G 272 -15.74 15.06 -34.85
CA SER G 272 -16.48 13.88 -34.44
C SER G 272 -16.86 14.03 -32.98
N TYR G 273 -18.07 13.58 -32.62
CA TYR G 273 -18.57 13.73 -31.27
C TYR G 273 -19.25 12.44 -30.83
N SER G 274 -19.19 12.17 -29.53
CA SER G 274 -19.83 11.00 -28.94
C SER G 274 -20.15 11.34 -27.49
N PRO G 275 -21.18 10.70 -26.90
CA PRO G 275 -22.04 9.69 -27.51
C PRO G 275 -23.28 10.28 -28.19
N VAL G 276 -23.74 9.63 -29.24
CA VAL G 276 -24.97 9.99 -29.93
C VAL G 276 -25.78 8.70 -30.07
N LEU G 277 -26.68 8.46 -29.14
CA LEU G 277 -27.47 7.22 -29.11
C LEU G 277 -28.91 7.57 -28.78
N SER G 278 -29.76 6.54 -28.73
CA SER G 278 -31.16 6.74 -28.41
C SER G 278 -31.34 6.99 -26.92
N LYS G 279 -32.48 7.59 -26.58
CA LYS G 279 -32.80 7.84 -25.18
C LYS G 279 -32.94 6.53 -24.41
N SER G 280 -33.75 5.60 -24.93
CA SER G 280 -33.90 4.31 -24.30
C SER G 280 -32.57 3.54 -24.29
N LYS G 281 -31.81 3.64 -25.38
CA LYS G 281 -30.50 3.00 -25.41
C LYS G 281 -29.54 3.67 -24.43
N ALA G 282 -29.67 4.99 -24.23
CA ALA G 282 -28.88 5.65 -23.20
C ALA G 282 -29.27 5.18 -21.81
N PHE G 283 -30.54 4.86 -21.60
CA PHE G 283 -30.96 4.28 -20.32
C PHE G 283 -30.46 2.85 -20.19
N HIS G 284 -30.25 2.16 -21.31
CA HIS G 284 -29.78 0.78 -21.30
C HIS G 284 -28.27 0.67 -21.11
N GLU G 285 -27.52 1.72 -21.40
CA GLU G 285 -26.06 1.69 -21.35
C GLU G 285 -25.54 2.68 -20.33
N SER G 286 -24.50 2.28 -19.60
CA SER G 286 -23.82 3.12 -18.62
C SER G 286 -22.30 3.01 -18.78
N ASN G 287 -21.85 3.11 -20.02
CA ASN G 287 -20.43 2.93 -20.31
C ASN G 287 -19.62 4.10 -19.77
N SER G 288 -18.31 3.87 -19.67
CA SER G 288 -17.37 4.91 -19.25
C SER G 288 -16.96 5.74 -20.45
N VAL G 289 -16.05 6.68 -20.23
CA VAL G 289 -15.58 7.53 -21.32
C VAL G 289 -14.62 6.80 -22.25
N SER G 290 -14.04 5.68 -21.80
CA SER G 290 -13.14 4.92 -22.66
C SER G 290 -13.87 4.34 -23.87
N GLU G 291 -15.05 3.75 -23.62
CA GLU G 291 -15.86 3.26 -24.73
C GLU G 291 -16.34 4.40 -25.62
N ILE G 292 -16.61 5.56 -25.03
CA ILE G 292 -17.00 6.73 -25.83
C ILE G 292 -15.86 7.14 -26.76
N THR G 293 -14.63 7.12 -26.25
CA THR G 293 -13.48 7.41 -27.09
C THR G 293 -13.30 6.36 -28.18
N ASN G 294 -13.47 5.10 -27.83
CA ASN G 294 -13.33 4.03 -28.82
C ASN G 294 -14.38 4.16 -29.92
N ALA G 295 -15.59 4.61 -29.57
CA ALA G 295 -16.64 4.79 -30.55
C ALA G 295 -16.43 6.05 -31.39
N CYS G 296 -15.85 7.10 -30.79
CA CYS G 296 -15.62 8.33 -31.53
C CYS G 296 -14.56 8.15 -32.61
N PHE G 297 -13.61 7.23 -32.40
CA PHE G 297 -12.59 6.96 -33.41
C PHE G 297 -13.19 6.28 -34.65
N GLU G 298 -14.33 5.62 -34.50
CA GLU G 298 -14.97 4.95 -35.63
C GLU G 298 -15.55 5.98 -36.60
N PRO G 299 -15.69 5.61 -37.87
CA PRO G 299 -16.28 6.54 -38.84
C PRO G 299 -17.76 6.83 -38.59
N GLY G 300 -18.43 6.06 -37.75
CA GLY G 300 -19.84 6.30 -37.51
C GLY G 300 -20.10 7.59 -36.77
N ASN G 301 -19.31 7.85 -35.73
CA ASN G 301 -19.48 9.04 -34.90
C ASN G 301 -18.82 10.28 -35.49
N GLN G 302 -18.48 10.27 -36.78
CA GLN G 302 -17.84 11.41 -37.41
C GLN G 302 -18.83 12.45 -37.90
N MET G 303 -20.10 12.08 -38.09
CA MET G 303 -21.15 12.93 -38.62
C MET G 303 -20.84 13.46 -40.02
N VAL G 304 -19.85 12.88 -40.69
CA VAL G 304 -19.43 13.31 -42.03
C VAL G 304 -19.23 12.07 -42.88
N LYS G 305 -19.35 12.25 -44.20
CA LYS G 305 -19.15 11.15 -45.15
C LYS G 305 -17.67 10.96 -45.47
N CYS G 306 -16.90 10.68 -44.41
CA CYS G 306 -15.48 10.45 -44.53
C CYS G 306 -15.06 9.40 -43.49
N ASP G 307 -14.15 8.51 -43.90
CA ASP G 307 -13.71 7.43 -43.03
C ASP G 307 -12.35 7.79 -42.44
N PRO G 308 -12.25 8.05 -41.13
CA PRO G 308 -10.92 8.26 -40.53
C PRO G 308 -10.06 7.01 -40.51
N ARG G 309 -10.66 5.83 -40.52
CA ARG G 309 -9.88 4.59 -40.58
C ARG G 309 -9.12 4.48 -41.89
N ASP G 310 -9.66 5.08 -42.96
CA ASP G 310 -8.99 5.03 -44.26
C ASP G 310 -7.83 6.02 -44.32
N GLY G 311 -8.09 7.29 -43.99
CA GLY G 311 -7.05 8.28 -44.03
C GLY G 311 -6.03 8.12 -42.92
N LYS G 312 -4.88 8.77 -43.09
CA LYS G 312 -3.80 8.66 -42.14
C LYS G 312 -4.01 9.59 -40.96
N TYR G 313 -3.41 9.23 -39.82
CA TYR G 313 -3.57 10.00 -38.60
C TYR G 313 -2.72 11.27 -38.63
N MET G 314 -3.26 12.34 -38.07
CA MET G 314 -2.56 13.60 -37.93
C MET G 314 -2.86 14.17 -36.54
N ALA G 315 -2.40 15.39 -36.29
CA ALA G 315 -2.61 16.00 -34.99
C ALA G 315 -4.09 16.16 -34.68
N THR G 316 -4.51 15.65 -33.52
CA THR G 316 -5.91 15.65 -33.15
C THR G 316 -6.09 16.16 -31.72
N CYS G 317 -7.32 16.53 -31.41
CA CYS G 317 -7.70 17.07 -30.11
C CYS G 317 -8.88 16.28 -29.56
N LEU G 318 -8.76 15.87 -28.30
CA LEU G 318 -9.80 15.13 -27.59
C LEU G 318 -10.30 16.00 -26.45
N LEU G 319 -11.54 16.48 -26.58
CA LEU G 319 -12.19 17.24 -25.52
C LEU G 319 -13.15 16.32 -24.77
N TYR G 320 -13.26 16.55 -23.47
CA TYR G 320 -14.12 15.76 -22.62
C TYR G 320 -14.98 16.69 -21.79
N ARG G 321 -16.25 16.35 -21.65
CA ARG G 321 -17.19 17.13 -20.86
C ARG G 321 -17.85 16.23 -19.82
N GLY G 322 -17.97 16.78 -18.60
CA GLY G 322 -18.59 16.04 -17.51
C GLY G 322 -17.57 15.44 -16.56
N ASP G 323 -17.97 14.40 -15.85
CA ASP G 323 -17.07 13.74 -14.90
C ASP G 323 -15.99 12.98 -15.66
N VAL G 324 -14.73 13.34 -15.41
CA VAL G 324 -13.59 12.74 -16.10
C VAL G 324 -12.60 12.25 -15.05
N VAL G 325 -12.10 11.04 -15.24
CA VAL G 325 -11.10 10.44 -14.37
C VAL G 325 -9.79 10.34 -15.13
N THR G 326 -8.69 10.72 -14.47
CA THR G 326 -7.39 10.63 -15.11
C THR G 326 -7.04 9.19 -15.46
N ARG G 327 -7.40 8.25 -14.60
CA ARG G 327 -7.18 6.84 -14.92
C ARG G 327 -7.96 6.44 -16.17
N ASP G 328 -9.15 6.99 -16.35
CA ASP G 328 -9.95 6.67 -17.53
C ASP G 328 -9.26 7.13 -18.81
N VAL G 329 -8.76 8.38 -18.82
CA VAL G 329 -8.12 8.88 -20.03
C VAL G 329 -6.77 8.20 -20.24
N GLN G 330 -6.10 7.77 -19.18
CA GLN G 330 -4.86 7.03 -19.34
C GLN G 330 -5.12 5.66 -19.96
N ARG G 331 -6.15 4.95 -19.48
CA ARG G 331 -6.53 3.70 -20.11
C ARG G 331 -6.96 3.91 -21.55
N ALA G 332 -7.63 5.04 -21.82
CA ALA G 332 -8.07 5.33 -23.18
C ALA G 332 -6.90 5.52 -24.12
N VAL G 333 -5.91 6.32 -23.71
CA VAL G 333 -4.74 6.54 -24.57
C VAL G 333 -3.93 5.25 -24.67
N GLU G 334 -3.95 4.41 -23.63
CA GLU G 334 -3.29 3.12 -23.73
C GLU G 334 -3.93 2.24 -24.80
N GLN G 335 -5.26 2.15 -24.78
CA GLN G 335 -5.96 1.35 -25.78
C GLN G 335 -5.77 1.94 -27.18
N VAL G 336 -5.70 3.27 -27.28
CA VAL G 336 -5.47 3.91 -28.57
C VAL G 336 -4.09 3.55 -29.10
N LYS G 337 -3.07 3.62 -28.26
CA LYS G 337 -1.74 3.21 -28.66
C LYS G 337 -1.69 1.72 -28.99
N ASN G 338 -2.56 0.92 -28.37
CA ASN G 338 -2.63 -0.49 -28.68
C ASN G 338 -3.40 -0.78 -29.97
N LYS G 339 -4.20 0.17 -30.44
CA LYS G 339 -4.97 -0.04 -31.67
C LYS G 339 -4.05 -0.22 -32.87
N LYS G 340 -3.23 0.79 -33.16
CA LYS G 340 -2.26 0.75 -34.26
C LYS G 340 -2.95 0.53 -35.61
N THR G 341 -4.04 1.26 -35.82
CA THR G 341 -4.81 1.13 -37.05
C THR G 341 -4.40 2.16 -38.09
N VAL G 342 -4.50 3.44 -37.74
CA VAL G 342 -4.19 4.54 -38.65
C VAL G 342 -2.71 4.85 -38.60
N GLN G 343 -2.18 5.33 -39.73
CA GLN G 343 -0.77 5.65 -39.82
C GLN G 343 -0.50 7.03 -39.22
N LEU G 344 0.48 7.09 -38.33
CA LEU G 344 0.83 8.32 -37.63
C LEU G 344 1.90 9.09 -38.40
N VAL G 345 1.78 10.41 -38.39
CA VAL G 345 2.78 11.27 -39.02
C VAL G 345 4.01 11.36 -38.12
N ASP G 346 5.15 11.73 -38.71
CA ASP G 346 6.42 11.64 -38.01
C ASP G 346 6.54 12.68 -36.90
N TRP G 347 5.84 13.82 -37.03
CA TRP G 347 6.01 14.89 -36.04
C TRP G 347 5.09 14.69 -34.84
N CYS G 348 3.84 14.33 -35.08
CA CYS G 348 2.80 14.23 -34.06
C CYS G 348 2.86 13.02 -33.13
N PRO G 349 3.40 11.85 -33.56
CA PRO G 349 2.77 10.55 -33.21
C PRO G 349 2.08 10.48 -31.87
N THR G 350 2.75 10.91 -30.81
CA THR G 350 2.16 10.88 -29.46
C THR G 350 1.50 12.22 -29.16
N GLY G 351 0.60 12.61 -30.06
CA GLY G 351 -0.07 13.89 -29.93
C GLY G 351 -1.58 13.80 -29.85
N PHE G 352 -2.13 14.19 -28.70
CA PHE G 352 -3.57 14.22 -28.48
C PHE G 352 -3.85 15.39 -27.56
N LYS G 353 -4.37 16.49 -28.11
CA LYS G 353 -4.63 17.68 -27.32
C LYS G 353 -5.79 17.43 -26.36
N ILE G 354 -5.48 17.18 -25.09
CA ILE G 354 -6.47 16.77 -24.10
C ILE G 354 -7.10 18.01 -23.48
N GLY G 355 -8.42 18.10 -23.55
CA GLY G 355 -9.14 19.18 -22.89
C GLY G 355 -10.22 18.65 -21.97
N ILE G 356 -10.42 19.29 -20.82
CA ILE G 356 -11.36 18.83 -19.80
C ILE G 356 -12.32 19.97 -19.46
N CYS G 357 -13.60 19.64 -19.37
CA CYS G 357 -14.64 20.58 -18.94
C CYS G 357 -15.44 19.92 -17.82
N TYR G 358 -15.51 20.60 -16.68
CA TYR G 358 -16.20 20.03 -15.52
C TYR G 358 -17.71 20.02 -15.71
N GLU G 359 -18.23 20.92 -16.53
CA GLU G 359 -19.68 21.00 -16.73
C GLU G 359 -20.17 19.74 -17.44
N PRO G 360 -21.20 19.07 -16.92
CA PRO G 360 -21.72 17.89 -17.61
C PRO G 360 -22.39 18.27 -18.92
N PRO G 361 -22.33 17.41 -19.93
CA PRO G 361 -23.01 17.71 -21.19
C PRO G 361 -24.51 17.80 -21.01
N THR G 362 -25.15 18.53 -21.90
CA THR G 362 -26.59 18.77 -21.84
C THR G 362 -27.18 18.70 -23.23
N ALA G 363 -28.30 17.98 -23.37
CA ALA G 363 -28.97 17.81 -24.65
C ALA G 363 -30.39 18.35 -24.58
N THR G 364 -30.89 18.81 -25.71
CA THR G 364 -32.24 19.34 -25.77
C THR G 364 -33.27 18.20 -25.68
N PRO G 365 -34.44 18.48 -25.10
CA PRO G 365 -35.47 17.43 -25.03
C PRO G 365 -36.02 17.04 -26.40
N ASN G 366 -36.05 17.97 -27.36
CA ASN G 366 -36.52 17.63 -28.70
C ASN G 366 -35.60 16.60 -29.35
N SER G 367 -34.31 16.65 -29.03
CA SER G 367 -33.37 15.67 -29.58
C SER G 367 -33.60 14.30 -28.97
N GLN G 368 -33.53 13.27 -29.81
CA GLN G 368 -33.76 11.90 -29.36
C GLN G 368 -32.60 11.35 -28.54
N LEU G 369 -31.48 12.05 -28.49
CA LEU G 369 -30.35 11.63 -27.66
C LEU G 369 -30.56 12.12 -26.24
N ALA G 370 -30.55 11.20 -25.28
CA ALA G 370 -30.67 11.58 -23.88
C ALA G 370 -29.43 12.32 -23.42
N THR G 371 -29.62 13.30 -22.53
CA THR G 371 -28.49 14.05 -22.01
C THR G 371 -27.57 13.12 -21.21
N VAL G 372 -26.27 13.27 -21.43
CA VAL G 372 -25.27 12.40 -20.83
C VAL G 372 -24.40 13.23 -19.89
N ASP G 373 -23.90 12.57 -18.85
CA ASP G 373 -22.98 13.21 -17.92
C ASP G 373 -21.54 13.19 -18.41
N ARG G 374 -21.28 12.57 -19.56
CA ARG G 374 -19.92 12.43 -20.08
C ARG G 374 -19.96 12.46 -21.60
N ALA G 375 -19.04 13.20 -22.20
CA ALA G 375 -18.98 13.29 -23.65
C ALA G 375 -17.53 13.48 -24.10
N VAL G 376 -17.21 12.90 -25.26
CA VAL G 376 -15.88 12.99 -25.85
C VAL G 376 -16.01 13.47 -27.28
N CYS G 377 -15.22 14.48 -27.63
CA CYS G 377 -15.21 15.05 -28.97
C CYS G 377 -13.80 14.95 -29.53
N MET G 378 -13.65 14.26 -30.65
CA MET G 378 -12.37 14.09 -31.31
C MET G 378 -12.35 14.92 -32.60
N LEU G 379 -11.37 15.80 -32.73
CA LEU G 379 -11.21 16.64 -33.91
C LEU G 379 -9.84 16.33 -34.49
N SER G 380 -9.82 15.75 -35.70
CA SER G 380 -8.59 15.23 -36.28
C SER G 380 -8.46 15.68 -37.73
N ASN G 381 -7.24 15.59 -38.25
CA ASN G 381 -6.97 15.88 -39.64
C ASN G 381 -6.81 14.58 -40.42
N THR G 382 -7.47 14.50 -41.57
CA THR G 382 -7.54 13.27 -42.34
C THR G 382 -7.47 13.62 -43.82
N THR G 383 -7.01 12.66 -44.62
CA THR G 383 -6.89 12.83 -46.06
C THR G 383 -8.11 12.33 -46.83
N SER G 384 -9.16 11.88 -46.14
CA SER G 384 -10.37 11.46 -46.82
C SER G 384 -11.14 12.65 -47.38
N ILE G 385 -11.05 13.80 -46.72
CA ILE G 385 -11.63 15.02 -47.25
C ILE G 385 -10.99 15.36 -48.59
N ALA G 386 -9.71 15.02 -48.76
CA ALA G 386 -9.09 15.20 -50.07
C ALA G 386 -9.77 14.34 -51.12
N GLU G 387 -10.16 13.11 -50.75
CA GLU G 387 -10.86 12.25 -51.71
C GLU G 387 -12.24 12.82 -52.03
N ALA G 388 -12.95 13.32 -51.03
CA ALA G 388 -14.25 13.94 -51.28
C ALA G 388 -14.11 15.16 -52.19
N TRP G 389 -13.10 16.00 -51.94
CA TRP G 389 -12.86 17.15 -52.80
C TRP G 389 -12.50 16.70 -54.21
N LYS G 390 -11.79 15.58 -54.34
CA LYS G 390 -11.43 15.08 -55.65
C LYS G 390 -12.66 14.61 -56.42
N ARG G 391 -13.59 13.95 -55.73
CA ARG G 391 -14.83 13.56 -56.39
C ARG G 391 -15.63 14.79 -56.83
N ILE G 392 -15.75 15.76 -55.92
CA ILE G 392 -16.45 17.00 -56.26
C ILE G 392 -15.77 17.71 -57.42
N ASP G 393 -14.44 17.63 -57.48
CA ASP G 393 -13.70 18.28 -58.55
C ASP G 393 -13.87 17.54 -59.87
N ARG G 394 -13.98 16.21 -59.82
CA ARG G 394 -14.32 15.46 -61.03
C ARG G 394 -15.67 15.90 -61.57
N LYS G 395 -16.67 16.01 -60.69
CA LYS G 395 -17.99 16.45 -61.14
C LYS G 395 -17.94 17.87 -61.69
N PHE G 396 -17.25 18.77 -61.00
CA PHE G 396 -17.14 20.15 -61.44
C PHE G 396 -16.38 20.26 -62.76
N ASP G 397 -15.37 19.43 -62.97
CA ASP G 397 -14.64 19.45 -64.23
C ASP G 397 -15.49 18.90 -65.37
N LEU G 398 -16.30 17.88 -65.10
CA LEU G 398 -17.24 17.39 -66.10
C LEU G 398 -18.20 18.49 -66.49
N MET G 399 -18.76 19.19 -65.51
CA MET G 399 -19.69 20.28 -65.81
C MET G 399 -18.99 21.41 -66.56
N TYR G 400 -17.76 21.72 -66.18
CA TYR G 400 -17.00 22.77 -66.84
C TYR G 400 -16.70 22.41 -68.29
N ALA G 401 -16.41 21.13 -68.54
CA ALA G 401 -16.22 20.66 -69.91
C ALA G 401 -17.52 20.72 -70.69
N LYS G 402 -18.65 20.48 -70.03
CA LYS G 402 -19.93 20.58 -70.72
C LYS G 402 -20.37 22.02 -70.92
N ARG G 403 -19.79 22.95 -70.16
CA ARG G 403 -19.90 24.41 -70.36
C ARG G 403 -21.35 24.87 -70.51
N ALA G 404 -22.31 24.11 -69.99
CA ALA G 404 -23.71 24.51 -70.10
C ALA G 404 -24.01 25.71 -69.20
N PHE G 405 -23.64 25.62 -67.93
CA PHE G 405 -23.91 26.70 -66.99
C PHE G 405 -22.81 27.75 -66.96
N VAL G 406 -21.68 27.52 -67.62
CA VAL G 406 -20.66 28.54 -67.72
C VAL G 406 -21.18 29.76 -68.48
N HIS G 407 -22.14 29.54 -69.39
CA HIS G 407 -22.78 30.67 -70.07
C HIS G 407 -23.55 31.54 -69.08
N TRP G 408 -24.38 30.90 -68.24
CA TRP G 408 -25.10 31.66 -67.23
C TRP G 408 -24.14 32.33 -66.25
N TYR G 409 -23.00 31.69 -65.99
CA TYR G 409 -22.02 32.27 -65.08
C TYR G 409 -21.38 33.53 -65.67
N VAL G 410 -20.95 33.47 -66.92
CA VAL G 410 -20.37 34.65 -67.55
C VAL G 410 -21.44 35.71 -67.78
N GLY G 411 -22.71 35.31 -67.84
CA GLY G 411 -23.78 36.30 -67.78
C GLY G 411 -23.91 36.93 -66.41
N GLU G 412 -23.61 36.17 -65.35
CA GLU G 412 -23.65 36.71 -64.00
C GLU G 412 -22.46 37.62 -63.69
N GLY G 413 -21.37 37.48 -64.43
CA GLY G 413 -20.20 38.31 -64.19
C GLY G 413 -18.96 37.51 -63.84
N MET G 414 -18.93 36.24 -64.24
CA MET G 414 -17.81 35.35 -63.97
C MET G 414 -16.94 35.21 -65.22
N GLU G 415 -15.74 34.68 -65.01
CA GLU G 415 -14.75 34.52 -66.08
C GLU G 415 -14.22 33.09 -66.10
N GLU G 416 -13.68 32.71 -67.27
CA GLU G 416 -13.08 31.39 -67.40
C GLU G 416 -11.86 31.24 -66.51
N GLY G 417 -11.02 32.29 -66.45
CA GLY G 417 -9.83 32.24 -65.63
C GLY G 417 -10.15 32.08 -64.15
N GLU G 418 -11.26 32.64 -63.70
CA GLU G 418 -11.64 32.49 -62.29
C GLU G 418 -11.90 31.04 -61.94
N PHE G 419 -12.71 30.35 -62.75
CA PHE G 419 -12.99 28.94 -62.50
C PHE G 419 -11.74 28.10 -62.68
N THR G 420 -10.90 28.45 -63.65
CA THR G 420 -9.64 27.73 -63.83
C THR G 420 -8.77 27.84 -62.58
N GLU G 421 -8.65 29.04 -62.02
CA GLU G 421 -7.84 29.24 -60.82
C GLU G 421 -8.45 28.54 -59.62
N ALA G 422 -9.78 28.53 -59.51
CA ALA G 422 -10.42 27.82 -58.40
C ALA G 422 -10.17 26.32 -58.50
N ARG G 423 -10.25 25.76 -59.72
CA ARG G 423 -9.91 24.36 -59.92
C ARG G 423 -8.45 24.09 -59.57
N GLU G 424 -7.55 24.99 -59.97
CA GLU G 424 -6.14 24.83 -59.65
C GLU G 424 -5.93 24.85 -58.14
N ASP G 425 -6.62 25.73 -57.43
CA ASP G 425 -6.50 25.80 -55.98
C ASP G 425 -7.01 24.52 -55.33
N LEU G 426 -8.13 23.99 -55.82
CA LEU G 426 -8.65 22.74 -55.25
C LEU G 426 -7.69 21.59 -55.48
N ALA G 427 -7.15 21.48 -56.70
CA ALA G 427 -6.18 20.44 -56.99
C ALA G 427 -4.92 20.61 -56.15
N ALA G 428 -4.52 21.86 -55.91
CA ALA G 428 -3.34 22.12 -55.09
C ALA G 428 -3.57 21.70 -53.66
N LEU G 429 -4.75 21.99 -53.10
CA LEU G 429 -5.05 21.56 -51.74
C LEU G 429 -5.10 20.04 -51.63
N GLU G 430 -5.69 19.38 -52.64
CA GLU G 430 -5.73 17.92 -52.64
C GLU G 430 -4.33 17.33 -52.69
N ARG G 431 -3.48 17.86 -53.57
CA ARG G 431 -2.09 17.40 -53.66
C ARG G 431 -1.32 17.71 -52.38
N ASP G 432 -1.62 18.82 -51.73
CA ASP G 432 -0.96 19.17 -50.47
C ASP G 432 -1.28 18.17 -49.39
N TYR G 433 -2.56 17.82 -49.24
CA TYR G 433 -2.94 16.82 -48.26
C TYR G 433 -2.37 15.45 -48.62
N ILE G 434 -2.34 15.11 -49.91
CA ILE G 434 -1.71 13.87 -50.34
C ILE G 434 -0.24 13.84 -49.93
N GLU G 435 0.47 14.96 -50.09
CA GLU G 435 1.89 14.99 -49.78
C GLU G 435 2.13 14.94 -48.29
N VAL G 436 1.36 15.69 -47.50
CA VAL G 436 1.54 15.65 -46.05
C VAL G 436 1.10 14.32 -45.46
N GLY G 437 0.28 13.56 -46.17
CA GLY G 437 0.03 12.18 -45.78
C GLY G 437 1.19 11.28 -46.17
N ALA G 438 1.79 11.57 -47.32
CA ALA G 438 2.93 10.78 -47.78
C ALA G 438 4.18 11.07 -46.95
N ASP G 439 4.27 12.25 -46.35
CA ASP G 439 5.42 12.56 -45.50
C ASP G 439 5.44 11.75 -44.21
N SER G 440 4.34 11.08 -43.88
CA SER G 440 4.27 10.25 -42.69
C SER G 440 5.15 9.01 -42.83
N MET H 1 -10.22 -14.98 -17.62
CA MET H 1 -10.85 -16.27 -17.49
C MET H 1 -12.08 -16.20 -16.60
N ARG H 2 -12.66 -15.00 -16.48
CA ARG H 2 -13.83 -14.78 -15.66
C ARG H 2 -15.11 -14.59 -16.47
N GLU H 3 -15.01 -14.47 -17.79
CA GLU H 3 -16.16 -14.26 -18.65
C GLU H 3 -16.26 -15.39 -19.65
N VAL H 4 -17.49 -15.80 -19.96
CA VAL H 4 -17.78 -16.82 -20.95
C VAL H 4 -18.83 -16.27 -21.90
N ILE H 5 -18.51 -16.22 -23.19
CA ILE H 5 -19.42 -15.66 -24.19
C ILE H 5 -20.32 -16.77 -24.71
N SER H 6 -21.63 -16.56 -24.60
CA SER H 6 -22.62 -17.51 -25.06
C SER H 6 -23.30 -16.96 -26.30
N ILE H 7 -23.52 -17.84 -27.29
CA ILE H 7 -24.11 -17.46 -28.57
C ILE H 7 -25.30 -18.35 -28.84
N ASN H 8 -26.40 -17.75 -29.26
CA ASN H 8 -27.65 -18.46 -29.55
C ASN H 8 -27.92 -18.39 -31.04
N VAL H 9 -27.88 -19.54 -31.71
CA VAL H 9 -28.00 -19.62 -33.15
C VAL H 9 -29.16 -20.55 -33.49
N GLY H 10 -29.97 -20.15 -34.47
CA GLY H 10 -31.11 -20.94 -34.88
C GLY H 10 -32.30 -20.78 -33.95
N GLN H 11 -33.44 -21.32 -34.39
CA GLN H 11 -34.65 -21.23 -33.60
C GLN H 11 -34.52 -22.03 -32.30
N ALA H 12 -34.13 -23.29 -32.40
CA ALA H 12 -33.95 -24.12 -31.21
C ALA H 12 -32.87 -23.55 -30.31
N GLY H 13 -31.78 -23.05 -30.90
CA GLY H 13 -30.73 -22.44 -30.10
C GLY H 13 -31.21 -21.21 -29.35
N CYS H 14 -32.02 -20.37 -30.01
CA CYS H 14 -32.56 -19.19 -29.34
C CYS H 14 -33.49 -19.58 -28.22
N GLN H 15 -34.33 -20.59 -28.42
CA GLN H 15 -35.23 -21.04 -27.37
C GLN H 15 -34.44 -21.61 -26.18
N ILE H 16 -33.39 -22.38 -26.48
CA ILE H 16 -32.56 -22.94 -25.41
C ILE H 16 -31.86 -21.82 -24.65
N GLY H 17 -31.38 -20.81 -25.36
CA GLY H 17 -30.76 -19.68 -24.69
C GLY H 17 -31.72 -18.93 -23.80
N ASN H 18 -32.95 -18.73 -24.29
CA ASN H 18 -33.98 -18.10 -23.45
C ASN H 18 -34.22 -18.91 -22.19
N ALA H 19 -34.32 -20.24 -22.32
CA ALA H 19 -34.54 -21.08 -21.16
C ALA H 19 -33.37 -21.00 -20.19
N CYS H 20 -32.14 -21.00 -20.70
CA CYS H 20 -30.97 -20.93 -19.82
C CYS H 20 -30.91 -19.59 -19.11
N TRP H 21 -31.24 -18.49 -19.80
CA TRP H 21 -31.24 -17.19 -19.14
C TRP H 21 -32.32 -17.10 -18.08
N GLU H 22 -33.51 -17.65 -18.37
CA GLU H 22 -34.57 -17.67 -17.37
C GLU H 22 -34.16 -18.47 -16.15
N LEU H 23 -33.54 -19.63 -16.37
CA LEU H 23 -33.12 -20.45 -15.23
C LEU H 23 -32.01 -19.79 -14.45
N TYR H 24 -31.08 -19.11 -15.14
CA TYR H 24 -30.04 -18.37 -14.45
C TYR H 24 -30.62 -17.25 -13.61
N SER H 25 -31.67 -16.60 -14.11
CA SER H 25 -32.36 -15.58 -13.32
C SER H 25 -33.05 -16.22 -12.11
N LEU H 26 -33.63 -17.40 -12.30
CA LEU H 26 -34.35 -18.05 -11.20
C LEU H 26 -33.41 -18.51 -10.10
N GLU H 27 -32.25 -19.05 -10.48
CA GLU H 27 -31.29 -19.53 -9.48
C GLU H 27 -30.82 -18.38 -8.60
N HIS H 28 -30.43 -17.27 -9.20
CA HIS H 28 -30.04 -16.09 -8.46
C HIS H 28 -31.24 -15.24 -8.03
N GLY H 29 -32.45 -15.70 -8.31
CA GLY H 29 -33.65 -14.95 -7.97
C GLY H 29 -33.72 -13.62 -8.68
N ILE H 30 -33.45 -13.60 -9.98
CA ILE H 30 -33.38 -12.37 -10.76
C ILE H 30 -34.70 -12.14 -11.47
N LYS H 31 -35.26 -10.95 -11.32
CA LYS H 31 -36.50 -10.53 -11.96
C LYS H 31 -36.19 -9.77 -13.24
N PRO H 32 -37.21 -9.52 -14.08
CA PRO H 32 -36.96 -8.78 -15.33
C PRO H 32 -36.30 -7.42 -15.14
N ASP H 33 -36.46 -6.78 -13.98
CA ASP H 33 -35.83 -5.47 -13.76
C ASP H 33 -34.47 -5.61 -13.10
N GLY H 34 -34.44 -6.14 -11.88
CA GLY H 34 -33.17 -6.49 -11.27
C GLY H 34 -32.43 -5.39 -10.54
N HIS H 35 -31.49 -4.79 -11.26
CA HIS H 35 -30.52 -3.78 -10.84
C HIS H 35 -29.37 -4.37 -10.03
N LEU H 36 -29.56 -5.52 -9.39
CA LEU H 36 -28.77 -6.71 -9.68
C LEU H 36 -29.77 -7.84 -9.86
N GLU H 37 -30.28 -8.36 -8.73
CA GLU H 37 -31.68 -8.43 -8.35
C GLU H 37 -31.81 -9.04 -6.95
N ASP H 38 -32.13 -8.26 -5.93
CA ASP H 38 -31.77 -6.85 -5.84
C ASP H 38 -30.38 -6.86 -5.21
N GLY H 39 -29.89 -5.72 -4.74
CA GLY H 39 -28.57 -5.76 -4.15
C GLY H 39 -28.58 -6.15 -2.69
N LEU H 40 -28.42 -7.45 -2.44
CA LEU H 40 -28.26 -7.95 -1.08
C LEU H 40 -27.30 -9.13 -0.99
N SER H 41 -26.70 -9.57 -2.09
CA SER H 41 -26.01 -10.86 -2.15
C SER H 41 -25.28 -10.96 -3.48
N LYS H 42 -24.04 -11.51 -3.49
CA LYS H 42 -23.31 -12.22 -2.41
C LYS H 42 -24.04 -13.44 -1.87
N PRO H 43 -24.05 -14.54 -2.66
CA PRO H 43 -23.36 -14.67 -3.94
C PRO H 43 -24.26 -14.74 -5.16
N LYS H 44 -25.36 -14.00 -5.18
CA LYS H 44 -26.23 -13.97 -6.35
C LYS H 44 -25.81 -12.94 -7.38
N GLY H 45 -24.76 -12.16 -7.10
CA GLY H 45 -24.25 -11.21 -8.06
C GLY H 45 -24.42 -9.76 -7.64
N GLY H 46 -23.33 -9.11 -7.25
CA GLY H 46 -22.04 -9.76 -7.13
C GLY H 46 -21.87 -10.40 -5.77
N GLU H 47 -20.78 -11.12 -5.55
CA GLU H 47 -19.74 -11.34 -6.56
C GLU H 47 -20.12 -12.47 -7.50
N GLU H 48 -19.15 -12.91 -8.30
CA GLU H 48 -19.39 -13.96 -9.29
C GLU H 48 -19.98 -15.21 -8.64
N GLY H 49 -21.13 -15.64 -9.15
CA GLY H 49 -21.84 -14.96 -10.21
C GLY H 49 -22.96 -14.08 -9.68
N PHE H 50 -23.47 -13.19 -10.51
CA PHE H 50 -23.12 -13.11 -11.92
C PHE H 50 -21.94 -12.21 -12.25
N SER H 51 -20.85 -12.84 -12.66
CA SER H 51 -19.78 -12.15 -13.35
C SER H 51 -19.21 -12.97 -14.49
N THR H 52 -19.83 -14.10 -14.84
CA THR H 52 -19.38 -14.96 -15.92
C THR H 52 -20.25 -14.86 -17.17
N PHE H 53 -21.54 -14.58 -17.01
CA PHE H 53 -22.45 -14.54 -18.15
C PHE H 53 -23.17 -13.19 -18.23
N PHE H 54 -23.52 -12.63 -17.08
CA PHE H 54 -24.21 -11.34 -17.04
C PHE H 54 -23.16 -10.23 -17.00
N HIS H 55 -23.22 -9.33 -17.98
CA HIS H 55 -22.29 -8.21 -18.00
C HIS H 55 -22.63 -7.22 -16.91
N GLU H 56 -21.60 -6.78 -16.18
CA GLU H 56 -21.78 -5.76 -15.16
C GLU H 56 -21.77 -4.37 -15.79
N THR H 57 -22.72 -3.53 -15.39
CA THR H 57 -22.84 -2.19 -15.92
C THR H 57 -22.56 -1.17 -14.82
N GLY H 58 -22.38 0.08 -15.24
CA GLY H 58 -22.13 1.14 -14.26
C GLY H 58 -23.29 1.34 -13.31
N TYR H 59 -24.52 1.21 -13.82
CA TYR H 59 -25.69 1.27 -12.95
C TYR H 59 -25.82 0.04 -12.08
N GLY H 60 -25.18 -1.06 -12.44
CA GLY H 60 -25.30 -2.31 -11.72
C GLY H 60 -26.21 -3.32 -12.36
N LYS H 61 -27.05 -2.90 -13.31
CA LYS H 61 -27.94 -3.82 -14.00
C LYS H 61 -27.12 -4.87 -14.76
N PHE H 62 -27.38 -6.13 -14.45
CA PHE H 62 -26.66 -7.24 -15.07
C PHE H 62 -27.26 -7.55 -16.43
N VAL H 63 -26.47 -7.37 -17.47
CA VAL H 63 -26.89 -7.63 -18.85
C VAL H 63 -26.39 -9.02 -19.23
N PRO H 64 -27.28 -9.99 -19.43
CA PRO H 64 -26.83 -11.31 -19.89
C PRO H 64 -26.23 -11.23 -21.29
N ARG H 65 -24.94 -11.52 -21.40
CA ARG H 65 -24.24 -11.40 -22.68
C ARG H 65 -24.67 -12.51 -23.63
N ALA H 66 -25.64 -12.21 -24.49
CA ALA H 66 -26.16 -13.18 -25.44
C ALA H 66 -26.33 -12.51 -26.80
N ILE H 67 -26.05 -13.27 -27.85
CA ILE H 67 -26.19 -12.79 -29.23
C ILE H 67 -27.15 -13.72 -29.93
N TYR H 68 -28.40 -13.28 -30.10
CA TYR H 68 -29.42 -14.08 -30.75
C TYR H 68 -29.37 -13.79 -32.25
N VAL H 69 -28.93 -14.77 -33.03
CA VAL H 69 -28.80 -14.63 -34.47
C VAL H 69 -29.72 -15.63 -35.15
N ASP H 70 -30.51 -15.14 -36.11
CA ASP H 70 -31.41 -15.97 -36.90
C ASP H 70 -31.94 -15.11 -38.04
N LEU H 71 -32.14 -15.73 -39.19
CA LEU H 71 -32.70 -15.06 -40.35
C LEU H 71 -34.21 -15.19 -40.42
N GLU H 72 -34.84 -15.71 -39.37
CA GLU H 72 -36.29 -15.87 -39.32
C GLU H 72 -36.86 -14.77 -38.45
N PRO H 73 -37.56 -13.77 -39.02
CA PRO H 73 -37.99 -12.62 -38.21
C PRO H 73 -38.98 -12.96 -37.12
N ASN H 74 -39.75 -14.04 -37.28
CA ASN H 74 -40.77 -14.38 -36.29
C ASN H 74 -40.14 -14.74 -34.95
N VAL H 75 -39.08 -15.55 -34.97
CA VAL H 75 -38.42 -15.93 -33.73
C VAL H 75 -37.77 -14.72 -33.08
N ILE H 76 -37.21 -13.81 -33.88
CA ILE H 76 -36.59 -12.62 -33.33
C ILE H 76 -37.64 -11.72 -32.67
N ASP H 77 -38.81 -11.57 -33.31
CA ASP H 77 -39.88 -10.81 -32.70
C ASP H 77 -40.34 -11.46 -31.40
N GLU H 78 -40.44 -12.80 -31.40
CA GLU H 78 -40.87 -13.51 -30.20
C GLU H 78 -39.89 -13.27 -29.04
N VAL H 79 -38.59 -13.42 -29.31
CA VAL H 79 -37.61 -13.23 -28.24
C VAL H 79 -37.47 -11.75 -27.88
N ARG H 80 -37.90 -10.83 -28.75
CA ARG H 80 -37.88 -9.42 -28.40
C ARG H 80 -39.09 -9.03 -27.56
N ASN H 81 -40.21 -9.76 -27.70
CA ASN H 81 -41.40 -9.45 -26.92
C ASN H 81 -41.18 -9.67 -25.44
N GLY H 82 -40.43 -10.70 -25.07
CA GLY H 82 -40.20 -11.04 -23.69
C GLY H 82 -39.27 -10.07 -22.98
N PRO H 83 -39.18 -10.18 -21.66
CA PRO H 83 -38.26 -9.31 -20.90
C PRO H 83 -36.80 -9.67 -21.07
N TYR H 84 -36.49 -10.81 -21.69
CA TYR H 84 -35.09 -11.16 -21.94
C TYR H 84 -34.42 -10.12 -22.81
N LYS H 85 -35.12 -9.63 -23.83
CA LYS H 85 -34.57 -8.57 -24.68
C LYS H 85 -34.26 -7.32 -23.88
N ASP H 86 -35.12 -6.98 -22.92
CA ASP H 86 -34.82 -5.89 -22.01
C ASP H 86 -33.60 -6.20 -21.16
N LEU H 87 -33.41 -7.46 -20.79
CA LEU H 87 -32.20 -7.86 -20.08
C LEU H 87 -30.97 -7.74 -20.97
N PHE H 88 -31.08 -8.16 -22.23
CA PHE H 88 -29.97 -8.05 -23.16
C PHE H 88 -29.86 -6.63 -23.69
N HIS H 89 -28.85 -6.41 -24.52
CA HIS H 89 -28.78 -5.10 -25.16
C HIS H 89 -29.41 -5.16 -26.55
N PRO H 90 -30.16 -4.13 -26.94
CA PRO H 90 -30.80 -4.16 -28.26
C PRO H 90 -29.83 -4.32 -29.42
N GLU H 91 -28.57 -3.95 -29.24
CA GLU H 91 -27.57 -4.10 -30.30
C GLU H 91 -26.91 -5.47 -30.31
N GLN H 92 -27.02 -6.24 -29.22
CA GLN H 92 -26.41 -7.56 -29.19
C GLN H 92 -27.12 -8.52 -30.14
N LEU H 93 -28.44 -8.42 -30.24
CA LEU H 93 -29.21 -9.32 -31.07
C LEU H 93 -29.10 -8.92 -32.54
N ILE H 94 -29.14 -9.92 -33.41
CA ILE H 94 -29.06 -9.72 -34.85
C ILE H 94 -30.34 -10.26 -35.48
N SER H 95 -30.85 -9.53 -36.47
CA SER H 95 -32.12 -9.85 -37.11
C SER H 95 -31.91 -10.14 -38.59
N GLY H 96 -32.71 -11.07 -39.10
CA GLY H 96 -32.69 -11.40 -40.51
C GLY H 96 -34.10 -11.47 -41.07
N LYS H 97 -34.26 -10.97 -42.30
CA LYS H 97 -35.59 -10.87 -42.89
C LYS H 97 -36.01 -12.18 -43.55
N GLU H 98 -35.09 -12.85 -44.25
CA GLU H 98 -35.40 -14.07 -44.98
C GLU H 98 -34.50 -15.19 -44.50
N ASP H 99 -35.10 -16.31 -44.13
CA ASP H 99 -34.34 -17.47 -43.66
C ASP H 99 -33.36 -17.92 -44.73
N ALA H 100 -32.23 -18.47 -44.28
CA ALA H 100 -31.14 -18.84 -45.18
C ALA H 100 -31.60 -19.84 -46.24
N ALA H 101 -31.95 -21.03 -45.81
CA ALA H 101 -32.38 -22.10 -46.72
C ALA H 101 -33.00 -23.20 -45.86
N ASN H 102 -33.28 -24.34 -46.48
CA ASN H 102 -33.74 -25.53 -45.76
C ASN H 102 -32.73 -26.65 -46.04
N ASN H 103 -31.70 -26.73 -45.22
CA ASN H 103 -31.49 -25.76 -44.15
C ASN H 103 -30.04 -25.27 -44.13
N TYR H 104 -29.13 -26.09 -44.64
CA TYR H 104 -27.70 -25.83 -44.57
C TYR H 104 -27.14 -25.16 -45.81
N ALA H 105 -27.93 -25.07 -46.89
CA ALA H 105 -27.42 -24.52 -48.14
C ALA H 105 -26.87 -23.11 -47.96
N ARG H 106 -27.73 -22.19 -47.51
CA ARG H 106 -27.32 -20.80 -47.35
C ARG H 106 -26.75 -20.50 -45.96
N GLY H 107 -27.10 -21.30 -44.96
CA GLY H 107 -26.56 -21.07 -43.62
C GLY H 107 -25.05 -21.12 -43.58
N HIS H 108 -24.44 -21.96 -44.41
CA HIS H 108 -22.99 -22.02 -44.54
C HIS H 108 -22.48 -21.23 -45.74
N TYR H 109 -23.37 -20.69 -46.56
CA TYR H 109 -22.97 -20.00 -47.78
C TYR H 109 -22.47 -18.60 -47.47
N THR H 110 -22.03 -17.90 -48.52
CA THR H 110 -21.52 -16.55 -48.34
C THR H 110 -22.60 -15.57 -47.90
N VAL H 111 -23.86 -15.85 -48.24
CA VAL H 111 -24.95 -15.00 -47.77
C VAL H 111 -25.03 -15.07 -46.25
N GLY H 112 -24.81 -16.27 -45.68
CA GLY H 112 -24.67 -16.38 -44.25
C GLY H 112 -23.35 -15.85 -43.72
N ARG H 113 -22.37 -15.65 -44.60
CA ARG H 113 -21.09 -15.07 -44.23
C ARG H 113 -21.09 -13.54 -44.28
N GLU H 114 -22.14 -12.94 -44.85
CA GLU H 114 -22.19 -11.48 -44.92
C GLU H 114 -22.28 -10.86 -43.54
N ILE H 115 -23.08 -11.46 -42.65
CA ILE H 115 -23.22 -10.94 -41.28
C ILE H 115 -22.11 -11.42 -40.37
N LEU H 116 -21.18 -12.23 -40.88
CA LEU H 116 -20.07 -12.71 -40.06
C LEU H 116 -19.24 -11.55 -39.54
N GLY H 117 -18.90 -10.59 -40.41
CA GLY H 117 -18.13 -9.43 -39.95
C GLY H 117 -18.90 -8.59 -38.97
N ASP H 118 -20.21 -8.43 -39.18
CA ASP H 118 -21.03 -7.67 -38.25
C ASP H 118 -21.01 -8.29 -36.86
N VAL H 119 -21.29 -9.59 -36.79
CA VAL H 119 -21.31 -10.24 -35.48
C VAL H 119 -19.90 -10.31 -34.90
N LEU H 120 -18.87 -10.33 -35.74
CA LEU H 120 -17.50 -10.35 -35.23
C LEU H 120 -17.15 -9.03 -34.56
N ASP H 121 -17.48 -7.90 -35.20
CA ASP H 121 -17.23 -6.61 -34.56
C ASP H 121 -18.13 -6.44 -33.34
N ARG H 122 -19.33 -7.01 -33.36
CA ARG H 122 -20.17 -7.00 -32.16
C ARG H 122 -19.49 -7.72 -31.00
N ILE H 123 -18.93 -8.91 -31.28
CA ILE H 123 -18.24 -9.66 -30.25
C ILE H 123 -17.00 -8.91 -29.77
N ARG H 124 -16.29 -8.26 -30.69
CA ARG H 124 -15.10 -7.50 -30.31
C ARG H 124 -15.46 -6.34 -29.40
N LYS H 125 -16.54 -5.62 -29.73
CA LYS H 125 -16.99 -4.53 -28.86
C LYS H 125 -17.42 -5.05 -27.51
N LEU H 126 -18.13 -6.18 -27.48
CA LEU H 126 -18.57 -6.75 -26.22
C LEU H 126 -17.39 -7.16 -25.36
N ALA H 127 -16.34 -7.71 -25.98
CA ALA H 127 -15.13 -8.07 -25.23
C ALA H 127 -14.39 -6.82 -24.75
N ASP H 128 -14.42 -5.76 -25.55
CA ASP H 128 -13.80 -4.50 -25.12
C ASP H 128 -14.54 -3.91 -23.92
N GLN H 129 -15.86 -4.08 -23.86
CA GLN H 129 -16.63 -3.59 -22.72
C GLN H 129 -16.27 -4.36 -21.45
N CYS H 130 -16.23 -5.68 -21.54
CA CYS H 130 -15.96 -6.51 -20.37
C CYS H 130 -14.46 -6.65 -20.14
N ASP H 131 -14.11 -7.46 -19.14
CA ASP H 131 -12.72 -7.70 -18.76
C ASP H 131 -12.49 -9.19 -18.59
N GLY H 132 -11.53 -9.73 -19.31
CA GLY H 132 -11.21 -11.14 -19.23
C GLY H 132 -12.15 -12.00 -20.05
N LEU H 133 -11.74 -13.25 -20.26
CA LEU H 133 -12.52 -14.21 -21.03
C LEU H 133 -12.00 -15.60 -20.76
N GLN H 134 -12.91 -16.57 -20.64
CA GLN H 134 -12.55 -17.96 -20.40
C GLN H 134 -12.85 -18.88 -21.57
N GLY H 135 -13.92 -18.62 -22.32
CA GLY H 135 -14.25 -19.45 -23.46
C GLY H 135 -15.45 -18.89 -24.18
N PHE H 136 -15.78 -19.55 -25.29
CA PHE H 136 -16.91 -19.17 -26.14
C PHE H 136 -17.94 -20.29 -26.09
N LEU H 137 -19.15 -19.97 -25.64
CA LEU H 137 -20.24 -20.93 -25.58
C LEU H 137 -21.13 -20.78 -26.80
N PHE H 138 -21.56 -21.91 -27.36
CA PHE H 138 -22.38 -21.93 -28.56
C PHE H 138 -23.63 -22.77 -28.30
N THR H 139 -24.76 -22.29 -28.81
CA THR H 139 -26.04 -22.98 -28.68
C THR H 139 -26.75 -22.98 -30.03
N HIS H 140 -26.59 -24.08 -30.77
CA HIS H 140 -27.29 -24.27 -32.03
C HIS H 140 -27.56 -25.75 -32.21
N SER H 141 -28.71 -26.06 -32.80
CA SER H 141 -29.11 -27.44 -33.01
C SER H 141 -28.48 -27.98 -34.30
N LEU H 142 -27.91 -29.18 -34.21
CA LEU H 142 -27.40 -29.83 -35.42
C LEU H 142 -28.52 -30.27 -36.35
N GLY H 143 -29.75 -30.34 -35.87
CA GLY H 143 -30.86 -30.63 -36.76
C GLY H 143 -31.14 -29.48 -37.72
N GLY H 144 -31.19 -28.26 -37.19
CA GLY H 144 -31.36 -27.09 -38.03
C GLY H 144 -30.10 -26.75 -38.79
N GLY H 145 -30.11 -26.98 -40.10
CA GLY H 145 -28.93 -26.73 -40.91
C GLY H 145 -28.56 -25.26 -40.98
N THR H 146 -29.54 -24.37 -40.90
CA THR H 146 -29.24 -22.94 -40.85
C THR H 146 -28.41 -22.61 -39.61
N GLY H 147 -28.91 -23.00 -38.45
CA GLY H 147 -28.16 -22.78 -37.23
C GLY H 147 -26.82 -23.49 -37.22
N SER H 148 -26.78 -24.70 -37.78
CA SER H 148 -25.54 -25.46 -37.84
C SER H 148 -24.48 -24.72 -38.64
N GLY H 149 -24.83 -24.31 -39.87
CA GLY H 149 -23.87 -23.61 -40.70
C GLY H 149 -23.46 -22.27 -40.13
N LEU H 150 -24.43 -21.53 -39.58
CA LEU H 150 -24.09 -20.24 -38.97
C LEU H 150 -23.15 -20.41 -37.80
N GLY H 151 -23.43 -21.39 -36.92
CA GLY H 151 -22.56 -21.61 -35.79
C GLY H 151 -21.18 -22.08 -36.19
N SER H 152 -21.09 -22.91 -37.24
CA SER H 152 -19.77 -23.31 -37.71
C SER H 152 -19.00 -22.13 -38.27
N LEU H 153 -19.68 -21.23 -38.99
CA LEU H 153 -19.02 -20.03 -39.48
C LEU H 153 -18.52 -19.15 -38.34
N LEU H 154 -19.36 -18.94 -37.32
CA LEU H 154 -18.94 -18.15 -36.17
C LEU H 154 -17.75 -18.81 -35.46
N LEU H 155 -17.77 -20.14 -35.34
CA LEU H 155 -16.68 -20.84 -34.67
C LEU H 155 -15.38 -20.70 -35.44
N GLU H 156 -15.45 -20.83 -36.77
CA GLU H 156 -14.26 -20.63 -37.59
C GLU H 156 -13.74 -19.20 -37.47
N GLU H 157 -14.64 -18.23 -37.48
CA GLU H 157 -14.23 -16.83 -37.39
C GLU H 157 -13.61 -16.52 -36.03
N LEU H 158 -14.14 -17.14 -34.97
CA LEU H 158 -13.58 -16.90 -33.64
C LEU H 158 -12.24 -17.61 -33.48
N SER H 159 -12.08 -18.79 -34.08
CA SER H 159 -10.79 -19.46 -34.05
C SER H 159 -9.74 -18.66 -34.82
N ALA H 160 -10.12 -18.08 -35.95
CA ALA H 160 -9.21 -17.22 -36.69
C ALA H 160 -9.04 -15.86 -36.03
N GLU H 161 -9.92 -15.49 -35.11
CA GLU H 161 -9.87 -14.18 -34.47
C GLU H 161 -8.98 -14.19 -33.24
N TYR H 162 -9.32 -15.03 -32.26
CA TYR H 162 -8.57 -15.08 -31.01
C TYR H 162 -7.78 -16.38 -30.86
N GLY H 163 -8.46 -17.53 -30.93
CA GLY H 163 -7.78 -18.79 -30.75
C GLY H 163 -7.11 -18.97 -29.41
N LYS H 164 -7.49 -18.19 -28.41
CA LYS H 164 -6.87 -18.24 -27.09
C LYS H 164 -7.76 -18.85 -26.01
N LYS H 165 -9.06 -18.95 -26.25
CA LYS H 165 -9.99 -19.50 -25.29
C LYS H 165 -10.66 -20.74 -25.86
N SER H 166 -11.00 -21.67 -24.98
CA SER H 166 -11.63 -22.92 -25.40
C SER H 166 -13.00 -22.64 -26.00
N LYS H 167 -13.24 -23.16 -27.19
CA LYS H 167 -14.49 -22.94 -27.91
C LYS H 167 -15.48 -24.06 -27.57
N LEU H 168 -16.54 -23.71 -26.86
CA LEU H 168 -17.56 -24.66 -26.45
C LEU H 168 -18.76 -24.55 -27.36
N GLU H 169 -19.30 -25.70 -27.75
CA GLU H 169 -20.46 -25.74 -28.65
C GLU H 169 -21.42 -26.81 -28.15
N PHE H 170 -22.63 -26.38 -27.80
CA PHE H 170 -23.71 -27.30 -27.42
C PHE H 170 -24.54 -27.59 -28.66
N ALA H 171 -24.52 -28.85 -29.10
CA ALA H 171 -25.22 -29.27 -30.30
C ALA H 171 -26.39 -30.18 -29.95
N VAL H 172 -27.52 -29.94 -30.60
CA VAL H 172 -28.73 -30.74 -30.41
C VAL H 172 -28.82 -31.73 -31.57
N TYR H 173 -29.04 -33.00 -31.23
CA TYR H 173 -29.10 -34.02 -32.26
C TYR H 173 -30.52 -34.50 -32.47
N PRO H 174 -30.93 -34.70 -33.72
CA PRO H 174 -32.28 -35.20 -33.98
C PRO H 174 -32.42 -36.65 -33.54
N ALA H 175 -33.67 -37.11 -33.55
CA ALA H 175 -33.95 -38.50 -33.20
C ALA H 175 -33.46 -39.42 -34.30
N PRO H 176 -32.67 -40.45 -33.97
CA PRO H 176 -32.21 -41.38 -35.02
C PRO H 176 -33.34 -42.15 -35.68
N GLN H 177 -34.50 -42.26 -35.03
CA GLN H 177 -35.60 -43.04 -35.58
C GLN H 177 -36.32 -42.27 -36.68
N VAL H 178 -36.84 -41.09 -36.35
CA VAL H 178 -37.62 -40.29 -37.29
C VAL H 178 -36.94 -38.94 -37.48
N SER H 179 -37.03 -38.43 -38.71
CA SER H 179 -36.47 -37.12 -39.06
C SER H 179 -37.51 -36.37 -39.87
N THR H 180 -37.96 -35.23 -39.35
CA THR H 180 -38.95 -34.43 -40.08
C THR H 180 -38.33 -33.78 -41.30
N SER H 181 -37.07 -33.34 -41.19
CA SER H 181 -36.37 -32.72 -42.31
C SER H 181 -35.65 -33.79 -43.12
N VAL H 182 -35.74 -33.69 -44.45
CA VAL H 182 -35.12 -34.69 -45.31
C VAL H 182 -33.64 -34.43 -45.49
N VAL H 183 -33.20 -33.16 -45.44
CA VAL H 183 -31.78 -32.85 -45.55
C VAL H 183 -31.11 -32.78 -44.19
N GLU H 184 -31.82 -33.07 -43.11
CA GLU H 184 -31.25 -33.02 -41.77
C GLU H 184 -29.99 -33.86 -41.63
N PRO H 185 -29.96 -35.13 -42.08
CA PRO H 185 -28.68 -35.87 -42.00
C PRO H 185 -27.58 -35.23 -42.84
N TYR H 186 -27.93 -34.73 -44.03
CA TYR H 186 -26.93 -34.05 -44.85
C TYR H 186 -26.35 -32.85 -44.12
N ASN H 187 -27.21 -32.01 -43.54
CA ASN H 187 -26.75 -30.85 -42.81
C ASN H 187 -25.86 -31.24 -41.64
N THR H 188 -26.29 -32.25 -40.86
CA THR H 188 -25.53 -32.66 -39.69
C THR H 188 -24.16 -33.20 -40.10
N VAL H 189 -24.11 -34.04 -41.13
CA VAL H 189 -22.84 -34.63 -41.56
C VAL H 189 -21.91 -33.54 -42.10
N LEU H 190 -22.45 -32.60 -42.88
CA LEU H 190 -21.62 -31.52 -43.38
C LEU H 190 -21.12 -30.62 -42.26
N THR H 191 -21.90 -30.49 -41.18
CA THR H 191 -21.48 -29.65 -40.06
C THR H 191 -20.49 -30.36 -39.15
N THR H 192 -20.50 -31.70 -39.10
CA THR H 192 -19.57 -32.42 -38.24
C THR H 192 -18.12 -32.09 -38.57
N HIS H 193 -17.79 -32.04 -39.86
CA HIS H 193 -16.42 -31.75 -40.26
C HIS H 193 -16.02 -30.33 -39.85
N THR H 194 -16.92 -29.37 -40.03
CA THR H 194 -16.64 -28.00 -39.64
C THR H 194 -16.40 -27.91 -38.13
N THR H 195 -17.25 -28.55 -37.34
CA THR H 195 -17.07 -28.53 -35.89
C THR H 195 -15.78 -29.24 -35.49
N LEU H 196 -15.41 -30.31 -36.20
CA LEU H 196 -14.13 -30.96 -35.93
C LEU H 196 -12.98 -30.00 -36.19
N GLU H 197 -13.06 -29.21 -37.26
CA GLU H 197 -11.99 -28.27 -37.57
C GLU H 197 -11.96 -27.11 -36.59
N HIS H 198 -13.11 -26.69 -36.06
CA HIS H 198 -13.20 -25.46 -35.29
C HIS H 198 -13.35 -25.71 -33.79
N ALA H 199 -14.30 -26.56 -33.38
CA ALA H 199 -14.64 -26.68 -31.97
C ALA H 199 -13.53 -27.36 -31.18
N ASP H 200 -13.24 -26.80 -30.01
CA ASP H 200 -12.32 -27.45 -29.08
C ASP H 200 -13.03 -28.46 -28.19
N CYS H 201 -14.33 -28.31 -28.00
CA CYS H 201 -15.13 -29.26 -27.23
C CYS H 201 -16.56 -29.19 -27.74
N THR H 202 -17.26 -30.32 -27.64
CA THR H 202 -18.60 -30.45 -28.20
C THR H 202 -19.57 -30.89 -27.11
N PHE H 203 -20.85 -30.92 -27.46
CA PHE H 203 -21.90 -31.43 -26.59
C PHE H 203 -22.97 -32.06 -27.48
N MET H 204 -23.25 -33.33 -27.25
CA MET H 204 -24.19 -34.09 -28.07
C MET H 204 -25.38 -34.49 -27.22
N VAL H 205 -26.56 -34.00 -27.59
CA VAL H 205 -27.80 -34.28 -26.86
C VAL H 205 -28.87 -34.65 -27.87
N ASP H 206 -29.71 -35.63 -27.50
CA ASP H 206 -30.76 -36.15 -28.36
C ASP H 206 -32.11 -35.70 -27.85
N ASN H 207 -32.98 -35.27 -28.76
CA ASN H 207 -34.32 -34.82 -28.37
C ASN H 207 -35.19 -36.01 -27.96
N GLU H 208 -35.07 -37.13 -28.65
CA GLU H 208 -35.90 -38.29 -28.35
C GLU H 208 -35.63 -38.83 -26.96
N ALA H 209 -34.35 -38.84 -26.55
CA ALA H 209 -34.01 -39.27 -25.20
C ALA H 209 -34.62 -38.33 -24.16
N ILE H 210 -34.58 -37.02 -24.42
CA ILE H 210 -35.20 -36.06 -23.52
C ILE H 210 -36.70 -36.30 -23.40
N TYR H 211 -37.34 -36.59 -24.52
CA TYR H 211 -38.78 -36.85 -24.50
C TYR H 211 -39.11 -38.12 -23.73
N ASP H 212 -38.35 -39.18 -23.96
CA ASP H 212 -38.53 -40.41 -23.19
C ASP H 212 -38.32 -40.16 -21.71
N MET H 213 -37.33 -39.32 -21.36
CA MET H 213 -37.06 -39.02 -19.96
C MET H 213 -38.25 -38.30 -19.32
N CYS H 214 -38.73 -37.23 -19.95
CA CYS H 214 -39.80 -36.46 -19.34
C CYS H 214 -41.11 -37.26 -19.32
N LYS H 215 -41.32 -38.15 -20.28
CA LYS H 215 -42.50 -39.00 -20.24
C LYS H 215 -42.38 -40.06 -19.15
N ARG H 216 -41.17 -40.54 -18.90
CA ARG H 216 -40.96 -41.61 -17.93
C ARG H 216 -40.62 -41.07 -16.54
N ASN H 217 -39.60 -40.22 -16.45
CA ASN H 217 -39.18 -39.71 -15.14
C ASN H 217 -40.21 -38.73 -14.58
N LEU H 218 -40.61 -37.75 -15.38
CA LEU H 218 -41.58 -36.76 -14.92
C LEU H 218 -43.02 -37.25 -15.04
N ASP H 219 -43.26 -38.35 -15.76
CA ASP H 219 -44.60 -38.94 -15.90
C ASP H 219 -45.57 -37.94 -16.52
N ILE H 220 -45.16 -37.35 -17.64
CA ILE H 220 -46.02 -36.37 -18.34
C ILE H 220 -46.65 -37.05 -19.55
N PRO H 221 -47.91 -36.73 -19.87
CA PRO H 221 -48.53 -37.32 -21.06
C PRO H 221 -48.13 -36.62 -22.35
N ARG H 222 -47.93 -35.31 -22.27
CA ARG H 222 -47.67 -34.49 -23.45
C ARG H 222 -46.32 -33.80 -23.35
N PRO H 223 -45.31 -34.23 -24.10
CA PRO H 223 -44.03 -33.51 -24.09
C PRO H 223 -44.16 -32.18 -24.82
N SER H 224 -43.23 -31.28 -24.51
CA SER H 224 -43.20 -29.96 -25.11
C SER H 224 -41.76 -29.55 -25.36
N PHE H 225 -41.57 -28.70 -26.38
CA PHE H 225 -40.25 -28.16 -26.65
C PHE H 225 -39.76 -27.28 -25.50
N ALA H 226 -40.68 -26.64 -24.79
CA ALA H 226 -40.30 -25.85 -23.63
C ALA H 226 -39.72 -26.73 -22.52
N ASN H 227 -40.24 -27.94 -22.37
CA ASN H 227 -39.69 -28.87 -21.38
C ASN H 227 -38.27 -29.29 -21.75
N LEU H 228 -38.04 -29.57 -23.03
CA LEU H 228 -36.69 -29.87 -23.49
C LEU H 228 -35.76 -28.68 -23.23
N ASN H 229 -36.24 -27.47 -23.50
CA ASN H 229 -35.44 -26.28 -23.23
C ASN H 229 -35.10 -26.17 -21.74
N ASN H 230 -36.08 -26.45 -20.87
CA ASN H 230 -35.83 -26.39 -19.43
C ASN H 230 -34.81 -27.43 -19.00
N LEU H 231 -34.91 -28.65 -19.53
CA LEU H 231 -33.95 -29.69 -19.16
C LEU H 231 -32.55 -29.33 -19.63
N ILE H 232 -32.41 -28.81 -20.84
CA ILE H 232 -31.09 -28.40 -21.32
C ILE H 232 -30.57 -27.21 -20.53
N ALA H 233 -31.46 -26.33 -20.07
CA ALA H 233 -31.03 -25.22 -19.22
C ALA H 233 -30.50 -25.74 -17.89
N GLN H 234 -31.21 -26.71 -17.30
CA GLN H 234 -30.72 -27.34 -16.07
C GLN H 234 -29.35 -27.98 -16.29
N VAL H 235 -29.18 -28.65 -17.43
CA VAL H 235 -27.89 -29.25 -17.75
C VAL H 235 -26.80 -28.18 -17.81
N VAL H 236 -27.01 -27.15 -18.61
CA VAL H 236 -25.99 -26.11 -18.81
C VAL H 236 -25.66 -25.42 -17.49
N SER H 237 -26.68 -25.18 -16.66
CA SER H 237 -26.41 -24.61 -15.34
C SER H 237 -25.61 -25.56 -14.48
N SER H 238 -25.86 -26.87 -14.60
CA SER H 238 -25.07 -27.84 -13.86
C SER H 238 -23.62 -27.86 -14.34
N VAL H 239 -23.39 -27.51 -15.60
CA VAL H 239 -22.01 -27.45 -16.11
C VAL H 239 -21.23 -26.32 -15.42
N THR H 240 -21.81 -25.12 -15.38
CA THR H 240 -21.13 -23.95 -14.87
C THR H 240 -21.52 -23.61 -13.43
N ALA H 241 -21.81 -24.63 -12.61
CA ALA H 241 -22.21 -24.38 -11.24
C ALA H 241 -21.08 -23.78 -10.42
N SER H 242 -19.86 -24.33 -10.54
CA SER H 242 -18.75 -23.82 -9.77
C SER H 242 -18.33 -22.42 -10.23
N LEU H 243 -18.49 -22.13 -11.51
CA LEU H 243 -18.09 -20.83 -12.03
C LEU H 243 -19.04 -19.73 -11.57
N ARG H 244 -20.31 -20.07 -11.33
CA ARG H 244 -21.29 -19.09 -10.86
C ARG H 244 -21.33 -19.03 -9.34
N PHE H 245 -21.38 -20.17 -8.67
CA PHE H 245 -21.43 -20.24 -7.22
C PHE H 245 -20.20 -20.96 -6.69
N ASP H 246 -19.66 -20.44 -5.59
CA ASP H 246 -18.49 -21.06 -4.97
C ASP H 246 -18.89 -22.36 -4.29
N GLY H 247 -17.96 -23.33 -4.30
CA GLY H 247 -18.19 -24.62 -3.67
C GLY H 247 -16.95 -25.08 -2.93
N SER H 248 -17.09 -26.23 -2.26
CA SER H 248 -15.96 -26.79 -1.53
C SER H 248 -14.84 -27.21 -2.47
N LEU H 249 -15.18 -27.62 -3.69
CA LEU H 249 -14.20 -28.01 -4.70
C LEU H 249 -14.57 -27.28 -5.98
N ASN H 250 -14.06 -26.07 -6.14
CA ASN H 250 -14.34 -25.29 -7.35
C ASN H 250 -13.56 -25.85 -8.53
N VAL H 251 -14.25 -26.07 -9.65
CA VAL H 251 -13.66 -26.65 -10.84
C VAL H 251 -13.54 -25.59 -11.92
N ASP H 252 -12.58 -25.79 -12.81
CA ASP H 252 -12.27 -24.83 -13.87
C ASP H 252 -12.65 -25.40 -15.23
N LEU H 253 -12.83 -24.50 -16.18
CA LEU H 253 -13.08 -24.90 -17.56
C LEU H 253 -11.86 -25.62 -18.15
N ASN H 254 -10.66 -25.10 -17.86
CA ASN H 254 -9.45 -25.77 -18.32
C ASN H 254 -9.33 -27.18 -17.75
N GLU H 255 -9.88 -27.40 -16.55
CA GLU H 255 -9.93 -28.76 -16.03
C GLU H 255 -10.80 -29.65 -16.90
N PHE H 256 -11.93 -29.12 -17.37
CA PHE H 256 -12.74 -29.87 -18.32
C PHE H 256 -11.99 -30.17 -19.60
N GLN H 257 -11.25 -29.17 -20.10
CA GLN H 257 -10.46 -29.37 -21.31
C GLN H 257 -9.41 -30.46 -21.11
N THR H 258 -8.78 -30.49 -19.94
CA THR H 258 -7.76 -31.50 -19.68
C THR H 258 -8.37 -32.88 -19.52
N ASN H 259 -9.50 -32.99 -18.83
CA ASN H 259 -10.09 -34.30 -18.56
C ASN H 259 -10.72 -34.89 -19.82
N LEU H 260 -11.45 -34.07 -20.58
CA LEU H 260 -12.20 -34.57 -21.73
C LEU H 260 -11.33 -34.72 -22.97
N VAL H 261 -10.11 -34.21 -22.97
CA VAL H 261 -9.21 -34.37 -24.11
C VAL H 261 -7.95 -35.09 -23.67
N PRO H 262 -7.99 -36.41 -23.49
CA PRO H 262 -6.75 -37.17 -23.19
C PRO H 262 -6.00 -37.66 -24.40
N TYR H 263 -6.33 -37.17 -25.60
CA TYR H 263 -5.73 -37.62 -26.85
C TYR H 263 -5.66 -36.46 -27.82
N PRO H 264 -4.93 -36.58 -28.93
CA PRO H 264 -4.92 -35.49 -29.94
C PRO H 264 -6.31 -35.07 -30.40
N ARG H 265 -7.20 -36.02 -30.67
CA ARG H 265 -8.56 -35.71 -31.13
C ARG H 265 -9.55 -36.49 -30.27
N ILE H 266 -9.90 -35.92 -29.12
CA ILE H 266 -11.01 -36.41 -28.29
C ILE H 266 -11.71 -35.19 -27.70
N HIS H 267 -12.84 -34.79 -28.29
CA HIS H 267 -13.58 -33.64 -27.80
C HIS H 267 -15.09 -33.86 -27.87
N PHE H 268 -15.53 -35.10 -27.67
CA PHE H 268 -16.95 -35.46 -27.74
C PHE H 268 -17.38 -36.08 -26.40
N PRO H 269 -17.80 -35.26 -25.44
CA PRO H 269 -18.34 -35.79 -24.19
C PRO H 269 -19.85 -35.91 -24.19
N LEU H 270 -20.33 -37.02 -23.63
CA LEU H 270 -21.76 -37.22 -23.42
C LEU H 270 -22.16 -36.74 -22.04
N VAL H 271 -23.40 -36.27 -21.92
CA VAL H 271 -23.92 -35.63 -20.72
C VAL H 271 -24.92 -36.58 -20.06
N SER H 272 -24.88 -36.64 -18.73
CA SER H 272 -25.87 -37.38 -17.95
C SER H 272 -26.18 -36.58 -16.70
N TYR H 273 -27.46 -36.59 -16.29
CA TYR H 273 -27.87 -35.84 -15.12
C TYR H 273 -28.80 -36.72 -14.28
N SER H 274 -28.57 -36.74 -12.97
CA SER H 274 -29.36 -37.57 -12.08
C SER H 274 -29.25 -37.00 -10.67
N PRO H 275 -30.29 -37.13 -9.83
CA PRO H 275 -31.55 -37.81 -10.16
C PRO H 275 -32.57 -36.89 -10.82
N VAL H 276 -33.25 -37.40 -11.85
CA VAL H 276 -34.32 -36.69 -12.53
C VAL H 276 -35.60 -37.51 -12.42
N LEU H 277 -36.66 -36.87 -11.91
CA LEU H 277 -37.92 -37.55 -11.65
C LEU H 277 -39.00 -36.50 -11.47
N SER H 278 -40.25 -36.96 -11.44
CA SER H 278 -41.36 -36.07 -11.13
C SER H 278 -41.24 -35.55 -9.69
N LYS H 279 -41.70 -34.32 -9.49
CA LYS H 279 -41.61 -33.71 -8.17
C LYS H 279 -42.43 -34.49 -7.14
N SER H 280 -43.56 -35.07 -7.56
CA SER H 280 -44.37 -35.87 -6.65
C SER H 280 -43.59 -37.09 -6.16
N LYS H 281 -43.01 -37.86 -7.08
CA LYS H 281 -42.18 -38.99 -6.69
C LYS H 281 -40.98 -38.54 -5.88
N ALA H 282 -40.44 -37.35 -6.18
CA ALA H 282 -39.36 -36.81 -5.37
C ALA H 282 -39.81 -36.58 -3.93
N PHE H 283 -41.06 -36.16 -3.75
CA PHE H 283 -41.63 -36.05 -2.41
C PHE H 283 -41.92 -37.42 -1.80
N HIS H 284 -42.14 -38.43 -2.63
CA HIS H 284 -42.48 -39.77 -2.16
C HIS H 284 -41.26 -40.65 -1.97
N GLU H 285 -40.26 -40.53 -2.85
CA GLU H 285 -39.09 -41.39 -2.82
C GLU H 285 -37.87 -40.60 -2.39
N SER H 286 -36.97 -41.25 -1.64
CA SER H 286 -35.73 -40.64 -1.15
C SER H 286 -34.61 -41.65 -1.33
N ASN H 287 -33.84 -41.49 -2.42
CA ASN H 287 -32.77 -42.42 -2.73
C ASN H 287 -31.45 -41.98 -2.08
N SER H 288 -30.46 -42.85 -2.19
CA SER H 288 -29.11 -42.55 -1.73
C SER H 288 -28.26 -42.00 -2.87
N VAL H 289 -27.04 -41.60 -2.53
CA VAL H 289 -26.15 -41.04 -3.55
C VAL H 289 -25.61 -42.15 -4.45
N SER H 290 -25.43 -43.36 -3.91
CA SER H 290 -24.97 -44.47 -4.74
C SER H 290 -26.02 -44.83 -5.79
N GLU H 291 -27.30 -44.77 -5.42
CA GLU H 291 -28.35 -45.00 -6.39
C GLU H 291 -28.33 -43.94 -7.49
N ILE H 292 -28.01 -42.69 -7.13
CA ILE H 292 -27.91 -41.64 -8.12
C ILE H 292 -26.73 -41.89 -9.05
N THR H 293 -25.59 -42.33 -8.50
CA THR H 293 -24.44 -42.64 -9.34
C THR H 293 -24.75 -43.79 -10.29
N ASN H 294 -25.48 -44.79 -9.81
CA ASN H 294 -25.86 -45.90 -10.68
C ASN H 294 -26.83 -45.45 -11.76
N ALA H 295 -27.80 -44.60 -11.41
CA ALA H 295 -28.73 -44.08 -12.39
C ALA H 295 -28.03 -43.19 -13.42
N CYS H 296 -26.91 -42.59 -13.05
CA CYS H 296 -26.12 -41.85 -14.02
C CYS H 296 -25.69 -42.73 -15.19
N PHE H 297 -25.49 -44.03 -14.94
CA PHE H 297 -25.09 -44.96 -15.98
C PHE H 297 -26.27 -45.54 -16.76
N GLU H 298 -27.50 -45.22 -16.37
CA GLU H 298 -28.65 -45.73 -17.08
C GLU H 298 -28.70 -45.13 -18.49
N PRO H 299 -29.26 -45.86 -19.46
CA PRO H 299 -29.34 -45.32 -20.83
C PRO H 299 -30.22 -44.09 -20.94
N GLY H 300 -31.16 -43.88 -20.02
CA GLY H 300 -32.04 -42.73 -20.12
C GLY H 300 -31.33 -41.43 -19.77
N ASN H 301 -30.61 -41.41 -18.65
CA ASN H 301 -29.95 -40.19 -18.20
C ASN H 301 -28.87 -39.72 -19.15
N GLN H 302 -28.31 -40.60 -19.97
CA GLN H 302 -27.23 -40.23 -20.87
C GLN H 302 -27.69 -39.32 -21.99
N MET H 303 -28.99 -39.10 -22.14
CA MET H 303 -29.54 -38.18 -23.14
C MET H 303 -29.12 -38.55 -24.56
N VAL H 304 -28.89 -39.83 -24.80
CA VAL H 304 -28.46 -40.33 -26.10
C VAL H 304 -29.24 -41.62 -26.41
N LYS H 305 -29.54 -41.82 -27.69
CA LYS H 305 -30.23 -43.03 -28.13
C LYS H 305 -29.24 -44.16 -28.41
N CYS H 306 -28.37 -44.43 -27.44
CA CYS H 306 -27.40 -45.51 -27.54
C CYS H 306 -27.20 -46.11 -26.16
N ASP H 307 -26.98 -47.42 -26.14
CA ASP H 307 -26.77 -48.12 -24.88
C ASP H 307 -25.37 -47.85 -24.35
N PRO H 308 -25.22 -47.41 -23.09
CA PRO H 308 -23.88 -47.12 -22.56
C PRO H 308 -23.07 -48.36 -22.23
N ARG H 309 -23.70 -49.54 -22.14
CA ARG H 309 -22.95 -50.74 -21.79
C ARG H 309 -21.98 -51.14 -22.91
N ASP H 310 -22.44 -51.07 -24.16
CA ASP H 310 -21.54 -51.36 -25.28
C ASP H 310 -20.43 -50.33 -25.37
N GLY H 311 -20.67 -49.10 -24.90
CA GLY H 311 -19.63 -48.10 -24.89
C GLY H 311 -18.51 -48.44 -23.94
N LYS H 312 -17.32 -47.94 -24.24
CA LYS H 312 -16.13 -48.19 -23.43
C LYS H 312 -15.80 -46.95 -22.61
N TYR H 313 -15.51 -47.15 -21.33
CA TYR H 313 -15.33 -46.03 -20.41
C TYR H 313 -14.05 -45.26 -20.72
N MET H 314 -14.12 -43.94 -20.55
CA MET H 314 -12.95 -43.09 -20.64
C MET H 314 -12.97 -42.05 -19.53
N ALA H 315 -12.08 -41.06 -19.58
CA ALA H 315 -11.99 -40.06 -18.53
C ALA H 315 -13.30 -39.29 -18.41
N THR H 316 -13.90 -39.33 -17.22
CA THR H 316 -15.18 -38.68 -16.97
C THR H 316 -15.08 -37.75 -15.77
N CYS H 317 -16.01 -36.80 -15.72
CA CYS H 317 -16.12 -35.84 -14.62
C CYS H 317 -17.51 -35.92 -14.03
N LEU H 318 -17.64 -35.55 -12.76
CA LEU H 318 -18.91 -35.55 -12.05
C LEU H 318 -18.98 -34.30 -11.19
N LEU H 319 -19.89 -33.41 -11.53
CA LEU H 319 -20.18 -32.23 -10.74
C LEU H 319 -21.32 -32.52 -9.78
N TYR H 320 -21.24 -31.95 -8.59
CA TYR H 320 -22.21 -32.18 -7.54
C TYR H 320 -22.67 -30.85 -6.97
N ARG H 321 -23.95 -30.79 -6.61
CA ARG H 321 -24.58 -29.56 -6.16
C ARG H 321 -24.95 -29.65 -4.69
N GLY H 322 -25.16 -28.48 -4.09
CA GLY H 322 -25.57 -28.44 -2.69
C GLY H 322 -24.52 -29.02 -1.76
N ASP H 323 -24.99 -29.74 -0.75
CA ASP H 323 -24.10 -30.37 0.22
C ASP H 323 -23.80 -31.80 -0.23
N VAL H 324 -22.51 -32.13 -0.29
CA VAL H 324 -22.06 -33.45 -0.75
C VAL H 324 -20.91 -33.89 0.15
N VAL H 325 -21.00 -35.10 0.68
CA VAL H 325 -19.95 -35.66 1.52
C VAL H 325 -18.90 -36.32 0.63
N THR H 326 -17.63 -35.95 0.86
CA THR H 326 -16.54 -36.49 0.03
C THR H 326 -16.36 -37.98 0.25
N ARG H 327 -16.42 -38.43 1.49
CA ARG H 327 -16.25 -39.85 1.77
C ARG H 327 -17.36 -40.67 1.13
N ASP H 328 -18.58 -40.14 1.12
CA ASP H 328 -19.71 -40.87 0.54
C ASP H 328 -19.54 -41.05 -0.96
N VAL H 329 -19.15 -39.98 -1.67
CA VAL H 329 -18.98 -40.12 -3.10
C VAL H 329 -17.74 -40.95 -3.42
N GLN H 330 -16.73 -40.94 -2.55
CA GLN H 330 -15.61 -41.85 -2.71
C GLN H 330 -16.05 -43.30 -2.63
N ARG H 331 -16.84 -43.63 -1.60
CA ARG H 331 -17.37 -44.98 -1.48
C ARG H 331 -18.23 -45.34 -2.68
N ALA H 332 -19.04 -44.39 -3.16
CA ALA H 332 -19.91 -44.66 -4.30
C ALA H 332 -19.11 -44.94 -5.56
N VAL H 333 -18.06 -44.15 -5.82
CA VAL H 333 -17.27 -44.37 -7.02
C VAL H 333 -16.46 -45.65 -6.91
N GLU H 334 -16.04 -46.02 -5.69
CA GLU H 334 -15.37 -47.31 -5.53
C GLU H 334 -16.33 -48.46 -5.81
N GLN H 335 -17.56 -48.36 -5.30
CA GLN H 335 -18.56 -49.38 -5.60
C GLN H 335 -18.85 -49.45 -7.09
N VAL H 336 -18.87 -48.30 -7.77
CA VAL H 336 -19.11 -48.29 -9.21
C VAL H 336 -17.98 -48.98 -9.95
N LYS H 337 -16.74 -48.67 -9.56
CA LYS H 337 -15.59 -49.36 -10.15
C LYS H 337 -15.67 -50.86 -9.92
N ASN H 338 -16.15 -51.26 -8.74
CA ASN H 338 -16.31 -52.69 -8.45
C ASN H 338 -17.43 -53.31 -9.29
N LYS H 339 -18.44 -52.53 -9.65
CA LYS H 339 -19.53 -53.06 -10.48
C LYS H 339 -19.05 -53.34 -11.90
N LYS H 340 -18.18 -52.49 -12.43
CA LYS H 340 -17.71 -52.60 -13.81
C LYS H 340 -18.89 -52.57 -14.79
N THR H 341 -19.74 -51.56 -14.63
CA THR H 341 -20.89 -51.41 -15.52
C THR H 341 -20.43 -51.14 -16.94
N VAL H 342 -19.70 -50.05 -17.14
CA VAL H 342 -19.11 -49.71 -18.44
C VAL H 342 -17.68 -50.23 -18.47
N GLN H 343 -17.28 -50.79 -19.60
CA GLN H 343 -15.96 -51.38 -19.72
C GLN H 343 -14.89 -50.30 -19.70
N LEU H 344 -13.91 -50.45 -18.82
CA LEU H 344 -12.87 -49.47 -18.63
C LEU H 344 -11.72 -49.70 -19.61
N VAL H 345 -10.90 -48.67 -19.79
CA VAL H 345 -9.76 -48.71 -20.68
C VAL H 345 -8.49 -48.87 -19.86
N ASP H 346 -7.36 -49.08 -20.55
CA ASP H 346 -6.07 -49.22 -19.90
C ASP H 346 -5.36 -47.89 -19.67
N TRP H 347 -5.74 -46.84 -20.40
CA TRP H 347 -5.08 -45.55 -20.25
C TRP H 347 -5.70 -44.74 -19.12
N CYS H 348 -7.00 -44.47 -19.22
CA CYS H 348 -7.77 -43.64 -18.29
C CYS H 348 -8.09 -44.26 -16.92
N PRO H 349 -8.24 -45.61 -16.81
CA PRO H 349 -9.27 -46.18 -15.90
C PRO H 349 -9.55 -45.40 -14.63
N THR H 350 -8.51 -45.00 -13.90
CA THR H 350 -8.66 -44.12 -12.75
C THR H 350 -8.91 -42.71 -13.28
N GLY H 351 -10.12 -42.49 -13.78
CA GLY H 351 -10.44 -41.26 -14.47
C GLY H 351 -11.74 -40.61 -14.05
N PHE H 352 -12.17 -40.86 -12.82
CA PHE H 352 -13.39 -40.28 -12.28
C PHE H 352 -13.03 -39.00 -11.53
N LYS H 353 -13.30 -37.86 -12.13
CA LYS H 353 -13.06 -36.58 -11.48
C LYS H 353 -14.29 -36.16 -10.69
N ILE H 354 -14.06 -35.60 -9.51
CA ILE H 354 -15.13 -35.20 -8.60
C ILE H 354 -15.03 -33.71 -8.33
N GLY H 355 -16.13 -32.99 -8.54
CA GLY H 355 -16.18 -31.58 -8.19
C GLY H 355 -17.44 -31.27 -7.41
N ILE H 356 -17.34 -30.45 -6.37
CA ILE H 356 -18.46 -30.15 -5.49
C ILE H 356 -18.79 -28.67 -5.59
N CYS H 357 -20.09 -28.35 -5.57
CA CYS H 357 -20.57 -26.98 -5.60
C CYS H 357 -21.64 -26.79 -4.53
N TYR H 358 -21.58 -25.64 -3.85
CA TYR H 358 -22.51 -25.39 -2.76
C TYR H 358 -23.93 -25.08 -3.24
N GLU H 359 -24.08 -24.60 -4.46
CA GLU H 359 -25.40 -24.22 -4.96
C GLU H 359 -26.26 -25.47 -5.18
N PRO H 360 -27.37 -25.62 -4.45
CA PRO H 360 -28.23 -26.79 -4.67
C PRO H 360 -29.00 -26.65 -5.97
N PRO H 361 -29.45 -27.77 -6.54
CA PRO H 361 -30.18 -27.69 -7.81
C PRO H 361 -31.57 -27.08 -7.63
N THR H 362 -32.00 -26.37 -8.66
CA THR H 362 -33.29 -25.70 -8.68
C THR H 362 -34.21 -26.36 -9.69
N ALA H 363 -35.49 -26.46 -9.33
CA ALA H 363 -36.50 -27.09 -10.17
C ALA H 363 -37.38 -26.01 -10.79
N THR H 364 -37.43 -25.98 -12.12
CA THR H 364 -38.29 -25.01 -12.81
C THR H 364 -39.76 -25.40 -12.63
N PRO H 365 -40.66 -24.41 -12.58
CA PRO H 365 -42.08 -24.74 -12.43
C PRO H 365 -42.69 -25.36 -13.66
N ASN H 366 -42.16 -25.08 -14.85
CA ASN H 366 -42.75 -25.62 -16.07
C ASN H 366 -42.48 -27.11 -16.21
N SER H 367 -41.25 -27.54 -15.94
CA SER H 367 -40.85 -28.94 -16.07
C SER H 367 -40.51 -29.49 -14.70
N GLN H 368 -41.08 -30.65 -14.37
CA GLN H 368 -40.81 -31.27 -13.08
C GLN H 368 -39.34 -31.64 -12.96
N LEU H 369 -38.90 -31.81 -11.71
CA LEU H 369 -37.52 -32.19 -11.42
C LEU H 369 -37.47 -32.79 -10.04
N ALA H 370 -36.62 -33.81 -9.86
CA ALA H 370 -36.47 -34.45 -8.56
C ALA H 370 -35.88 -33.47 -7.55
N THR H 371 -36.71 -33.01 -6.62
CA THR H 371 -36.28 -32.04 -5.61
C THR H 371 -35.33 -32.73 -4.65
N VAL H 372 -34.03 -32.41 -4.78
CA VAL H 372 -32.99 -33.03 -3.97
C VAL H 372 -31.94 -31.98 -3.65
N ASP H 373 -31.35 -32.07 -2.47
CA ASP H 373 -30.37 -31.10 -2.04
C ASP H 373 -29.07 -31.21 -2.85
N ARG H 374 -28.78 -32.38 -3.38
CA ARG H 374 -27.55 -32.60 -4.13
C ARG H 374 -27.87 -33.28 -5.47
N ALA H 375 -27.27 -32.76 -6.53
CA ALA H 375 -27.44 -33.31 -7.87
C ALA H 375 -26.09 -33.80 -8.40
N VAL H 376 -26.16 -34.65 -9.41
CA VAL H 376 -24.98 -35.26 -10.02
C VAL H 376 -25.06 -35.07 -11.52
N CYS H 377 -24.05 -34.43 -12.09
CA CYS H 377 -23.93 -34.23 -13.53
C CYS H 377 -22.64 -34.90 -13.98
N MET H 378 -22.78 -36.00 -14.74
CA MET H 378 -21.64 -36.78 -15.19
C MET H 378 -21.39 -36.53 -16.68
N LEU H 379 -20.20 -36.04 -16.99
CA LEU H 379 -19.72 -35.86 -18.35
C LEU H 379 -18.77 -37.01 -18.65
N SER H 380 -19.20 -37.94 -19.49
CA SER H 380 -18.44 -39.14 -19.79
C SER H 380 -17.91 -39.11 -21.22
N ASN H 381 -17.01 -40.04 -21.51
CA ASN H 381 -16.46 -40.17 -22.86
C ASN H 381 -16.59 -41.61 -23.35
N THR H 382 -17.76 -42.20 -23.17
CA THR H 382 -17.96 -43.59 -23.58
C THR H 382 -17.99 -43.70 -25.10
N THR H 383 -17.92 -44.93 -25.59
CA THR H 383 -17.79 -45.16 -27.02
C THR H 383 -19.12 -45.45 -27.71
N SER H 384 -20.24 -45.13 -27.08
CA SER H 384 -21.54 -45.18 -27.77
C SER H 384 -21.70 -44.02 -28.75
N ILE H 385 -20.85 -42.99 -28.63
CA ILE H 385 -20.89 -41.88 -29.58
C ILE H 385 -20.53 -42.39 -30.97
N ALA H 386 -19.56 -43.30 -31.07
CA ALA H 386 -19.27 -43.92 -32.36
C ALA H 386 -20.47 -44.68 -32.88
N GLU H 387 -21.25 -45.29 -32.00
CA GLU H 387 -22.45 -46.00 -32.42
C GLU H 387 -23.48 -45.04 -33.00
N ALA H 388 -23.69 -43.89 -32.36
CA ALA H 388 -24.62 -42.91 -32.91
C ALA H 388 -24.10 -42.36 -34.24
N TRP H 389 -22.79 -42.12 -34.34
CA TRP H 389 -22.20 -41.64 -35.58
C TRP H 389 -22.43 -42.63 -36.72
N LYS H 390 -22.21 -43.92 -36.45
CA LYS H 390 -22.44 -44.93 -37.49
C LYS H 390 -23.91 -45.05 -37.81
N ARG H 391 -24.79 -44.93 -36.80
CA ARG H 391 -26.22 -45.00 -37.04
C ARG H 391 -26.67 -43.90 -37.99
N ILE H 392 -26.19 -42.67 -37.78
CA ILE H 392 -26.60 -41.59 -38.68
C ILE H 392 -25.87 -41.70 -40.03
N ASP H 393 -24.64 -42.22 -40.05
CA ASP H 393 -23.88 -42.29 -41.29
C ASP H 393 -24.44 -43.34 -42.23
N ARG H 394 -25.00 -44.44 -41.69
CA ARG H 394 -25.61 -45.43 -42.56
C ARG H 394 -26.78 -44.85 -43.34
N LYS H 395 -27.66 -44.12 -42.65
CA LYS H 395 -28.75 -43.44 -43.34
C LYS H 395 -28.23 -42.37 -44.29
N PHE H 396 -27.16 -41.66 -43.89
CA PHE H 396 -26.56 -40.67 -44.77
C PHE H 396 -26.10 -41.29 -46.08
N ASP H 397 -25.45 -42.45 -46.00
CA ASP H 397 -24.97 -43.11 -47.22
C ASP H 397 -26.12 -43.68 -48.02
N LEU H 398 -27.11 -44.27 -47.35
CA LEU H 398 -28.28 -44.79 -48.05
C LEU H 398 -28.98 -43.68 -48.83
N MET H 399 -29.05 -42.48 -48.26
CA MET H 399 -29.59 -41.34 -48.99
C MET H 399 -28.66 -40.95 -50.14
N TYR H 400 -27.40 -40.61 -49.82
CA TYR H 400 -26.44 -40.14 -50.81
C TYR H 400 -26.28 -41.08 -51.99
N ALA H 401 -26.69 -42.33 -51.85
CA ALA H 401 -26.75 -43.25 -52.99
C ALA H 401 -27.56 -42.64 -54.14
N LYS H 402 -28.80 -42.24 -53.84
CA LYS H 402 -29.67 -41.59 -54.82
C LYS H 402 -29.89 -40.11 -54.55
N ARG H 403 -29.99 -39.73 -53.27
CA ARG H 403 -29.88 -38.39 -52.68
C ARG H 403 -30.96 -37.43 -53.12
N ALA H 404 -31.66 -37.72 -54.23
CA ALA H 404 -32.97 -37.17 -54.53
C ALA H 404 -33.02 -35.64 -54.59
N PHE H 405 -31.95 -34.96 -54.19
CA PHE H 405 -32.01 -33.51 -54.03
C PHE H 405 -30.73 -32.78 -54.39
N VAL H 406 -29.70 -33.47 -54.91
CA VAL H 406 -28.37 -32.89 -54.98
C VAL H 406 -28.31 -31.66 -55.87
N HIS H 407 -29.29 -31.49 -56.77
CA HIS H 407 -29.27 -30.35 -57.68
C HIS H 407 -29.33 -29.02 -56.93
N TRP H 408 -30.21 -28.92 -55.94
CA TRP H 408 -30.34 -27.68 -55.18
C TRP H 408 -29.03 -27.33 -54.49
N TYR H 409 -28.38 -28.31 -53.85
CA TYR H 409 -27.16 -28.03 -53.11
C TYR H 409 -26.01 -27.70 -54.05
N VAL H 410 -25.87 -28.43 -55.16
CA VAL H 410 -24.78 -28.13 -56.07
C VAL H 410 -25.01 -26.83 -56.82
N GLY H 411 -26.26 -26.35 -56.90
CA GLY H 411 -26.51 -25.08 -57.54
C GLY H 411 -26.40 -23.90 -56.60
N GLU H 412 -26.70 -24.09 -55.32
CA GLU H 412 -26.70 -22.97 -54.39
C GLU H 412 -25.29 -22.67 -53.88
N GLY H 413 -24.69 -23.59 -53.14
CA GLY H 413 -23.38 -23.35 -52.58
C GLY H 413 -22.49 -24.56 -52.39
N MET H 414 -22.91 -25.72 -52.88
CA MET H 414 -22.19 -26.95 -52.55
C MET H 414 -21.84 -27.76 -53.79
N GLU H 415 -21.37 -28.99 -53.57
CA GLU H 415 -21.04 -29.93 -54.64
C GLU H 415 -20.95 -31.32 -54.04
N GLU H 416 -21.06 -32.33 -54.89
CA GLU H 416 -20.96 -33.70 -54.43
C GLU H 416 -19.58 -34.00 -53.84
N GLY H 417 -18.56 -33.27 -54.29
CA GLY H 417 -17.24 -33.44 -53.70
C GLY H 417 -17.21 -33.11 -52.22
N GLU H 418 -17.89 -32.03 -51.83
CA GLU H 418 -17.94 -31.67 -50.41
C GLU H 418 -18.69 -32.72 -49.61
N PHE H 419 -19.78 -33.27 -50.17
CA PHE H 419 -20.52 -34.32 -49.48
C PHE H 419 -19.66 -35.56 -49.28
N THR H 420 -18.95 -35.96 -50.34
CA THR H 420 -18.06 -37.13 -50.22
C THR H 420 -16.94 -36.87 -49.22
N GLU H 421 -16.41 -35.64 -49.19
CA GLU H 421 -15.36 -35.32 -48.24
C GLU H 421 -15.87 -35.38 -46.80
N ALA H 422 -17.06 -34.82 -46.55
CA ALA H 422 -17.63 -34.89 -45.21
C ALA H 422 -17.93 -36.33 -44.81
N ARG H 423 -18.39 -37.14 -45.76
CA ARG H 423 -18.65 -38.55 -45.49
C ARG H 423 -17.36 -39.28 -45.12
N GLU H 424 -16.30 -39.05 -45.88
CA GLU H 424 -15.00 -39.67 -45.58
C GLU H 424 -14.46 -39.18 -44.24
N ASP H 425 -14.68 -37.90 -43.92
CA ASP H 425 -14.24 -37.38 -42.63
C ASP H 425 -14.98 -38.05 -41.48
N LEU H 426 -16.29 -38.21 -41.62
CA LEU H 426 -17.07 -38.89 -40.58
C LEU H 426 -16.64 -40.34 -40.43
N ALA H 427 -16.39 -41.03 -41.55
CA ALA H 427 -15.94 -42.40 -41.49
C ALA H 427 -14.57 -42.50 -40.82
N ALA H 428 -13.66 -41.58 -41.15
CA ALA H 428 -12.34 -41.59 -40.53
C ALA H 428 -12.44 -41.31 -39.03
N LEU H 429 -13.32 -40.39 -38.64
CA LEU H 429 -13.51 -40.10 -37.22
C LEU H 429 -14.05 -41.31 -36.48
N GLU H 430 -15.05 -41.98 -37.07
CA GLU H 430 -15.57 -43.20 -36.45
C GLU H 430 -14.50 -44.27 -36.33
N ARG H 431 -13.69 -44.44 -37.38
CA ARG H 431 -12.63 -45.44 -37.34
C ARG H 431 -11.61 -45.12 -36.27
N ASP H 432 -11.19 -43.86 -36.17
CA ASP H 432 -10.22 -43.46 -35.17
C ASP H 432 -10.78 -43.63 -33.76
N TYR H 433 -12.06 -43.31 -33.57
CA TYR H 433 -12.65 -43.43 -32.24
C TYR H 433 -12.75 -44.89 -31.83
N ILE H 434 -13.18 -45.76 -32.76
CA ILE H 434 -13.23 -47.19 -32.49
C ILE H 434 -11.83 -47.73 -32.22
N GLU H 435 -10.82 -47.22 -32.91
CA GLU H 435 -9.45 -47.68 -32.69
C GLU H 435 -8.96 -47.30 -31.31
N VAL H 436 -9.07 -46.01 -30.95
CA VAL H 436 -8.59 -45.56 -29.65
C VAL H 436 -9.40 -46.20 -28.52
N GLY H 437 -10.64 -46.60 -28.78
CA GLY H 437 -11.41 -47.28 -27.75
C GLY H 437 -11.16 -48.77 -27.67
N ALA H 438 -10.70 -49.39 -28.76
CA ALA H 438 -10.56 -50.83 -28.81
C ALA H 438 -9.17 -51.33 -28.47
N ASP H 439 -8.15 -50.47 -28.47
CA ASP H 439 -6.79 -50.92 -28.24
C ASP H 439 -6.55 -51.34 -26.79
N SER H 440 -7.46 -51.02 -25.88
CA SER H 440 -7.31 -51.42 -24.49
C SER H 440 -7.52 -52.92 -24.32
N MET I 1 -38.47 40.11 -54.41
CA MET I 1 -39.27 40.03 -55.62
C MET I 1 -40.32 38.92 -55.52
N ARG I 2 -41.23 39.06 -54.56
CA ARG I 2 -42.27 38.07 -54.38
C ARG I 2 -43.54 38.38 -55.17
N GLU I 3 -43.78 39.64 -55.50
CA GLU I 3 -44.96 40.01 -56.26
C GLU I 3 -44.83 39.53 -57.71
N ILE I 4 -45.90 38.92 -58.22
CA ILE I 4 -45.93 38.38 -59.57
C ILE I 4 -47.22 38.81 -60.24
N ILE I 5 -47.12 39.26 -61.48
CA ILE I 5 -48.26 39.75 -62.23
C ILE I 5 -48.86 38.61 -63.04
N HIS I 6 -50.16 38.68 -63.29
CA HIS I 6 -50.87 37.70 -64.09
C HIS I 6 -51.60 38.40 -65.23
N ILE I 7 -51.47 37.86 -66.43
CA ILE I 7 -52.10 38.39 -67.62
C ILE I 7 -52.96 37.30 -68.24
N SER I 8 -54.16 37.65 -68.66
CA SER I 8 -55.12 36.70 -69.20
C SER I 8 -55.67 37.24 -70.51
N THR I 9 -55.58 36.42 -71.56
CA THR I 9 -56.10 36.80 -72.86
C THR I 9 -56.50 35.54 -73.62
N GLY I 10 -57.14 35.74 -74.77
CA GLY I 10 -57.61 34.64 -75.57
C GLY I 10 -59.01 34.19 -75.18
N GLN I 11 -59.57 33.33 -76.02
CA GLN I 11 -60.93 32.86 -75.80
C GLN I 11 -61.01 31.90 -74.62
N CYS I 12 -59.97 31.08 -74.41
CA CYS I 12 -59.95 30.16 -73.28
C CYS I 12 -59.04 30.61 -72.14
N GLY I 13 -57.99 31.39 -72.45
CA GLY I 13 -57.09 31.85 -71.40
C GLY I 13 -57.77 32.74 -70.39
N ASN I 14 -58.87 33.39 -70.80
CA ASN I 14 -59.68 34.14 -69.85
C ASN I 14 -60.27 33.23 -68.78
N GLN I 15 -60.86 32.11 -69.18
CA GLN I 15 -61.38 31.15 -68.21
C GLN I 15 -60.25 30.54 -67.40
N ILE I 16 -59.07 30.37 -68.02
CA ILE I 16 -57.92 29.83 -67.30
C ILE I 16 -57.52 30.77 -66.17
N GLY I 17 -57.43 32.07 -66.45
CA GLY I 17 -57.12 33.03 -65.41
C GLY I 17 -58.22 33.12 -64.36
N ALA I 18 -59.46 32.99 -64.78
CA ALA I 18 -60.57 32.98 -63.83
C ALA I 18 -60.42 31.82 -62.84
N ALA I 19 -60.16 30.62 -63.35
CA ALA I 19 -59.95 29.48 -62.48
C ALA I 19 -58.70 29.65 -61.63
N PHE I 20 -57.67 30.30 -62.18
CA PHE I 20 -56.46 30.57 -61.40
C PHE I 20 -56.79 31.43 -60.19
N TRP I 21 -57.57 32.49 -60.39
CA TRP I 21 -57.93 33.33 -59.26
C TRP I 21 -58.87 32.62 -58.30
N GLU I 22 -59.76 31.76 -58.82
CA GLU I 22 -60.57 30.92 -57.95
C GLU I 22 -59.69 30.10 -57.02
N THR I 23 -58.70 29.40 -57.59
CA THR I 23 -57.79 28.61 -56.76
C THR I 23 -56.98 29.48 -55.81
N ILE I 24 -56.60 30.69 -56.24
CA ILE I 24 -55.85 31.59 -55.37
C ILE I 24 -56.67 31.94 -54.14
N CYS I 25 -57.91 32.38 -54.34
CA CYS I 25 -58.77 32.72 -53.20
C CYS I 25 -59.19 31.49 -52.40
N GLY I 26 -59.14 30.31 -53.00
CA GLY I 26 -59.47 29.10 -52.24
C GLY I 26 -58.33 28.55 -51.43
N GLU I 27 -57.09 28.79 -51.85
CA GLU I 27 -55.93 28.28 -51.14
C GLU I 27 -55.88 28.81 -49.72
N HIS I 28 -55.78 30.12 -49.57
CA HIS I 28 -55.74 30.74 -48.25
C HIS I 28 -57.13 30.94 -47.65
N GLY I 29 -58.16 31.01 -48.48
CA GLY I 29 -59.50 31.26 -47.99
C GLY I 29 -59.85 32.73 -48.06
N LEU I 30 -60.68 33.11 -49.01
CA LEU I 30 -60.97 34.52 -49.23
C LEU I 30 -62.36 34.66 -49.83
N ASP I 31 -63.03 35.75 -49.47
CA ASP I 31 -64.33 36.06 -50.04
C ASP I 31 -64.17 36.73 -51.40
N PHE I 32 -65.17 36.53 -52.25
CA PHE I 32 -65.16 37.09 -53.59
C PHE I 32 -65.47 38.59 -53.61
N ASN I 33 -65.71 39.20 -52.45
CA ASN I 33 -65.99 40.62 -52.35
C ASN I 33 -64.82 41.43 -51.81
N GLY I 34 -63.62 40.85 -51.78
CA GLY I 34 -62.47 41.56 -51.26
C GLY I 34 -62.36 41.55 -49.76
N THR I 35 -63.03 40.64 -49.08
CA THR I 35 -63.02 40.55 -47.63
C THR I 35 -61.93 39.59 -47.18
N TYR I 36 -61.03 40.06 -46.33
CA TYR I 36 -59.91 39.23 -45.90
C TYR I 36 -60.37 38.15 -44.94
N HIS I 37 -59.91 36.92 -45.17
CA HIS I 37 -60.26 35.80 -44.30
C HIS I 37 -59.09 34.87 -44.00
N GLY I 38 -57.89 35.18 -44.46
CA GLY I 38 -56.74 34.36 -44.15
C GLY I 38 -56.21 34.62 -42.75
N HIS I 39 -55.34 33.71 -42.29
CA HIS I 39 -54.77 33.81 -40.95
C HIS I 39 -53.37 33.25 -40.96
N ASP I 40 -52.41 34.05 -40.52
CA ASP I 40 -52.68 35.44 -40.16
C ASP I 40 -51.85 36.44 -40.98
N ASP I 41 -50.53 36.23 -40.99
CA ASP I 41 -49.60 37.20 -41.53
C ASP I 41 -49.21 36.92 -42.98
N ILE I 42 -49.00 35.65 -43.34
CA ILE I 42 -48.55 35.35 -44.69
C ILE I 42 -49.60 35.74 -45.71
N GLN I 43 -50.88 35.49 -45.41
CA GLN I 43 -51.94 35.72 -46.38
C GLN I 43 -51.99 37.18 -46.82
N LYS I 44 -51.71 38.11 -45.90
CA LYS I 44 -51.63 39.51 -46.28
C LYS I 44 -50.47 39.75 -47.23
N GLU I 45 -49.35 39.05 -47.03
CA GLU I 45 -48.22 39.18 -47.95
C GLU I 45 -48.57 38.65 -49.34
N ARG I 46 -49.26 37.51 -49.41
CA ARG I 46 -49.65 37.01 -50.72
C ARG I 46 -50.72 37.88 -51.37
N LEU I 47 -51.54 38.55 -50.56
CA LEU I 47 -52.44 39.57 -51.08
C LEU I 47 -51.66 40.71 -51.73
N ASN I 48 -50.72 41.29 -50.98
CA ASN I 48 -49.86 42.33 -51.54
C ASN I 48 -49.15 41.84 -52.79
N VAL I 49 -48.86 40.54 -52.86
CA VAL I 49 -48.24 39.97 -54.05
C VAL I 49 -49.21 39.99 -55.23
N TYR I 50 -50.43 39.50 -55.02
CA TYR I 50 -51.40 39.33 -56.10
C TYR I 50 -52.53 40.34 -56.07
N PHE I 51 -53.02 40.71 -54.89
CA PHE I 51 -54.16 41.60 -54.77
C PHE I 51 -53.69 43.03 -54.50
N ASN I 52 -54.65 43.92 -54.31
CA ASN I 52 -54.38 45.32 -54.00
C ASN I 52 -55.20 45.73 -52.80
N GLU I 53 -54.56 46.42 -51.86
CA GLU I 53 -55.24 46.90 -50.66
C GLU I 53 -56.08 48.11 -51.05
N ALA I 54 -57.32 47.84 -51.44
CA ALA I 54 -58.25 48.90 -51.82
C ALA I 54 -58.88 49.50 -50.57
N SER I 55 -59.90 50.34 -50.75
CA SER I 55 -60.56 50.98 -49.63
C SER I 55 -61.31 49.96 -48.79
N SER I 56 -61.39 50.23 -47.48
CA SER I 56 -62.12 49.38 -46.52
C SER I 56 -61.58 47.96 -46.51
N GLY I 57 -60.25 47.83 -46.51
CA GLY I 57 -59.64 46.51 -46.45
C GLY I 57 -59.92 45.61 -47.63
N LYS I 58 -60.38 46.18 -48.75
CA LYS I 58 -60.73 45.38 -49.90
C LYS I 58 -59.48 44.84 -50.58
N TRP I 59 -59.67 43.78 -51.37
CA TRP I 59 -58.59 43.15 -52.11
C TRP I 59 -59.08 42.76 -53.49
N VAL I 60 -58.39 43.25 -54.52
CA VAL I 60 -58.71 42.95 -55.91
C VAL I 60 -57.46 42.36 -56.55
N PRO I 61 -57.55 41.20 -57.18
CA PRO I 61 -56.34 40.57 -57.73
C PRO I 61 -55.82 41.33 -58.95
N ARG I 62 -54.49 41.45 -59.02
CA ARG I 62 -53.85 42.14 -60.13
C ARG I 62 -53.85 41.22 -61.34
N SER I 63 -54.76 41.48 -62.28
CA SER I 63 -54.89 40.68 -63.48
C SER I 63 -55.24 41.57 -64.65
N ILE I 64 -54.68 41.26 -65.81
CA ILE I 64 -54.96 41.98 -67.04
C ILE I 64 -55.73 41.04 -67.96
N ASN I 65 -57.02 41.32 -68.13
CA ASN I 65 -57.90 40.51 -68.96
C ASN I 65 -58.23 41.30 -70.22
N VAL I 66 -57.96 40.70 -71.38
CA VAL I 66 -58.19 41.34 -72.66
C VAL I 66 -58.61 40.28 -73.67
N ASP I 67 -59.65 40.58 -74.46
CA ASP I 67 -60.13 39.67 -75.47
C ASP I 67 -60.99 40.45 -76.45
N LEU I 68 -61.15 39.89 -77.66
CA LEU I 68 -61.91 40.54 -78.71
C LEU I 68 -63.41 40.49 -78.49
N GLU I 69 -63.88 39.80 -77.45
CA GLU I 69 -65.30 39.66 -77.22
C GLU I 69 -65.65 40.07 -75.79
N PRO I 70 -66.54 41.06 -75.60
CA PRO I 70 -66.94 41.43 -74.24
C PRO I 70 -67.83 40.39 -73.57
N GLY I 71 -68.36 39.43 -74.34
CA GLY I 71 -69.09 38.34 -73.71
C GLY I 71 -68.24 37.55 -72.75
N THR I 72 -66.94 37.46 -73.04
CA THR I 72 -66.03 36.74 -72.16
C THR I 72 -65.88 37.43 -70.81
N ILE I 73 -65.70 38.76 -70.82
CA ILE I 73 -65.59 39.48 -69.56
C ILE I 73 -66.93 39.48 -68.83
N ASP I 74 -68.05 39.51 -69.57
CA ASP I 74 -69.35 39.37 -68.94
C ASP I 74 -69.47 38.03 -68.23
N ALA I 75 -69.03 36.96 -68.89
CA ALA I 75 -69.13 35.62 -68.31
C ALA I 75 -68.25 35.47 -67.08
N VAL I 76 -67.04 36.03 -67.12
CA VAL I 76 -66.17 35.89 -65.94
C VAL I 76 -66.64 36.82 -64.82
N ARG I 77 -67.33 37.91 -65.16
CA ARG I 77 -67.97 38.73 -64.13
C ARG I 77 -69.14 37.99 -63.51
N ASN I 78 -69.83 37.15 -64.29
CA ASN I 78 -70.93 36.37 -63.74
C ASN I 78 -70.46 35.42 -62.65
N SER I 79 -69.20 35.00 -62.70
CA SER I 79 -68.66 34.15 -61.65
C SER I 79 -68.55 34.93 -60.34
N ALA I 80 -68.57 34.18 -59.24
CA ALA I 80 -68.48 34.81 -57.92
C ALA I 80 -67.12 35.44 -57.69
N ILE I 81 -66.07 34.63 -57.69
CA ILE I 81 -64.70 35.13 -57.55
C ILE I 81 -64.29 35.76 -58.87
N GLY I 82 -64.15 37.09 -58.87
CA GLY I 82 -63.86 37.83 -60.07
C GLY I 82 -65.01 38.66 -60.60
N ASN I 83 -66.12 38.77 -59.87
CA ASN I 83 -67.24 39.57 -60.33
C ASN I 83 -66.88 41.06 -60.35
N LEU I 84 -66.23 41.53 -59.30
CA LEU I 84 -65.86 42.94 -59.19
C LEU I 84 -64.42 43.15 -59.66
N PHE I 85 -64.21 44.22 -60.40
CA PHE I 85 -62.89 44.57 -60.90
C PHE I 85 -62.88 46.04 -61.27
N ARG I 86 -61.73 46.66 -61.06
CA ARG I 86 -61.54 48.03 -61.52
C ARG I 86 -61.61 48.05 -63.05
N PRO I 87 -62.35 48.98 -63.65
CA PRO I 87 -62.49 48.98 -65.12
C PRO I 87 -61.17 49.10 -65.86
N ASP I 88 -60.13 49.61 -65.21
CA ASP I 88 -58.81 49.69 -65.85
C ASP I 88 -58.08 48.36 -65.84
N ASN I 89 -58.51 47.41 -65.00
CA ASN I 89 -57.85 46.11 -64.94
C ASN I 89 -58.13 45.27 -66.18
N TYR I 90 -59.11 45.65 -66.99
CA TYR I 90 -59.49 44.88 -68.17
C TYR I 90 -60.00 45.82 -69.25
N ILE I 91 -59.44 45.68 -70.45
CA ILE I 91 -59.88 46.44 -71.62
C ILE I 91 -60.16 45.44 -72.74
N PHE I 92 -61.33 45.57 -73.36
CA PHE I 92 -61.77 44.61 -74.37
C PHE I 92 -62.17 45.37 -75.64
N GLY I 93 -61.65 44.92 -76.77
CA GLY I 93 -61.95 45.50 -78.06
C GLY I 93 -62.81 44.59 -78.91
N GLN I 94 -63.09 45.06 -80.11
CA GLN I 94 -63.94 44.37 -81.06
C GLN I 94 -63.22 44.20 -82.39
N SER I 95 -63.57 43.15 -83.14
CA SER I 95 -64.56 42.15 -82.75
C SER I 95 -63.98 40.74 -82.72
N SER I 96 -63.24 40.40 -83.78
CA SER I 96 -62.65 39.07 -83.89
C SER I 96 -61.50 39.12 -84.88
N ALA I 97 -60.61 38.14 -84.76
CA ALA I 97 -59.45 38.02 -85.65
C ALA I 97 -59.64 36.95 -86.71
N GLY I 98 -60.79 36.28 -86.74
CA GLY I 98 -61.00 35.23 -87.73
C GLY I 98 -60.09 34.04 -87.57
N ASN I 99 -59.64 33.76 -86.35
CA ASN I 99 -58.71 32.66 -86.07
C ASN I 99 -57.43 32.81 -86.88
N VAL I 100 -56.93 34.03 -86.99
CA VAL I 100 -55.73 34.34 -87.77
C VAL I 100 -54.70 34.97 -86.84
N TRP I 101 -53.49 34.42 -86.85
CA TRP I 101 -52.41 34.98 -86.04
C TRP I 101 -51.91 36.28 -86.64
N ALA I 102 -51.67 36.30 -87.95
CA ALA I 102 -51.19 37.49 -88.62
C ALA I 102 -52.16 38.65 -88.46
N LYS I 103 -53.42 38.44 -88.88
CA LYS I 103 -54.43 39.47 -88.71
C LYS I 103 -54.65 39.78 -87.24
N GLY I 104 -54.58 38.77 -86.38
CA GLY I 104 -54.81 38.98 -84.96
C GLY I 104 -53.82 39.96 -84.34
N HIS I 105 -52.53 39.74 -84.56
CA HIS I 105 -51.51 40.60 -84.00
C HIS I 105 -51.16 41.78 -84.89
N TYR I 106 -51.77 41.88 -86.07
CA TYR I 106 -51.57 43.03 -86.96
C TYR I 106 -52.67 44.09 -86.78
N THR I 107 -53.93 43.68 -86.89
CA THR I 107 -55.06 44.59 -86.79
C THR I 107 -55.75 44.51 -85.44
N GLU I 108 -56.19 43.32 -85.03
CA GLU I 108 -56.90 43.19 -83.76
C GLU I 108 -55.97 43.46 -82.58
N GLY I 109 -54.67 43.21 -82.73
CA GLY I 109 -53.76 43.40 -81.61
C GLY I 109 -53.18 44.80 -81.51
N ALA I 110 -52.93 45.45 -82.63
CA ALA I 110 -52.22 46.73 -82.60
C ALA I 110 -53.09 47.86 -82.08
N GLU I 111 -54.42 47.78 -82.26
CA GLU I 111 -55.28 48.88 -81.86
C GLU I 111 -55.50 48.95 -80.36
N LEU I 112 -55.30 47.85 -79.63
CA LEU I 112 -55.46 47.82 -78.19
C LEU I 112 -54.17 47.58 -77.44
N VAL I 113 -53.08 47.23 -78.14
CA VAL I 113 -51.81 46.98 -77.46
C VAL I 113 -51.31 48.25 -76.79
N ASP I 114 -51.59 49.42 -77.38
CA ASP I 114 -51.17 50.67 -76.76
C ASP I 114 -51.83 50.86 -75.40
N SER I 115 -53.16 50.72 -75.36
CA SER I 115 -53.88 50.91 -74.10
C SER I 115 -53.48 49.86 -73.07
N VAL I 116 -53.34 48.60 -73.49
CA VAL I 116 -53.02 47.57 -72.50
C VAL I 116 -51.58 47.73 -72.01
N MET I 117 -50.67 48.22 -72.85
CA MET I 117 -49.31 48.45 -72.40
C MET I 117 -49.23 49.64 -71.46
N ASP I 118 -50.03 50.68 -71.72
CA ASP I 118 -50.11 51.78 -70.78
C ASP I 118 -50.64 51.30 -69.42
N VAL I 119 -51.68 50.47 -69.46
CA VAL I 119 -52.26 49.94 -68.22
C VAL I 119 -51.23 49.12 -67.45
N ILE I 120 -50.55 48.21 -68.15
CA ILE I 120 -49.59 47.34 -67.47
C ILE I 120 -48.40 48.14 -66.98
N ARG I 121 -48.02 49.22 -67.68
CA ARG I 121 -46.97 50.09 -67.17
C ARG I 121 -47.42 50.79 -65.89
N ARG I 122 -48.67 51.23 -65.84
CA ARG I 122 -49.20 51.82 -64.62
C ARG I 122 -49.13 50.83 -63.47
N GLU I 123 -49.57 49.59 -63.69
CA GLU I 123 -49.55 48.61 -62.60
C GLU I 123 -48.13 48.22 -62.23
N ALA I 124 -47.20 48.21 -63.20
CA ALA I 124 -45.80 47.96 -62.87
C ALA I 124 -45.23 49.08 -62.03
N GLU I 125 -45.65 50.32 -62.29
CA GLU I 125 -45.30 51.43 -61.42
C GLU I 125 -45.90 51.24 -60.03
N GLY I 126 -47.11 50.67 -59.96
CA GLY I 126 -47.74 50.46 -58.67
C GLY I 126 -47.14 49.28 -57.92
N CYS I 127 -46.72 48.24 -58.63
CA CYS I 127 -46.17 47.03 -58.03
C CYS I 127 -44.65 47.11 -58.08
N ASP I 128 -44.03 47.32 -56.93
CA ASP I 128 -42.58 47.50 -56.89
C ASP I 128 -41.82 46.18 -56.91
N SER I 129 -42.39 45.13 -56.29
CA SER I 129 -41.72 43.84 -56.15
C SER I 129 -42.10 42.86 -57.25
N LEU I 130 -42.44 43.36 -58.45
CA LEU I 130 -42.80 42.48 -59.55
C LEU I 130 -41.60 41.66 -60.00
N GLN I 131 -41.80 40.35 -60.12
CA GLN I 131 -40.75 39.46 -60.60
C GLN I 131 -41.13 38.74 -61.89
N GLY I 132 -42.28 38.05 -61.91
CA GLY I 132 -42.67 37.27 -63.05
C GLY I 132 -44.02 37.69 -63.59
N PHE I 133 -44.34 37.17 -64.77
CA PHE I 133 -45.57 37.50 -65.47
C PHE I 133 -46.20 36.19 -65.98
N GLN I 134 -47.12 35.64 -65.20
CA GLN I 134 -47.88 34.50 -65.65
C GLN I 134 -48.77 34.91 -66.83
N ILE I 135 -48.89 34.02 -67.81
CA ILE I 135 -49.65 34.28 -69.02
C ILE I 135 -50.64 33.14 -69.23
N THR I 136 -51.91 33.48 -69.44
CA THR I 136 -52.95 32.49 -69.71
C THR I 136 -53.63 32.85 -71.02
N HIS I 137 -53.29 32.12 -72.09
CA HIS I 137 -53.92 32.29 -73.39
C HIS I 137 -53.94 30.96 -74.11
N SER I 138 -54.57 30.95 -75.29
CA SER I 138 -54.75 29.74 -76.08
C SER I 138 -53.93 29.87 -77.36
N LEU I 139 -53.04 28.89 -77.60
CA LEU I 139 -52.25 28.89 -78.82
C LEU I 139 -53.03 28.37 -80.02
N GLY I 140 -54.08 27.58 -79.77
CA GLY I 140 -54.87 27.05 -80.88
C GLY I 140 -55.62 28.14 -81.62
N GLY I 141 -56.39 28.95 -80.89
CA GLY I 141 -57.16 30.02 -81.53
C GLY I 141 -56.24 31.10 -82.06
N GLY I 142 -56.49 31.51 -83.31
CA GLY I 142 -55.68 32.55 -83.91
C GLY I 142 -55.78 33.86 -83.14
N THR I 143 -56.96 34.18 -82.63
CA THR I 143 -57.14 35.39 -81.82
C THR I 143 -56.19 35.41 -80.63
N GLY I 144 -56.25 34.36 -79.81
CA GLY I 144 -55.37 34.31 -78.64
C GLY I 144 -53.91 34.18 -79.03
N SER I 145 -53.60 33.24 -79.92
CA SER I 145 -52.21 33.02 -80.31
C SER I 145 -51.58 34.23 -80.98
N GLY I 146 -52.38 35.17 -81.47
CA GLY I 146 -51.84 36.40 -82.01
C GLY I 146 -51.75 37.50 -80.98
N MET I 147 -52.85 37.71 -80.25
CA MET I 147 -52.91 38.80 -79.27
C MET I 147 -51.92 38.57 -78.14
N GLY I 148 -51.96 37.40 -77.52
CA GLY I 148 -51.03 37.11 -76.43
C GLY I 148 -49.59 37.14 -76.88
N THR I 149 -49.32 36.68 -78.11
CA THR I 149 -47.96 36.72 -78.64
C THR I 149 -47.49 38.16 -78.79
N LEU I 150 -48.33 39.03 -79.35
CA LEU I 150 -47.96 40.43 -79.48
C LEU I 150 -47.73 41.06 -78.11
N LEU I 151 -48.58 40.73 -77.14
CA LEU I 151 -48.44 41.31 -75.80
C LEU I 151 -47.16 40.84 -75.14
N ILE I 152 -46.83 39.55 -75.28
CA ILE I 152 -45.59 39.03 -74.70
C ILE I 152 -44.38 39.67 -75.37
N SER I 153 -44.47 39.90 -76.68
CA SER I 153 -43.39 40.60 -77.38
C SER I 153 -43.20 42.00 -76.82
N LYS I 154 -44.31 42.74 -76.65
CA LYS I 154 -44.20 44.10 -76.15
C LYS I 154 -43.68 44.14 -74.72
N ILE I 155 -44.06 43.15 -73.91
CA ILE I 155 -43.56 43.11 -72.53
C ILE I 155 -42.08 42.78 -72.50
N ARG I 156 -41.65 41.83 -73.33
CA ARG I 156 -40.23 41.51 -73.45
C ARG I 156 -39.43 42.74 -73.88
N GLU I 157 -39.98 43.52 -74.81
CA GLU I 157 -39.32 44.77 -75.21
C GLU I 157 -39.29 45.77 -74.06
N GLU I 158 -40.35 45.81 -73.25
CA GLU I 158 -40.44 46.76 -72.15
C GLU I 158 -39.74 46.25 -70.89
N PHE I 159 -40.01 44.99 -70.50
CA PHE I 159 -39.44 44.40 -69.31
C PHE I 159 -38.60 43.19 -69.72
N PRO I 160 -37.37 43.40 -70.19
CA PRO I 160 -36.52 42.25 -70.53
C PRO I 160 -36.02 41.49 -69.31
N ASP I 161 -36.00 42.12 -68.14
CA ASP I 161 -35.49 41.49 -66.93
C ASP I 161 -36.55 40.68 -66.19
N ARG I 162 -37.82 41.08 -66.29
CA ARG I 162 -38.88 40.37 -65.58
C ARG I 162 -39.16 39.03 -66.23
N MET I 163 -39.55 38.06 -65.40
CA MET I 163 -39.80 36.71 -65.89
C MET I 163 -41.11 36.67 -66.67
N MET I 164 -41.25 35.61 -67.48
CA MET I 164 -42.41 35.42 -68.35
C MET I 164 -42.86 33.97 -68.24
N ALA I 165 -43.90 33.73 -67.45
CA ALA I 165 -44.46 32.40 -67.26
C ALA I 165 -45.59 32.21 -68.27
N THR I 166 -45.37 31.35 -69.25
CA THR I 166 -46.32 31.14 -70.35
C THR I 166 -46.94 29.76 -70.21
N PHE I 167 -48.23 29.71 -69.91
CA PHE I 167 -48.98 28.47 -69.75
C PHE I 167 -49.96 28.25 -70.89
N SER I 168 -49.51 28.55 -72.11
CA SER I 168 -50.37 28.43 -73.28
C SER I 168 -50.71 26.97 -73.55
N VAL I 169 -51.76 26.77 -74.35
CA VAL I 169 -52.30 25.45 -74.64
C VAL I 169 -51.99 25.11 -76.09
N LEU I 170 -51.20 24.06 -76.30
CA LEU I 170 -50.89 23.60 -77.63
C LEU I 170 -52.14 23.03 -78.30
N PRO I 171 -52.24 23.13 -79.63
CA PRO I 171 -53.41 22.58 -80.32
C PRO I 171 -53.40 21.06 -80.31
N SER I 172 -54.59 20.49 -80.48
CA SER I 172 -54.74 19.04 -80.55
C SER I 172 -54.72 18.58 -82.00
N PRO I 173 -53.94 17.54 -82.33
CA PRO I 173 -53.90 17.08 -83.73
C PRO I 173 -55.19 16.43 -84.20
N LYS I 174 -56.06 16.00 -83.30
CA LYS I 174 -57.31 15.37 -83.72
C LYS I 174 -58.25 16.40 -84.34
N THR I 175 -58.26 17.61 -83.82
CA THR I 175 -59.15 18.65 -84.32
C THR I 175 -58.74 19.06 -85.74
N SER I 176 -59.63 18.85 -86.70
CA SER I 176 -59.38 19.20 -88.09
C SER I 176 -60.46 20.10 -88.66
N ASP I 177 -61.22 20.79 -87.79
CA ASP I 177 -62.24 21.72 -88.28
C ASP I 177 -61.59 22.92 -88.98
N THR I 178 -60.58 23.51 -88.35
CA THR I 178 -59.85 24.64 -88.91
C THR I 178 -58.39 24.24 -89.05
N VAL I 179 -57.92 24.14 -90.29
CA VAL I 179 -56.53 23.76 -90.55
C VAL I 179 -55.55 24.89 -90.26
N VAL I 180 -56.02 26.13 -90.16
CA VAL I 180 -55.14 27.26 -89.87
C VAL I 180 -54.69 27.29 -88.42
N GLU I 181 -55.29 26.44 -87.56
CA GLU I 181 -54.93 26.45 -86.15
C GLU I 181 -53.47 26.09 -85.89
N PRO I 182 -52.96 24.95 -86.36
CA PRO I 182 -51.53 24.66 -86.10
C PRO I 182 -50.60 25.64 -86.81
N TYR I 183 -51.01 26.17 -87.95
CA TYR I 183 -50.19 27.16 -88.66
C TYR I 183 -50.05 28.43 -87.83
N ASN I 184 -51.16 28.93 -87.29
CA ASN I 184 -51.09 30.08 -86.39
C ASN I 184 -50.29 29.74 -85.14
N ALA I 185 -50.42 28.51 -84.65
CA ALA I 185 -49.68 28.11 -83.45
C ALA I 185 -48.17 28.16 -83.70
N THR I 186 -47.72 27.63 -84.84
CA THR I 186 -46.29 27.61 -85.11
C THR I 186 -45.78 29.02 -85.40
N LEU I 187 -46.58 29.84 -86.09
CA LEU I 187 -46.15 31.23 -86.29
C LEU I 187 -46.08 32.00 -84.98
N SER I 188 -46.93 31.65 -84.01
CA SER I 188 -46.88 32.33 -82.72
C SER I 188 -45.67 31.88 -81.91
N VAL I 189 -45.39 30.57 -81.89
CA VAL I 189 -44.27 30.10 -81.08
C VAL I 189 -42.94 30.52 -81.70
N HIS I 190 -42.89 30.64 -83.03
CA HIS I 190 -41.66 31.08 -83.69
C HIS I 190 -41.19 32.43 -83.17
N GLN I 191 -42.12 33.26 -82.70
CA GLN I 191 -41.76 34.54 -82.07
C GLN I 191 -41.72 34.45 -80.56
N LEU I 192 -42.60 33.66 -79.95
CA LEU I 192 -42.64 33.55 -78.49
C LEU I 192 -41.39 32.90 -77.93
N VAL I 193 -40.64 32.13 -78.73
CA VAL I 193 -39.39 31.55 -78.24
C VAL I 193 -38.44 32.65 -77.82
N GLU I 194 -38.45 33.78 -78.52
CA GLU I 194 -37.64 34.93 -78.14
C GLU I 194 -38.39 35.91 -77.26
N HIS I 195 -39.72 35.98 -77.41
CA HIS I 195 -40.50 36.88 -76.57
C HIS I 195 -40.64 36.35 -75.15
N SER I 196 -40.81 35.04 -75.00
CA SER I 196 -40.96 34.42 -73.70
C SER I 196 -39.75 33.54 -73.40
N ASP I 197 -39.43 33.42 -72.11
CA ASP I 197 -38.32 32.59 -71.66
C ASP I 197 -38.77 31.34 -70.93
N GLU I 198 -40.00 31.31 -70.41
CA GLU I 198 -40.53 30.16 -69.68
C GLU I 198 -41.88 29.79 -70.26
N THR I 199 -41.93 28.68 -70.99
CA THR I 199 -43.16 28.20 -71.60
C THR I 199 -43.42 26.77 -71.16
N PHE I 200 -44.70 26.41 -71.11
CA PHE I 200 -45.13 25.11 -70.61
C PHE I 200 -46.03 24.45 -71.63
N CYS I 201 -45.66 23.25 -72.06
CA CYS I 201 -46.43 22.53 -73.07
C CYS I 201 -47.74 22.03 -72.46
N ILE I 202 -48.85 22.36 -73.12
CA ILE I 202 -50.18 21.97 -72.67
C ILE I 202 -51.00 21.59 -73.89
N ASP I 203 -51.41 20.32 -73.97
CA ASP I 203 -52.19 19.82 -75.09
C ASP I 203 -53.63 19.62 -74.64
N ASN I 204 -54.58 20.10 -75.45
CA ASN I 204 -55.99 19.89 -75.15
C ASN I 204 -56.33 18.40 -75.15
N GLU I 205 -55.76 17.64 -76.08
CA GLU I 205 -56.03 16.21 -76.13
C GLU I 205 -55.50 15.50 -74.90
N ALA I 206 -54.35 15.95 -74.37
CA ALA I 206 -53.85 15.39 -73.13
C ALA I 206 -54.81 15.64 -71.98
N LEU I 207 -55.38 16.85 -71.92
CA LEU I 207 -56.38 17.15 -70.88
C LEU I 207 -57.61 16.27 -71.05
N TYR I 208 -58.05 16.07 -72.28
CA TYR I 208 -59.21 15.21 -72.53
C TYR I 208 -58.92 13.78 -72.06
N ASP I 209 -57.73 13.28 -72.39
CA ASP I 209 -57.36 11.92 -71.98
C ASP I 209 -57.31 11.80 -70.47
N ILE I 210 -56.73 12.79 -69.78
CA ILE I 210 -56.58 12.67 -68.34
C ILE I 210 -57.92 12.81 -67.63
N CYS I 211 -58.85 13.61 -68.17
CA CYS I 211 -60.16 13.68 -67.53
C CYS I 211 -61.03 12.49 -67.90
N GLN I 212 -60.74 11.80 -69.00
CA GLN I 212 -61.48 10.59 -69.33
C GLN I 212 -60.92 9.35 -68.64
N ARG I 213 -59.67 9.38 -68.21
CA ARG I 213 -59.10 8.24 -67.51
C ARG I 213 -59.20 8.36 -65.99
N THR I 214 -59.13 9.58 -65.45
CA THR I 214 -59.23 9.80 -64.02
C THR I 214 -60.62 10.29 -63.61
N LEU I 215 -61.08 11.39 -64.19
CA LEU I 215 -62.42 11.88 -63.93
C LEU I 215 -63.47 11.08 -64.70
N LYS I 216 -63.09 10.44 -65.80
CA LYS I 216 -64.00 9.60 -66.58
C LYS I 216 -65.22 10.39 -67.06
N LEU I 217 -64.96 11.61 -67.55
CA LEU I 217 -66.04 12.47 -68.04
C LEU I 217 -66.45 12.04 -69.44
N ASN I 218 -67.76 12.13 -69.71
CA ASN I 218 -68.28 11.68 -70.99
C ASN I 218 -67.87 12.61 -72.13
N GLN I 219 -68.07 13.91 -71.95
CA GLN I 219 -67.72 14.90 -72.95
C GLN I 219 -66.71 15.88 -72.36
N PRO I 220 -65.65 16.22 -73.08
CA PRO I 220 -64.62 17.11 -72.53
C PRO I 220 -65.20 18.47 -72.17
N SER I 221 -64.97 18.88 -70.92
CA SER I 221 -65.43 20.16 -70.40
C SER I 221 -64.22 20.99 -69.99
N TYR I 222 -64.19 22.25 -70.44
CA TYR I 222 -63.07 23.13 -70.11
C TYR I 222 -63.00 23.46 -68.63
N GLY I 223 -64.09 23.28 -67.88
CA GLY I 223 -64.09 23.66 -66.48
C GLY I 223 -63.09 22.87 -65.66
N ASP I 224 -63.15 21.55 -65.75
CA ASP I 224 -62.26 20.70 -64.95
C ASP I 224 -60.81 20.83 -65.40
N LEU I 225 -60.59 20.95 -66.71
CA LEU I 225 -59.23 21.14 -67.21
C LEU I 225 -58.65 22.46 -66.70
N ASN I 226 -59.47 23.50 -66.68
CA ASN I 226 -59.01 24.79 -66.17
C ASN I 226 -58.76 24.72 -64.67
N ASN I 227 -59.60 23.97 -63.94
CA ASN I 227 -59.33 23.76 -62.52
C ASN I 227 -57.98 23.08 -62.32
N LEU I 228 -57.69 22.06 -63.11
CA LEU I 228 -56.43 21.33 -62.97
C LEU I 228 -55.24 22.22 -63.30
N VAL I 229 -55.30 22.96 -64.40
CA VAL I 229 -54.17 23.80 -64.77
C VAL I 229 -54.00 24.94 -63.78
N SER I 230 -55.11 25.44 -63.22
CA SER I 230 -55.02 26.48 -62.19
C SER I 230 -54.37 25.94 -60.92
N SER I 231 -54.72 24.70 -60.54
CA SER I 231 -54.04 24.08 -59.40
C SER I 231 -52.55 23.92 -59.65
N VAL I 232 -52.19 23.49 -60.86
CA VAL I 232 -50.77 23.32 -61.19
C VAL I 232 -50.05 24.65 -61.15
N MET I 233 -50.66 25.70 -61.69
CA MET I 233 -50.02 27.01 -61.71
C MET I 233 -49.93 27.60 -60.30
N SER I 234 -50.91 27.33 -59.46
CA SER I 234 -50.87 27.85 -58.09
C SER I 234 -49.85 27.10 -57.24
N GLY I 235 -49.64 25.82 -57.51
CA GLY I 235 -48.64 25.08 -56.75
C GLY I 235 -47.25 25.63 -56.95
N VAL I 236 -46.88 25.95 -58.19
CA VAL I 236 -45.52 26.40 -58.48
C VAL I 236 -45.25 27.78 -57.90
N THR I 237 -46.29 28.59 -57.70
CA THR I 237 -46.08 29.91 -57.10
C THR I 237 -46.18 29.86 -55.59
N THR I 238 -47.01 28.96 -55.04
CA THR I 238 -47.05 28.77 -53.60
C THR I 238 -45.81 28.06 -53.07
N SER I 239 -45.08 27.34 -53.94
CA SER I 239 -43.80 26.77 -53.54
C SER I 239 -42.86 27.86 -53.02
N LEU I 240 -42.89 29.03 -53.64
CA LEU I 240 -42.14 30.18 -53.16
C LEU I 240 -42.91 30.99 -52.13
N ARG I 241 -44.20 31.26 -52.40
CA ARG I 241 -45.00 32.04 -51.46
C ARG I 241 -45.10 31.34 -50.11
N TYR I 242 -45.75 30.18 -50.09
CA TYR I 242 -45.95 29.50 -48.82
C TYR I 242 -44.63 28.95 -48.29
N PRO I 243 -44.41 29.03 -46.97
CA PRO I 243 -43.14 28.55 -46.42
C PRO I 243 -42.97 27.06 -46.63
N GLY I 244 -41.73 26.67 -46.93
CA GLY I 244 -41.41 25.28 -47.15
C GLY I 244 -39.94 25.02 -46.85
N GLN I 245 -39.56 23.74 -46.96
CA GLN I 245 -38.17 23.37 -46.74
C GLN I 245 -37.26 23.93 -47.83
N LEU I 246 -37.80 24.15 -49.03
CA LEU I 246 -37.02 24.72 -50.12
C LEU I 246 -37.99 25.36 -51.11
N ASN I 247 -37.94 26.67 -51.21
CA ASN I 247 -38.77 27.39 -52.17
C ASN I 247 -38.10 27.46 -53.53
N SER I 248 -38.90 27.60 -54.58
CA SER I 248 -38.42 27.64 -55.95
C SER I 248 -38.90 28.93 -56.61
N ASP I 249 -37.98 29.61 -57.28
CA ASP I 249 -38.29 30.86 -57.98
C ASP I 249 -38.11 30.69 -59.47
N LEU I 250 -38.66 31.64 -60.23
CA LEU I 250 -38.55 31.59 -61.68
C LEU I 250 -37.11 31.73 -62.13
N ARG I 251 -36.32 32.55 -61.43
CA ARG I 251 -34.90 32.66 -61.74
C ARG I 251 -34.16 31.37 -61.43
N LYS I 252 -34.55 30.70 -60.35
CA LYS I 252 -33.95 29.41 -60.02
C LYS I 252 -34.12 28.41 -61.16
N LEU I 253 -35.33 28.35 -61.72
CA LEU I 253 -35.55 27.45 -62.85
C LEU I 253 -34.83 27.94 -64.09
N ALA I 254 -34.82 29.26 -64.33
CA ALA I 254 -34.15 29.80 -65.51
C ALA I 254 -32.66 29.52 -65.50
N VAL I 255 -32.06 29.41 -64.31
CA VAL I 255 -30.64 29.11 -64.21
C VAL I 255 -30.36 27.62 -64.03
N ASN I 256 -31.33 26.83 -63.57
CA ASN I 256 -31.12 25.42 -63.32
C ASN I 256 -31.97 24.50 -64.19
N LEU I 257 -33.26 24.80 -64.35
CA LEU I 257 -34.14 23.91 -65.08
C LEU I 257 -33.81 23.84 -66.56
N VAL I 258 -33.05 24.80 -67.09
CA VAL I 258 -32.72 24.81 -68.50
C VAL I 258 -31.21 24.98 -68.69
N PRO I 259 -30.55 24.10 -69.46
CA PRO I 259 -29.10 24.23 -69.66
C PRO I 259 -28.73 25.34 -70.63
N PHE I 260 -29.46 25.45 -71.75
CA PHE I 260 -29.13 26.44 -72.76
C PHE I 260 -30.32 27.37 -73.00
N PRO I 261 -30.08 28.67 -73.18
CA PRO I 261 -31.19 29.63 -73.20
C PRO I 261 -32.16 29.44 -74.36
N ARG I 262 -31.77 28.73 -75.42
CA ARG I 262 -32.67 28.54 -76.55
C ARG I 262 -33.84 27.62 -76.21
N LEU I 263 -33.77 26.91 -75.09
CA LEU I 263 -34.88 26.06 -74.64
C LEU I 263 -35.73 26.83 -73.64
N HIS I 264 -37.04 26.84 -73.87
CA HIS I 264 -37.98 27.51 -72.99
C HIS I 264 -39.20 26.66 -72.67
N PHE I 265 -39.34 25.49 -73.29
CA PHE I 265 -40.51 24.65 -73.10
C PHE I 265 -40.31 23.72 -71.91
N PHE I 266 -41.36 23.56 -71.11
CA PHE I 266 -41.31 22.79 -69.89
C PHE I 266 -42.54 21.89 -69.82
N MET I 267 -42.31 20.58 -69.82
CA MET I 267 -43.41 19.63 -69.69
C MET I 267 -44.08 19.78 -68.32
N VAL I 268 -45.29 19.23 -68.21
CA VAL I 268 -46.10 19.39 -67.02
C VAL I 268 -46.59 18.03 -66.54
N GLY I 269 -46.79 17.92 -65.23
CA GLY I 269 -47.38 16.75 -64.63
C GLY I 269 -47.90 17.05 -63.24
N TYR I 270 -49.04 16.48 -62.86
CA TYR I 270 -49.66 16.77 -61.58
C TYR I 270 -49.97 15.47 -60.85
N ALA I 271 -49.91 15.52 -59.52
CA ALA I 271 -50.27 14.39 -58.67
C ALA I 271 -50.72 14.95 -57.33
N PRO I 272 -51.59 14.22 -56.61
CA PRO I 272 -52.18 12.93 -56.97
C PRO I 272 -53.33 13.06 -57.95
N LEU I 273 -53.48 12.06 -58.82
CA LEU I 273 -54.57 11.99 -59.78
C LEU I 273 -55.41 10.77 -59.43
N THR I 274 -56.40 10.97 -58.56
CA THR I 274 -57.26 9.90 -58.10
C THR I 274 -58.58 9.92 -58.84
N ALA I 275 -59.09 8.73 -59.17
CA ALA I 275 -60.37 8.63 -59.84
C ALA I 275 -61.51 9.09 -58.92
N ILE I 276 -62.62 9.44 -59.54
CA ILE I 276 -63.78 9.92 -58.80
C ILE I 276 -64.34 8.79 -57.96
N GLY I 277 -64.40 9.00 -56.64
CA GLY I 277 -64.93 8.01 -55.72
C GLY I 277 -63.91 7.07 -55.12
N SER I 278 -62.71 6.98 -55.69
CA SER I 278 -61.66 6.10 -55.18
C SER I 278 -60.73 6.81 -54.21
N GLN I 279 -61.07 8.03 -53.79
CA GLN I 279 -60.22 8.75 -52.85
C GLN I 279 -60.14 8.04 -51.50
N SER I 280 -61.16 7.28 -51.15
CA SER I 280 -61.12 6.51 -49.91
C SER I 280 -60.11 5.38 -49.99
N PHE I 281 -59.99 4.75 -51.17
CA PHE I 281 -59.01 3.68 -51.33
C PHE I 281 -57.59 4.23 -51.39
N ARG I 282 -57.41 5.45 -51.87
CA ARG I 282 -56.09 6.00 -52.09
C ARG I 282 -55.48 6.52 -50.79
N SER I 283 -54.19 6.27 -50.62
CA SER I 283 -53.43 6.77 -49.47
C SER I 283 -52.22 7.52 -50.01
N LEU I 284 -52.08 8.79 -49.61
CA LEU I 284 -51.04 9.66 -50.16
C LEU I 284 -49.67 9.18 -49.70
N THR I 285 -48.87 8.69 -50.63
CA THR I 285 -47.50 8.27 -50.36
C THR I 285 -46.59 8.83 -51.44
N VAL I 286 -45.29 8.77 -51.17
CA VAL I 286 -44.27 9.26 -52.10
C VAL I 286 -44.12 8.33 -53.31
N PRO I 287 -44.05 7.01 -53.15
CA PRO I 287 -43.83 6.16 -54.34
C PRO I 287 -44.91 6.27 -55.39
N GLU I 288 -46.18 6.39 -55.00
CA GLU I 288 -47.24 6.48 -55.98
C GLU I 288 -47.12 7.75 -56.81
N LEU I 289 -46.81 8.88 -56.17
CA LEU I 289 -46.62 10.11 -56.91
C LEU I 289 -45.38 10.04 -57.79
N THR I 290 -44.32 9.41 -57.29
CA THR I 290 -43.12 9.23 -58.11
C THR I 290 -43.41 8.44 -59.37
N GLN I 291 -44.19 7.36 -59.23
CA GLN I 291 -44.59 6.59 -60.40
C GLN I 291 -45.48 7.39 -61.33
N GLN I 292 -46.39 8.19 -60.76
CA GLN I 292 -47.28 9.00 -61.59
C GLN I 292 -46.50 10.01 -62.42
N MET I 293 -45.46 10.62 -61.84
CA MET I 293 -44.76 11.69 -62.53
C MET I 293 -44.05 11.18 -63.78
N PHE I 294 -43.51 9.97 -63.73
CA PHE I 294 -42.74 9.42 -64.84
C PHE I 294 -43.59 8.59 -65.80
N ASP I 295 -44.88 8.90 -65.91
CA ASP I 295 -45.79 8.23 -66.84
C ASP I 295 -46.38 9.25 -67.78
N ALA I 296 -46.39 8.92 -69.08
CA ALA I 296 -46.96 9.83 -70.07
C ALA I 296 -48.47 9.98 -69.88
N LYS I 297 -49.12 8.95 -69.34
CA LYS I 297 -50.57 9.02 -69.13
C LYS I 297 -50.94 10.08 -68.09
N ASN I 298 -50.05 10.36 -67.14
CA ASN I 298 -50.30 11.36 -66.12
C ASN I 298 -49.84 12.75 -66.53
N MET I 299 -49.02 12.86 -67.58
CA MET I 299 -48.56 14.16 -68.05
C MET I 299 -49.62 14.82 -68.93
N MET I 300 -49.56 16.15 -68.99
CA MET I 300 -50.51 16.94 -69.77
C MET I 300 -49.83 17.71 -70.89
N ALA I 301 -48.53 17.52 -71.09
CA ALA I 301 -47.83 18.24 -72.16
C ALA I 301 -48.34 17.84 -73.55
N ALA I 302 -48.41 16.53 -73.87
CA ALA I 302 -47.99 15.38 -73.05
C ALA I 302 -46.90 14.60 -73.77
N ALA I 303 -45.72 14.60 -73.18
CA ALA I 303 -44.57 13.93 -73.77
C ALA I 303 -44.36 12.56 -73.16
N ASP I 304 -43.83 11.64 -73.97
CA ASP I 304 -43.66 10.26 -73.54
C ASP I 304 -42.24 10.05 -73.02
N PRO I 305 -42.08 9.61 -71.76
CA PRO I 305 -40.74 9.25 -71.30
C PRO I 305 -40.09 8.18 -72.14
N ARG I 306 -40.85 7.16 -72.57
CA ARG I 306 -40.27 6.10 -73.38
C ARG I 306 -39.82 6.61 -74.75
N ASN I 307 -40.48 7.63 -75.28
CA ASN I 307 -40.14 8.13 -76.61
C ASN I 307 -38.96 9.09 -76.55
N GLY I 308 -39.07 10.14 -75.74
CA GLY I 308 -38.08 11.21 -75.72
C GLY I 308 -37.02 11.00 -74.65
N ARG I 309 -35.79 11.40 -74.99
CA ARG I 309 -34.69 11.34 -74.05
C ARG I 309 -34.76 12.52 -73.08
N TYR I 310 -34.56 12.24 -71.79
CA TYR I 310 -34.62 13.28 -70.78
C TYR I 310 -33.35 14.12 -70.77
N LEU I 311 -33.50 15.43 -70.91
CA LEU I 311 -32.38 16.32 -70.66
C LEU I 311 -32.29 16.69 -69.18
N THR I 312 -33.42 17.00 -68.55
CA THR I 312 -33.46 17.35 -67.14
C THR I 312 -34.89 17.19 -66.63
N VAL I 313 -35.01 17.02 -65.32
CA VAL I 313 -36.30 16.81 -64.66
C VAL I 313 -36.33 17.59 -63.36
N ALA I 314 -37.54 17.85 -62.87
CA ALA I 314 -37.74 18.56 -61.61
C ALA I 314 -39.10 18.16 -61.05
N ALA I 315 -39.14 17.92 -59.73
CA ALA I 315 -40.36 17.51 -59.06
C ALA I 315 -40.52 18.33 -57.79
N PHE I 316 -41.59 19.12 -57.72
CA PHE I 316 -41.90 19.94 -56.56
C PHE I 316 -43.03 19.31 -55.77
N PHE I 317 -42.98 19.43 -54.45
CA PHE I 317 -43.93 18.78 -53.58
C PHE I 317 -44.48 19.77 -52.57
N ARG I 318 -45.67 19.47 -52.05
CA ARG I 318 -46.30 20.27 -51.01
C ARG I 318 -46.70 19.37 -49.86
N GLY I 319 -47.00 19.99 -48.73
CA GLY I 319 -47.32 19.25 -47.53
C GLY I 319 -46.08 18.72 -46.85
N LYS I 320 -46.31 17.84 -45.88
CA LYS I 320 -45.23 17.23 -45.11
C LYS I 320 -44.65 16.05 -45.89
N VAL I 321 -43.44 16.22 -46.40
CA VAL I 321 -42.70 15.15 -47.07
C VAL I 321 -41.28 15.13 -46.51
N SER I 322 -40.69 13.93 -46.48
CA SER I 322 -39.35 13.76 -45.96
C SER I 322 -38.33 13.83 -47.08
N VAL I 323 -37.18 14.44 -46.80
CA VAL I 323 -36.13 14.55 -47.80
C VAL I 323 -35.56 13.17 -48.12
N LYS I 324 -35.52 12.27 -47.15
CA LYS I 324 -34.97 10.93 -47.39
C LYS I 324 -35.81 10.16 -48.39
N GLU I 325 -37.14 10.25 -48.26
CA GLU I 325 -38.02 9.53 -49.18
C GLU I 325 -37.83 9.99 -50.61
N VAL I 326 -37.85 11.30 -50.83
CA VAL I 326 -37.71 11.82 -52.19
C VAL I 326 -36.30 11.56 -52.72
N GLU I 327 -35.29 11.58 -51.85
CA GLU I 327 -33.95 11.25 -52.30
C GLU I 327 -33.85 9.79 -52.75
N ASP I 328 -34.45 8.88 -51.97
CA ASP I 328 -34.45 7.48 -52.36
C ASP I 328 -35.21 7.27 -53.67
N GLU I 329 -36.35 7.94 -53.81
CA GLU I 329 -37.12 7.81 -55.06
C GLU I 329 -36.34 8.33 -56.24
N MET I 330 -35.62 9.46 -56.06
CA MET I 330 -34.83 10.01 -57.14
C MET I 330 -33.67 9.08 -57.51
N HIS I 331 -33.02 8.47 -56.50
CA HIS I 331 -31.96 7.52 -56.80
C HIS I 331 -32.50 6.32 -57.56
N LYS I 332 -33.65 5.81 -57.15
CA LYS I 332 -34.24 4.66 -57.83
C LYS I 332 -34.60 5.00 -59.28
N VAL I 333 -35.19 6.18 -59.49
CA VAL I 333 -35.60 6.53 -60.85
C VAL I 333 -34.39 6.87 -61.71
N GLN I 334 -33.30 7.33 -61.10
CA GLN I 334 -32.08 7.53 -61.87
C GLN I 334 -31.45 6.20 -62.24
N SER I 335 -31.55 5.21 -61.35
CA SER I 335 -31.01 3.89 -61.65
C SER I 335 -31.82 3.19 -62.73
N LYS I 336 -33.15 3.38 -62.72
CA LYS I 336 -34.00 2.68 -63.69
C LYS I 336 -34.21 3.46 -64.98
N ASN I 337 -34.29 4.80 -64.91
CA ASN I 337 -34.48 5.63 -66.09
C ASN I 337 -33.17 6.27 -66.55
N SER I 338 -32.06 5.56 -66.37
CA SER I 338 -30.77 6.07 -66.84
C SER I 338 -30.71 6.19 -68.36
N ASP I 339 -31.57 5.45 -69.07
CA ASP I 339 -31.58 5.55 -70.53
C ASP I 339 -32.07 6.91 -70.98
N TYR I 340 -33.17 7.40 -70.40
CA TYR I 340 -33.67 8.71 -70.76
C TYR I 340 -32.84 9.81 -70.13
N PHE I 341 -32.42 9.62 -68.87
CA PHE I 341 -31.58 10.60 -68.20
C PHE I 341 -30.25 10.72 -68.96
N VAL I 342 -29.99 11.93 -69.47
CA VAL I 342 -28.83 12.12 -70.33
C VAL I 342 -27.54 12.01 -69.51
N GLU I 343 -26.45 11.68 -70.21
CA GLU I 343 -25.20 11.34 -69.56
C GLU I 343 -24.33 12.53 -69.21
N TRP I 344 -24.50 13.67 -69.88
CA TRP I 344 -23.60 14.79 -69.67
C TRP I 344 -23.92 15.59 -68.41
N ILE I 345 -25.03 15.33 -67.74
CA ILE I 345 -25.36 16.05 -66.52
C ILE I 345 -24.47 15.56 -65.37
N PRO I 346 -24.46 14.25 -65.04
CA PRO I 346 -25.22 13.08 -65.49
C PRO I 346 -26.50 12.87 -64.69
N ASN I 347 -26.56 13.43 -63.49
CA ASN I 347 -27.68 13.25 -62.57
C ASN I 347 -28.49 14.54 -62.54
N ASN I 348 -29.67 14.50 -63.15
CA ASN I 348 -30.55 15.66 -63.26
C ASN I 348 -31.62 15.57 -62.19
N VAL I 349 -31.65 16.56 -61.29
CA VAL I 349 -32.64 16.60 -60.22
C VAL I 349 -32.77 18.04 -59.73
N GLN I 350 -34.01 18.48 -59.55
CA GLN I 350 -34.31 19.79 -58.98
C GLN I 350 -35.52 19.64 -58.10
N THR I 351 -35.36 19.91 -56.81
CA THR I 351 -36.39 19.64 -55.81
C THR I 351 -36.79 20.92 -55.09
N ALA I 352 -38.07 20.99 -54.72
CA ALA I 352 -38.60 22.07 -53.91
C ALA I 352 -39.75 21.53 -53.08
N VAL I 353 -39.81 21.95 -51.82
CA VAL I 353 -40.80 21.44 -50.88
C VAL I 353 -41.53 22.60 -50.23
N CYS I 354 -42.86 22.51 -50.18
CA CYS I 354 -43.71 23.45 -49.46
C CYS I 354 -44.22 22.79 -48.20
N SER I 355 -44.01 23.46 -47.05
CA SER I 355 -44.29 22.84 -45.77
C SER I 355 -45.78 22.69 -45.53
N VAL I 356 -46.55 23.76 -45.78
CA VAL I 356 -47.97 23.73 -45.48
C VAL I 356 -48.68 22.73 -46.38
N ALA I 357 -49.78 22.17 -45.87
CA ALA I 357 -50.52 21.19 -46.63
C ALA I 357 -51.32 21.86 -47.74
N PRO I 358 -51.48 21.18 -48.89
CA PRO I 358 -52.24 21.77 -49.99
C PRO I 358 -53.70 21.98 -49.61
N GLN I 359 -54.38 22.80 -50.41
CA GLN I 359 -55.79 23.10 -50.19
C GLN I 359 -56.62 21.85 -50.48
N GLY I 360 -57.17 21.24 -49.42
CA GLY I 360 -57.96 20.05 -49.56
C GLY I 360 -57.17 18.77 -49.71
N LEU I 361 -55.85 18.82 -49.61
CA LEU I 361 -55.01 17.63 -49.74
C LEU I 361 -53.93 17.66 -48.67
N ASP I 362 -53.40 16.49 -48.36
CA ASP I 362 -52.29 16.39 -47.42
C ASP I 362 -50.96 16.65 -48.10
N MET I 363 -50.83 16.27 -49.37
CA MET I 363 -49.63 16.52 -50.15
C MET I 363 -50.00 16.54 -51.62
N ALA I 364 -49.41 17.49 -52.35
CA ALA I 364 -49.62 17.62 -53.79
C ALA I 364 -48.28 17.91 -54.45
N ALA I 365 -48.10 17.39 -55.65
CA ALA I 365 -46.82 17.47 -56.34
C ALA I 365 -47.03 17.85 -57.79
N THR I 366 -46.07 18.61 -58.31
CA THR I 366 -45.99 18.98 -59.71
C THR I 366 -44.65 18.51 -60.27
N PHE I 367 -44.61 18.35 -61.60
CA PHE I 367 -43.44 17.80 -62.27
C PHE I 367 -43.22 18.52 -63.58
N ILE I 368 -41.95 18.78 -63.88
CA ILE I 368 -41.53 19.42 -65.12
C ILE I 368 -40.35 18.61 -65.68
N ALA I 369 -40.34 18.44 -67.00
CA ALA I 369 -39.24 17.74 -67.63
C ALA I 369 -38.94 18.38 -68.97
N ASN I 370 -37.70 18.22 -69.43
CA ASN I 370 -37.26 18.70 -70.73
C ASN I 370 -36.80 17.48 -71.52
N SER I 371 -37.70 16.94 -72.33
CA SER I 371 -37.45 15.73 -73.09
C SER I 371 -37.42 16.03 -74.58
N THR I 372 -36.96 15.05 -75.35
CA THR I 372 -36.84 15.17 -76.80
C THR I 372 -38.13 14.78 -77.53
N SER I 373 -39.27 14.86 -76.85
CA SER I 373 -40.55 14.61 -77.50
C SER I 373 -41.25 15.87 -77.96
N ILE I 374 -40.82 17.04 -77.50
CA ILE I 374 -41.41 18.30 -77.95
C ILE I 374 -41.03 18.55 -79.41
N GLN I 375 -39.82 18.17 -79.81
CA GLN I 375 -39.43 18.28 -81.21
C GLN I 375 -40.32 17.43 -82.10
N GLU I 376 -40.91 16.36 -81.55
CA GLU I 376 -41.88 15.59 -82.32
C GLU I 376 -43.12 16.42 -82.62
N LEU I 377 -43.62 17.16 -81.63
CA LEU I 377 -44.75 18.06 -81.87
C LEU I 377 -44.36 19.15 -82.85
N PHE I 378 -43.10 19.62 -82.78
CA PHE I 378 -42.63 20.60 -83.76
C PHE I 378 -42.66 20.03 -85.17
N LYS I 379 -42.19 18.80 -85.34
CA LYS I 379 -42.24 18.16 -86.65
C LYS I 379 -43.68 17.99 -87.11
N ARG I 380 -44.58 17.63 -86.20
CA ARG I 380 -45.98 17.45 -86.57
C ARG I 380 -46.58 18.76 -87.06
N VAL I 381 -46.34 19.86 -86.32
CA VAL I 381 -46.93 21.12 -86.73
C VAL I 381 -46.28 21.65 -88.01
N GLY I 382 -44.99 21.38 -88.22
CA GLY I 382 -44.37 21.77 -89.46
C GLY I 382 -44.90 21.01 -90.65
N ASP I 383 -45.10 19.69 -90.49
CA ASP I 383 -45.71 18.90 -91.55
C ASP I 383 -47.13 19.35 -91.82
N GLN I 384 -47.87 19.70 -90.77
CA GLN I 384 -49.21 20.25 -90.95
C GLN I 384 -49.17 21.52 -91.79
N PHE I 385 -48.31 22.46 -91.41
CA PHE I 385 -48.16 23.70 -92.17
C PHE I 385 -47.84 23.43 -93.63
N SER I 386 -46.86 22.55 -93.89
CA SER I 386 -46.43 22.29 -95.25
C SER I 386 -47.55 21.64 -96.07
N ALA I 387 -48.19 20.61 -95.52
CA ALA I 387 -49.24 19.91 -96.25
C ALA I 387 -50.48 20.77 -96.44
N MET I 388 -50.69 21.76 -95.56
CA MET I 388 -51.87 22.61 -95.69
C MET I 388 -51.64 23.73 -96.69
N PHE I 389 -50.49 24.40 -96.62
CA PHE I 389 -50.17 25.46 -97.57
C PHE I 389 -49.48 24.95 -98.83
N LYS I 390 -49.44 23.63 -99.03
CA LYS I 390 -49.11 23.10 -100.35
C LYS I 390 -50.32 23.14 -101.26
N ARG I 391 -51.51 22.90 -100.70
CA ARG I 391 -52.74 23.02 -101.46
C ARG I 391 -53.05 24.46 -101.87
N LYS I 392 -52.42 25.43 -101.19
CA LYS I 392 -52.65 26.85 -101.44
C LYS I 392 -54.11 27.25 -101.17
N ALA I 393 -54.80 26.47 -100.36
CA ALA I 393 -56.18 26.78 -100.00
C ALA I 393 -56.20 27.70 -98.80
N PHE I 394 -57.09 28.70 -98.85
CA PHE I 394 -57.24 29.74 -97.84
C PHE I 394 -55.98 30.60 -97.70
N LEU I 395 -54.97 30.37 -98.53
CA LEU I 395 -53.77 31.19 -98.49
C LEU I 395 -54.02 32.59 -99.03
N HIS I 396 -55.10 32.78 -99.79
CA HIS I 396 -55.46 34.11 -100.26
C HIS I 396 -55.76 35.05 -99.09
N TRP I 397 -56.30 34.52 -97.99
CA TRP I 397 -56.50 35.32 -96.79
C TRP I 397 -55.18 35.92 -96.33
N TYR I 398 -54.14 35.09 -96.23
CA TYR I 398 -52.86 35.59 -95.72
C TYR I 398 -52.11 36.43 -96.76
N THR I 399 -52.40 36.23 -98.05
CA THR I 399 -51.90 37.17 -99.04
C THR I 399 -52.54 38.54 -98.84
N SER I 400 -53.85 38.56 -98.55
CA SER I 400 -54.51 39.82 -98.23
C SER I 400 -53.97 40.42 -96.93
N GLU I 401 -53.49 39.57 -96.02
CA GLU I 401 -52.90 40.08 -94.79
C GLU I 401 -51.59 40.81 -95.06
N GLY I 402 -50.83 40.33 -96.05
CA GLY I 402 -49.58 40.97 -96.43
C GLY I 402 -48.33 40.22 -96.01
N MET I 403 -48.45 39.09 -95.32
CA MET I 403 -47.29 38.34 -94.90
C MET I 403 -46.66 37.62 -96.08
N ASP I 404 -45.35 37.36 -95.98
CA ASP I 404 -44.60 36.73 -97.06
C ASP I 404 -44.26 35.30 -96.70
N GLU I 405 -44.15 34.46 -97.73
CA GLU I 405 -43.82 33.05 -97.52
C GLU I 405 -42.35 32.85 -97.16
N LEU I 406 -41.49 33.80 -97.49
CA LEU I 406 -40.10 33.73 -97.03
C LEU I 406 -40.05 33.76 -95.51
N GLU I 407 -40.87 34.60 -94.88
CA GLU I 407 -40.95 34.63 -93.43
C GLU I 407 -41.44 33.29 -92.87
N PHE I 408 -42.36 32.64 -93.60
CA PHE I 408 -42.87 31.35 -93.16
C PHE I 408 -41.78 30.29 -93.23
N SER I 409 -41.00 30.29 -94.31
CA SER I 409 -39.89 29.36 -94.43
C SER I 409 -38.84 29.63 -93.37
N GLU I 410 -38.60 30.90 -93.05
CA GLU I 410 -37.66 31.23 -91.98
C GLU I 410 -38.14 30.71 -90.64
N ALA I 411 -39.44 30.87 -90.35
CA ALA I 411 -39.99 30.35 -89.10
C ALA I 411 -39.85 28.84 -89.03
N GLU I 412 -40.17 28.14 -90.11
CA GLU I 412 -40.08 26.68 -90.09
C GLU I 412 -38.64 26.23 -89.98
N SER I 413 -37.70 26.96 -90.61
CA SER I 413 -36.30 26.60 -90.49
C SER I 413 -35.78 26.84 -89.08
N ASN I 414 -36.26 27.91 -88.42
CA ASN I 414 -35.87 28.14 -87.03
C ASN I 414 -36.44 27.05 -86.12
N MET I 415 -37.65 26.60 -86.40
CA MET I 415 -38.20 25.48 -85.63
C MET I 415 -37.39 24.21 -85.86
N ASN I 416 -36.95 23.98 -87.10
CA ASN I 416 -36.09 22.83 -87.37
C ASN I 416 -34.73 22.99 -86.70
N ASP I 417 -34.24 24.22 -86.57
CA ASP I 417 -33.00 24.45 -85.84
C ASP I 417 -33.17 24.15 -84.36
N LEU I 418 -34.31 24.51 -83.79
CA LEU I 418 -34.59 24.15 -82.40
C LEU I 418 -34.71 22.65 -82.23
N VAL I 419 -35.29 21.97 -83.22
CA VAL I 419 -35.34 20.52 -83.19
C VAL I 419 -33.93 19.94 -83.23
N SER I 420 -33.07 20.47 -84.09
CA SER I 420 -31.69 20.03 -84.15
C SER I 420 -30.95 20.28 -82.84
N GLU I 421 -31.26 21.39 -82.16
CA GLU I 421 -30.73 21.62 -80.82
C GLU I 421 -31.20 20.54 -79.87
N TYR I 422 -32.46 20.14 -79.99
CA TYR I 422 -32.98 18.98 -79.26
C TYR I 422 -32.48 17.66 -79.85
N GLN I 423 -31.59 17.72 -80.83
CA GLN I 423 -30.93 16.56 -81.42
C GLN I 423 -29.42 16.70 -81.36
N GLN I 424 -28.92 17.14 -80.21
CA GLN I 424 -27.49 17.40 -80.03
C GLN I 424 -26.76 16.44 -79.09
N TYR I 425 -27.27 15.99 -77.93
CA TYR I 425 -28.65 16.00 -77.38
C TYR I 425 -29.62 15.20 -78.25
N GLN I 426 -29.08 14.23 -78.99
CA GLN I 426 -29.90 13.42 -79.88
C GLN I 426 -30.88 12.57 -79.08
N GLU I 427 -31.93 12.13 -79.76
CA GLU I 427 -32.97 11.32 -79.15
C GLU I 427 -32.74 9.84 -79.43
N MET J 1 -39.55 -11.59 -47.40
CA MET J 1 -40.48 -12.19 -48.36
C MET J 1 -41.61 -12.90 -47.65
N ARG J 2 -42.43 -12.15 -46.94
CA ARG J 2 -43.55 -12.71 -46.18
C ARG J 2 -44.90 -12.46 -46.85
N GLU J 3 -44.99 -11.49 -47.75
CA GLU J 3 -46.26 -11.13 -48.36
C GLU J 3 -46.58 -12.05 -49.54
N ILE J 4 -47.87 -12.30 -49.75
CA ILE J 4 -48.35 -13.16 -50.83
C ILE J 4 -49.56 -12.49 -51.45
N ILE J 5 -49.68 -12.61 -52.78
CA ILE J 5 -50.82 -12.08 -53.51
C ILE J 5 -51.65 -13.25 -54.04
N HIS J 6 -52.96 -13.15 -53.87
CA HIS J 6 -53.89 -14.19 -54.30
C HIS J 6 -54.47 -13.79 -55.65
N ILE J 7 -53.95 -14.40 -56.71
CA ILE J 7 -54.43 -14.12 -58.06
C ILE J 7 -55.76 -14.84 -58.28
N SER J 8 -56.61 -14.24 -59.11
CA SER J 8 -57.94 -14.80 -59.38
C SER J 8 -58.23 -14.71 -60.87
N THR J 9 -58.68 -15.82 -61.44
CA THR J 9 -59.10 -15.85 -62.84
C THR J 9 -60.01 -17.07 -63.03
N GLY J 10 -60.59 -17.15 -64.20
CA GLY J 10 -61.59 -18.19 -64.43
C GLY J 10 -62.98 -17.76 -64.00
N GLN J 11 -63.97 -18.17 -64.78
CA GLN J 11 -65.35 -17.82 -64.46
C GLN J 11 -65.79 -18.42 -63.13
N CYS J 12 -65.09 -19.43 -62.64
CA CYS J 12 -65.38 -20.02 -61.33
C CYS J 12 -64.33 -19.69 -60.29
N GLY J 13 -63.09 -19.41 -60.71
CA GLY J 13 -62.04 -19.09 -59.75
C GLY J 13 -62.26 -17.77 -59.05
N ASN J 14 -63.01 -16.86 -59.67
CA ASN J 14 -63.34 -15.60 -59.01
C ASN J 14 -64.16 -15.84 -57.75
N GLN J 15 -65.17 -16.72 -57.84
CA GLN J 15 -65.93 -17.09 -56.66
C GLN J 15 -65.05 -17.77 -55.62
N ILE J 16 -64.06 -18.54 -56.08
CA ILE J 16 -63.13 -19.19 -55.16
C ILE J 16 -62.33 -18.15 -54.39
N GLY J 17 -61.81 -17.14 -55.07
CA GLY J 17 -61.07 -16.09 -54.39
C GLY J 17 -61.96 -15.27 -53.47
N ALA J 18 -63.19 -15.03 -53.88
CA ALA J 18 -64.14 -14.31 -53.02
C ALA J 18 -64.38 -15.08 -51.73
N ALA J 19 -64.66 -16.38 -51.84
CA ALA J 19 -64.85 -17.21 -50.65
C ALA J 19 -63.58 -17.29 -49.82
N PHE J 20 -62.41 -17.25 -50.47
CA PHE J 20 -61.16 -17.26 -49.73
C PHE J 20 -61.02 -16.01 -48.88
N TRP J 21 -61.28 -14.84 -49.47
CA TRP J 21 -61.23 -13.61 -48.69
C TRP J 21 -62.27 -13.61 -47.58
N GLU J 22 -63.45 -14.15 -47.86
CA GLU J 22 -64.50 -14.22 -46.85
C GLU J 22 -64.08 -15.07 -45.67
N THR J 23 -63.52 -16.26 -45.95
CA THR J 23 -63.04 -17.12 -44.89
C THR J 23 -61.87 -16.48 -44.13
N ILE J 24 -61.04 -15.71 -44.83
CA ILE J 24 -59.93 -15.04 -44.16
C ILE J 24 -60.46 -14.01 -43.16
N CYS J 25 -61.37 -13.15 -43.60
CA CYS J 25 -61.89 -12.13 -42.70
C CYS J 25 -62.78 -12.71 -41.61
N GLY J 26 -63.36 -13.90 -41.85
CA GLY J 26 -64.11 -14.56 -40.79
C GLY J 26 -63.23 -15.27 -39.79
N GLU J 27 -62.07 -15.76 -40.22
CA GLU J 27 -61.17 -16.47 -39.33
C GLU J 27 -60.37 -15.50 -38.48
N HIS J 28 -59.69 -14.52 -39.10
CA HIS J 28 -58.89 -13.59 -38.33
C HIS J 28 -59.71 -12.47 -37.73
N GLY J 29 -60.85 -12.13 -38.31
CA GLY J 29 -61.69 -11.07 -37.78
C GLY J 29 -61.47 -9.75 -38.48
N LEU J 30 -62.41 -9.36 -39.33
CA LEU J 30 -62.29 -8.12 -40.07
C LEU J 30 -63.68 -7.67 -40.51
N ASP J 31 -63.87 -6.35 -40.52
CA ASP J 31 -65.12 -5.78 -41.02
C ASP J 31 -65.14 -5.82 -42.54
N PHE J 32 -66.36 -5.85 -43.09
CA PHE J 32 -66.51 -5.86 -44.54
C PHE J 32 -66.01 -4.56 -45.16
N ASN J 33 -66.05 -3.45 -44.42
CA ASN J 33 -65.58 -2.18 -44.94
C ASN J 33 -64.06 -2.12 -44.95
N GLY J 34 -63.39 -2.72 -43.96
CA GLY J 34 -61.95 -2.71 -43.93
C GLY J 34 -61.37 -2.32 -42.58
N THR J 35 -62.23 -2.05 -41.61
CA THR J 35 -61.76 -1.68 -40.27
C THR J 35 -61.21 -2.91 -39.57
N TYR J 36 -60.01 -2.78 -39.01
CA TYR J 36 -59.34 -3.90 -38.38
C TYR J 36 -60.05 -4.30 -37.09
N HIS J 37 -60.33 -5.59 -36.94
CA HIS J 37 -60.92 -6.12 -35.73
C HIS J 37 -60.23 -7.37 -35.20
N GLY J 38 -59.18 -7.82 -35.86
CA GLY J 38 -58.46 -8.99 -35.40
C GLY J 38 -57.69 -8.72 -34.12
N HIS J 39 -57.12 -9.80 -33.57
CA HIS J 39 -56.38 -9.72 -32.31
C HIS J 39 -55.22 -10.69 -32.35
N ASP J 40 -54.03 -10.20 -32.02
CA ASP J 40 -53.85 -8.79 -31.68
C ASP J 40 -52.89 -8.10 -32.65
N ASP J 41 -51.71 -8.69 -32.83
CA ASP J 41 -50.67 -8.12 -33.66
C ASP J 41 -50.20 -9.05 -34.77
N ILE J 42 -50.13 -10.37 -34.50
CA ILE J 42 -49.76 -11.30 -35.55
C ILE J 42 -50.78 -11.28 -36.68
N GLN J 43 -52.06 -11.16 -36.33
CA GLN J 43 -53.09 -11.01 -37.34
C GLN J 43 -52.94 -9.67 -38.07
N LYS J 44 -52.43 -8.64 -37.40
CA LYS J 44 -52.14 -7.39 -38.09
C LYS J 44 -50.99 -7.59 -39.09
N GLU J 45 -49.98 -8.38 -38.71
CA GLU J 45 -48.91 -8.70 -39.65
C GLU J 45 -49.44 -9.48 -40.85
N ARG J 46 -50.39 -10.38 -40.62
CA ARG J 46 -50.97 -11.12 -41.73
C ARG J 46 -51.85 -10.22 -42.60
N LEU J 47 -52.48 -9.21 -41.99
CA LEU J 47 -53.16 -8.19 -42.78
C LEU J 47 -52.19 -7.42 -43.65
N ASN J 48 -51.03 -7.07 -43.10
CA ASN J 48 -49.97 -6.48 -43.91
C ASN J 48 -49.56 -7.41 -45.05
N VAL J 49 -49.55 -8.72 -44.78
CA VAL J 49 -49.13 -9.70 -45.77
C VAL J 49 -50.14 -9.76 -46.92
N TYR J 50 -51.41 -9.96 -46.60
CA TYR J 50 -52.43 -10.20 -47.61
C TYR J 50 -53.21 -8.94 -48.02
N PHE J 51 -53.25 -7.93 -47.16
CA PHE J 51 -53.99 -6.71 -47.45
C PHE J 51 -53.02 -5.53 -47.47
N ASN J 52 -53.53 -4.41 -47.96
CA ASN J 52 -52.84 -3.13 -47.90
C ASN J 52 -53.59 -2.24 -46.92
N GLU J 53 -52.84 -1.62 -46.00
CA GLU J 53 -53.42 -0.72 -45.00
C GLU J 53 -53.74 0.61 -45.68
N ALA J 54 -55.03 0.82 -45.97
CA ALA J 54 -55.47 2.05 -46.60
C ALA J 54 -55.59 3.16 -45.55
N SER J 55 -56.01 4.34 -46.00
CA SER J 55 -56.19 5.44 -45.08
C SER J 55 -57.35 5.17 -44.13
N SER J 56 -57.37 5.91 -43.02
CA SER J 56 -58.40 5.82 -41.99
C SER J 56 -58.55 4.41 -41.45
N GLY J 57 -57.43 3.71 -41.24
CA GLY J 57 -57.46 2.39 -40.65
C GLY J 57 -58.11 1.31 -41.50
N LYS J 58 -58.31 1.57 -42.78
CA LYS J 58 -59.00 0.61 -43.66
C LYS J 58 -58.00 -0.34 -44.29
N TRP J 59 -58.51 -1.50 -44.69
CA TRP J 59 -57.73 -2.52 -45.36
C TRP J 59 -58.32 -2.81 -46.73
N VAL J 60 -57.46 -3.16 -47.69
CA VAL J 60 -57.91 -3.55 -49.02
C VAL J 60 -57.19 -4.84 -49.42
N PRO J 61 -57.91 -5.86 -49.89
CA PRO J 61 -57.24 -7.14 -50.20
C PRO J 61 -56.36 -7.01 -51.42
N ARG J 62 -55.23 -7.71 -51.37
CA ARG J 62 -54.25 -7.72 -52.46
C ARG J 62 -54.57 -8.92 -53.35
N SER J 63 -55.55 -8.75 -54.23
CA SER J 63 -55.97 -9.79 -55.16
C SER J 63 -56.08 -9.21 -56.55
N ILE J 64 -55.82 -10.04 -57.55
CA ILE J 64 -55.89 -9.65 -58.95
C ILE J 64 -56.90 -10.56 -59.63
N ASN J 65 -58.09 -10.02 -59.88
CA ASN J 65 -59.16 -10.77 -60.55
C ASN J 65 -59.23 -10.32 -62.00
N VAL J 66 -58.88 -11.22 -62.91
CA VAL J 66 -58.87 -10.94 -64.35
C VAL J 66 -59.69 -12.02 -65.04
N ASP J 67 -60.85 -11.63 -65.56
CA ASP J 67 -61.71 -12.54 -66.31
C ASP J 67 -62.50 -11.72 -67.32
N LEU J 68 -63.50 -12.35 -67.93
CA LEU J 68 -64.41 -11.70 -68.85
C LEU J 68 -65.78 -11.60 -68.20
N GLU J 69 -66.74 -11.02 -68.95
CA GLU J 69 -68.11 -10.82 -68.46
C GLU J 69 -68.08 -9.98 -67.18
N PRO J 70 -67.80 -8.68 -67.29
CA PRO J 70 -67.71 -7.84 -66.08
C PRO J 70 -68.99 -7.78 -65.27
N GLY J 71 -70.11 -8.30 -65.79
CA GLY J 71 -71.32 -8.35 -64.99
C GLY J 71 -71.16 -9.17 -63.73
N THR J 72 -70.44 -10.28 -63.82
CA THR J 72 -70.24 -11.13 -62.65
C THR J 72 -69.38 -10.43 -61.60
N ILE J 73 -68.30 -9.77 -62.03
CA ILE J 73 -67.44 -9.09 -61.06
C ILE J 73 -68.17 -7.89 -60.47
N ASP J 74 -69.05 -7.25 -61.24
CA ASP J 74 -69.84 -6.15 -60.69
C ASP J 74 -70.85 -6.67 -59.67
N ALA J 75 -71.47 -7.81 -59.96
CA ALA J 75 -72.44 -8.39 -59.02
C ALA J 75 -71.77 -8.81 -57.73
N VAL J 76 -70.62 -9.50 -57.82
CA VAL J 76 -69.92 -9.90 -56.61
C VAL J 76 -69.28 -8.69 -55.92
N ARG J 77 -69.08 -7.59 -56.64
CA ARG J 77 -68.64 -6.37 -56.00
C ARG J 77 -69.76 -5.74 -55.17
N ASN J 78 -71.01 -5.95 -55.58
CA ASN J 78 -72.15 -5.46 -54.82
C ASN J 78 -72.36 -6.21 -53.52
N SER J 79 -71.63 -7.30 -53.29
CA SER J 79 -71.77 -8.05 -52.05
C SER J 79 -71.30 -7.22 -50.85
N ALA J 80 -71.81 -7.59 -49.68
CA ALA J 80 -71.48 -6.85 -48.47
C ALA J 80 -70.03 -7.04 -48.09
N ILE J 81 -69.56 -8.30 -48.08
CA ILE J 81 -68.17 -8.58 -47.72
C ILE J 81 -67.23 -7.98 -48.76
N GLY J 82 -67.62 -7.97 -50.02
CA GLY J 82 -66.77 -7.45 -51.08
C GLY J 82 -66.85 -5.95 -51.24
N ASN J 83 -67.09 -5.24 -50.14
CA ASN J 83 -67.17 -3.78 -50.17
C ASN J 83 -65.81 -3.10 -50.04
N LEU J 84 -64.83 -3.78 -49.44
CA LEU J 84 -63.49 -3.24 -49.29
C LEU J 84 -62.61 -3.51 -50.49
N PHE J 85 -63.18 -4.05 -51.57
CA PHE J 85 -62.38 -4.37 -52.75
C PHE J 85 -61.98 -3.10 -53.49
N ARG J 86 -60.70 -3.02 -53.84
CA ARG J 86 -60.19 -1.87 -54.57
C ARG J 86 -60.53 -2.00 -56.06
N PRO J 87 -60.94 -0.90 -56.71
CA PRO J 87 -61.21 -0.98 -58.16
C PRO J 87 -60.02 -1.44 -58.99
N ASP J 88 -58.80 -1.28 -58.47
CA ASP J 88 -57.61 -1.75 -59.17
C ASP J 88 -57.37 -3.24 -58.98
N ASN J 89 -58.05 -3.88 -58.03
CA ASN J 89 -57.87 -5.30 -57.81
C ASN J 89 -58.37 -6.13 -59.00
N TYR J 90 -59.60 -5.85 -59.44
CA TYR J 90 -60.21 -6.58 -60.54
C TYR J 90 -59.97 -5.84 -61.83
N ILE J 91 -59.45 -6.55 -62.83
CA ILE J 91 -59.22 -6.01 -64.17
C ILE J 91 -59.95 -6.93 -65.13
N PHE J 92 -61.17 -6.55 -65.51
CA PHE J 92 -62.03 -7.42 -66.30
C PHE J 92 -62.22 -6.85 -67.71
N GLY J 93 -62.51 -7.74 -68.65
CA GLY J 93 -62.77 -7.35 -70.02
C GLY J 93 -64.06 -7.97 -70.53
N GLN J 94 -64.33 -7.73 -71.81
CA GLN J 94 -65.53 -8.20 -72.47
C GLN J 94 -65.17 -9.16 -73.60
N SER J 95 -66.02 -10.18 -73.80
CA SER J 95 -67.19 -10.41 -72.96
C SER J 95 -67.25 -11.85 -72.46
N SER J 96 -66.84 -12.79 -73.30
CA SER J 96 -66.89 -14.21 -72.95
C SER J 96 -65.79 -14.94 -73.70
N ALA J 97 -65.30 -16.02 -73.09
CA ALA J 97 -64.23 -16.82 -73.69
C ALA J 97 -64.75 -17.90 -74.62
N GLY J 98 -66.04 -18.23 -74.56
CA GLY J 98 -66.59 -19.26 -75.40
C GLY J 98 -66.18 -20.68 -75.06
N ASN J 99 -65.48 -20.87 -73.94
CA ASN J 99 -65.00 -22.18 -73.51
C ASN J 99 -64.14 -22.84 -74.57
N VAL J 100 -63.09 -22.13 -74.99
CA VAL J 100 -62.12 -22.63 -75.95
C VAL J 100 -60.74 -22.11 -75.57
N TRP J 101 -59.73 -22.96 -75.77
CA TRP J 101 -58.37 -22.59 -75.35
C TRP J 101 -57.79 -21.47 -76.20
N ALA J 102 -58.24 -21.32 -77.43
CA ALA J 102 -57.69 -20.30 -78.32
C ALA J 102 -58.17 -18.92 -77.93
N LYS J 103 -59.48 -18.71 -77.90
CA LYS J 103 -60.03 -17.39 -77.60
C LYS J 103 -59.68 -16.92 -76.19
N GLY J 104 -59.35 -17.85 -75.29
CA GLY J 104 -59.03 -17.45 -73.93
C GLY J 104 -57.75 -16.63 -73.86
N HIS J 105 -56.72 -17.04 -74.59
CA HIS J 105 -55.44 -16.36 -74.54
C HIS J 105 -54.91 -15.97 -75.91
N TYR J 106 -55.15 -16.80 -76.93
CA TYR J 106 -54.52 -16.55 -78.23
C TYR J 106 -55.15 -15.37 -78.95
N THR J 107 -56.42 -15.09 -78.67
CA THR J 107 -57.11 -13.98 -79.32
C THR J 107 -57.35 -12.80 -78.39
N GLU J 108 -57.95 -13.04 -77.21
CA GLU J 108 -58.28 -11.95 -76.30
C GLU J 108 -57.15 -11.63 -75.34
N GLY J 109 -56.41 -12.66 -74.89
CA GLY J 109 -55.37 -12.43 -73.89
C GLY J 109 -54.23 -11.57 -74.40
N ALA J 110 -53.99 -11.59 -75.71
CA ALA J 110 -52.88 -10.84 -76.28
C ALA J 110 -53.04 -9.33 -76.11
N GLU J 111 -54.26 -8.85 -75.90
CA GLU J 111 -54.50 -7.41 -75.73
C GLU J 111 -54.63 -6.98 -74.29
N LEU J 112 -55.04 -7.88 -73.39
CA LEU J 112 -55.14 -7.57 -71.97
C LEU J 112 -53.89 -7.97 -71.19
N VAL J 113 -52.96 -8.69 -71.82
CA VAL J 113 -51.76 -9.14 -71.12
C VAL J 113 -50.91 -7.95 -70.69
N ASP J 114 -50.81 -6.92 -71.55
CA ASP J 114 -50.03 -5.74 -71.19
C ASP J 114 -50.65 -5.04 -69.97
N SER J 115 -51.97 -4.90 -69.95
CA SER J 115 -52.63 -4.24 -68.83
C SER J 115 -52.46 -5.03 -67.55
N VAL J 116 -52.63 -6.35 -67.62
CA VAL J 116 -52.51 -7.14 -66.39
C VAL J 116 -51.07 -7.17 -65.89
N MET J 117 -50.10 -7.14 -66.80
CA MET J 117 -48.71 -7.08 -66.36
C MET J 117 -48.38 -5.71 -65.76
N ASP J 118 -48.97 -4.65 -66.31
CA ASP J 118 -48.83 -3.34 -65.68
C ASP J 118 -49.42 -3.34 -64.28
N VAL J 119 -50.58 -3.97 -64.10
CA VAL J 119 -51.20 -4.04 -62.79
C VAL J 119 -50.34 -4.82 -61.81
N ILE J 120 -49.82 -5.97 -62.24
CA ILE J 120 -49.00 -6.77 -61.33
C ILE J 120 -47.68 -6.08 -61.04
N ARG J 121 -47.17 -5.27 -61.98
CA ARG J 121 -45.95 -4.53 -61.71
C ARG J 121 -46.20 -3.40 -60.72
N ARG J 122 -47.33 -2.71 -60.85
CA ARG J 122 -47.70 -1.72 -59.85
C ARG J 122 -47.87 -2.36 -58.48
N GLU J 123 -48.43 -3.57 -58.44
CA GLU J 123 -48.58 -4.28 -57.17
C GLU J 123 -47.22 -4.62 -56.58
N ALA J 124 -46.31 -5.13 -57.40
CA ALA J 124 -44.97 -5.46 -56.92
C ALA J 124 -44.24 -4.20 -56.47
N GLU J 125 -44.52 -3.06 -57.08
CA GLU J 125 -43.94 -1.80 -56.62
C GLU J 125 -44.53 -1.37 -55.29
N GLY J 126 -45.83 -1.62 -55.07
CA GLY J 126 -46.45 -1.22 -53.83
C GLY J 126 -45.93 -1.99 -52.63
N CYS J 127 -45.63 -3.27 -52.82
CA CYS J 127 -45.14 -4.12 -51.75
C CYS J 127 -43.97 -4.95 -52.26
N ASP J 128 -42.84 -4.88 -51.56
CA ASP J 128 -41.62 -5.55 -51.98
C ASP J 128 -41.34 -6.86 -51.25
N SER J 129 -42.12 -7.18 -50.23
CA SER J 129 -41.97 -8.44 -49.50
C SER J 129 -42.76 -9.58 -50.14
N LEU J 130 -43.08 -9.47 -51.42
CA LEU J 130 -43.85 -10.51 -52.10
C LEU J 130 -42.96 -11.71 -52.39
N GLN J 131 -43.49 -12.90 -52.11
CA GLN J 131 -42.75 -14.14 -52.30
C GLN J 131 -43.42 -15.13 -53.24
N GLY J 132 -44.74 -15.07 -53.41
CA GLY J 132 -45.41 -16.03 -54.28
C GLY J 132 -46.80 -15.56 -54.62
N PHE J 133 -47.42 -16.28 -55.55
CA PHE J 133 -48.75 -15.98 -56.05
C PHE J 133 -49.67 -17.17 -55.82
N GLN J 134 -50.91 -16.89 -55.43
CA GLN J 134 -51.93 -17.90 -55.23
C GLN J 134 -53.02 -17.69 -56.28
N ILE J 135 -53.10 -18.62 -57.24
CA ILE J 135 -54.00 -18.48 -58.38
C ILE J 135 -55.08 -19.56 -58.28
N THR J 136 -56.35 -19.12 -58.31
CA THR J 136 -57.50 -20.01 -58.31
C THR J 136 -58.22 -19.83 -59.63
N HIS J 137 -58.29 -20.90 -60.42
CA HIS J 137 -58.94 -20.85 -61.73
C HIS J 137 -59.55 -22.20 -62.04
N SER J 138 -60.28 -22.24 -63.16
CA SER J 138 -60.94 -23.45 -63.63
C SER J 138 -60.15 -24.01 -64.80
N LEU J 139 -59.64 -25.23 -64.64
CA LEU J 139 -58.92 -25.87 -65.73
C LEU J 139 -59.84 -26.22 -66.90
N GLY J 140 -61.13 -26.40 -66.62
CA GLY J 140 -62.10 -26.68 -67.65
C GLY J 140 -62.84 -25.45 -68.12
N GLY J 141 -62.93 -24.45 -67.25
CA GLY J 141 -63.61 -23.21 -67.63
C GLY J 141 -62.86 -22.48 -68.72
N GLY J 142 -63.63 -21.91 -69.65
CA GLY J 142 -63.01 -21.26 -70.79
C GLY J 142 -62.14 -20.08 -70.41
N THR J 143 -62.69 -19.16 -69.61
CA THR J 143 -61.91 -18.03 -69.13
C THR J 143 -60.66 -18.50 -68.40
N GLY J 144 -60.81 -19.45 -67.49
CA GLY J 144 -59.68 -20.02 -66.78
C GLY J 144 -58.70 -20.70 -67.70
N SER J 145 -59.13 -21.80 -68.34
CA SER J 145 -58.24 -22.58 -69.20
C SER J 145 -57.57 -21.73 -70.28
N GLY J 146 -58.15 -20.58 -70.62
CA GLY J 146 -57.51 -19.70 -71.58
C GLY J 146 -56.52 -18.74 -70.95
N MET J 147 -56.96 -17.92 -70.00
CA MET J 147 -56.14 -16.83 -69.51
C MET J 147 -55.12 -17.27 -68.47
N GLY J 148 -55.45 -18.28 -67.66
CA GLY J 148 -54.55 -18.69 -66.59
C GLY J 148 -53.21 -19.16 -67.11
N THR J 149 -53.21 -19.99 -68.16
CA THR J 149 -51.94 -20.50 -68.68
C THR J 149 -51.08 -19.38 -69.25
N LEU J 150 -51.69 -18.42 -69.94
CA LEU J 150 -50.92 -17.32 -70.51
C LEU J 150 -50.34 -16.43 -69.42
N LEU J 151 -51.15 -16.09 -68.41
CA LEU J 151 -50.64 -15.25 -67.33
C LEU J 151 -49.58 -15.99 -66.52
N ILE J 152 -49.71 -17.30 -66.35
CA ILE J 152 -48.71 -18.06 -65.61
C ILE J 152 -47.41 -18.12 -66.38
N SER J 153 -47.48 -18.31 -67.70
CA SER J 153 -46.26 -18.26 -68.51
C SER J 153 -45.62 -16.88 -68.45
N LYS J 154 -46.43 -15.83 -68.48
CA LYS J 154 -45.90 -14.47 -68.40
C LYS J 154 -45.19 -14.24 -67.07
N ILE J 155 -45.79 -14.70 -65.96
CA ILE J 155 -45.17 -14.53 -64.65
C ILE J 155 -43.90 -15.36 -64.56
N ARG J 156 -43.91 -16.57 -65.11
CA ARG J 156 -42.73 -17.42 -65.08
C ARG J 156 -41.58 -16.78 -65.86
N GLU J 157 -41.89 -16.14 -66.98
CA GLU J 157 -40.84 -15.50 -67.78
C GLU J 157 -40.34 -14.22 -67.12
N GLU J 158 -41.25 -13.43 -66.54
CA GLU J 158 -40.88 -12.13 -65.98
C GLU J 158 -40.39 -12.25 -64.54
N PHE J 159 -41.03 -13.09 -63.72
CA PHE J 159 -40.68 -13.26 -62.31
C PHE J 159 -40.32 -14.72 -62.06
N PRO J 160 -39.12 -15.13 -62.45
CA PRO J 160 -38.71 -16.53 -62.18
C PRO J 160 -38.32 -16.74 -60.74
N ASP J 161 -37.87 -15.67 -60.07
CA ASP J 161 -37.47 -15.78 -58.67
C ASP J 161 -38.67 -15.97 -57.77
N ARG J 162 -39.80 -15.34 -58.09
CA ARG J 162 -40.99 -15.45 -57.27
C ARG J 162 -41.60 -16.85 -57.41
N MET J 163 -42.16 -17.34 -56.30
CA MET J 163 -42.71 -18.68 -56.28
C MET J 163 -44.06 -18.73 -56.99
N MET J 164 -44.52 -19.95 -57.25
CA MET J 164 -45.78 -20.19 -57.93
C MET J 164 -46.65 -21.13 -57.11
N ALA J 165 -47.95 -20.88 -57.10
CA ALA J 165 -48.90 -21.73 -56.38
C ALA J 165 -50.27 -21.56 -57.02
N THR J 166 -50.88 -22.66 -57.44
CA THR J 166 -52.16 -22.63 -58.12
C THR J 166 -53.09 -23.66 -57.50
N PHE J 167 -54.39 -23.43 -57.70
CA PHE J 167 -55.46 -24.26 -57.15
C PHE J 167 -56.49 -24.58 -58.23
N SER J 168 -56.00 -24.99 -59.41
CA SER J 168 -56.89 -25.24 -60.53
C SER J 168 -57.76 -26.46 -60.27
N VAL J 169 -59.06 -26.33 -60.56
CA VAL J 169 -60.00 -27.43 -60.42
C VAL J 169 -60.04 -28.22 -61.71
N LEU J 170 -59.94 -29.54 -61.59
CA LEU J 170 -59.89 -30.40 -62.77
C LEU J 170 -61.31 -30.68 -63.28
N PRO J 171 -61.50 -30.76 -64.59
CA PRO J 171 -62.82 -31.11 -65.12
C PRO J 171 -63.14 -32.57 -64.86
N SER J 172 -64.43 -32.83 -64.61
CA SER J 172 -64.87 -34.19 -64.35
C SER J 172 -64.81 -35.01 -65.63
N PRO J 173 -64.24 -36.22 -65.60
CA PRO J 173 -64.15 -37.02 -66.83
C PRO J 173 -65.46 -37.72 -67.16
N LYS J 174 -66.27 -38.03 -66.15
CA LYS J 174 -67.51 -38.76 -66.37
C LYS J 174 -68.60 -37.85 -66.93
N THR J 175 -68.77 -36.67 -66.35
CA THR J 175 -69.77 -35.71 -66.80
C THR J 175 -69.09 -34.45 -67.30
N SER J 176 -69.65 -33.88 -68.37
CA SER J 176 -69.09 -32.66 -68.96
C SER J 176 -70.19 -31.94 -69.72
N ASP J 177 -70.28 -30.63 -69.52
CA ASP J 177 -71.25 -29.83 -70.27
C ASP J 177 -70.93 -29.81 -71.76
N THR J 178 -69.66 -29.98 -72.11
CA THR J 178 -69.25 -30.00 -73.51
C THR J 178 -67.96 -30.80 -73.63
N VAL J 179 -67.68 -31.25 -74.85
CA VAL J 179 -66.49 -32.06 -75.08
C VAL J 179 -65.22 -31.23 -75.21
N VAL J 180 -65.34 -29.93 -75.48
CA VAL J 180 -64.16 -29.08 -75.64
C VAL J 180 -63.52 -28.71 -74.31
N GLU J 181 -64.23 -28.93 -73.20
CA GLU J 181 -63.69 -28.56 -71.89
C GLU J 181 -62.42 -29.34 -71.52
N PRO J 182 -62.40 -30.67 -71.56
CA PRO J 182 -61.13 -31.37 -71.26
C PRO J 182 -60.07 -31.13 -72.33
N TYR J 183 -60.49 -30.82 -73.56
CA TYR J 183 -59.52 -30.48 -74.59
C TYR J 183 -58.77 -29.21 -74.25
N ASN J 184 -59.51 -28.17 -73.83
CA ASN J 184 -58.88 -26.94 -73.37
C ASN J 184 -58.06 -27.19 -72.11
N ALA J 185 -58.54 -28.08 -71.24
CA ALA J 185 -57.77 -28.43 -70.04
C ALA J 185 -56.41 -29.02 -70.42
N THR J 186 -56.39 -29.91 -71.41
CA THR J 186 -55.13 -30.50 -71.86
C THR J 186 -54.24 -29.45 -72.51
N LEU J 187 -54.80 -28.62 -73.39
CA LEU J 187 -54.00 -27.59 -74.04
C LEU J 187 -53.44 -26.60 -73.04
N SER J 188 -54.11 -26.42 -71.89
CA SER J 188 -53.59 -25.53 -70.86
C SER J 188 -52.53 -26.21 -70.02
N VAL J 189 -52.76 -27.46 -69.60
CA VAL J 189 -51.76 -28.14 -68.78
C VAL J 189 -50.48 -28.36 -69.57
N HIS J 190 -50.57 -28.42 -70.90
CA HIS J 190 -49.38 -28.52 -71.74
C HIS J 190 -48.34 -27.47 -71.36
N GLN J 191 -48.79 -26.26 -71.02
CA GLN J 191 -47.88 -25.20 -70.58
C GLN J 191 -47.85 -25.05 -69.07
N LEU J 192 -48.91 -25.48 -68.37
CA LEU J 192 -48.93 -25.38 -66.92
C LEU J 192 -47.89 -26.29 -66.29
N VAL J 193 -47.64 -27.45 -66.89
CA VAL J 193 -46.62 -28.35 -66.36
C VAL J 193 -45.23 -27.75 -66.48
N GLU J 194 -45.08 -26.70 -67.28
CA GLU J 194 -43.78 -26.06 -67.50
C GLU J 194 -43.62 -24.76 -66.72
N HIS J 195 -44.65 -23.91 -66.70
CA HIS J 195 -44.54 -22.58 -66.13
C HIS J 195 -45.03 -22.49 -64.69
N SER J 196 -45.32 -23.62 -64.05
CA SER J 196 -45.81 -23.63 -62.68
C SER J 196 -44.88 -24.47 -61.81
N ASP J 197 -44.63 -23.99 -60.60
CA ASP J 197 -43.83 -24.72 -59.63
C ASP J 197 -44.66 -25.46 -58.59
N GLU J 198 -45.95 -25.12 -58.45
CA GLU J 198 -46.82 -25.78 -57.49
C GLU J 198 -48.25 -25.68 -57.99
N THR J 199 -48.98 -26.79 -57.87
CA THR J 199 -50.39 -26.80 -58.24
C THR J 199 -51.10 -27.83 -57.38
N PHE J 200 -52.41 -27.64 -57.21
CA PHE J 200 -53.24 -28.53 -56.43
C PHE J 200 -54.35 -29.09 -57.30
N CYS J 201 -54.57 -30.41 -57.21
CA CYS J 201 -55.60 -31.08 -57.98
C CYS J 201 -56.93 -31.01 -57.23
N ILE J 202 -57.97 -30.56 -57.92
CA ILE J 202 -59.31 -30.48 -57.36
C ILE J 202 -60.29 -31.00 -58.40
N ASP J 203 -61.13 -31.95 -58.01
CA ASP J 203 -62.15 -32.53 -58.88
C ASP J 203 -63.52 -32.20 -58.32
N ASN J 204 -64.40 -31.67 -59.18
CA ASN J 204 -65.74 -31.35 -58.73
C ASN J 204 -66.52 -32.60 -58.35
N GLU J 205 -66.24 -33.74 -59.00
CA GLU J 205 -66.93 -34.97 -58.66
C GLU J 205 -66.59 -35.43 -57.25
N ALA J 206 -65.33 -35.28 -56.85
CA ALA J 206 -64.95 -35.60 -55.48
C ALA J 206 -65.66 -34.68 -54.49
N LEU J 207 -65.83 -33.41 -54.85
CA LEU J 207 -66.57 -32.49 -54.00
C LEU J 207 -68.02 -32.93 -53.86
N TYR J 208 -68.64 -33.34 -54.98
CA TYR J 208 -70.01 -33.83 -54.93
C TYR J 208 -70.11 -35.06 -54.03
N ASP J 209 -69.14 -35.97 -54.13
CA ASP J 209 -69.15 -37.18 -53.31
C ASP J 209 -69.02 -36.83 -51.83
N ILE J 210 -68.11 -35.91 -51.49
CA ILE J 210 -67.87 -35.61 -50.09
C ILE J 210 -69.03 -34.82 -49.49
N CYS J 211 -69.73 -34.01 -50.30
CA CYS J 211 -70.90 -33.34 -49.74
C CYS J 211 -72.12 -34.26 -49.71
N GLN J 212 -72.13 -35.31 -50.54
CA GLN J 212 -73.18 -36.31 -50.41
C GLN J 212 -72.94 -37.19 -49.20
N ARG J 213 -71.69 -37.40 -48.82
CA ARG J 213 -71.38 -38.24 -47.66
C ARG J 213 -71.43 -37.44 -46.37
N THR J 214 -70.80 -36.26 -46.34
CA THR J 214 -70.73 -35.46 -45.13
C THR J 214 -71.87 -34.45 -45.05
N LEU J 215 -71.95 -33.54 -46.03
CA LEU J 215 -73.05 -32.59 -46.06
C LEU J 215 -74.38 -33.29 -46.29
N LYS J 216 -74.36 -34.39 -47.04
CA LYS J 216 -75.55 -35.21 -47.29
C LYS J 216 -76.64 -34.40 -48.01
N LEU J 217 -76.24 -33.77 -49.12
CA LEU J 217 -77.15 -32.98 -49.93
C LEU J 217 -77.18 -33.55 -51.33
N ASN J 218 -78.39 -33.66 -51.91
CA ASN J 218 -78.54 -34.26 -53.22
C ASN J 218 -77.90 -33.40 -54.30
N GLN J 219 -78.29 -32.12 -54.38
CA GLN J 219 -77.71 -31.20 -55.34
C GLN J 219 -76.60 -30.42 -54.67
N PRO J 220 -75.33 -30.64 -55.04
CA PRO J 220 -74.24 -29.92 -54.38
C PRO J 220 -74.27 -28.44 -54.68
N SER J 221 -73.93 -27.64 -53.67
CA SER J 221 -73.86 -26.19 -53.80
C SER J 221 -72.42 -25.76 -54.02
N TYR J 222 -72.18 -25.01 -55.10
CA TYR J 222 -70.83 -24.55 -55.41
C TYR J 222 -70.31 -23.60 -54.33
N GLY J 223 -71.20 -22.90 -53.63
CA GLY J 223 -70.75 -22.04 -52.55
C GLY J 223 -70.12 -22.81 -51.41
N ASP J 224 -70.72 -23.95 -51.06
CA ASP J 224 -70.15 -24.78 -49.99
C ASP J 224 -68.80 -25.35 -50.38
N LEU J 225 -68.64 -25.72 -51.66
CA LEU J 225 -67.34 -26.19 -52.13
C LEU J 225 -66.32 -25.07 -52.10
N ASN J 226 -66.74 -23.85 -52.45
CA ASN J 226 -65.86 -22.69 -52.29
C ASN J 226 -65.44 -22.52 -50.84
N ASN J 227 -66.38 -22.67 -49.91
CA ASN J 227 -66.05 -22.57 -48.49
C ASN J 227 -65.05 -23.63 -48.07
N LEU J 228 -65.23 -24.86 -48.57
CA LEU J 228 -64.32 -25.95 -48.20
C LEU J 228 -62.92 -25.69 -48.72
N VAL J 229 -62.81 -25.31 -50.00
CA VAL J 229 -61.47 -25.07 -50.56
C VAL J 229 -60.83 -23.83 -49.94
N SER J 230 -61.65 -22.86 -49.52
CA SER J 230 -61.10 -21.68 -48.84
C SER J 230 -60.59 -22.05 -47.45
N SER J 231 -61.31 -22.92 -46.75
CA SER J 231 -60.82 -23.43 -45.47
C SER J 231 -59.52 -24.20 -45.67
N VAL J 232 -59.43 -24.96 -46.77
CA VAL J 232 -58.19 -25.68 -47.07
C VAL J 232 -57.04 -24.71 -47.31
N MET J 233 -57.28 -23.65 -48.09
CA MET J 233 -56.24 -22.67 -48.34
C MET J 233 -55.82 -21.96 -47.06
N SER J 234 -56.80 -21.67 -46.18
CA SER J 234 -56.48 -21.04 -44.91
C SER J 234 -55.64 -21.95 -44.02
N GLY J 235 -55.99 -23.24 -43.96
CA GLY J 235 -55.19 -24.18 -43.20
C GLY J 235 -53.82 -24.40 -43.81
N VAL J 236 -53.67 -24.17 -45.11
CA VAL J 236 -52.37 -24.26 -45.74
C VAL J 236 -51.51 -23.05 -45.36
N THR J 237 -52.08 -21.86 -45.46
CA THR J 237 -51.34 -20.63 -45.17
C THR J 237 -51.22 -20.34 -43.69
N THR J 238 -51.86 -21.13 -42.83
CA THR J 238 -51.74 -20.90 -41.39
C THR J 238 -50.31 -21.08 -40.90
N SER J 239 -49.45 -21.76 -41.67
CA SER J 239 -48.05 -21.88 -41.28
C SER J 239 -47.41 -20.50 -41.15
N LEU J 240 -47.79 -19.57 -42.01
CA LEU J 240 -47.34 -18.19 -41.90
C LEU J 240 -48.35 -17.30 -41.18
N ARG J 241 -49.62 -17.70 -41.14
CA ARG J 241 -50.64 -16.87 -40.50
C ARG J 241 -50.45 -16.82 -38.99
N TYR J 242 -50.14 -17.95 -38.37
CA TYR J 242 -50.03 -18.01 -36.93
C TYR J 242 -48.73 -18.70 -36.54
N PRO J 243 -47.93 -18.11 -35.65
CA PRO J 243 -46.70 -18.78 -35.22
C PRO J 243 -46.99 -20.04 -34.42
N GLY J 244 -46.23 -21.08 -34.70
CA GLY J 244 -46.38 -22.33 -34.00
C GLY J 244 -45.07 -22.92 -33.56
N GLN J 245 -45.06 -24.21 -33.20
CA GLN J 245 -43.82 -24.85 -32.80
C GLN J 245 -42.81 -24.89 -33.94
N LEU J 246 -43.28 -25.06 -35.17
CA LEU J 246 -42.41 -25.08 -36.34
C LEU J 246 -43.19 -24.50 -37.51
N ASN J 247 -42.76 -23.33 -37.99
CA ASN J 247 -43.37 -22.68 -39.14
C ASN J 247 -42.42 -22.76 -40.32
N SER J 248 -42.93 -23.20 -41.47
CA SER J 248 -42.12 -23.39 -42.66
C SER J 248 -42.60 -22.48 -43.78
N ASP J 249 -41.70 -22.20 -44.71
CA ASP J 249 -42.00 -21.41 -45.89
C ASP J 249 -42.41 -22.32 -47.04
N LEU J 250 -43.12 -21.73 -48.00
CA LEU J 250 -43.58 -22.52 -49.15
C LEU J 250 -42.42 -23.10 -49.92
N ARG J 251 -41.28 -22.41 -49.96
CA ARG J 251 -40.08 -22.98 -50.57
C ARG J 251 -39.57 -24.16 -49.76
N LYS J 252 -39.60 -24.05 -48.43
CA LYS J 252 -39.18 -25.15 -47.57
C LYS J 252 -40.11 -26.35 -47.74
N LEU J 253 -41.40 -26.09 -47.94
CA LEU J 253 -42.34 -27.18 -48.18
C LEU J 253 -42.12 -27.80 -49.55
N ALA J 254 -41.78 -26.97 -50.55
CA ALA J 254 -41.64 -27.47 -51.91
C ALA J 254 -40.37 -28.31 -52.07
N VAL J 255 -39.25 -27.82 -51.56
CA VAL J 255 -37.99 -28.55 -51.71
C VAL J 255 -38.03 -29.91 -51.02
N ASN J 256 -38.90 -30.06 -50.03
CA ASN J 256 -39.09 -31.34 -49.35
C ASN J 256 -40.23 -32.16 -49.92
N LEU J 257 -41.16 -31.54 -50.63
CA LEU J 257 -42.29 -32.26 -51.20
C LEU J 257 -42.04 -32.77 -52.61
N VAL J 258 -41.03 -32.23 -53.30
CA VAL J 258 -40.64 -32.75 -54.61
C VAL J 258 -39.15 -32.99 -54.63
N PRO J 259 -38.68 -34.13 -55.13
CA PRO J 259 -37.23 -34.35 -55.27
C PRO J 259 -36.70 -33.73 -56.55
N PHE J 260 -37.57 -33.61 -57.54
CA PHE J 260 -37.24 -33.09 -58.85
C PHE J 260 -38.12 -31.88 -59.16
N PRO J 261 -37.76 -31.06 -60.15
CA PRO J 261 -38.61 -29.93 -60.54
C PRO J 261 -40.01 -30.34 -60.96
N ARG J 262 -40.24 -31.62 -61.28
CA ARG J 262 -41.56 -32.11 -61.63
C ARG J 262 -42.37 -32.33 -60.36
N LEU J 263 -43.49 -33.05 -60.48
CA LEU J 263 -44.35 -33.42 -59.36
C LEU J 263 -45.07 -32.20 -58.77
N HIS J 264 -45.37 -31.21 -59.61
CA HIS J 264 -46.12 -30.05 -59.14
C HIS J 264 -47.53 -30.44 -58.71
N PHE J 265 -48.10 -31.46 -59.34
CA PHE J 265 -49.41 -31.96 -58.95
C PHE J 265 -49.38 -32.47 -57.51
N PHE J 266 -50.45 -32.17 -56.76
CA PHE J 266 -50.53 -32.56 -55.36
C PHE J 266 -51.95 -33.00 -55.04
N MET J 267 -52.06 -34.07 -54.25
CA MET J 267 -53.35 -34.58 -53.81
C MET J 267 -53.73 -33.92 -52.49
N VAL J 268 -54.94 -33.38 -52.42
CA VAL J 268 -55.39 -32.57 -51.29
C VAL J 268 -56.34 -33.37 -50.40
N GLY J 269 -56.29 -33.10 -49.10
CA GLY J 269 -57.22 -33.67 -48.16
C GLY J 269 -57.40 -32.78 -46.94
N TYR J 270 -58.62 -32.66 -46.44
CA TYR J 270 -58.93 -31.79 -45.32
C TYR J 270 -59.57 -32.59 -44.20
N ALA J 271 -59.30 -32.19 -42.96
CA ALA J 271 -59.90 -32.82 -41.80
C ALA J 271 -60.04 -31.77 -40.71
N PRO J 272 -61.06 -31.89 -39.84
CA PRO J 272 -62.08 -32.94 -39.84
C PRO J 272 -63.21 -32.68 -40.81
N LEU J 273 -63.61 -33.72 -41.55
CA LEU J 273 -64.78 -33.63 -42.43
C LEU J 273 -66.01 -33.72 -41.55
N THR J 274 -66.41 -32.57 -41.00
CA THR J 274 -67.50 -32.50 -40.03
C THR J 274 -68.83 -32.54 -40.76
N ALA J 275 -69.61 -33.58 -40.50
CA ALA J 275 -70.96 -33.70 -41.03
C ALA J 275 -71.94 -33.01 -40.08
N ILE J 276 -73.03 -32.49 -40.65
CA ILE J 276 -74.01 -31.78 -39.85
C ILE J 276 -74.64 -32.74 -38.85
N GLY J 277 -74.54 -32.42 -37.56
CA GLY J 277 -75.06 -33.26 -36.51
C GLY J 277 -74.06 -34.26 -35.95
N SER J 278 -72.95 -34.50 -36.63
CA SER J 278 -71.93 -35.43 -36.17
C SER J 278 -70.96 -34.80 -35.19
N GLN J 279 -71.16 -33.52 -34.84
CA GLN J 279 -70.26 -32.86 -33.89
C GLN J 279 -70.34 -33.50 -32.51
N SER J 280 -71.52 -34.01 -32.14
CA SER J 280 -71.69 -34.67 -30.86
C SER J 280 -71.41 -36.17 -30.92
N PHE J 281 -71.61 -36.79 -32.07
CA PHE J 281 -71.39 -38.23 -32.19
C PHE J 281 -69.91 -38.58 -32.02
N ARG J 282 -69.02 -37.78 -32.61
CA ARG J 282 -67.60 -38.07 -32.62
C ARG J 282 -66.83 -36.98 -31.90
N SER J 283 -65.71 -37.37 -31.31
CA SER J 283 -64.82 -36.45 -30.61
C SER J 283 -63.53 -36.29 -31.41
N LEU J 284 -62.95 -35.10 -31.35
CA LEU J 284 -61.76 -34.78 -32.14
C LEU J 284 -60.55 -35.53 -31.58
N THR J 285 -60.08 -36.53 -32.34
CA THR J 285 -58.88 -37.28 -32.00
C THR J 285 -58.03 -37.44 -33.26
N VAL J 286 -56.72 -37.47 -33.07
CA VAL J 286 -55.78 -37.54 -34.19
C VAL J 286 -55.84 -38.86 -34.96
N PRO J 287 -56.17 -40.02 -34.35
CA PRO J 287 -56.28 -41.22 -35.20
C PRO J 287 -57.41 -41.13 -36.20
N GLU J 288 -58.54 -40.52 -35.82
CA GLU J 288 -59.64 -40.36 -36.76
C GLU J 288 -59.25 -39.43 -37.90
N LEU J 289 -58.54 -38.35 -37.61
CA LEU J 289 -58.07 -37.46 -38.67
C LEU J 289 -57.10 -38.17 -39.59
N THR J 290 -56.22 -39.00 -39.02
CA THR J 290 -55.30 -39.77 -39.84
C THR J 290 -56.05 -40.73 -40.75
N GLN J 291 -57.07 -41.40 -40.21
CA GLN J 291 -57.88 -42.32 -41.02
C GLN J 291 -58.59 -41.57 -42.14
N GLN J 292 -59.11 -40.38 -41.85
CA GLN J 292 -59.76 -39.59 -42.88
C GLN J 292 -58.76 -39.16 -43.95
N MET J 293 -57.54 -38.83 -43.54
CA MET J 293 -56.49 -38.51 -44.51
C MET J 293 -56.06 -39.74 -45.30
N PHE J 294 -56.29 -40.94 -44.78
CA PHE J 294 -55.96 -42.16 -45.49
C PHE J 294 -57.07 -42.64 -46.42
N ASP J 295 -58.30 -42.14 -46.24
CA ASP J 295 -59.39 -42.55 -47.10
C ASP J 295 -59.18 -42.03 -48.52
N ALA J 296 -59.36 -42.92 -49.50
CA ALA J 296 -59.17 -42.55 -50.89
C ALA J 296 -60.22 -41.55 -51.36
N LYS J 297 -61.46 -41.73 -50.93
CA LYS J 297 -62.53 -40.86 -51.40
C LYS J 297 -62.58 -39.55 -50.63
N ASN J 298 -62.00 -39.51 -49.42
CA ASN J 298 -61.95 -38.26 -48.67
C ASN J 298 -61.04 -37.24 -49.33
N MET J 299 -60.12 -37.68 -50.19
CA MET J 299 -59.29 -36.74 -50.94
C MET J 299 -60.11 -36.05 -52.02
N MET J 300 -59.76 -34.80 -52.28
CA MET J 300 -60.46 -33.99 -53.27
C MET J 300 -59.67 -33.80 -54.56
N ALA J 301 -58.64 -34.62 -54.79
CA ALA J 301 -57.82 -34.43 -55.99
C ALA J 301 -58.56 -34.89 -57.26
N ALA J 302 -59.08 -36.13 -57.31
CA ALA J 302 -58.98 -37.18 -56.30
C ALA J 302 -58.42 -38.46 -56.92
N ALA J 303 -57.56 -39.15 -56.18
CA ALA J 303 -56.90 -40.36 -56.67
C ALA J 303 -56.91 -41.42 -55.58
N ASP J 304 -56.69 -42.66 -55.99
CA ASP J 304 -56.68 -43.79 -55.07
C ASP J 304 -55.24 -44.06 -54.64
N PRO J 305 -54.88 -43.77 -53.39
CA PRO J 305 -53.49 -43.98 -52.97
C PRO J 305 -53.09 -45.44 -52.91
N ARG J 306 -54.05 -46.34 -52.68
CA ARG J 306 -53.74 -47.77 -52.66
C ARG J 306 -53.31 -48.26 -54.04
N ASN J 307 -54.05 -47.86 -55.08
CA ASN J 307 -53.65 -48.23 -56.44
C ASN J 307 -52.35 -47.56 -56.85
N GLY J 308 -52.09 -46.36 -56.34
CA GLY J 308 -50.87 -45.65 -56.62
C GLY J 308 -49.75 -46.00 -55.67
N ARG J 309 -48.78 -45.09 -55.58
CA ARG J 309 -47.61 -45.28 -54.73
C ARG J 309 -47.26 -43.97 -54.06
N TYR J 310 -47.23 -43.96 -52.72
CA TYR J 310 -46.84 -42.77 -51.97
C TYR J 310 -45.45 -42.30 -52.37
N LEU J 311 -45.36 -41.13 -52.98
CA LEU J 311 -44.07 -40.53 -53.32
C LEU J 311 -43.63 -39.55 -52.23
N THR J 312 -44.45 -38.53 -51.96
CA THR J 312 -44.19 -37.60 -50.87
C THR J 312 -45.51 -37.26 -50.19
N VAL J 313 -45.52 -37.32 -48.86
CA VAL J 313 -46.70 -37.00 -48.07
C VAL J 313 -46.33 -35.95 -47.03
N ALA J 314 -47.33 -35.14 -46.66
CA ALA J 314 -47.11 -34.08 -45.69
C ALA J 314 -48.45 -33.66 -45.11
N ALA J 315 -48.64 -33.85 -43.81
CA ALA J 315 -49.87 -33.48 -43.12
C ALA J 315 -49.55 -32.38 -42.11
N PHE J 316 -50.07 -31.18 -42.34
CA PHE J 316 -49.87 -30.05 -41.46
C PHE J 316 -51.10 -29.85 -40.60
N PHE J 317 -50.92 -29.77 -39.29
CA PHE J 317 -52.01 -29.75 -38.35
C PHE J 317 -52.13 -28.38 -37.68
N ARG J 318 -53.29 -28.15 -37.07
CA ARG J 318 -53.58 -26.95 -36.32
C ARG J 318 -54.29 -27.33 -35.03
N GLY J 319 -54.03 -26.57 -33.98
CA GLY J 319 -54.65 -26.81 -32.70
C GLY J 319 -53.67 -27.29 -31.65
N LYS J 320 -54.22 -27.97 -30.65
CA LYS J 320 -53.44 -28.44 -29.49
C LYS J 320 -53.24 -29.94 -29.63
N VAL J 321 -52.06 -30.33 -30.11
CA VAL J 321 -51.69 -31.73 -30.26
C VAL J 321 -50.32 -31.93 -29.65
N SER J 322 -49.99 -33.20 -29.37
CA SER J 322 -48.70 -33.56 -28.82
C SER J 322 -47.74 -33.97 -29.93
N VAL J 323 -46.48 -33.54 -29.80
CA VAL J 323 -45.48 -33.88 -30.81
C VAL J 323 -45.17 -35.37 -30.76
N LYS J 324 -44.99 -35.91 -29.56
CA LYS J 324 -44.70 -37.33 -29.43
C LYS J 324 -45.87 -38.18 -29.91
N GLU J 325 -47.10 -37.74 -29.63
CA GLU J 325 -48.27 -38.48 -30.07
C GLU J 325 -48.35 -38.54 -31.59
N VAL J 326 -48.15 -37.39 -32.24
CA VAL J 326 -48.24 -37.38 -33.70
C VAL J 326 -47.07 -38.12 -34.32
N GLU J 327 -45.90 -38.11 -33.68
CA GLU J 327 -44.78 -38.90 -34.18
C GLU J 327 -45.07 -40.39 -34.08
N ASP J 328 -45.66 -40.82 -32.95
CA ASP J 328 -46.05 -42.22 -32.82
C ASP J 328 -47.09 -42.60 -33.86
N GLU J 329 -48.06 -41.72 -34.09
CA GLU J 329 -49.09 -42.01 -35.09
C GLU J 329 -48.50 -42.12 -36.49
N MET J 330 -47.60 -41.20 -36.85
CA MET J 330 -47.00 -41.24 -38.18
C MET J 330 -46.11 -42.46 -38.35
N HIS J 331 -45.40 -42.86 -37.30
CA HIS J 331 -44.59 -44.07 -37.38
C HIS J 331 -45.48 -45.30 -37.54
N LYS J 332 -46.58 -45.37 -36.79
CA LYS J 332 -47.51 -46.49 -36.92
C LYS J 332 -48.07 -46.57 -38.33
N VAL J 333 -48.50 -45.44 -38.89
CA VAL J 333 -49.11 -45.47 -40.22
C VAL J 333 -48.08 -45.67 -41.32
N GLN J 334 -46.82 -45.33 -41.09
CA GLN J 334 -45.78 -45.66 -42.07
C GLN J 334 -45.41 -47.14 -41.99
N SER J 335 -45.44 -47.72 -40.79
CA SER J 335 -45.14 -49.15 -40.66
C SER J 335 -46.26 -50.00 -41.23
N LYS J 336 -47.52 -49.66 -40.93
CA LYS J 336 -48.64 -50.46 -41.39
C LYS J 336 -48.94 -50.25 -42.87
N ASN J 337 -48.57 -49.11 -43.45
CA ASN J 337 -48.75 -48.85 -44.86
C ASN J 337 -47.41 -48.84 -45.60
N SER J 338 -46.49 -49.71 -45.17
CA SER J 338 -45.18 -49.78 -45.80
C SER J 338 -45.26 -50.14 -47.28
N ASP J 339 -46.32 -50.83 -47.70
CA ASP J 339 -46.49 -51.14 -49.11
C ASP J 339 -46.86 -49.90 -49.90
N TYR J 340 -47.70 -49.03 -49.33
CA TYR J 340 -48.06 -47.79 -49.99
C TYR J 340 -46.90 -46.78 -49.93
N PHE J 341 -46.34 -46.58 -48.75
CA PHE J 341 -45.25 -45.64 -48.58
C PHE J 341 -44.00 -46.13 -49.28
N VAL J 342 -43.35 -45.24 -50.04
CA VAL J 342 -42.06 -45.57 -50.61
C VAL J 342 -41.04 -45.65 -49.48
N GLU J 343 -40.06 -46.55 -49.63
CA GLU J 343 -39.24 -46.97 -48.50
C GLU J 343 -37.76 -46.60 -48.62
N TRP J 344 -37.31 -46.09 -49.75
CA TRP J 344 -35.91 -45.72 -49.89
C TRP J 344 -35.61 -44.32 -49.38
N ILE J 345 -36.61 -43.57 -48.93
CA ILE J 345 -36.40 -42.22 -48.41
C ILE J 345 -35.66 -42.29 -47.09
N PRO J 346 -36.12 -43.06 -46.07
CA PRO J 346 -37.31 -43.90 -45.93
C PRO J 346 -38.52 -43.14 -45.36
N ASN J 347 -38.24 -42.03 -44.68
CA ASN J 347 -39.28 -41.22 -44.04
C ASN J 347 -39.64 -40.07 -44.96
N ASN J 348 -40.77 -40.22 -45.67
CA ASN J 348 -41.28 -39.18 -46.56
C ASN J 348 -42.30 -38.29 -45.89
N VAL J 349 -42.17 -38.05 -44.59
CA VAL J 349 -43.13 -37.31 -43.80
C VAL J 349 -42.62 -35.90 -43.56
N GLN J 350 -43.53 -34.93 -43.61
CA GLN J 350 -43.20 -33.52 -43.35
C GLN J 350 -44.41 -32.89 -42.67
N THR J 351 -44.40 -32.83 -41.35
CA THR J 351 -45.51 -32.33 -40.56
C THR J 351 -45.17 -30.98 -39.96
N ALA J 352 -46.11 -30.05 -40.02
CA ALA J 352 -45.97 -28.72 -39.44
C ALA J 352 -47.24 -28.40 -38.66
N VAL J 353 -47.11 -28.22 -37.35
CA VAL J 353 -48.25 -27.99 -36.48
C VAL J 353 -48.43 -26.49 -36.26
N CYS J 354 -49.68 -26.04 -36.25
CA CYS J 354 -50.02 -24.67 -35.94
C CYS J 354 -50.46 -24.57 -34.49
N SER J 355 -50.06 -23.48 -33.83
CA SER J 355 -50.38 -23.31 -32.41
C SER J 355 -51.88 -23.17 -32.20
N VAL J 356 -52.48 -22.15 -32.80
CA VAL J 356 -53.90 -21.89 -32.64
C VAL J 356 -54.71 -22.90 -33.44
N ALA J 357 -56.00 -22.99 -33.15
CA ALA J 357 -56.91 -23.87 -33.87
C ALA J 357 -57.93 -23.05 -34.64
N PRO J 358 -58.43 -23.56 -35.77
CA PRO J 358 -59.47 -22.84 -36.50
C PRO J 358 -60.72 -22.66 -35.66
N GLN J 359 -61.47 -21.60 -35.98
CA GLN J 359 -62.68 -21.30 -35.22
C GLN J 359 -63.72 -22.39 -35.42
N GLY J 360 -64.23 -22.92 -34.31
CA GLY J 360 -65.18 -24.01 -34.35
C GLY J 360 -64.57 -25.39 -34.39
N LEU J 361 -63.24 -25.50 -34.45
CA LEU J 361 -62.54 -26.78 -34.47
C LEU J 361 -61.45 -26.77 -33.42
N ASP J 362 -61.45 -27.77 -32.54
CA ASP J 362 -60.38 -27.88 -31.56
C ASP J 362 -59.06 -28.24 -32.23
N MET J 363 -59.12 -28.94 -33.35
CA MET J 363 -57.92 -29.31 -34.10
C MET J 363 -58.32 -29.59 -35.55
N ALA J 364 -57.42 -29.25 -36.47
CA ALA J 364 -57.63 -29.43 -37.89
C ALA J 364 -56.37 -29.98 -38.53
N ALA J 365 -56.51 -30.39 -39.79
CA ALA J 365 -55.40 -31.00 -40.51
C ALA J 365 -55.60 -30.82 -42.01
N THR J 366 -54.50 -30.59 -42.70
CA THR J 366 -54.47 -30.49 -44.16
C THR J 366 -53.37 -31.42 -44.66
N PHE J 367 -53.75 -32.43 -45.42
CA PHE J 367 -52.84 -33.45 -45.91
C PHE J 367 -52.61 -33.25 -47.40
N ILE J 368 -51.35 -33.34 -47.82
CA ILE J 368 -50.97 -33.23 -49.22
C ILE J 368 -50.10 -34.43 -49.55
N ALA J 369 -50.55 -35.22 -50.52
CA ALA J 369 -49.89 -36.46 -50.88
C ALA J 369 -49.45 -36.42 -52.33
N ASN J 370 -48.60 -37.39 -52.70
CA ASN J 370 -48.12 -37.55 -54.06
C ASN J 370 -48.16 -39.04 -54.38
N SER J 371 -49.12 -39.46 -55.19
CA SER J 371 -49.29 -40.86 -55.56
C SER J 371 -49.07 -41.03 -57.05
N THR J 372 -48.80 -42.27 -57.45
CA THR J 372 -48.58 -42.57 -58.85
C THR J 372 -49.88 -42.81 -59.60
N SER J 373 -50.98 -43.05 -58.88
CA SER J 373 -52.27 -43.30 -59.52
C SER J 373 -52.79 -42.09 -60.28
N ILE J 374 -52.26 -40.89 -59.99
CA ILE J 374 -52.72 -39.67 -60.64
C ILE J 374 -52.58 -39.75 -62.15
N GLN J 375 -51.66 -40.58 -62.66
CA GLN J 375 -51.52 -40.76 -64.10
C GLN J 375 -52.84 -41.16 -64.74
N GLU J 376 -53.61 -42.02 -64.06
CA GLU J 376 -54.93 -42.38 -64.56
C GLU J 376 -55.80 -41.15 -64.74
N LEU J 377 -55.82 -40.26 -63.74
CA LEU J 377 -56.57 -39.02 -63.84
C LEU J 377 -56.14 -38.22 -65.06
N PHE J 378 -54.88 -38.35 -65.48
CA PHE J 378 -54.45 -37.76 -66.73
C PHE J 378 -54.87 -38.62 -67.91
N LYS J 379 -54.61 -39.93 -67.84
CA LYS J 379 -54.79 -40.81 -68.99
C LYS J 379 -56.18 -40.69 -69.58
N ARG J 380 -57.22 -40.85 -68.74
CA ARG J 380 -58.59 -40.70 -69.20
C ARG J 380 -58.77 -39.45 -70.03
N VAL J 381 -58.34 -38.30 -69.49
CA VAL J 381 -58.43 -37.05 -70.23
C VAL J 381 -57.69 -37.16 -71.55
N GLY J 382 -56.42 -37.59 -71.49
CA GLY J 382 -55.69 -37.87 -72.71
C GLY J 382 -56.43 -38.85 -73.61
N ASP J 383 -56.97 -39.92 -73.01
CA ASP J 383 -57.82 -40.83 -73.76
C ASP J 383 -58.98 -40.06 -74.39
N GLN J 384 -59.70 -39.28 -73.58
CA GLN J 384 -60.76 -38.44 -74.11
C GLN J 384 -60.23 -37.56 -75.23
N PHE J 385 -59.01 -37.06 -75.09
CA PHE J 385 -58.34 -36.34 -76.16
C PHE J 385 -58.40 -37.16 -77.44
N SER J 386 -57.77 -38.33 -77.42
CA SER J 386 -57.77 -39.21 -78.59
C SER J 386 -59.15 -39.77 -78.88
N ALA J 387 -60.12 -39.58 -77.98
CA ALA J 387 -61.49 -40.00 -78.22
C ALA J 387 -62.38 -38.88 -78.74
N MET J 388 -61.90 -37.64 -78.72
CA MET J 388 -62.76 -36.52 -79.10
C MET J 388 -62.44 -35.94 -80.46
N PHE J 389 -61.16 -35.67 -80.76
CA PHE J 389 -60.77 -35.14 -82.06
C PHE J 389 -60.21 -36.21 -82.98
N LYS J 390 -60.46 -37.48 -82.68
CA LYS J 390 -60.20 -38.52 -83.66
C LYS J 390 -61.32 -38.61 -84.69
N ARG J 391 -62.54 -38.23 -84.30
CA ARG J 391 -63.62 -38.04 -85.25
C ARG J 391 -63.49 -36.76 -86.05
N LYS J 392 -62.59 -35.86 -85.63
CA LYS J 392 -62.35 -34.58 -86.31
C LYS J 392 -63.61 -33.71 -86.34
N ALA J 393 -64.49 -33.90 -85.36
CA ALA J 393 -65.69 -33.08 -85.28
C ALA J 393 -65.36 -31.69 -84.75
N PHE J 394 -65.98 -30.68 -85.36
CA PHE J 394 -65.73 -29.28 -85.03
C PHE J 394 -64.26 -28.89 -85.15
N LEU J 395 -63.49 -29.67 -85.92
CA LEU J 395 -62.09 -29.32 -86.13
C LEU J 395 -61.95 -28.05 -86.95
N HIS J 396 -62.94 -27.76 -87.80
CA HIS J 396 -62.94 -26.51 -88.55
C HIS J 396 -62.95 -25.30 -87.62
N TRP J 397 -63.62 -25.41 -86.47
CA TRP J 397 -63.57 -24.34 -85.48
C TRP J 397 -62.14 -24.03 -85.06
N TYR J 398 -61.37 -25.07 -84.73
CA TYR J 398 -60.01 -24.85 -84.26
C TYR J 398 -59.08 -24.44 -85.40
N THR J 399 -59.33 -24.92 -86.62
CA THR J 399 -58.54 -24.45 -87.76
C THR J 399 -58.78 -22.97 -88.00
N SER J 400 -60.02 -22.52 -87.86
CA SER J 400 -60.29 -21.08 -87.91
C SER J 400 -59.64 -20.36 -86.73
N GLU J 401 -59.55 -21.01 -85.58
CA GLU J 401 -58.85 -20.43 -84.44
C GLU J 401 -57.36 -20.31 -84.69
N GLY J 402 -56.81 -21.08 -85.63
CA GLY J 402 -55.39 -21.07 -85.93
C GLY J 402 -54.57 -22.12 -85.23
N MET J 403 -55.20 -22.98 -84.43
CA MET J 403 -54.47 -24.03 -83.74
C MET J 403 -54.04 -25.12 -84.71
N ASP J 404 -52.93 -25.77 -84.40
CA ASP J 404 -52.35 -26.81 -85.24
C ASP J 404 -52.20 -28.11 -84.47
N GLU J 405 -51.99 -29.19 -85.21
CA GLU J 405 -51.81 -30.50 -84.58
C GLU J 405 -50.49 -30.62 -83.84
N LEU J 406 -49.54 -29.72 -84.12
CA LEU J 406 -48.24 -29.78 -83.45
C LEU J 406 -48.39 -29.55 -81.94
N GLU J 407 -49.20 -28.57 -81.54
CA GLU J 407 -49.37 -28.31 -80.12
C GLU J 407 -50.20 -29.40 -79.45
N PHE J 408 -51.13 -30.02 -80.17
CA PHE J 408 -51.88 -31.14 -79.62
C PHE J 408 -50.95 -32.32 -79.36
N SER J 409 -50.09 -32.64 -80.33
CA SER J 409 -49.09 -33.68 -80.12
C SER J 409 -48.12 -33.31 -79.02
N GLU J 410 -47.83 -32.01 -78.84
CA GLU J 410 -46.95 -31.58 -77.76
C GLU J 410 -47.61 -31.81 -76.40
N ALA J 411 -48.90 -31.50 -76.29
CA ALA J 411 -49.62 -31.78 -75.04
C ALA J 411 -49.67 -33.27 -74.76
N GLU J 412 -49.89 -34.08 -75.79
CA GLU J 412 -49.87 -35.53 -75.61
C GLU J 412 -48.50 -36.02 -75.17
N SER J 413 -47.43 -35.45 -75.73
CA SER J 413 -46.09 -35.82 -75.31
C SER J 413 -45.79 -35.36 -73.90
N ASN J 414 -46.36 -34.22 -73.48
CA ASN J 414 -46.22 -33.80 -72.08
C ASN J 414 -46.91 -34.80 -71.15
N MET J 415 -48.10 -35.27 -71.52
CA MET J 415 -48.75 -36.30 -70.72
C MET J 415 -47.92 -37.58 -70.69
N ASN J 416 -47.28 -37.92 -71.82
CA ASN J 416 -46.43 -39.10 -71.86
C ASN J 416 -45.22 -38.93 -70.94
N ASP J 417 -44.62 -37.74 -70.93
CA ASP J 417 -43.52 -37.47 -70.02
C ASP J 417 -43.98 -37.57 -68.56
N LEU J 418 -45.18 -37.07 -68.28
CA LEU J 418 -45.73 -37.16 -66.94
C LEU J 418 -45.88 -38.61 -66.49
N VAL J 419 -46.47 -39.45 -67.35
CA VAL J 419 -46.68 -40.84 -66.95
C VAL J 419 -45.37 -41.60 -66.88
N SER J 420 -44.38 -41.25 -67.72
CA SER J 420 -43.08 -41.88 -67.62
C SER J 420 -42.41 -41.52 -66.30
N GLU J 421 -42.53 -40.26 -65.88
CA GLU J 421 -42.05 -39.88 -64.54
C GLU J 421 -42.82 -40.65 -63.46
N TYR J 422 -44.12 -40.86 -63.68
CA TYR J 422 -44.89 -41.73 -62.80
C TYR J 422 -44.37 -43.15 -62.80
N GLN J 423 -43.59 -43.54 -63.80
CA GLN J 423 -43.05 -44.89 -63.93
C GLN J 423 -41.53 -44.86 -64.08
N GLN J 424 -40.85 -44.10 -63.21
CA GLN J 424 -39.40 -43.95 -63.30
C GLN J 424 -38.59 -44.74 -62.27
N TYR J 425 -38.85 -44.69 -60.95
CA TYR J 425 -40.02 -44.25 -60.17
C TYR J 425 -41.29 -44.98 -60.56
N GLN J 426 -41.15 -46.28 -60.82
CA GLN J 426 -42.30 -47.10 -61.14
C GLN J 426 -43.25 -47.16 -59.96
N GLU J 427 -44.54 -47.27 -60.26
CA GLU J 427 -45.57 -47.31 -59.24
C GLU J 427 -45.49 -48.59 -58.42
N UNK K 1 -17.76 22.58 -79.16
CA UNK K 1 -16.55 23.02 -78.47
C UNK K 1 -16.09 21.98 -77.45
N UNK K 2 -16.44 20.72 -77.70
CA UNK K 2 -16.00 19.64 -76.83
C UNK K 2 -14.50 19.43 -76.93
N UNK K 3 -13.91 19.72 -78.11
CA UNK K 3 -12.46 19.62 -78.26
C UNK K 3 -11.76 20.63 -77.37
N UNK K 4 -12.31 21.84 -77.24
CA UNK K 4 -11.73 22.82 -76.32
C UNK K 4 -11.79 22.32 -74.88
N UNK K 5 -12.88 21.65 -74.51
CA UNK K 5 -12.99 21.09 -73.17
C UNK K 5 -11.96 20.00 -72.94
N UNK K 6 -11.78 19.12 -73.92
CA UNK K 6 -10.76 18.07 -73.79
C UNK K 6 -9.36 18.66 -73.70
N UNK K 7 -9.08 19.71 -74.48
CA UNK K 7 -7.78 20.36 -74.41
C UNK K 7 -7.57 21.03 -73.06
N UNK K 8 -8.61 21.62 -72.50
CA UNK K 8 -8.50 22.24 -71.18
C UNK K 8 -8.24 21.18 -70.10
N UNK K 9 -8.93 20.04 -70.18
CA UNK K 9 -8.68 18.96 -69.24
C UNK K 9 -7.26 18.43 -69.36
N UNK K 10 -6.77 18.28 -70.61
CA UNK K 10 -5.40 17.83 -70.82
C UNK K 10 -4.39 18.83 -70.27
N UNK K 11 -4.64 20.12 -70.47
CA UNK K 11 -3.76 21.14 -69.93
C UNK K 11 -3.77 21.14 -68.41
N UNK K 12 -4.93 20.91 -67.80
CA UNK K 12 -5.00 20.82 -66.35
C UNK K 12 -4.21 19.62 -65.84
N UNK K 13 -4.35 18.47 -66.49
CA UNK K 13 -3.59 17.30 -66.09
C UNK K 13 -2.10 17.51 -66.25
N UNK K 14 -1.68 18.14 -67.35
CA UNK K 14 -0.26 18.42 -67.56
C UNK K 14 0.28 19.40 -66.53
N UNK K 15 -0.52 20.41 -66.17
CA UNK K 15 -0.09 21.35 -65.15
C UNK K 15 0.04 20.68 -63.80
N UNK K 16 -0.91 19.78 -63.46
CA UNK K 16 -0.80 19.05 -62.21
C UNK K 16 0.43 18.16 -62.18
N UNK K 17 0.73 17.50 -63.30
CA UNK K 17 1.92 16.64 -63.36
C UNK K 17 3.19 17.48 -63.23
N UNK K 18 3.25 18.62 -63.92
CA UNK K 18 4.42 19.49 -63.83
C UNK K 18 4.59 20.04 -62.42
N UNK K 19 3.48 20.36 -61.75
CA UNK K 19 3.55 20.85 -60.39
C UNK K 19 4.05 19.75 -59.44
N UNK K 20 3.59 18.52 -59.65
CA UNK K 20 4.08 17.41 -58.83
C UNK K 20 5.58 17.19 -59.05
N UNK K 21 6.02 17.24 -60.30
CA UNK K 21 7.44 17.07 -60.60
C UNK K 21 8.27 18.19 -59.98
N UNK K 22 7.79 19.43 -60.06
CA UNK K 22 8.50 20.55 -59.46
C UNK K 22 8.53 20.44 -57.94
N UNK K 23 7.45 19.94 -57.33
CA UNK K 23 7.43 19.74 -55.89
C UNK K 23 8.43 18.67 -55.47
N UNK K 24 8.50 17.56 -56.23
CA UNK K 24 9.48 16.53 -55.93
C UNK K 24 10.91 17.07 -56.07
N UNK K 25 11.17 17.84 -57.12
CA UNK K 25 12.49 18.42 -57.30
C UNK K 25 12.84 19.38 -56.18
N UNK K 26 11.87 20.20 -55.75
CA UNK K 26 12.12 21.13 -54.65
C UNK K 26 12.36 20.39 -53.35
N UNK K 27 11.64 19.29 -53.12
CA UNK K 27 11.87 18.50 -51.92
C UNK K 27 13.26 17.87 -51.93
N UNK K 28 13.69 17.36 -53.09
CA UNK K 28 15.04 16.82 -53.20
C UNK K 28 16.09 17.89 -52.95
N UNK K 29 15.89 19.09 -53.52
CA UNK K 29 16.82 20.18 -53.32
C UNK K 29 16.88 20.61 -51.86
N UNK K 30 15.72 20.63 -51.19
CA UNK K 30 15.68 21.00 -49.79
C UNK K 30 16.38 19.96 -48.92
N UNK K 31 16.20 18.68 -49.24
CA UNK K 31 16.89 17.63 -48.50
C UNK K 31 18.41 17.74 -48.69
N UNK K 32 18.84 18.00 -49.93
CA UNK K 32 20.27 18.19 -50.18
C UNK K 32 20.81 19.40 -49.44
N UNK K 33 20.05 20.49 -49.40
CA UNK K 33 20.50 21.69 -48.70
C UNK K 33 20.57 21.46 -47.19
N UNK K 34 19.61 20.70 -46.64
CA UNK K 34 19.65 20.39 -45.21
C UNK K 34 20.84 19.51 -44.89
N UNK K 35 21.13 18.51 -45.74
CA UNK K 35 22.30 17.68 -45.53
C UNK K 35 23.58 18.51 -45.61
N UNK K 36 23.64 19.45 -46.56
CA UNK K 36 24.82 20.29 -46.70
C UNK K 36 24.99 21.21 -45.47
N UNK K 37 23.87 21.72 -44.95
CA UNK K 37 23.95 22.58 -43.77
C UNK K 37 24.40 21.78 -42.54
N UNK K 38 23.90 20.56 -42.39
CA UNK K 38 24.36 19.71 -41.29
C UNK K 38 25.83 19.39 -41.42
N UNK K 39 26.29 19.09 -42.64
CA UNK K 39 27.70 18.82 -42.87
C UNK K 39 28.55 20.06 -42.58
N UNK K 40 28.04 21.24 -42.93
CA UNK K 40 28.78 22.47 -42.64
C UNK K 40 28.88 22.73 -41.15
N UNK K 41 27.79 22.47 -40.40
CA UNK K 41 27.83 22.63 -38.96
C UNK K 41 28.82 21.65 -38.33
N UNK K 42 28.79 20.38 -38.76
CA UNK K 42 29.74 19.40 -38.23
C UNK K 42 31.17 19.78 -38.57
N UNK K 43 31.40 20.30 -39.78
CA UNK K 43 32.73 20.71 -40.18
C UNK K 43 33.19 21.93 -39.38
N UNK K 44 32.27 22.83 -39.05
CA UNK K 44 32.62 23.97 -38.21
C UNK K 44 32.99 23.53 -36.81
N UNK K 45 32.25 22.57 -36.26
CA UNK K 45 32.60 22.03 -34.94
C UNK K 45 33.97 21.36 -34.98
N UNK K 46 34.22 20.55 -36.02
CA UNK K 46 35.51 19.89 -36.15
C UNK K 46 36.64 20.91 -36.33
N UNK K 47 36.37 22.00 -37.04
CA UNK K 47 37.39 23.03 -37.25
C UNK K 47 37.67 23.79 -35.96
N UNK K 48 36.64 24.01 -35.15
CA UNK K 48 36.87 24.63 -33.84
C UNK K 48 37.69 23.72 -32.93
N UNK K 49 37.40 22.41 -32.94
CA UNK K 49 38.20 21.48 -32.17
C UNK K 49 39.64 21.44 -32.68
N UNK K 50 39.82 21.49 -33.99
CA UNK K 50 41.17 21.51 -34.56
C UNK K 50 41.90 22.80 -34.22
N UNK K 51 41.19 23.92 -34.15
CA UNK K 51 41.82 25.18 -33.76
C UNK K 51 42.24 25.14 -32.29
N UNK K 52 41.41 24.52 -31.43
CA UNK K 52 41.80 24.35 -30.04
C UNK K 52 43.05 23.48 -29.92
N UNK K 53 43.06 22.35 -30.64
CA UNK K 53 44.23 21.48 -30.62
C UNK K 53 45.46 22.18 -31.18
N UNK K 54 45.26 23.03 -32.20
CA UNK K 54 46.38 23.76 -32.79
C UNK K 54 46.92 24.81 -31.83
N UNK K 55 46.05 25.47 -31.09
CA UNK K 55 46.50 26.43 -30.08
C UNK K 55 47.28 25.72 -28.98
N UNK K 56 46.79 24.55 -28.54
CA UNK K 56 47.53 23.79 -27.53
C UNK K 56 48.89 23.35 -28.05
N UNK K 57 48.94 22.83 -29.28
CA UNK K 57 50.20 22.41 -29.87
C UNK K 57 51.14 23.58 -30.09
N UNK K 58 50.60 24.77 -30.40
CA UNK K 58 51.44 25.94 -30.58
C UNK K 58 52.03 26.40 -29.26
N UNK K 59 51.24 26.35 -28.18
CA UNK K 59 51.79 26.66 -26.87
C UNK K 59 52.88 25.67 -26.47
N UNK K 60 52.65 24.38 -26.71
CA UNK K 60 53.65 23.37 -26.40
C UNK K 60 54.91 23.59 -27.22
N UNK K 61 54.75 23.93 -28.51
CA UNK K 61 55.91 24.15 -29.36
C UNK K 61 56.66 25.42 -28.96
N UNK K 62 55.95 26.45 -28.50
CA UNK K 62 56.61 27.64 -28.00
C UNK K 62 57.42 27.34 -26.75
N UNK K 63 56.85 26.53 -25.84
CA UNK K 63 57.60 26.14 -24.66
C UNK K 63 58.84 25.32 -25.03
N UNK K 64 58.69 24.38 -25.97
CA UNK K 64 59.83 23.57 -26.38
C UNK K 64 60.88 24.42 -27.07
N UNK K 65 60.47 25.42 -27.85
CA UNK K 65 61.42 26.30 -28.51
C UNK K 65 62.13 27.19 -27.49
N UNK K 66 61.43 27.63 -26.45
CA UNK K 66 62.08 28.37 -25.38
C UNK K 66 63.12 27.52 -24.66
N UNK K 67 62.78 26.26 -24.39
CA UNK K 67 63.74 25.36 -23.75
C UNK K 67 64.95 25.12 -24.64
N UNK L 1 -4.25 31.03 -64.45
CA UNK L 1 -3.33 32.16 -64.40
C UNK L 1 -2.60 32.21 -63.07
N UNK L 2 -3.32 31.94 -61.98
CA UNK L 2 -2.69 31.91 -60.66
C UNK L 2 -1.73 30.75 -60.53
N UNK L 3 -2.00 29.64 -61.22
CA UNK L 3 -1.07 28.52 -61.18
C UNK L 3 0.24 28.87 -61.85
N UNK L 4 0.21 29.68 -62.91
CA UNK L 4 1.44 30.12 -63.55
C UNK L 4 2.26 30.99 -62.62
N UNK L 5 1.61 31.91 -61.90
CA UNK L 5 2.33 32.73 -60.94
C UNK L 5 2.90 31.90 -59.80
N UNK L 6 2.13 30.91 -59.33
CA UNK L 6 2.63 30.03 -58.27
C UNK L 6 3.83 29.22 -58.74
N UNK L 7 3.79 28.73 -59.98
CA UNK L 7 4.92 27.98 -60.52
C UNK L 7 6.14 28.88 -60.70
N UNK L 8 5.94 30.12 -61.13
CA UNK L 8 7.05 31.06 -61.26
C UNK L 8 7.67 31.37 -59.90
N UNK L 9 6.83 31.58 -58.88
CA UNK L 9 7.35 31.83 -57.54
C UNK L 9 8.08 30.61 -57.00
N UNK L 10 7.57 29.41 -57.27
CA UNK L 10 8.25 28.20 -56.84
C UNK L 10 9.59 28.04 -57.54
N UNK L 11 9.66 28.37 -58.84
CA UNK L 11 10.92 28.30 -59.56
C UNK L 11 11.92 29.33 -59.01
N UNK L 12 11.45 30.53 -58.69
CA UNK L 12 12.34 31.54 -58.10
C UNK L 12 12.85 31.08 -56.73
N UNK L 13 11.98 30.50 -55.91
CA UNK L 13 12.40 30.00 -54.61
C UNK L 13 13.38 28.86 -54.75
N UNK L 14 13.17 27.98 -55.72
CA UNK L 14 14.10 26.88 -55.95
C UNK L 14 15.45 27.39 -56.43
N UNK L 15 15.44 28.43 -57.27
CA UNK L 15 16.71 29.03 -57.71
C UNK L 15 17.45 29.67 -56.55
N UNK L 16 16.73 30.38 -55.68
CA UNK L 16 17.37 30.96 -54.50
C UNK L 16 17.94 29.88 -53.59
N UNK L 17 17.18 28.79 -53.39
CA UNK L 17 17.67 27.69 -52.57
C UNK L 17 18.89 27.03 -53.19
N UNK L 18 18.91 26.90 -54.52
CA UNK L 18 20.07 26.32 -55.18
C UNK L 18 21.28 27.22 -55.08
N UNK L 19 21.09 28.53 -55.16
CA UNK L 19 22.19 29.46 -54.97
C UNK L 19 22.74 29.38 -53.55
N UNK L 20 21.85 29.34 -52.56
CA UNK L 20 22.29 29.17 -51.18
C UNK L 20 23.02 27.85 -50.98
N UNK L 21 22.55 26.80 -51.64
CA UNK L 21 23.19 25.49 -51.51
C UNK L 21 24.57 25.48 -52.17
N UNK L 22 24.72 26.16 -53.30
CA UNK L 22 26.03 26.25 -53.94
C UNK L 22 26.99 27.06 -53.08
N UNK L 23 26.52 28.16 -52.50
CA UNK L 23 27.36 28.92 -51.58
C UNK L 23 27.77 28.09 -50.39
N UNK L 24 26.83 27.31 -49.82
CA UNK L 24 27.15 26.45 -48.69
C UNK L 24 28.13 25.35 -49.08
N UNK L 25 28.01 24.83 -50.30
CA UNK L 25 28.95 23.79 -50.76
C UNK L 25 30.35 24.37 -50.94
N UNK L 26 30.46 25.57 -51.50
CA UNK L 26 31.76 26.21 -51.61
C UNK L 26 32.36 26.48 -50.23
N UNK L 27 31.54 26.97 -49.30
CA UNK L 27 32.03 27.21 -47.93
C UNK L 27 32.46 25.93 -47.27
N UNK L 28 31.73 24.83 -47.49
CA UNK L 28 32.09 23.55 -46.89
C UNK L 28 33.37 23.00 -47.48
N UNK L 29 33.57 23.17 -48.79
CA UNK L 29 34.83 22.75 -49.41
C UNK L 29 35.99 23.56 -48.85
N UNK L 30 35.81 24.87 -48.70
CA UNK L 30 36.86 25.71 -48.13
C UNK L 30 37.16 25.31 -46.69
N UNK L 31 36.11 25.01 -45.91
CA UNK L 31 36.31 24.61 -44.52
C UNK L 31 37.01 23.26 -44.44
N UNK L 32 36.68 22.33 -45.33
CA UNK L 32 37.37 21.04 -45.34
C UNK L 32 38.83 21.20 -45.71
N UNK L 33 39.12 22.04 -46.70
CA UNK L 33 40.52 22.31 -47.05
C UNK L 33 41.27 22.94 -45.88
N UNK L 34 40.64 23.89 -45.19
CA UNK L 34 41.29 24.53 -44.04
C UNK L 34 41.51 23.54 -42.91
N UNK L 35 40.54 22.64 -42.68
CA UNK L 35 40.70 21.65 -41.62
C UNK L 35 41.80 20.65 -41.95
N UNK L 36 41.89 20.23 -43.22
CA UNK L 36 42.97 19.34 -43.62
C UNK L 36 44.33 20.03 -43.47
N UNK L 37 44.42 21.30 -43.86
CA UNK L 37 45.67 22.04 -43.70
C UNK L 37 46.03 22.17 -42.23
N UNK L 38 45.04 22.44 -41.37
CA UNK L 38 45.31 22.56 -39.94
C UNK L 38 45.76 21.23 -39.35
N UNK L 39 45.14 20.12 -39.77
CA UNK L 39 45.56 18.81 -39.28
C UNK L 39 46.98 18.48 -39.71
N UNK L 40 47.31 18.76 -40.97
CA UNK L 40 48.67 18.52 -41.44
C UNK L 40 49.67 19.39 -40.69
N UNK L 41 49.33 20.65 -40.45
CA UNK L 41 50.22 21.53 -39.71
C UNK L 41 50.40 21.06 -38.28
N UNK L 42 49.33 20.58 -37.65
CA UNK L 42 49.43 20.07 -36.28
C UNK L 42 50.29 18.81 -36.22
N UNK L 43 50.14 17.92 -37.21
CA UNK L 43 50.97 16.72 -37.25
C UNK L 43 52.44 17.09 -37.44
N UNK L 44 52.72 18.01 -38.36
CA UNK L 44 54.09 18.45 -38.57
C UNK L 44 54.67 19.12 -37.32
N UNK L 45 53.84 19.90 -36.62
CA UNK L 45 54.30 20.57 -35.41
C UNK L 45 54.58 19.56 -34.30
N UNK L 46 53.76 18.52 -34.18
CA UNK L 46 53.99 17.49 -33.18
C UNK L 46 55.27 16.71 -33.49
N UNK L 47 55.47 16.36 -34.76
CA UNK L 47 56.71 15.67 -35.14
C UNK L 47 57.92 16.55 -34.87
N UNK L 48 57.84 17.84 -35.21
CA UNK L 48 58.95 18.76 -34.96
C UNK L 48 59.20 18.92 -33.48
N UNK L 49 58.15 18.92 -32.66
CA UNK L 49 58.32 19.05 -31.22
C UNK L 49 58.99 17.81 -30.62
N UNK L 50 58.59 16.62 -31.09
CA UNK L 50 59.23 15.41 -30.62
C UNK L 50 60.70 15.38 -31.02
N UNK L 51 60.99 15.75 -32.28
CA UNK L 51 62.38 15.79 -32.74
C UNK L 51 63.19 16.82 -31.95
N UNK L 52 62.58 17.97 -31.64
CA UNK L 52 63.27 19.01 -30.89
C UNK L 52 63.53 18.55 -29.45
N UNK L 53 62.59 17.82 -28.86
CA UNK L 53 62.82 17.29 -27.51
C UNK L 53 63.96 16.29 -27.51
N UNK L 54 63.98 15.38 -28.49
CA UNK L 54 65.07 14.40 -28.57
C UNK L 54 66.41 15.10 -28.79
N UNK L 55 66.45 16.07 -29.70
CA UNK L 55 67.69 16.79 -29.97
C UNK L 55 68.13 17.60 -28.75
N UNK L 56 67.17 18.14 -28.00
CA UNK L 56 67.54 18.90 -26.80
C UNK L 56 68.10 17.98 -25.73
N UNK L 57 67.54 16.78 -25.59
CA UNK L 57 68.10 15.82 -24.64
C UNK L 57 69.52 15.42 -25.04
N UNK L 58 69.73 15.13 -26.32
CA UNK L 58 71.07 14.76 -26.77
C UNK L 58 72.04 15.91 -26.59
N UNK L 59 71.62 17.14 -26.90
CA UNK L 59 72.49 18.29 -26.77
C UNK L 59 72.79 18.59 -25.30
N UNK L 60 71.82 18.36 -24.41
CA UNK L 60 72.08 18.54 -22.99
C UNK L 60 73.08 17.52 -22.47
N UNK L 61 72.96 16.26 -22.92
CA UNK L 61 73.94 15.25 -22.54
C UNK L 61 75.33 15.65 -23.03
N UNK L 62 75.43 16.06 -24.30
CA UNK L 62 76.73 16.44 -24.86
C UNK L 62 77.31 17.66 -24.16
PG GTP M . -3.99 -23.36 -8.42
O1G GTP M . -2.95 -22.51 -9.11
O2G GTP M . -5.33 -22.63 -8.45
O3G GTP M . -3.59 -23.61 -7.00
O3B GTP M . -4.12 -24.75 -9.22
PB GTP M . -2.96 -25.86 -9.11
O1B GTP M . -3.31 -27.05 -9.98
O2B GTP M . -1.61 -25.29 -9.51
O3A GTP M . -2.96 -26.30 -7.57
PA GTP M . -4.25 -27.03 -6.94
O1A GTP M . -4.27 -26.79 -5.45
O2A GTP M . -5.53 -26.54 -7.58
O5' GTP M . -4.02 -28.60 -7.24
C5' GTP M . -4.68 -29.60 -6.50
C4' GTP M . -3.76 -30.20 -5.44
O4' GTP M . -3.46 -29.22 -4.47
C3' GTP M . -4.44 -31.34 -4.69
O3' GTP M . -4.00 -32.58 -5.19
C2' GTP M . -4.03 -31.17 -3.25
O2' GTP M . -3.05 -32.12 -2.91
C1' GTP M . -3.45 -29.75 -3.16
N9 GTP M . -4.28 -28.92 -2.30
C8 GTP M . -4.88 -27.74 -2.67
N7 GTP M . -5.57 -27.25 -1.60
C5 GTP M . -5.40 -28.09 -0.56
C6 GTP M . -5.88 -28.06 0.75
O6 GTP M . -6.58 -27.13 1.12
N1 GTP M . -5.54 -29.07 1.62
C2 GTP M . -4.74 -30.11 1.18
N2 GTP M . -4.42 -31.10 2.03
N3 GTP M . -4.27 -30.13 -0.10
C4 GTP M . -4.60 -29.14 -0.97
PG GTP N . -0.82 30.82 -17.19
O1G GTP N . 0.31 30.37 -16.31
O2G GTP N . -2.08 31.00 -16.38
O3G GTP N . -0.44 32.14 -17.84
O3B GTP N . -1.05 29.72 -18.34
PB GTP N . 0.19 29.07 -19.12
O1B GTP N . -0.31 28.19 -20.24
O2B GTP N . 1.12 30.13 -19.64
O3A GTP N . 0.91 28.16 -18.00
PA GTP N . 0.18 26.83 -17.48
O1A GTP N . 0.77 26.46 -16.14
O2A GTP N . -1.31 27.03 -17.37
O5' GTP N . 0.55 25.74 -18.60
C5' GTP N . 0.06 24.41 -18.54
C4' GTP N . 1.12 23.47 -17.96
O4' GTP N . 1.42 23.85 -16.65
C3' GTP N . 0.61 22.03 -17.91
O3' GTP N . 1.19 21.27 -18.93
C2' GTP N . 1.05 21.52 -16.55
O2' GTP N . 2.10 20.59 -16.70
C1' GTP N . 1.53 22.74 -15.78
N9 GTP N . 0.63 22.96 -14.64
C8 GTP N . -0.15 24.06 -14.42
N7 GTP N . -0.82 23.91 -13.26
C5 GTP N . -0.48 22.71 -12.73
C6 GTP N . -0.86 22.06 -11.57
O6 GTP N . -1.67 22.60 -10.80
N1 GTP N . -0.34 20.82 -11.26
C2 GTP N . 0.57 20.24 -12.12
N2 GTP N . 1.07 19.04 -11.83
N3 GTP N . 0.95 20.88 -13.28
C4 GTP N . 0.43 22.10 -13.58
#